data_2YUH
#
_entry.id   2YUH
#
_entity_poly.entity_id   1
_entity_poly.type   'polypeptide(L)'
_entity_poly.pdbx_seq_one_letter_code
;GSSGSSGSWVCGFSNLESQVLEKRASELHQRDVLLTELSNCTVRLYGNPNTLRLTKAHSCKLLCGPVSTSVFLEDCSDCV
LAVACQQLRIHSTKDTRIFLQVTSRAIVEDCSGIQFAPYTWSYPEIDKDFESSGLDRSKNNWNDVDDFNWLARDMASPNW
SILPEEERNIQWDSGPSSG
;
_entity_poly.pdbx_strand_id   A
#
# COMPACT_ATOMS: atom_id res chain seq x y z
N GLY A 1 -18.28 31.13 4.18
CA GLY A 1 -18.58 29.68 4.13
C GLY A 1 -19.25 29.18 5.40
N SER A 2 -19.47 27.87 5.49
CA SER A 2 -20.10 27.27 6.65
C SER A 2 -19.11 27.18 7.81
N SER A 3 -18.06 26.39 7.62
CA SER A 3 -17.04 26.23 8.65
C SER A 3 -15.64 26.20 8.04
N GLY A 4 -14.63 26.24 8.89
CA GLY A 4 -13.26 26.23 8.42
C GLY A 4 -12.51 24.97 8.84
N SER A 5 -12.27 24.83 10.14
CA SER A 5 -11.57 23.66 10.65
C SER A 5 -12.45 22.88 11.62
N SER A 6 -12.94 21.74 11.16
CA SER A 6 -13.81 20.89 11.99
C SER A 6 -14.01 19.53 11.34
N GLY A 7 -13.71 18.47 12.09
CA GLY A 7 -13.88 17.12 11.57
C GLY A 7 -12.94 16.84 10.42
N SER A 8 -12.62 15.56 10.22
CA SER A 8 -11.72 15.15 9.15
C SER A 8 -12.47 15.06 7.83
N TRP A 9 -11.76 15.28 6.73
CA TRP A 9 -12.36 15.22 5.41
C TRP A 9 -12.10 13.87 4.75
N VAL A 10 -13.03 13.43 3.91
CA VAL A 10 -12.90 12.15 3.23
C VAL A 10 -13.02 12.32 1.71
N CYS A 11 -11.92 12.10 1.01
CA CYS A 11 -11.91 12.23 -0.45
C CYS A 11 -10.90 11.27 -1.07
N GLY A 12 -11.10 10.95 -2.35
CA GLY A 12 -10.20 10.05 -3.05
C GLY A 12 -10.48 9.98 -4.53
N PHE A 13 -10.23 8.82 -5.12
CA PHE A 13 -10.46 8.61 -6.55
C PHE A 13 -10.94 7.20 -6.83
N SER A 14 -12.11 7.09 -7.45
CA SER A 14 -12.70 5.80 -7.78
C SER A 14 -13.48 5.87 -9.09
N ASN A 15 -13.96 4.71 -9.54
CA ASN A 15 -14.72 4.64 -10.78
C ASN A 15 -13.87 5.11 -11.97
N LEU A 16 -12.60 4.72 -11.97
CA LEU A 16 -11.69 5.09 -13.05
C LEU A 16 -11.01 3.86 -13.63
N GLU A 17 -10.60 3.97 -14.89
CA GLU A 17 -9.93 2.86 -15.56
C GLU A 17 -8.91 3.37 -16.57
N SER A 18 -7.69 2.86 -16.48
CA SER A 18 -6.62 3.27 -17.39
C SER A 18 -6.34 4.77 -17.26
N GLN A 19 -6.42 5.27 -16.04
CA GLN A 19 -6.19 6.69 -15.78
C GLN A 19 -4.95 6.87 -14.90
N VAL A 20 -4.46 8.12 -14.85
CA VAL A 20 -3.27 8.43 -14.05
C VAL A 20 -3.57 9.55 -13.06
N LEU A 21 -3.10 9.38 -11.83
CA LEU A 21 -3.31 10.38 -10.79
C LEU A 21 -2.01 10.71 -10.08
N GLU A 22 -1.89 11.94 -9.58
CA GLU A 22 -0.70 12.38 -8.88
C GLU A 22 -1.03 13.46 -7.85
N LYS A 23 -0.78 13.14 -6.58
CA LYS A 23 -1.06 14.07 -5.49
C LYS A 23 0.22 14.44 -4.76
N ARG A 24 0.32 15.69 -4.32
CA ARG A 24 1.48 16.17 -3.60
C ARG A 24 1.16 16.40 -2.12
N ALA A 25 2.16 16.83 -1.36
CA ALA A 25 1.97 17.09 0.06
C ALA A 25 1.00 18.24 0.29
N SER A 26 1.16 19.30 -0.49
CA SER A 26 0.29 20.46 -0.38
C SER A 26 -1.16 20.10 -0.69
N GLU A 27 -1.34 19.16 -1.61
CA GLU A 27 -2.68 18.72 -1.99
C GLU A 27 -3.31 17.87 -0.89
N LEU A 28 -2.66 16.78 -0.54
CA LEU A 28 -3.15 15.88 0.50
C LEU A 28 -3.21 16.60 1.85
N HIS A 29 -2.05 16.94 2.38
CA HIS A 29 -1.96 17.63 3.66
C HIS A 29 -2.59 16.79 4.77
N GLN A 30 -2.15 15.54 4.88
CA GLN A 30 -2.67 14.63 5.89
C GLN A 30 -4.17 14.43 5.72
N ARG A 31 -4.54 13.54 4.80
CA ARG A 31 -5.94 13.25 4.55
C ARG A 31 -6.14 11.77 4.21
N ASP A 32 -7.36 11.28 4.38
CA ASP A 32 -7.67 9.89 4.09
C ASP A 32 -7.93 9.69 2.60
N VAL A 33 -7.16 8.80 1.99
CA VAL A 33 -7.32 8.51 0.56
C VAL A 33 -8.20 7.29 0.33
N LEU A 34 -9.24 7.47 -0.48
CA LEU A 34 -10.16 6.38 -0.78
C LEU A 34 -10.07 5.97 -2.24
N LEU A 35 -9.57 4.76 -2.49
CA LEU A 35 -9.43 4.25 -3.85
C LEU A 35 -10.10 2.89 -3.99
N THR A 36 -11.25 2.87 -4.65
CA THR A 36 -11.99 1.63 -4.86
C THR A 36 -12.70 1.64 -6.21
N GLU A 37 -13.14 0.47 -6.65
CA GLU A 37 -13.83 0.34 -7.94
C GLU A 37 -12.94 0.82 -9.08
N LEU A 38 -11.63 0.65 -8.93
CA LEU A 38 -10.68 1.05 -9.95
C LEU A 38 -10.12 -0.16 -10.69
N SER A 39 -9.39 0.10 -11.77
CA SER A 39 -8.81 -0.97 -12.58
C SER A 39 -7.82 -0.40 -13.59
N ASN A 40 -6.59 -0.88 -13.54
CA ASN A 40 -5.55 -0.42 -14.46
C ASN A 40 -5.30 1.08 -14.29
N CYS A 41 -5.49 1.58 -13.08
CA CYS A 41 -5.29 2.99 -12.79
C CYS A 41 -4.04 3.19 -11.94
N THR A 42 -3.14 4.04 -12.42
CA THR A 42 -1.90 4.33 -11.72
C THR A 42 -2.01 5.62 -10.91
N VAL A 43 -1.62 5.55 -9.64
CA VAL A 43 -1.69 6.72 -8.76
C VAL A 43 -0.37 6.92 -8.02
N ARG A 44 0.30 8.03 -8.31
CA ARG A 44 1.57 8.35 -7.68
C ARG A 44 1.41 9.47 -6.66
N LEU A 45 1.36 9.11 -5.38
CA LEU A 45 1.21 10.10 -4.32
C LEU A 45 2.57 10.53 -3.78
N TYR A 46 2.60 11.69 -3.12
CA TYR A 46 3.85 12.21 -2.56
C TYR A 46 3.56 13.17 -1.41
N GLY A 47 3.84 12.73 -0.19
CA GLY A 47 3.61 13.56 0.97
C GLY A 47 3.52 12.75 2.26
N ASN A 48 2.38 12.84 2.94
CA ASN A 48 2.17 12.11 4.18
C ASN A 48 0.70 12.17 4.61
N PRO A 49 -0.14 11.30 4.04
CA PRO A 49 -1.57 11.26 4.37
C PRO A 49 -1.83 10.73 5.77
N ASN A 50 -3.07 10.88 6.24
CA ASN A 50 -3.44 10.41 7.57
C ASN A 50 -3.65 8.90 7.57
N THR A 51 -4.58 8.43 6.75
CA THR A 51 -4.88 7.00 6.66
C THR A 51 -5.21 6.61 5.22
N LEU A 52 -4.44 5.68 4.68
CA LEU A 52 -4.66 5.21 3.31
C LEU A 52 -5.57 3.98 3.30
N ARG A 53 -6.39 3.87 2.27
CA ARG A 53 -7.30 2.74 2.13
C ARG A 53 -7.49 2.37 0.67
N LEU A 54 -7.22 1.10 0.34
CA LEU A 54 -7.36 0.62 -1.02
C LEU A 54 -8.09 -0.72 -1.06
N THR A 55 -9.35 -0.70 -1.49
CA THR A 55 -10.15 -1.92 -1.56
C THR A 55 -10.83 -2.03 -2.92
N LYS A 56 -11.20 -3.26 -3.29
CA LYS A 56 -11.87 -3.50 -4.57
C LYS A 56 -10.98 -3.07 -5.73
N ALA A 57 -9.67 -3.26 -5.58
CA ALA A 57 -8.72 -2.90 -6.62
C ALA A 57 -8.35 -4.10 -7.48
N HIS A 58 -7.89 -3.83 -8.70
CA HIS A 58 -7.50 -4.89 -9.62
C HIS A 58 -6.60 -4.35 -10.72
N SER A 59 -5.38 -4.89 -10.79
CA SER A 59 -4.41 -4.46 -11.79
C SER A 59 -4.08 -2.98 -11.63
N CYS A 60 -4.10 -2.50 -10.39
CA CYS A 60 -3.80 -1.11 -10.11
C CYS A 60 -2.50 -0.97 -9.33
N LYS A 61 -1.88 0.20 -9.41
CA LYS A 61 -0.62 0.46 -8.71
C LYS A 61 -0.75 1.66 -7.79
N LEU A 62 -0.23 1.53 -6.58
CA LEU A 62 -0.28 2.61 -5.59
C LEU A 62 1.10 2.89 -5.02
N LEU A 63 1.53 4.14 -5.10
CA LEU A 63 2.83 4.55 -4.59
C LEU A 63 2.72 5.83 -3.76
N CYS A 64 2.90 5.70 -2.45
CA CYS A 64 2.82 6.85 -1.56
C CYS A 64 3.83 6.72 -0.41
N GLY A 65 4.26 7.87 0.11
CA GLY A 65 5.22 7.87 1.20
C GLY A 65 4.69 7.15 2.43
N PRO A 66 5.49 7.09 3.52
CA PRO A 66 5.08 6.42 4.76
C PRO A 66 3.83 7.05 5.35
N VAL A 67 2.75 6.28 5.40
CA VAL A 67 1.48 6.76 5.95
C VAL A 67 1.65 7.21 7.40
N SER A 68 0.73 8.05 7.86
CA SER A 68 0.78 8.57 9.22
C SER A 68 0.40 7.49 10.23
N THR A 69 -0.74 6.83 9.99
CA THR A 69 -1.21 5.78 10.88
C THR A 69 -0.94 4.40 10.27
N SER A 70 -1.80 3.99 9.33
CA SER A 70 -1.66 2.70 8.68
C SER A 70 -2.49 2.64 7.40
N VAL A 71 -2.44 1.51 6.71
CA VAL A 71 -3.20 1.32 5.49
C VAL A 71 -4.06 0.06 5.55
N PHE A 72 -5.09 0.01 4.72
CA PHE A 72 -5.99 -1.14 4.68
C PHE A 72 -6.14 -1.68 3.26
N LEU A 73 -6.41 -2.97 3.15
CA LEU A 73 -6.57 -3.61 1.85
C LEU A 73 -7.63 -4.72 1.92
N GLU A 74 -8.57 -4.68 0.98
CA GLU A 74 -9.64 -5.68 0.94
C GLU A 74 -10.23 -5.78 -0.46
N ASP A 75 -10.55 -7.00 -0.88
CA ASP A 75 -11.12 -7.23 -2.20
C ASP A 75 -10.16 -6.79 -3.30
N CYS A 76 -8.87 -7.00 -3.07
CA CYS A 76 -7.85 -6.61 -4.05
C CYS A 76 -7.19 -7.85 -4.66
N SER A 77 -6.88 -7.76 -5.94
CA SER A 77 -6.24 -8.88 -6.65
C SER A 77 -5.41 -8.37 -7.81
N ASP A 78 -4.20 -8.92 -7.94
CA ASP A 78 -3.30 -8.52 -9.02
C ASP A 78 -2.95 -7.05 -8.94
N CYS A 79 -2.78 -6.55 -7.72
CA CYS A 79 -2.46 -5.15 -7.51
C CYS A 79 -1.10 -5.00 -6.83
N VAL A 80 -0.56 -3.79 -6.84
CA VAL A 80 0.74 -3.52 -6.23
C VAL A 80 0.67 -2.32 -5.29
N LEU A 81 0.58 -2.60 -4.00
CA LEU A 81 0.50 -1.55 -3.00
C LEU A 81 1.88 -1.26 -2.41
N ALA A 82 2.36 -0.04 -2.64
CA ALA A 82 3.67 0.37 -2.14
C ALA A 82 3.54 1.54 -1.17
N VAL A 83 3.54 1.22 0.13
CA VAL A 83 3.43 2.24 1.17
C VAL A 83 3.81 1.68 2.53
N ALA A 84 4.80 2.30 3.17
CA ALA A 84 5.26 1.86 4.48
C ALA A 84 4.29 2.29 5.57
N CYS A 85 4.05 1.40 6.53
CA CYS A 85 3.14 1.68 7.63
C CYS A 85 3.53 0.91 8.88
N GLN A 86 2.82 1.15 9.97
CA GLN A 86 3.09 0.47 11.23
C GLN A 86 2.37 -0.87 11.29
N GLN A 87 1.20 -0.94 10.64
CA GLN A 87 0.41 -2.16 10.63
C GLN A 87 -0.35 -2.29 9.32
N LEU A 88 -0.34 -3.48 8.74
CA LEU A 88 -1.03 -3.74 7.48
C LEU A 88 -2.14 -4.77 7.67
N ARG A 89 -3.35 -4.40 7.27
CA ARG A 89 -4.51 -5.29 7.40
C ARG A 89 -5.06 -5.66 6.02
N ILE A 90 -5.03 -6.95 5.72
CA ILE A 90 -5.52 -7.45 4.43
C ILE A 90 -6.65 -8.45 4.63
N HIS A 91 -7.47 -8.63 3.60
CA HIS A 91 -8.59 -9.56 3.65
C HIS A 91 -9.17 -9.79 2.27
N SER A 92 -9.41 -11.06 1.93
CA SER A 92 -9.98 -11.41 0.63
C SER A 92 -9.06 -10.96 -0.49
N THR A 93 -7.75 -11.03 -0.26
CA THR A 93 -6.77 -10.63 -1.25
C THR A 93 -6.05 -11.86 -1.83
N LYS A 94 -5.65 -11.75 -3.09
CA LYS A 94 -4.95 -12.85 -3.76
C LYS A 94 -4.13 -12.34 -4.94
N ASP A 95 -2.89 -12.81 -5.03
CA ASP A 95 -2.00 -12.41 -6.11
C ASP A 95 -1.78 -10.89 -6.11
N THR A 96 -1.83 -10.31 -4.90
CA THR A 96 -1.64 -8.87 -4.76
C THR A 96 -0.33 -8.56 -4.05
N ARG A 97 0.68 -8.18 -4.82
CA ARG A 97 1.99 -7.86 -4.25
C ARG A 97 1.91 -6.59 -3.41
N ILE A 98 2.56 -6.62 -2.25
CA ILE A 98 2.56 -5.47 -1.35
C ILE A 98 3.95 -5.21 -0.79
N PHE A 99 4.64 -4.21 -1.34
CA PHE A 99 5.97 -3.86 -0.89
C PHE A 99 5.93 -2.71 0.11
N LEU A 100 6.19 -3.03 1.38
CA LEU A 100 6.18 -2.02 2.43
C LEU A 100 7.13 -2.41 3.56
N GLN A 101 7.20 -1.56 4.58
CA GLN A 101 8.07 -1.82 5.73
C GLN A 101 7.29 -1.70 7.03
N VAL A 102 6.75 -2.82 7.51
CA VAL A 102 5.98 -2.84 8.74
C VAL A 102 6.90 -2.78 9.97
N THR A 103 6.67 -1.79 10.83
CA THR A 103 7.48 -1.64 12.03
C THR A 103 6.98 -2.54 13.15
N SER A 104 5.67 -2.77 13.18
CA SER A 104 5.07 -3.62 14.19
C SER A 104 4.80 -5.02 13.65
N ARG A 105 3.79 -5.15 12.80
CA ARG A 105 3.43 -6.43 12.21
C ARG A 105 2.28 -6.27 11.22
N ALA A 106 1.98 -7.34 10.49
CA ALA A 106 0.90 -7.33 9.52
C ALA A 106 -0.14 -8.40 9.85
N ILE A 107 -1.37 -8.18 9.39
CA ILE A 107 -2.46 -9.12 9.63
C ILE A 107 -3.10 -9.55 8.32
N VAL A 108 -3.41 -10.84 8.22
CA VAL A 108 -4.03 -11.38 7.01
C VAL A 108 -5.15 -12.35 7.37
N GLU A 109 -6.21 -12.33 6.58
CA GLU A 109 -7.36 -13.21 6.80
C GLU A 109 -8.06 -13.56 5.50
N ASP A 110 -8.24 -14.85 5.26
CA ASP A 110 -8.90 -15.32 4.03
C ASP A 110 -8.13 -14.86 2.80
N CYS A 111 -6.80 -14.86 2.90
CA CYS A 111 -5.95 -14.45 1.78
C CYS A 111 -5.10 -15.63 1.30
N SER A 112 -4.77 -15.61 0.01
CA SER A 112 -3.95 -16.66 -0.59
C SER A 112 -3.09 -16.12 -1.71
N GLY A 113 -1.80 -16.47 -1.68
CA GLY A 113 -0.88 -16.00 -2.71
C GLY A 113 -0.43 -14.57 -2.46
N ILE A 114 -0.39 -14.18 -1.20
CA ILE A 114 0.04 -12.83 -0.84
C ILE A 114 1.56 -12.73 -0.78
N GLN A 115 2.08 -11.53 -1.00
CA GLN A 115 3.53 -11.29 -0.99
C GLN A 115 3.87 -10.13 -0.08
N PHE A 116 4.91 -10.29 0.73
CA PHE A 116 5.35 -9.26 1.64
C PHE A 116 6.83 -8.93 1.43
N ALA A 117 7.10 -7.78 0.82
CA ALA A 117 8.46 -7.36 0.56
C ALA A 117 8.76 -6.01 1.21
N PRO A 118 10.02 -5.77 1.61
CA PRO A 118 10.42 -4.51 2.25
C PRO A 118 10.03 -3.29 1.43
N TYR A 119 10.06 -2.13 2.06
CA TYR A 119 9.70 -0.88 1.39
C TYR A 119 10.91 -0.29 0.67
N THR A 120 10.92 -0.38 -0.65
CA THR A 120 12.01 0.14 -1.45
C THR A 120 11.51 1.20 -2.44
N TRP A 121 11.81 2.46 -2.16
CA TRP A 121 11.39 3.55 -3.02
C TRP A 121 12.26 4.78 -2.80
N SER A 122 12.85 5.28 -3.88
CA SER A 122 13.71 6.46 -3.81
C SER A 122 13.00 7.69 -4.36
N TYR A 123 13.42 8.87 -3.90
CA TYR A 123 12.82 10.13 -4.34
C TYR A 123 13.53 11.32 -3.72
N PRO A 124 13.53 12.47 -4.40
CA PRO A 124 14.18 13.69 -3.90
C PRO A 124 13.74 14.03 -2.48
N GLU A 125 12.54 13.61 -2.11
CA GLU A 125 12.01 13.87 -0.78
C GLU A 125 11.44 12.61 -0.17
N ILE A 126 12.26 11.56 -0.13
CA ILE A 126 11.84 10.28 0.43
C ILE A 126 12.28 10.15 1.89
N ASP A 127 13.50 10.62 2.17
CA ASP A 127 14.05 10.55 3.51
C ASP A 127 13.34 11.54 4.44
N LYS A 128 13.04 12.72 3.91
CA LYS A 128 12.37 13.75 4.69
C LYS A 128 10.93 13.35 5.01
N ASP A 129 10.33 12.56 4.12
CA ASP A 129 8.96 12.11 4.30
C ASP A 129 8.81 11.32 5.60
N PHE A 130 9.76 10.42 5.85
CA PHE A 130 9.74 9.60 7.05
C PHE A 130 9.83 10.46 8.30
N GLU A 131 10.52 11.60 8.19
CA GLU A 131 10.68 12.52 9.30
C GLU A 131 9.33 13.09 9.74
N SER A 132 8.44 13.29 8.78
CA SER A 132 7.12 13.83 9.06
C SER A 132 6.35 12.91 10.02
N SER A 133 5.96 11.75 9.52
CA SER A 133 5.22 10.78 10.33
C SER A 133 6.04 10.36 11.55
N GLY A 134 7.35 10.34 11.39
CA GLY A 134 8.23 9.95 12.49
C GLY A 134 8.45 8.46 12.55
N LEU A 135 8.37 7.79 11.40
CA LEU A 135 8.56 6.35 11.32
C LEU A 135 10.04 6.01 11.22
N ASP A 136 10.38 4.79 11.60
CA ASP A 136 11.77 4.33 11.56
C ASP A 136 12.09 3.71 10.21
N ARG A 137 13.22 4.11 9.63
CA ARG A 137 13.65 3.60 8.33
C ARG A 137 14.68 2.49 8.49
N SER A 138 14.53 1.71 9.57
CA SER A 138 15.44 0.60 9.84
C SER A 138 14.70 -0.59 10.44
N LYS A 139 14.25 -0.42 11.68
CA LYS A 139 13.52 -1.49 12.37
C LYS A 139 12.21 -1.80 11.65
N ASN A 140 12.03 -3.06 11.27
CA ASN A 140 10.83 -3.48 10.58
C ASN A 140 10.67 -5.00 10.62
N ASN A 141 9.52 -5.47 11.08
CA ASN A 141 9.24 -6.89 11.18
C ASN A 141 8.31 -7.34 10.06
N TRP A 142 8.83 -7.44 8.85
CA TRP A 142 8.04 -7.85 7.70
C TRP A 142 7.97 -9.37 7.61
N ASN A 143 9.02 -10.04 8.09
CA ASN A 143 9.07 -11.49 8.06
C ASN A 143 8.03 -12.10 9.01
N ASP A 144 7.76 -11.39 10.10
CA ASP A 144 6.78 -11.85 11.08
C ASP A 144 5.38 -11.33 10.75
N VAL A 145 4.45 -12.25 10.53
CA VAL A 145 3.08 -11.88 10.21
C VAL A 145 2.08 -12.82 10.88
N ASP A 146 0.86 -12.33 11.09
CA ASP A 146 -0.19 -13.12 11.73
C ASP A 146 -1.12 -13.73 10.69
N ASP A 147 -1.36 -15.03 10.80
CA ASP A 147 -2.24 -15.73 9.87
C ASP A 147 -3.55 -16.11 10.54
N PHE A 148 -4.55 -16.46 9.74
CA PHE A 148 -5.85 -16.84 10.25
C PHE A 148 -6.55 -17.81 9.29
N ASN A 149 -5.97 -18.99 9.12
CA ASN A 149 -6.54 -20.00 8.23
C ASN A 149 -5.77 -21.31 8.34
N TRP A 150 -6.12 -22.11 9.35
CA TRP A 150 -5.47 -23.40 9.56
C TRP A 150 -6.50 -24.51 9.68
N LEU A 151 -6.36 -25.54 8.85
CA LEU A 151 -7.27 -26.67 8.86
C LEU A 151 -6.58 -27.95 8.41
N ALA A 152 -6.18 -28.00 7.14
CA ALA A 152 -5.50 -29.16 6.60
C ALA A 152 -4.07 -28.82 6.21
N ARG A 153 -3.12 -29.11 7.09
CA ARG A 153 -1.72 -28.83 6.83
C ARG A 153 -0.84 -29.33 7.99
N ASP A 154 -1.10 -28.81 9.19
CA ASP A 154 -0.35 -29.22 10.37
C ASP A 154 1.13 -28.86 10.21
N MET A 155 1.40 -27.72 9.60
CA MET A 155 2.77 -27.26 9.37
C MET A 155 2.83 -25.74 9.30
N ALA A 156 2.29 -25.19 8.22
CA ALA A 156 2.30 -23.74 8.02
C ALA A 156 1.13 -23.31 7.14
N SER A 157 0.55 -22.15 7.45
CA SER A 157 -0.57 -21.63 6.68
C SER A 157 -0.09 -21.00 5.37
N PRO A 158 -0.43 -21.62 4.23
CA PRO A 158 -0.02 -21.12 2.91
C PRO A 158 -0.80 -19.87 2.51
N ASN A 159 -0.66 -18.81 3.29
CA ASN A 159 -1.35 -17.56 3.02
C ASN A 159 -0.38 -16.50 2.52
N TRP A 160 0.63 -16.20 3.33
CA TRP A 160 1.64 -15.19 2.98
C TRP A 160 2.94 -15.87 2.55
N SER A 161 3.72 -15.17 1.73
CA SER A 161 4.99 -15.69 1.25
C SER A 161 6.00 -14.56 1.04
N ILE A 162 7.21 -14.92 0.62
CA ILE A 162 8.26 -13.95 0.39
C ILE A 162 8.66 -13.92 -1.09
N LEU A 163 9.15 -12.78 -1.54
CA LEU A 163 9.56 -12.61 -2.94
C LEU A 163 11.07 -12.82 -3.08
N PRO A 164 11.50 -13.53 -4.14
CA PRO A 164 12.93 -13.79 -4.38
C PRO A 164 13.69 -12.53 -4.76
N GLU A 165 14.99 -12.67 -5.00
CA GLU A 165 15.83 -11.54 -5.37
C GLU A 165 16.00 -11.47 -6.89
N GLU A 166 14.90 -11.69 -7.61
CA GLU A 166 14.93 -11.64 -9.07
C GLU A 166 13.93 -10.62 -9.60
N GLU A 167 12.74 -10.60 -9.00
CA GLU A 167 11.70 -9.67 -9.42
C GLU A 167 11.59 -8.50 -8.44
N ARG A 168 12.71 -8.15 -7.83
CA ARG A 168 12.74 -7.04 -6.88
C ARG A 168 12.77 -5.69 -7.60
N ASN A 169 13.39 -5.68 -8.78
CA ASN A 169 13.49 -4.47 -9.57
C ASN A 169 12.39 -4.41 -10.61
N ILE A 170 11.43 -3.51 -10.42
CA ILE A 170 10.31 -3.35 -11.35
C ILE A 170 10.51 -2.14 -12.25
N GLN A 171 10.44 -2.35 -13.56
CA GLN A 171 10.60 -1.27 -14.53
C GLN A 171 9.38 -0.37 -14.54
N TRP A 172 9.43 0.72 -13.78
CA TRP A 172 8.33 1.66 -13.71
C TRP A 172 8.29 2.55 -14.95
N ASP A 173 9.47 2.83 -15.50
CA ASP A 173 9.58 3.68 -16.68
C ASP A 173 9.01 2.96 -17.91
N SER A 174 7.87 3.44 -18.39
CA SER A 174 7.22 2.86 -19.56
C SER A 174 7.98 3.20 -20.83
N GLY A 175 8.37 4.46 -20.96
CA GLY A 175 9.11 4.90 -22.14
C GLY A 175 9.05 6.40 -22.34
N PRO A 176 7.87 6.93 -22.73
CA PRO A 176 7.71 8.38 -22.95
C PRO A 176 7.75 9.17 -21.65
N SER A 177 7.17 8.61 -20.60
CA SER A 177 7.14 9.25 -19.29
C SER A 177 8.43 9.00 -18.53
N SER A 178 9.05 10.08 -18.05
CA SER A 178 10.29 9.98 -17.30
C SER A 178 10.03 9.98 -15.80
N GLY A 179 9.19 10.91 -15.35
CA GLY A 179 8.87 11.01 -13.94
C GLY A 179 7.56 11.74 -13.70
N GLY A 1 -26.96 16.80 12.96
CA GLY A 1 -27.15 18.23 13.32
C GLY A 1 -26.12 18.73 14.31
N SER A 2 -25.26 19.64 13.86
CA SER A 2 -24.22 20.19 14.71
C SER A 2 -23.42 21.25 13.98
N SER A 3 -23.13 21.00 12.70
CA SER A 3 -22.37 21.94 11.88
C SER A 3 -20.99 22.18 12.47
N GLY A 4 -20.21 23.04 11.81
CA GLY A 4 -18.88 23.33 12.28
C GLY A 4 -17.87 23.40 11.15
N SER A 5 -16.94 22.44 11.13
CA SER A 5 -15.92 22.39 10.10
C SER A 5 -16.52 22.02 8.75
N SER A 6 -17.20 20.87 8.70
CA SER A 6 -17.82 20.41 7.47
C SER A 6 -16.78 20.20 6.38
N GLY A 7 -17.25 19.96 5.16
CA GLY A 7 -16.34 19.75 4.04
C GLY A 7 -15.45 18.54 4.24
N SER A 8 -14.15 18.77 4.27
CA SER A 8 -13.18 17.69 4.45
C SER A 8 -13.26 16.68 3.32
N TRP A 9 -12.16 16.51 2.59
CA TRP A 9 -12.10 15.57 1.48
C TRP A 9 -12.16 14.13 1.98
N VAL A 10 -13.37 13.62 2.19
CA VAL A 10 -13.55 12.25 2.67
C VAL A 10 -13.88 11.31 1.52
N CYS A 11 -13.35 11.62 0.33
CA CYS A 11 -13.59 10.81 -0.85
C CYS A 11 -12.43 10.91 -1.83
N GLY A 12 -11.85 9.77 -2.16
CA GLY A 12 -10.72 9.76 -3.09
C GLY A 12 -11.16 9.56 -4.52
N PHE A 13 -10.39 8.79 -5.28
CA PHE A 13 -10.71 8.54 -6.69
C PHE A 13 -11.15 7.10 -6.88
N SER A 14 -12.23 6.91 -7.64
CA SER A 14 -12.76 5.58 -7.91
C SER A 14 -13.52 5.55 -9.24
N ASN A 15 -13.91 4.36 -9.66
CA ASN A 15 -14.65 4.20 -10.92
C ASN A 15 -13.82 4.68 -12.09
N LEU A 16 -12.51 4.49 -12.02
CA LEU A 16 -11.62 4.91 -13.08
C LEU A 16 -10.87 3.72 -13.69
N GLU A 17 -10.62 3.77 -14.99
CA GLU A 17 -9.93 2.70 -15.68
C GLU A 17 -8.92 3.26 -16.68
N SER A 18 -7.71 2.72 -16.65
CA SER A 18 -6.65 3.17 -17.56
C SER A 18 -6.35 4.65 -17.36
N GLN A 19 -6.43 5.10 -16.10
CA GLN A 19 -6.17 6.50 -15.79
C GLN A 19 -5.00 6.63 -14.82
N VAL A 20 -4.56 7.86 -14.58
CA VAL A 20 -3.45 8.12 -13.69
C VAL A 20 -3.80 9.20 -12.67
N LEU A 21 -3.38 8.99 -11.43
CA LEU A 21 -3.64 9.95 -10.36
C LEU A 21 -2.36 10.29 -9.60
N GLU A 22 -2.24 11.55 -9.19
CA GLU A 22 -1.07 12.01 -8.46
C GLU A 22 -1.44 13.08 -7.44
N LYS A 23 -0.67 13.16 -6.37
CA LYS A 23 -0.93 14.16 -5.33
C LYS A 23 0.38 14.63 -4.69
N ARG A 24 0.39 15.88 -4.24
CA ARG A 24 1.58 16.44 -3.62
C ARG A 24 1.40 16.56 -2.10
N ALA A 25 2.46 16.97 -1.41
CA ALA A 25 2.41 17.11 0.04
C ALA A 25 1.44 18.21 0.45
N SER A 26 1.61 19.40 -0.13
CA SER A 26 0.74 20.53 0.18
C SER A 26 -0.70 20.23 -0.21
N GLU A 27 -0.88 19.45 -1.28
CA GLU A 27 -2.20 19.09 -1.75
C GLU A 27 -2.93 18.22 -0.73
N LEU A 28 -2.20 17.27 -0.14
CA LEU A 28 -2.76 16.37 0.85
C LEU A 28 -2.72 16.99 2.24
N HIS A 29 -1.52 17.08 2.81
CA HIS A 29 -1.34 17.65 4.14
C HIS A 29 -2.08 16.83 5.19
N GLN A 30 -1.69 15.57 5.32
CA GLN A 30 -2.31 14.66 6.29
C GLN A 30 -3.80 14.50 6.00
N ARG A 31 -4.12 13.66 5.02
CA ARG A 31 -5.50 13.40 4.64
C ARG A 31 -5.70 11.93 4.28
N ASP A 32 -6.95 11.47 4.37
CA ASP A 32 -7.27 10.09 4.04
C ASP A 32 -7.53 9.94 2.54
N VAL A 33 -6.97 8.88 1.96
CA VAL A 33 -7.14 8.61 0.53
C VAL A 33 -7.88 7.30 0.30
N LEU A 34 -8.98 7.37 -0.45
CA LEU A 34 -9.77 6.18 -0.76
C LEU A 34 -9.74 5.88 -2.25
N LEU A 35 -9.33 4.66 -2.58
CA LEU A 35 -9.25 4.23 -3.97
C LEU A 35 -9.84 2.82 -4.15
N THR A 36 -10.97 2.75 -4.84
CA THR A 36 -11.63 1.47 -5.08
C THR A 36 -12.34 1.47 -6.44
N GLU A 37 -12.73 0.29 -6.89
CA GLU A 37 -13.41 0.14 -8.17
C GLU A 37 -12.53 0.65 -9.31
N LEU A 38 -11.24 0.38 -9.22
CA LEU A 38 -10.29 0.80 -10.25
C LEU A 38 -9.69 -0.40 -10.97
N SER A 39 -9.42 -0.24 -12.26
CA SER A 39 -8.84 -1.31 -13.06
C SER A 39 -7.80 -0.76 -14.03
N ASN A 40 -6.58 -1.27 -13.93
CA ASN A 40 -5.49 -0.84 -14.80
C ASN A 40 -5.21 0.65 -14.59
N CYS A 41 -5.33 1.11 -13.35
CA CYS A 41 -5.09 2.51 -13.03
C CYS A 41 -3.80 2.66 -12.23
N THR A 42 -3.24 3.87 -12.24
CA THR A 42 -2.00 4.15 -11.52
C THR A 42 -2.21 5.29 -10.52
N VAL A 43 -1.55 5.20 -9.37
CA VAL A 43 -1.67 6.22 -8.34
C VAL A 43 -0.32 6.48 -7.67
N ARG A 44 0.02 7.76 -7.51
CA ARG A 44 1.28 8.14 -6.88
C ARG A 44 1.10 9.38 -6.02
N LEU A 45 1.12 9.18 -4.70
CA LEU A 45 0.96 10.29 -3.76
C LEU A 45 2.32 10.77 -3.27
N TYR A 46 2.35 12.00 -2.75
CA TYR A 46 3.59 12.58 -2.23
C TYR A 46 3.31 13.41 -0.98
N GLY A 47 4.06 13.12 0.08
CA GLY A 47 3.88 13.84 1.33
C GLY A 47 3.71 12.93 2.52
N ASN A 48 2.57 13.01 3.17
CA ASN A 48 2.29 12.18 4.34
C ASN A 48 0.78 12.10 4.60
N PRO A 49 0.10 11.13 3.97
CA PRO A 49 -1.35 10.94 4.15
C PRO A 49 -1.71 10.45 5.54
N ASN A 50 -2.97 10.63 5.91
CA ASN A 50 -3.45 10.20 7.23
C ASN A 50 -3.65 8.69 7.27
N THR A 51 -4.65 8.21 6.54
CA THR A 51 -4.94 6.78 6.50
C THR A 51 -5.30 6.34 5.09
N LEU A 52 -4.43 5.54 4.47
CA LEU A 52 -4.67 5.05 3.12
C LEU A 52 -5.68 3.91 3.13
N ARG A 53 -6.39 3.75 2.01
CA ARG A 53 -7.39 2.70 1.89
C ARG A 53 -7.57 2.29 0.43
N LEU A 54 -7.19 1.05 0.11
CA LEU A 54 -7.32 0.54 -1.25
C LEU A 54 -8.03 -0.81 -1.26
N THR A 55 -9.26 -0.82 -1.77
CA THR A 55 -10.05 -2.03 -1.84
C THR A 55 -10.68 -2.19 -3.22
N LYS A 56 -10.98 -3.44 -3.59
CA LYS A 56 -11.59 -3.72 -4.89
C LYS A 56 -10.70 -3.26 -6.03
N ALA A 57 -9.38 -3.33 -5.81
CA ALA A 57 -8.42 -2.93 -6.83
C ALA A 57 -7.97 -4.12 -7.67
N HIS A 58 -7.84 -3.90 -8.97
CA HIS A 58 -7.42 -4.95 -9.88
C HIS A 58 -6.46 -4.41 -10.94
N SER A 59 -5.26 -4.96 -10.99
CA SER A 59 -4.25 -4.53 -11.95
C SER A 59 -3.94 -3.05 -11.80
N CYS A 60 -4.08 -2.54 -10.58
CA CYS A 60 -3.81 -1.13 -10.32
C CYS A 60 -2.50 -0.95 -9.55
N LYS A 61 -1.91 0.23 -9.68
CA LYS A 61 -0.64 0.52 -9.01
C LYS A 61 -0.80 1.70 -8.06
N LEU A 62 -0.10 1.62 -6.92
CA LEU A 62 -0.17 2.69 -5.92
C LEU A 62 1.16 2.82 -5.18
N LEU A 63 1.80 3.98 -5.32
CA LEU A 63 3.07 4.23 -4.65
C LEU A 63 3.07 5.60 -3.97
N CYS A 64 3.11 5.59 -2.64
CA CYS A 64 3.11 6.83 -1.87
C CYS A 64 4.07 6.73 -0.69
N GLY A 65 4.30 7.86 -0.03
CA GLY A 65 5.19 7.88 1.12
C GLY A 65 4.61 7.16 2.31
N PRO A 66 5.35 7.11 3.44
CA PRO A 66 4.88 6.44 4.66
C PRO A 66 3.62 7.09 5.22
N VAL A 67 2.61 6.26 5.48
CA VAL A 67 1.35 6.75 6.02
C VAL A 67 1.50 7.21 7.47
N SER A 68 0.64 8.12 7.90
CA SER A 68 0.68 8.64 9.25
C SER A 68 0.33 7.56 10.27
N THR A 69 -0.78 6.86 10.02
CA THR A 69 -1.23 5.80 10.91
C THR A 69 -0.96 4.42 10.30
N SER A 70 -1.82 4.01 9.39
CA SER A 70 -1.69 2.71 8.73
C SER A 70 -2.49 2.65 7.44
N VAL A 71 -2.43 1.51 6.77
CA VAL A 71 -3.15 1.32 5.52
C VAL A 71 -4.06 0.10 5.58
N PHE A 72 -5.06 0.06 4.71
CA PHE A 72 -6.00 -1.06 4.68
C PHE A 72 -6.11 -1.63 3.26
N LEU A 73 -6.58 -2.87 3.17
CA LEU A 73 -6.74 -3.53 1.88
C LEU A 73 -7.82 -4.61 1.95
N GLU A 74 -8.70 -4.63 0.95
CA GLU A 74 -9.78 -5.61 0.91
C GLU A 74 -10.29 -5.79 -0.52
N ASP A 75 -10.58 -7.03 -0.88
CA ASP A 75 -11.09 -7.34 -2.22
C ASP A 75 -10.08 -6.93 -3.30
N CYS A 76 -8.80 -7.01 -2.95
CA CYS A 76 -7.73 -6.65 -3.88
C CYS A 76 -7.15 -7.89 -4.54
N SER A 77 -6.76 -7.75 -5.81
CA SER A 77 -6.18 -8.86 -6.56
C SER A 77 -5.35 -8.35 -7.73
N ASP A 78 -4.16 -8.90 -7.89
CA ASP A 78 -3.26 -8.51 -8.97
C ASP A 78 -2.92 -7.03 -8.88
N CYS A 79 -2.87 -6.51 -7.65
CA CYS A 79 -2.56 -5.10 -7.42
C CYS A 79 -1.15 -4.95 -6.83
N VAL A 80 -0.66 -3.72 -6.84
CA VAL A 80 0.67 -3.43 -6.31
C VAL A 80 0.64 -2.20 -5.40
N LEU A 81 0.41 -2.42 -4.11
CA LEU A 81 0.36 -1.33 -3.15
C LEU A 81 1.71 -1.11 -2.49
N ALA A 82 2.32 0.04 -2.74
CA ALA A 82 3.62 0.36 -2.17
C ALA A 82 3.52 1.57 -1.24
N VAL A 83 3.41 1.29 0.06
CA VAL A 83 3.31 2.35 1.06
C VAL A 83 3.77 1.86 2.43
N ALA A 84 4.71 2.59 3.03
CA ALA A 84 5.24 2.23 4.34
C ALA A 84 4.25 2.59 5.45
N CYS A 85 4.13 1.70 6.43
CA CYS A 85 3.22 1.93 7.54
C CYS A 85 3.62 1.09 8.76
N GLN A 86 2.96 1.34 9.88
CA GLN A 86 3.25 0.61 11.11
C GLN A 86 2.53 -0.73 11.12
N GLN A 87 1.24 -0.70 10.79
CA GLN A 87 0.43 -1.92 10.76
C GLN A 87 -0.29 -2.06 9.42
N LEU A 88 -0.54 -3.29 9.02
CA LEU A 88 -1.23 -3.56 7.76
C LEU A 88 -2.44 -4.46 7.97
N ARG A 89 -3.50 -4.20 7.22
CA ARG A 89 -4.73 -4.98 7.33
C ARG A 89 -5.23 -5.42 5.95
N ILE A 90 -5.18 -6.71 5.68
CA ILE A 90 -5.62 -7.25 4.41
C ILE A 90 -6.63 -8.38 4.61
N HIS A 91 -7.63 -8.42 3.73
CA HIS A 91 -8.67 -9.45 3.82
C HIS A 91 -9.32 -9.69 2.45
N SER A 92 -9.62 -10.94 2.15
CA SER A 92 -10.24 -11.29 0.88
C SER A 92 -9.36 -10.89 -0.29
N THR A 93 -8.05 -10.90 -0.08
CA THR A 93 -7.09 -10.54 -1.12
C THR A 93 -6.35 -11.77 -1.63
N LYS A 94 -6.00 -11.75 -2.91
CA LYS A 94 -5.28 -12.86 -3.52
C LYS A 94 -4.53 -12.41 -4.77
N ASP A 95 -3.35 -12.96 -4.97
CA ASP A 95 -2.52 -12.61 -6.13
C ASP A 95 -2.16 -11.12 -6.11
N THR A 96 -2.05 -10.56 -4.91
CA THR A 96 -1.70 -9.15 -4.76
C THR A 96 -0.32 -8.99 -4.13
N ARG A 97 0.57 -8.30 -4.84
CA ARG A 97 1.92 -8.07 -4.35
C ARG A 97 2.02 -6.74 -3.62
N ILE A 98 2.23 -6.81 -2.31
CA ILE A 98 2.34 -5.62 -1.48
C ILE A 98 3.78 -5.37 -1.06
N PHE A 99 4.27 -4.17 -1.31
CA PHE A 99 5.65 -3.81 -0.94
C PHE A 99 5.66 -2.66 0.05
N LEU A 100 5.79 -3.00 1.33
CA LEU A 100 5.82 -1.99 2.39
C LEU A 100 6.79 -2.39 3.50
N GLN A 101 7.03 -1.47 4.42
CA GLN A 101 7.94 -1.73 5.53
C GLN A 101 7.23 -1.55 6.87
N VAL A 102 6.83 -2.67 7.47
CA VAL A 102 6.14 -2.64 8.76
C VAL A 102 7.12 -2.60 9.92
N THR A 103 7.02 -1.59 10.76
CA THR A 103 7.90 -1.45 11.91
C THR A 103 7.24 -2.00 13.18
N SER A 104 6.26 -2.87 13.00
CA SER A 104 5.55 -3.47 14.13
C SER A 104 5.04 -4.86 13.77
N ARG A 105 4.03 -4.92 12.92
CA ARG A 105 3.45 -6.19 12.50
C ARG A 105 2.35 -5.97 11.48
N ALA A 106 1.90 -7.07 10.86
CA ALA A 106 0.84 -6.99 9.86
C ALA A 106 -0.24 -8.04 10.12
N ILE A 107 -1.47 -7.71 9.79
CA ILE A 107 -2.59 -8.62 9.99
C ILE A 107 -3.17 -9.08 8.66
N VAL A 108 -3.59 -10.34 8.60
CA VAL A 108 -4.17 -10.90 7.38
C VAL A 108 -5.22 -11.96 7.72
N GLU A 109 -6.23 -12.05 6.87
CA GLU A 109 -7.31 -13.03 7.07
C GLU A 109 -7.93 -13.43 5.73
N ASP A 110 -8.05 -14.74 5.52
CA ASP A 110 -8.63 -15.25 4.28
C ASP A 110 -7.82 -14.81 3.08
N CYS A 111 -6.50 -14.70 3.25
CA CYS A 111 -5.63 -14.27 2.17
C CYS A 111 -4.84 -15.47 1.62
N SER A 112 -4.59 -15.44 0.31
CA SER A 112 -3.86 -16.51 -0.35
C SER A 112 -3.17 -16.01 -1.61
N GLY A 113 -1.90 -16.39 -1.78
CA GLY A 113 -1.15 -15.97 -2.94
C GLY A 113 -0.66 -14.53 -2.83
N ILE A 114 -0.45 -14.09 -1.59
CA ILE A 114 0.03 -12.73 -1.35
C ILE A 114 1.56 -12.68 -1.26
N GLN A 115 2.12 -11.52 -1.56
CA GLN A 115 3.57 -11.35 -1.51
C GLN A 115 3.94 -10.13 -0.67
N PHE A 116 4.70 -10.35 0.39
CA PHE A 116 5.13 -9.27 1.28
C PHE A 116 6.62 -9.00 1.12
N ALA A 117 6.95 -7.79 0.69
CA ALA A 117 8.34 -7.40 0.49
C ALA A 117 8.64 -6.07 1.19
N PRO A 118 9.93 -5.75 1.38
CA PRO A 118 10.34 -4.50 2.03
C PRO A 118 10.08 -3.29 1.15
N TYR A 119 9.79 -2.16 1.79
CA TYR A 119 9.51 -0.92 1.06
C TYR A 119 10.77 -0.39 0.39
N THR A 120 10.65 -0.04 -0.88
CA THR A 120 11.77 0.47 -1.65
C THR A 120 11.34 1.61 -2.58
N TRP A 121 11.69 2.83 -2.21
CA TRP A 121 11.33 4.00 -3.02
C TRP A 121 12.35 5.12 -2.82
N SER A 122 13.42 5.09 -3.62
CA SER A 122 14.45 6.10 -3.53
C SER A 122 13.97 7.43 -4.11
N TYR A 123 13.91 8.45 -3.26
CA TYR A 123 13.47 9.77 -3.70
C TYR A 123 14.03 10.86 -2.79
N PRO A 124 14.43 12.01 -3.36
CA PRO A 124 14.98 13.13 -2.59
C PRO A 124 14.07 13.54 -1.44
N GLU A 125 12.76 13.43 -1.64
CA GLU A 125 11.79 13.79 -0.63
C GLU A 125 11.30 12.55 0.12
N ILE A 126 12.23 11.70 0.53
CA ILE A 126 11.90 10.48 1.25
C ILE A 126 12.11 10.67 2.75
N ASP A 127 13.20 11.33 3.11
CA ASP A 127 13.52 11.57 4.52
C ASP A 127 12.53 12.54 5.15
N LYS A 128 11.91 13.38 4.32
CA LYS A 128 10.94 14.35 4.79
C LYS A 128 9.60 13.69 5.08
N ASP A 129 9.29 12.63 4.32
CA ASP A 129 8.04 11.91 4.50
C ASP A 129 8.10 11.01 5.73
N PHE A 130 9.27 10.44 5.99
CA PHE A 130 9.46 9.56 7.13
C PHE A 130 9.68 10.36 8.41
N GLU A 131 10.48 11.44 8.30
CA GLU A 131 10.76 12.29 9.45
C GLU A 131 9.52 13.05 9.88
N SER A 132 8.65 13.37 8.92
CA SER A 132 7.42 14.09 9.21
C SER A 132 6.42 13.21 9.95
N SER A 133 6.37 11.94 9.55
CA SER A 133 5.46 10.99 10.17
C SER A 133 5.91 10.64 11.59
N GLY A 134 7.19 10.28 11.73
CA GLY A 134 7.73 9.93 13.02
C GLY A 134 8.07 8.46 13.13
N LEU A 135 8.39 7.85 11.99
CA LEU A 135 8.75 6.43 11.96
C LEU A 135 10.25 6.23 12.08
N ASP A 136 10.65 5.07 12.58
CA ASP A 136 12.06 4.75 12.75
C ASP A 136 12.55 3.83 11.65
N ARG A 137 13.64 4.23 10.98
CA ARG A 137 14.20 3.44 9.90
C ARG A 137 15.40 2.62 10.40
N SER A 138 15.36 2.24 11.67
CA SER A 138 16.43 1.45 12.27
C SER A 138 15.90 0.15 12.86
N LYS A 139 14.84 -0.37 12.26
CA LYS A 139 14.23 -1.61 12.73
C LYS A 139 14.04 -2.60 11.59
N ASN A 140 13.11 -2.29 10.69
CA ASN A 140 12.83 -3.15 9.54
C ASN A 140 12.40 -4.53 9.99
N ASN A 141 11.09 -4.71 10.18
CA ASN A 141 10.54 -5.99 10.61
C ASN A 141 9.33 -6.37 9.76
N TRP A 142 9.58 -6.95 8.60
CA TRP A 142 8.50 -7.37 7.71
C TRP A 142 8.35 -8.89 7.71
N ASN A 143 9.45 -9.59 7.97
CA ASN A 143 9.43 -11.05 7.99
C ASN A 143 8.41 -11.57 9.02
N ASP A 144 8.23 -10.80 10.08
CA ASP A 144 7.28 -11.18 11.13
C ASP A 144 5.84 -10.96 10.68
N VAL A 145 5.13 -12.05 10.42
CA VAL A 145 3.74 -11.97 9.99
C VAL A 145 2.83 -12.80 10.88
N ASP A 146 1.60 -12.33 11.05
CA ASP A 146 0.62 -13.03 11.89
C ASP A 146 -0.69 -13.22 11.15
N ASP A 147 -1.24 -14.43 11.24
CA ASP A 147 -2.50 -14.74 10.58
C ASP A 147 -3.51 -15.32 11.56
N PHE A 148 -4.79 -15.22 11.23
CA PHE A 148 -5.86 -15.73 12.08
C PHE A 148 -6.32 -17.10 11.61
N ASN A 149 -5.42 -17.85 11.00
CA ASN A 149 -5.74 -19.18 10.50
C ASN A 149 -4.55 -20.13 10.66
N TRP A 150 -3.77 -19.90 11.71
CA TRP A 150 -2.59 -20.73 11.97
C TRP A 150 -3.01 -22.18 12.26
N LEU A 151 -2.57 -23.09 11.41
CA LEU A 151 -2.89 -24.50 11.56
C LEU A 151 -1.63 -25.36 11.52
N ALA A 152 -0.53 -24.80 12.02
CA ALA A 152 0.75 -25.51 12.04
C ALA A 152 1.03 -26.07 13.43
N ARG A 153 2.03 -26.95 13.51
CA ARG A 153 2.41 -27.56 14.78
C ARG A 153 3.31 -26.62 15.59
N ASP A 154 4.11 -25.82 14.88
CA ASP A 154 5.01 -24.88 15.53
C ASP A 154 5.10 -23.57 14.73
N MET A 155 5.32 -23.69 13.43
CA MET A 155 5.42 -22.52 12.57
C MET A 155 5.32 -22.91 11.10
N ALA A 156 4.14 -22.76 10.52
CA ALA A 156 3.90 -23.09 9.12
C ALA A 156 2.53 -22.62 8.66
N SER A 157 2.49 -21.96 7.51
CA SER A 157 1.25 -21.44 6.96
C SER A 157 1.26 -21.49 5.43
N PRO A 158 0.89 -22.65 4.84
CA PRO A 158 0.87 -22.81 3.39
C PRO A 158 -0.26 -22.02 2.73
N ASN A 159 -0.01 -20.74 2.48
CA ASN A 159 -1.00 -19.87 1.85
C ASN A 159 -0.33 -18.69 1.17
N TRP A 160 0.46 -17.94 1.92
CA TRP A 160 1.16 -16.78 1.39
C TRP A 160 2.65 -17.06 1.24
N SER A 161 3.20 -16.70 0.09
CA SER A 161 4.63 -16.91 -0.17
C SER A 161 5.37 -15.59 -0.26
N ILE A 162 6.68 -15.64 -0.04
CA ILE A 162 7.50 -14.43 -0.10
C ILE A 162 8.20 -14.31 -1.46
N LEU A 163 8.30 -13.08 -1.96
CA LEU A 163 8.93 -12.82 -3.24
C LEU A 163 10.43 -13.13 -3.17
N PRO A 164 10.98 -13.80 -4.21
CA PRO A 164 12.40 -14.15 -4.26
C PRO A 164 13.28 -12.93 -4.54
N GLU A 165 14.56 -13.19 -4.84
CA GLU A 165 15.50 -12.12 -5.13
C GLU A 165 15.64 -11.92 -6.64
N GLU A 166 14.58 -12.22 -7.38
CA GLU A 166 14.59 -12.07 -8.83
C GLU A 166 13.47 -11.15 -9.29
N GLU A 167 12.30 -11.30 -8.68
CA GLU A 167 11.14 -10.47 -9.03
C GLU A 167 10.99 -9.30 -8.07
N ARG A 168 12.12 -8.84 -7.52
CA ARG A 168 12.11 -7.72 -6.59
C ARG A 168 12.17 -6.39 -7.33
N ASN A 169 12.89 -6.38 -8.45
CA ASN A 169 13.03 -5.18 -9.26
C ASN A 169 11.79 -4.94 -10.12
N ILE A 170 10.85 -4.15 -9.59
CA ILE A 170 9.63 -3.86 -10.31
C ILE A 170 9.83 -2.73 -11.31
N GLN A 171 9.25 -2.88 -12.50
CA GLN A 171 9.37 -1.87 -13.54
C GLN A 171 8.31 -0.79 -13.37
N TRP A 172 8.74 0.47 -13.32
CA TRP A 172 7.83 1.59 -13.17
C TRP A 172 7.78 2.43 -14.44
N ASP A 173 7.95 1.77 -15.58
CA ASP A 173 7.91 2.45 -16.87
C ASP A 173 7.05 1.67 -17.88
N SER A 174 7.40 0.41 -18.09
CA SER A 174 6.65 -0.44 -19.01
C SER A 174 6.70 0.14 -20.42
N GLY A 175 7.54 -0.45 -21.27
CA GLY A 175 7.65 0.02 -22.64
C GLY A 175 9.04 -0.22 -23.21
N PRO A 176 10.07 0.45 -22.66
CA PRO A 176 11.46 0.30 -23.14
C PRO A 176 12.03 -1.06 -22.80
N SER A 177 12.79 -1.63 -23.73
CA SER A 177 13.41 -2.93 -23.53
C SER A 177 14.90 -2.88 -23.82
N SER A 178 15.69 -2.60 -22.78
CA SER A 178 17.14 -2.52 -22.92
C SER A 178 17.84 -3.24 -21.76
N GLY A 179 19.10 -3.60 -21.98
CA GLY A 179 19.85 -4.30 -20.96
C GLY A 179 20.72 -3.36 -20.15
N GLY A 1 -16.74 4.08 -5.17
CA GLY A 1 -16.92 5.08 -4.09
C GLY A 1 -18.37 5.40 -3.82
N SER A 2 -18.63 6.13 -2.75
CA SER A 2 -19.99 6.51 -2.38
C SER A 2 -20.02 7.83 -1.61
N SER A 3 -21.15 8.52 -1.67
CA SER A 3 -21.29 9.81 -0.98
C SER A 3 -22.60 9.85 -0.21
N GLY A 4 -22.59 10.57 0.92
CA GLY A 4 -23.77 10.69 1.74
C GLY A 4 -24.45 12.04 1.59
N SER A 5 -24.50 12.79 2.68
CA SER A 5 -25.12 14.11 2.67
C SER A 5 -24.36 15.09 3.55
N SER A 6 -23.28 15.65 2.99
CA SER A 6 -22.46 16.61 3.72
C SER A 6 -21.91 15.98 5.01
N GLY A 7 -20.95 16.66 5.63
CA GLY A 7 -20.35 16.15 6.85
C GLY A 7 -18.85 16.37 6.89
N SER A 8 -18.11 15.56 6.13
CA SER A 8 -16.67 15.67 6.10
C SER A 8 -16.18 15.89 4.66
N TRP A 9 -14.87 16.09 4.51
CA TRP A 9 -14.28 16.31 3.21
C TRP A 9 -14.51 15.11 2.29
N VAL A 10 -13.93 13.97 2.65
CA VAL A 10 -14.07 12.76 1.87
C VAL A 10 -13.45 12.92 0.48
N CYS A 11 -12.18 12.58 0.37
CA CYS A 11 -11.46 12.70 -0.90
C CYS A 11 -11.00 11.33 -1.39
N GLY A 12 -10.88 11.18 -2.70
CA GLY A 12 -10.45 9.92 -3.26
C GLY A 12 -10.72 9.82 -4.76
N PHE A 13 -10.54 8.64 -5.32
CA PHE A 13 -10.76 8.42 -6.74
C PHE A 13 -11.34 7.03 -6.99
N SER A 14 -12.23 6.94 -7.98
CA SER A 14 -12.86 5.67 -8.31
C SER A 14 -13.53 5.74 -9.68
N ASN A 15 -13.95 4.58 -10.19
CA ASN A 15 -14.61 4.51 -11.49
C ASN A 15 -13.68 5.02 -12.60
N LEU A 16 -12.40 4.68 -12.49
CA LEU A 16 -11.42 5.10 -13.48
C LEU A 16 -10.61 3.92 -13.99
N GLU A 17 -10.28 3.94 -15.27
CA GLU A 17 -9.51 2.86 -15.88
C GLU A 17 -8.56 3.40 -16.95
N SER A 18 -7.35 2.86 -16.99
CA SER A 18 -6.36 3.29 -17.97
C SER A 18 -6.05 4.77 -17.81
N GLN A 19 -6.00 5.23 -16.57
CA GLN A 19 -5.71 6.63 -16.28
C GLN A 19 -4.49 6.76 -15.37
N VAL A 20 -3.99 7.98 -15.22
CA VAL A 20 -2.83 8.24 -14.38
C VAL A 20 -3.15 9.28 -13.30
N LEU A 21 -3.24 8.83 -12.06
CA LEU A 21 -3.55 9.72 -10.95
C LEU A 21 -2.26 10.15 -10.23
N GLU A 22 -2.28 11.38 -9.72
CA GLU A 22 -1.11 11.91 -9.01
C GLU A 22 -1.53 13.00 -8.02
N LYS A 23 -1.06 12.88 -6.79
CA LYS A 23 -1.38 13.85 -5.74
C LYS A 23 -0.11 14.33 -5.04
N ARG A 24 -0.16 15.57 -4.55
CA ARG A 24 0.98 16.15 -3.85
C ARG A 24 0.68 16.33 -2.37
N ALA A 25 1.69 16.74 -1.61
CA ALA A 25 1.53 16.95 -0.18
C ALA A 25 0.47 18.02 0.10
N SER A 26 0.52 19.11 -0.66
CA SER A 26 -0.42 20.20 -0.50
C SER A 26 -1.85 19.72 -0.77
N GLU A 27 -1.99 18.76 -1.66
CA GLU A 27 -3.31 18.22 -2.01
C GLU A 27 -3.83 17.32 -0.90
N LEU A 28 -2.93 16.52 -0.32
CA LEU A 28 -3.30 15.62 0.76
C LEU A 28 -3.60 16.37 2.05
N HIS A 29 -2.58 17.04 2.58
CA HIS A 29 -2.74 17.81 3.81
C HIS A 29 -3.17 16.90 4.96
N GLN A 30 -2.64 15.69 4.99
CA GLN A 30 -2.99 14.73 6.04
C GLN A 30 -4.48 14.42 6.05
N ARG A 31 -4.86 13.37 5.33
CA ARG A 31 -6.26 12.98 5.25
C ARG A 31 -6.39 11.48 4.94
N ASP A 32 -7.62 11.01 4.80
CA ASP A 32 -7.87 9.61 4.50
C ASP A 32 -8.16 9.42 3.01
N VAL A 33 -7.34 8.59 2.36
CA VAL A 33 -7.50 8.32 0.94
C VAL A 33 -8.30 7.04 0.71
N LEU A 34 -9.35 7.13 -0.09
CA LEU A 34 -10.19 5.98 -0.39
C LEU A 34 -10.31 5.76 -1.90
N LEU A 35 -9.61 4.75 -2.39
CA LEU A 35 -9.63 4.43 -3.82
C LEU A 35 -10.30 3.09 -4.06
N THR A 36 -11.26 3.06 -4.98
CA THR A 36 -11.98 1.84 -5.31
C THR A 36 -12.47 1.87 -6.76
N GLU A 37 -12.86 0.71 -7.27
CA GLU A 37 -13.36 0.60 -8.63
C GLU A 37 -12.29 1.01 -9.63
N LEU A 38 -11.04 0.67 -9.34
CA LEU A 38 -9.93 1.00 -10.21
C LEU A 38 -9.46 -0.21 -11.00
N SER A 39 -9.02 0.01 -12.23
CA SER A 39 -8.55 -1.07 -13.08
C SER A 39 -7.52 -0.57 -14.10
N ASN A 40 -6.30 -1.09 -14.00
CA ASN A 40 -5.23 -0.69 -14.90
C ASN A 40 -4.93 0.80 -14.76
N CYS A 41 -5.03 1.31 -13.54
CA CYS A 41 -4.77 2.72 -13.27
C CYS A 41 -3.59 2.89 -12.33
N THR A 42 -2.78 3.93 -12.58
CA THR A 42 -1.62 4.20 -11.75
C THR A 42 -1.86 5.39 -10.84
N VAL A 43 -1.21 5.39 -9.68
CA VAL A 43 -1.36 6.48 -8.72
C VAL A 43 -0.05 6.74 -7.98
N ARG A 44 0.23 8.01 -7.72
CA ARG A 44 1.45 8.40 -7.03
C ARG A 44 1.19 9.57 -6.07
N LEU A 45 1.15 9.28 -4.79
CA LEU A 45 0.91 10.30 -3.78
C LEU A 45 2.22 10.78 -3.17
N TYR A 46 2.22 12.02 -2.67
CA TYR A 46 3.41 12.60 -2.06
C TYR A 46 3.04 13.45 -0.85
N GLY A 47 3.86 13.36 0.20
CA GLY A 47 3.61 14.13 1.40
C GLY A 47 3.62 13.27 2.65
N ASN A 48 2.46 13.12 3.29
CA ASN A 48 2.34 12.33 4.49
C ASN A 48 0.88 12.15 4.89
N PRO A 49 0.19 11.18 4.28
CA PRO A 49 -1.22 10.91 4.58
C PRO A 49 -1.42 10.31 5.97
N ASN A 50 -2.61 10.52 6.53
CA ASN A 50 -2.93 10.02 7.86
C ASN A 50 -3.20 8.51 7.81
N THR A 51 -4.09 8.10 6.91
CA THR A 51 -4.43 6.70 6.76
C THR A 51 -4.82 6.38 5.32
N LEU A 52 -4.19 5.35 4.76
CA LEU A 52 -4.48 4.95 3.39
C LEU A 52 -5.53 3.84 3.35
N ARG A 53 -6.32 3.81 2.28
CA ARG A 53 -7.37 2.82 2.14
C ARG A 53 -7.63 2.50 0.66
N LEU A 54 -7.16 1.34 0.22
CA LEU A 54 -7.35 0.93 -1.17
C LEU A 54 -8.10 -0.40 -1.24
N THR A 55 -9.11 -0.45 -2.10
CA THR A 55 -9.91 -1.67 -2.26
C THR A 55 -10.40 -1.81 -3.69
N LYS A 56 -10.86 -3.01 -4.03
CA LYS A 56 -11.36 -3.29 -5.38
C LYS A 56 -10.32 -2.91 -6.44
N ALA A 57 -9.05 -3.10 -6.12
CA ALA A 57 -7.97 -2.79 -7.04
C ALA A 57 -7.62 -3.98 -7.91
N HIS A 58 -7.59 -3.76 -9.22
CA HIS A 58 -7.26 -4.83 -10.16
C HIS A 58 -6.24 -4.35 -11.18
N SER A 59 -5.03 -4.90 -11.10
CA SER A 59 -3.96 -4.53 -12.02
C SER A 59 -3.63 -3.05 -11.91
N CYS A 60 -3.79 -2.51 -10.70
CA CYS A 60 -3.50 -1.10 -10.46
C CYS A 60 -2.21 -0.93 -9.67
N LYS A 61 -1.77 0.32 -9.54
CA LYS A 61 -0.53 0.61 -8.81
C LYS A 61 -0.74 1.78 -7.86
N LEU A 62 -0.22 1.64 -6.64
CA LEU A 62 -0.34 2.68 -5.63
C LEU A 62 0.99 2.94 -4.94
N LEU A 63 1.59 4.08 -5.23
CA LEU A 63 2.87 4.44 -4.64
C LEU A 63 2.77 5.76 -3.87
N CYS A 64 2.73 5.67 -2.55
CA CYS A 64 2.63 6.86 -1.70
C CYS A 64 3.67 6.83 -0.59
N GLY A 65 3.90 7.98 0.04
CA GLY A 65 4.86 8.07 1.11
C GLY A 65 4.43 7.28 2.34
N PRO A 66 5.25 7.29 3.41
CA PRO A 66 4.94 6.57 4.65
C PRO A 66 3.71 7.13 5.35
N VAL A 67 2.66 6.33 5.44
CA VAL A 67 1.43 6.74 6.10
C VAL A 67 1.67 7.09 7.56
N SER A 68 0.76 7.87 8.13
CA SER A 68 0.86 8.28 9.53
C SER A 68 0.58 7.10 10.45
N THR A 69 -0.56 6.45 10.24
CA THR A 69 -0.95 5.31 11.07
C THR A 69 -0.64 4.00 10.36
N SER A 70 -1.51 3.60 9.44
CA SER A 70 -1.32 2.36 8.70
C SER A 70 -2.23 2.31 7.47
N VAL A 71 -2.14 1.22 6.72
CA VAL A 71 -2.96 1.06 5.52
C VAL A 71 -3.91 -0.14 5.66
N PHE A 72 -4.97 -0.14 4.87
CA PHE A 72 -5.95 -1.22 4.91
C PHE A 72 -6.40 -1.60 3.51
N LEU A 73 -5.90 -2.73 3.02
CA LEU A 73 -6.26 -3.21 1.69
C LEU A 73 -7.31 -4.33 1.78
N GLU A 74 -8.35 -4.21 0.96
CA GLU A 74 -9.42 -5.20 0.95
C GLU A 74 -10.05 -5.31 -0.44
N ASP A 75 -10.41 -6.53 -0.82
CA ASP A 75 -11.01 -6.78 -2.12
C ASP A 75 -10.06 -6.42 -3.25
N CYS A 76 -8.77 -6.62 -3.01
CA CYS A 76 -7.75 -6.32 -4.02
C CYS A 76 -7.17 -7.60 -4.60
N SER A 77 -7.04 -7.63 -5.92
CA SER A 77 -6.50 -8.79 -6.61
C SER A 77 -5.62 -8.38 -7.78
N ASP A 78 -4.44 -8.99 -7.88
CA ASP A 78 -3.50 -8.69 -8.95
C ASP A 78 -3.10 -7.22 -8.93
N CYS A 79 -2.92 -6.67 -7.73
CA CYS A 79 -2.53 -5.28 -7.57
C CYS A 79 -1.17 -5.16 -6.89
N VAL A 80 -0.56 -3.98 -7.00
CA VAL A 80 0.75 -3.74 -6.41
C VAL A 80 0.72 -2.51 -5.51
N LEU A 81 0.48 -2.72 -4.23
CA LEU A 81 0.42 -1.63 -3.26
C LEU A 81 1.79 -1.37 -2.64
N ALA A 82 2.22 -0.11 -2.66
CA ALA A 82 3.52 0.26 -2.10
C ALA A 82 3.38 1.45 -1.16
N VAL A 83 3.51 1.20 0.14
CA VAL A 83 3.40 2.26 1.13
C VAL A 83 3.95 1.80 2.49
N ALA A 84 4.94 2.54 3.00
CA ALA A 84 5.56 2.21 4.27
C ALA A 84 4.62 2.55 5.43
N CYS A 85 4.38 1.56 6.29
CA CYS A 85 3.50 1.74 7.44
C CYS A 85 3.98 0.91 8.62
N GLN A 86 3.36 1.13 9.78
CA GLN A 86 3.72 0.41 10.99
C GLN A 86 3.05 -0.96 11.03
N GLN A 87 1.86 -1.05 10.43
CA GLN A 87 1.11 -2.29 10.40
C GLN A 87 0.31 -2.41 9.10
N LEU A 88 -0.13 -3.63 8.81
CA LEU A 88 -0.91 -3.89 7.59
C LEU A 88 -1.99 -4.93 7.85
N ARG A 89 -3.22 -4.57 7.55
CA ARG A 89 -4.35 -5.48 7.74
C ARG A 89 -5.11 -5.71 6.43
N ILE A 90 -4.86 -6.86 5.81
CA ILE A 90 -5.52 -7.19 4.55
C ILE A 90 -6.74 -8.07 4.78
N HIS A 91 -7.64 -8.09 3.82
CA HIS A 91 -8.86 -8.90 3.92
C HIS A 91 -9.49 -9.12 2.55
N SER A 92 -9.86 -10.37 2.27
CA SER A 92 -10.48 -10.71 1.00
C SER A 92 -9.55 -10.39 -0.17
N THR A 93 -8.25 -10.57 0.05
CA THR A 93 -7.26 -10.30 -0.97
C THR A 93 -6.59 -11.59 -1.45
N LYS A 94 -6.34 -11.69 -2.74
CA LYS A 94 -5.71 -12.88 -3.31
C LYS A 94 -4.81 -12.50 -4.49
N ASP A 95 -3.62 -13.09 -4.53
CA ASP A 95 -2.67 -12.83 -5.61
C ASP A 95 -2.40 -11.33 -5.75
N THR A 96 -2.29 -10.64 -4.62
CA THR A 96 -2.04 -9.21 -4.63
C THR A 96 -0.68 -8.89 -4.02
N ARG A 97 0.22 -8.36 -4.84
CA ARG A 97 1.57 -8.01 -4.39
C ARG A 97 1.54 -6.73 -3.55
N ILE A 98 2.27 -6.72 -2.44
CA ILE A 98 2.33 -5.56 -1.57
C ILE A 98 3.75 -5.34 -1.04
N PHE A 99 4.40 -4.29 -1.52
CA PHE A 99 5.75 -3.97 -1.09
C PHE A 99 5.73 -2.82 -0.09
N LEU A 100 5.87 -3.16 1.20
CA LEU A 100 5.88 -2.14 2.24
C LEU A 100 6.93 -2.46 3.30
N GLN A 101 7.23 -1.48 4.14
CA GLN A 101 8.23 -1.65 5.20
C GLN A 101 7.57 -1.60 6.57
N VAL A 102 7.14 -2.75 7.06
CA VAL A 102 6.49 -2.83 8.37
C VAL A 102 7.52 -2.83 9.50
N THR A 103 7.42 -1.84 10.38
CA THR A 103 8.34 -1.73 11.51
C THR A 103 7.84 -2.53 12.71
N SER A 104 6.52 -2.65 12.82
CA SER A 104 5.91 -3.39 13.92
C SER A 104 5.59 -4.82 13.50
N ARG A 105 4.59 -4.98 12.65
CA ARG A 105 4.18 -6.30 12.17
C ARG A 105 3.02 -6.19 11.20
N ALA A 106 2.80 -7.25 10.42
CA ALA A 106 1.72 -7.28 9.44
C ALA A 106 0.69 -8.35 9.80
N ILE A 107 -0.55 -8.13 9.38
CA ILE A 107 -1.64 -9.07 9.67
C ILE A 107 -2.35 -9.47 8.38
N VAL A 108 -2.94 -10.66 8.40
CA VAL A 108 -3.67 -11.17 7.24
C VAL A 108 -4.91 -11.95 7.67
N GLU A 109 -6.07 -11.49 7.22
CA GLU A 109 -7.33 -12.13 7.56
C GLU A 109 -8.07 -12.60 6.31
N ASP A 110 -8.32 -13.89 6.22
CA ASP A 110 -9.02 -14.46 5.06
C ASP A 110 -8.26 -14.17 3.77
N CYS A 111 -6.94 -14.08 3.87
CA CYS A 111 -6.10 -13.81 2.71
C CYS A 111 -5.46 -15.09 2.19
N SER A 112 -4.98 -15.04 0.94
CA SER A 112 -4.34 -16.20 0.33
C SER A 112 -3.54 -15.79 -0.90
N GLY A 113 -2.25 -16.12 -0.90
CA GLY A 113 -1.39 -15.79 -2.02
C GLY A 113 -0.92 -14.35 -1.97
N ILE A 114 -0.83 -13.79 -0.78
CA ILE A 114 -0.39 -12.41 -0.60
C ILE A 114 1.14 -12.31 -0.65
N GLN A 115 1.64 -11.42 -1.49
CA GLN A 115 3.08 -11.24 -1.63
C GLN A 115 3.60 -10.23 -0.62
N PHE A 116 4.45 -10.68 0.30
CA PHE A 116 5.02 -9.82 1.32
C PHE A 116 6.46 -9.45 0.98
N ALA A 117 6.74 -8.16 0.94
CA ALA A 117 8.09 -7.68 0.63
C ALA A 117 8.34 -6.31 1.25
N PRO A 118 9.61 -5.97 1.52
CA PRO A 118 9.99 -4.69 2.11
C PRO A 118 9.70 -3.52 1.18
N TYR A 119 10.11 -2.32 1.59
CA TYR A 119 9.89 -1.12 0.79
C TYR A 119 11.17 -0.72 0.06
N THR A 120 11.08 -0.58 -1.26
CA THR A 120 12.22 -0.21 -2.07
C THR A 120 12.06 1.21 -2.62
N TRP A 121 10.81 1.64 -2.77
CA TRP A 121 10.52 2.98 -3.29
C TRP A 121 11.23 4.05 -2.46
N SER A 122 11.50 5.19 -3.09
CA SER A 122 12.18 6.29 -2.42
C SER A 122 12.28 7.51 -3.34
N TYR A 123 12.73 8.63 -2.78
CA TYR A 123 12.88 9.86 -3.54
C TYR A 123 13.66 10.91 -2.76
N PRO A 124 14.18 11.94 -3.43
CA PRO A 124 14.94 13.00 -2.78
C PRO A 124 14.23 13.58 -1.57
N GLU A 125 12.90 13.59 -1.61
CA GLU A 125 12.10 14.11 -0.52
C GLU A 125 11.48 12.97 0.29
N ILE A 126 12.32 12.04 0.74
CA ILE A 126 11.85 10.91 1.53
C ILE A 126 12.20 11.09 3.00
N ASP A 127 13.35 11.72 3.27
CA ASP A 127 13.80 11.95 4.63
C ASP A 127 12.81 12.83 5.39
N LYS A 128 12.16 13.73 4.67
CA LYS A 128 11.18 14.63 5.27
C LYS A 128 9.86 13.92 5.53
N ASP A 129 9.54 12.94 4.69
CA ASP A 129 8.31 12.17 4.83
C ASP A 129 8.39 11.24 6.03
N PHE A 130 9.56 10.64 6.24
CA PHE A 130 9.75 9.72 7.36
C PHE A 130 9.92 10.48 8.67
N GLU A 131 10.66 11.59 8.62
CA GLU A 131 10.89 12.41 9.81
C GLU A 131 9.61 13.10 10.24
N SER A 132 8.78 13.46 9.27
CA SER A 132 7.52 14.14 9.56
C SER A 132 6.53 13.19 10.23
N SER A 133 6.53 11.93 9.80
CA SER A 133 5.64 10.93 10.36
C SER A 133 6.23 10.32 11.63
N GLY A 134 7.55 10.25 11.68
CA GLY A 134 8.21 9.69 12.86
C GLY A 134 8.59 8.23 12.67
N LEU A 135 8.87 7.85 11.43
CA LEU A 135 9.24 6.47 11.11
C LEU A 135 10.72 6.37 10.79
N ASP A 136 11.15 5.17 10.43
CA ASP A 136 12.56 4.94 10.09
C ASP A 136 12.68 4.07 8.85
N ARG A 137 13.85 4.10 8.21
CA ARG A 137 14.09 3.32 7.01
C ARG A 137 14.89 2.06 7.33
N SER A 138 15.75 2.16 8.34
CA SER A 138 16.57 1.02 8.74
C SER A 138 15.73 -0.02 9.48
N LYS A 139 15.05 0.41 10.54
CA LYS A 139 14.22 -0.48 11.34
C LYS A 139 13.05 -1.01 10.51
N ASN A 140 12.97 -2.33 10.37
CA ASN A 140 11.90 -2.96 9.60
C ASN A 140 11.94 -4.47 9.75
N ASN A 141 10.76 -5.09 9.80
CA ASN A 141 10.67 -6.54 9.94
C ASN A 141 9.52 -7.09 9.11
N TRP A 142 9.74 -7.23 7.81
CA TRP A 142 8.72 -7.74 6.90
C TRP A 142 8.56 -9.25 7.05
N ASN A 143 9.65 -9.92 7.44
CA ASN A 143 9.64 -11.37 7.62
C ASN A 143 8.57 -11.78 8.64
N ASP A 144 8.32 -10.91 9.61
CA ASP A 144 7.33 -11.19 10.64
C ASP A 144 5.92 -11.10 10.08
N VAL A 145 5.18 -12.21 10.17
CA VAL A 145 3.82 -12.27 9.67
C VAL A 145 2.94 -13.15 10.56
N ASP A 146 1.67 -12.78 10.67
CA ASP A 146 0.73 -13.54 11.48
C ASP A 146 -0.55 -13.84 10.71
N ASP A 147 -1.08 -15.05 10.90
CA ASP A 147 -2.30 -15.46 10.22
C ASP A 147 -3.44 -15.67 11.21
N PHE A 148 -4.51 -14.90 11.04
CA PHE A 148 -5.67 -15.01 11.93
C PHE A 148 -6.45 -16.29 11.64
N ASN A 149 -6.49 -16.68 10.37
CA ASN A 149 -7.21 -17.88 9.97
C ASN A 149 -6.42 -19.13 10.33
N TRP A 150 -5.10 -19.02 10.31
CA TRP A 150 -4.23 -20.15 10.63
C TRP A 150 -3.29 -19.79 11.80
N LEU A 151 -3.36 -20.58 12.86
CA LEU A 151 -2.52 -20.35 14.04
C LEU A 151 -1.16 -21.03 13.87
N ALA A 152 -0.12 -20.21 13.73
CA ALA A 152 1.24 -20.73 13.55
C ALA A 152 1.78 -21.29 14.87
N ARG A 153 2.42 -22.44 14.80
CA ARG A 153 2.98 -23.08 15.99
C ARG A 153 4.01 -24.14 15.60
N ASP A 154 3.65 -24.98 14.64
CA ASP A 154 4.53 -26.03 14.17
C ASP A 154 4.60 -26.07 12.64
N MET A 155 3.42 -26.03 12.02
CA MET A 155 3.34 -26.06 10.56
C MET A 155 3.26 -24.65 10.00
N ALA A 156 3.53 -24.51 8.70
CA ALA A 156 3.49 -23.21 8.04
C ALA A 156 2.06 -22.82 7.69
N SER A 157 1.91 -21.65 7.07
CA SER A 157 0.59 -21.16 6.69
C SER A 157 0.35 -21.39 5.20
N PRO A 158 -0.42 -22.43 4.83
CA PRO A 158 -0.72 -22.75 3.44
C PRO A 158 -1.67 -21.73 2.80
N ASN A 159 -1.22 -20.48 2.72
CA ASN A 159 -2.03 -19.43 2.14
C ASN A 159 -1.15 -18.37 1.46
N TRP A 160 -0.43 -17.60 2.28
CA TRP A 160 0.45 -16.56 1.78
C TRP A 160 1.87 -17.10 1.60
N SER A 161 2.66 -16.42 0.76
CA SER A 161 4.03 -16.82 0.51
C SER A 161 4.94 -15.61 0.34
N ILE A 162 6.23 -15.80 0.58
CA ILE A 162 7.20 -14.72 0.44
C ILE A 162 7.84 -14.72 -0.94
N LEU A 163 8.15 -13.53 -1.44
CA LEU A 163 8.77 -13.40 -2.76
C LEU A 163 10.25 -13.78 -2.70
N PRO A 164 10.69 -14.70 -3.58
CA PRO A 164 12.10 -15.13 -3.62
C PRO A 164 13.06 -13.96 -3.79
N GLU A 165 14.32 -14.27 -4.09
CA GLU A 165 15.34 -13.25 -4.28
C GLU A 165 15.67 -13.08 -5.76
N GLU A 166 14.66 -13.26 -6.61
CA GLU A 166 14.84 -13.12 -8.04
C GLU A 166 13.88 -12.09 -8.62
N GLU A 167 12.63 -12.13 -8.17
CA GLU A 167 11.62 -11.19 -8.65
C GLU A 167 11.43 -10.06 -7.66
N ARG A 168 12.50 -9.71 -6.94
CA ARG A 168 12.45 -8.63 -5.96
C ARG A 168 12.54 -7.27 -6.64
N ASN A 169 13.24 -7.22 -7.77
CA ASN A 169 13.41 -5.99 -8.52
C ASN A 169 12.18 -5.71 -9.38
N ILE A 170 11.61 -4.52 -9.25
CA ILE A 170 10.44 -4.13 -10.01
C ILE A 170 10.77 -3.04 -11.01
N GLN A 171 10.09 -3.05 -12.15
CA GLN A 171 10.33 -2.06 -13.19
C GLN A 171 9.66 -0.72 -12.83
N TRP A 172 10.47 0.24 -12.43
CA TRP A 172 9.96 1.56 -12.05
C TRP A 172 10.41 2.62 -13.05
N ASP A 173 11.71 2.70 -13.28
CA ASP A 173 12.27 3.66 -14.22
C ASP A 173 13.63 3.20 -14.75
N SER A 174 14.01 3.73 -15.90
CA SER A 174 15.30 3.38 -16.51
C SER A 174 15.86 4.53 -17.32
N GLY A 175 15.24 4.80 -18.47
CA GLY A 175 15.70 5.88 -19.32
C GLY A 175 14.96 7.18 -19.06
N PRO A 176 15.23 8.23 -19.85
CA PRO A 176 14.57 9.53 -19.68
C PRO A 176 13.10 9.49 -20.06
N SER A 177 12.81 8.87 -21.22
CA SER A 177 11.44 8.77 -21.70
C SER A 177 11.03 7.31 -21.85
N SER A 178 11.59 6.45 -21.00
CA SER A 178 11.27 5.03 -21.03
C SER A 178 11.51 4.39 -19.68
N GLY A 179 10.51 4.45 -18.81
CA GLY A 179 10.64 3.87 -17.48
C GLY A 179 9.57 4.36 -16.53
N GLY A 1 -29.08 3.79 1.10
CA GLY A 1 -28.98 4.51 -0.20
C GLY A 1 -29.73 5.83 -0.20
N SER A 2 -29.57 6.59 0.87
CA SER A 2 -30.23 7.88 1.00
C SER A 2 -29.26 9.02 0.71
N SER A 3 -28.02 8.88 1.20
CA SER A 3 -27.01 9.90 0.99
C SER A 3 -27.43 11.23 1.60
N GLY A 4 -26.89 11.54 2.78
CA GLY A 4 -27.24 12.78 3.44
C GLY A 4 -26.18 13.20 4.45
N SER A 5 -26.62 13.83 5.54
CA SER A 5 -25.72 14.28 6.59
C SER A 5 -24.70 15.28 6.03
N SER A 6 -23.87 15.82 6.91
CA SER A 6 -22.86 16.80 6.51
C SER A 6 -21.72 16.11 5.76
N GLY A 7 -21.88 16.01 4.45
CA GLY A 7 -20.86 15.38 3.63
C GLY A 7 -19.51 16.08 3.73
N SER A 8 -18.47 15.31 3.97
CA SER A 8 -17.12 15.85 4.09
C SER A 8 -16.24 15.42 2.93
N TRP A 9 -15.21 16.21 2.64
CA TRP A 9 -14.29 15.90 1.55
C TRP A 9 -13.47 14.66 1.86
N VAL A 10 -14.02 13.50 1.57
CA VAL A 10 -13.33 12.24 1.82
C VAL A 10 -13.58 11.24 0.69
N CYS A 11 -13.78 11.75 -0.52
CA CYS A 11 -14.03 10.91 -1.68
C CYS A 11 -12.72 10.46 -2.32
N GLY A 12 -11.87 11.42 -2.64
CA GLY A 12 -10.59 11.10 -3.26
C GLY A 12 -10.71 10.89 -4.76
N PHE A 13 -10.54 9.64 -5.19
CA PHE A 13 -10.63 9.31 -6.60
C PHE A 13 -11.21 7.91 -6.80
N SER A 14 -12.23 7.81 -7.64
CA SER A 14 -12.87 6.52 -7.91
C SER A 14 -13.60 6.56 -9.24
N ASN A 15 -14.20 5.43 -9.62
CA ASN A 15 -14.93 5.33 -10.88
C ASN A 15 -14.02 5.62 -12.06
N LEU A 16 -12.77 5.19 -11.96
CA LEU A 16 -11.80 5.41 -13.03
C LEU A 16 -11.00 4.14 -13.29
N GLU A 17 -10.62 3.93 -14.55
CA GLU A 17 -9.84 2.75 -14.93
C GLU A 17 -8.96 3.06 -16.14
N SER A 18 -7.80 2.42 -16.19
CA SER A 18 -6.86 2.63 -17.30
C SER A 18 -6.45 4.09 -17.40
N GLN A 19 -6.39 4.76 -16.26
CA GLN A 19 -6.00 6.17 -16.23
C GLN A 19 -4.83 6.39 -15.29
N VAL A 20 -4.32 7.63 -15.26
CA VAL A 20 -3.19 7.97 -14.40
C VAL A 20 -3.51 9.20 -13.55
N LEU A 21 -3.57 9.01 -12.24
CA LEU A 21 -3.86 10.10 -11.32
C LEU A 21 -2.63 10.48 -10.52
N GLU A 22 -2.44 11.77 -10.28
CA GLU A 22 -1.30 12.25 -9.52
C GLU A 22 -1.76 13.13 -8.35
N LYS A 23 -1.02 13.06 -7.25
CA LYS A 23 -1.35 13.84 -6.06
C LYS A 23 -0.07 14.32 -5.36
N ARG A 24 -0.22 15.38 -4.56
CA ARG A 24 0.92 15.94 -3.84
C ARG A 24 0.56 16.20 -2.38
N ALA A 25 1.55 16.62 -1.59
CA ALA A 25 1.33 16.89 -0.18
C ALA A 25 0.36 18.06 0.01
N SER A 26 0.38 18.99 -0.94
CA SER A 26 -0.50 20.15 -0.89
C SER A 26 -1.94 19.77 -1.20
N GLU A 27 -2.10 18.79 -2.09
CA GLU A 27 -3.43 18.33 -2.48
C GLU A 27 -4.00 17.36 -1.44
N LEU A 28 -3.12 16.55 -0.86
CA LEU A 28 -3.53 15.57 0.15
C LEU A 28 -3.76 16.26 1.50
N HIS A 29 -2.78 17.04 1.93
CA HIS A 29 -2.88 17.75 3.20
C HIS A 29 -3.04 16.78 4.36
N GLN A 30 -2.46 15.59 4.22
CA GLN A 30 -2.54 14.56 5.25
C GLN A 30 -4.00 14.17 5.51
N ARG A 31 -4.60 13.47 4.56
CA ARG A 31 -5.99 13.04 4.68
C ARG A 31 -6.11 11.54 4.46
N ASP A 32 -7.34 11.04 4.48
CA ASP A 32 -7.60 9.62 4.27
C ASP A 32 -7.85 9.33 2.80
N VAL A 33 -6.82 8.83 2.11
CA VAL A 33 -6.94 8.51 0.69
C VAL A 33 -7.91 7.35 0.48
N LEU A 34 -9.06 7.65 -0.13
CA LEU A 34 -10.07 6.65 -0.40
C LEU A 34 -10.17 6.36 -1.89
N LEU A 35 -9.84 5.13 -2.28
CA LEU A 35 -9.90 4.72 -3.69
C LEU A 35 -10.55 3.36 -3.83
N THR A 36 -11.48 3.26 -4.78
CA THR A 36 -12.18 1.99 -5.02
C THR A 36 -12.83 2.00 -6.40
N GLU A 37 -13.26 0.82 -6.84
CA GLU A 37 -13.91 0.69 -8.15
C GLU A 37 -12.96 1.07 -9.27
N LEU A 38 -11.69 0.68 -9.14
CA LEU A 38 -10.69 0.99 -10.14
C LEU A 38 -10.26 -0.26 -10.89
N SER A 39 -9.62 -0.07 -12.04
CA SER A 39 -9.14 -1.19 -12.84
C SER A 39 -8.03 -0.76 -13.79
N ASN A 40 -6.82 -1.24 -13.53
CA ASN A 40 -5.67 -0.90 -14.35
C ASN A 40 -5.41 0.61 -14.32
N CYS A 41 -5.73 1.23 -13.21
CA CYS A 41 -5.54 2.68 -13.06
C CYS A 41 -4.28 2.98 -12.25
N THR A 42 -3.22 3.38 -12.93
CA THR A 42 -1.95 3.69 -12.28
C THR A 42 -2.09 4.93 -11.41
N VAL A 43 -1.39 4.95 -10.28
CA VAL A 43 -1.43 6.08 -9.36
C VAL A 43 -0.03 6.52 -8.95
N ARG A 44 0.10 7.77 -8.53
CA ARG A 44 1.38 8.30 -8.11
C ARG A 44 1.20 9.47 -7.14
N LEU A 45 1.35 9.19 -5.85
CA LEU A 45 1.20 10.21 -4.82
C LEU A 45 2.56 10.68 -4.31
N TYR A 46 2.59 11.87 -3.73
CA TYR A 46 3.82 12.43 -3.20
C TYR A 46 3.55 13.30 -1.98
N GLY A 47 3.77 12.75 -0.80
CA GLY A 47 3.54 13.49 0.43
C GLY A 47 3.51 12.59 1.65
N ASN A 48 2.58 12.85 2.56
CA ASN A 48 2.45 12.06 3.78
C ASN A 48 0.99 11.99 4.24
N PRO A 49 0.13 11.31 3.46
CA PRO A 49 -1.29 11.17 3.78
C PRO A 49 -1.51 10.63 5.19
N ASN A 50 -2.59 11.09 5.83
CA ASN A 50 -2.91 10.64 7.19
C ASN A 50 -3.18 9.14 7.22
N THR A 51 -4.15 8.70 6.41
CA THR A 51 -4.50 7.29 6.34
C THR A 51 -4.70 6.85 4.90
N LEU A 52 -4.44 5.58 4.62
CA LEU A 52 -4.59 5.03 3.29
C LEU A 52 -5.54 3.83 3.28
N ARG A 53 -6.37 3.74 2.25
CA ARG A 53 -7.33 2.65 2.13
C ARG A 53 -7.66 2.37 0.67
N LEU A 54 -7.30 1.19 0.21
CA LEU A 54 -7.56 0.79 -1.18
C LEU A 54 -8.30 -0.55 -1.23
N THR A 55 -9.39 -0.58 -1.97
CA THR A 55 -10.19 -1.80 -2.10
C THR A 55 -10.87 -1.85 -3.47
N LYS A 56 -11.27 -3.06 -3.87
CA LYS A 56 -11.94 -3.24 -5.15
C LYS A 56 -11.05 -2.79 -6.30
N ALA A 57 -9.76 -3.05 -6.17
CA ALA A 57 -8.79 -2.66 -7.21
C ALA A 57 -8.29 -3.88 -7.97
N HIS A 58 -8.06 -3.71 -9.26
CA HIS A 58 -7.58 -4.80 -10.11
C HIS A 58 -6.51 -4.30 -11.07
N SER A 59 -5.32 -4.90 -10.99
CA SER A 59 -4.22 -4.52 -11.86
C SER A 59 -3.86 -3.05 -11.68
N CYS A 60 -4.12 -2.52 -10.49
CA CYS A 60 -3.83 -1.13 -10.18
C CYS A 60 -2.48 -1.00 -9.49
N LYS A 61 -1.78 0.10 -9.75
CA LYS A 61 -0.48 0.35 -9.15
C LYS A 61 -0.50 1.60 -8.28
N LEU A 62 -0.40 1.42 -6.97
CA LEU A 62 -0.41 2.54 -6.04
C LEU A 62 0.96 2.72 -5.38
N LEU A 63 1.47 3.94 -5.43
CA LEU A 63 2.78 4.24 -4.84
C LEU A 63 2.74 5.57 -4.10
N CYS A 64 2.84 5.51 -2.77
CA CYS A 64 2.81 6.72 -1.95
C CYS A 64 3.80 6.60 -0.80
N GLY A 65 4.24 7.75 -0.28
CA GLY A 65 5.18 7.76 0.83
C GLY A 65 4.63 7.04 2.04
N PRO A 66 5.41 6.98 3.14
CA PRO A 66 4.99 6.31 4.38
C PRO A 66 3.77 6.97 5.00
N VAL A 67 2.69 6.20 5.12
CA VAL A 67 1.45 6.71 5.71
C VAL A 67 1.67 7.22 7.12
N SER A 68 0.78 8.08 7.60
CA SER A 68 0.88 8.64 8.94
C SER A 68 0.61 7.57 10.00
N THR A 69 -0.51 6.88 9.85
CA THR A 69 -0.89 5.83 10.79
C THR A 69 -0.67 4.45 10.19
N SER A 70 -1.59 4.03 9.32
CA SER A 70 -1.50 2.73 8.68
C SER A 70 -2.37 2.67 7.44
N VAL A 71 -2.37 1.53 6.76
CA VAL A 71 -3.17 1.33 5.55
C VAL A 71 -4.11 0.15 5.70
N PHE A 72 -5.17 0.13 4.90
CA PHE A 72 -6.14 -0.96 4.93
C PHE A 72 -6.46 -1.45 3.52
N LEU A 73 -6.16 -2.73 3.27
CA LEU A 73 -6.40 -3.32 1.96
C LEU A 73 -7.48 -4.41 2.06
N GLU A 74 -8.40 -4.41 1.09
CA GLU A 74 -9.47 -5.39 1.07
C GLU A 74 -10.08 -5.50 -0.32
N ASP A 75 -10.44 -6.72 -0.72
CA ASP A 75 -11.04 -6.95 -2.03
C ASP A 75 -10.06 -6.59 -3.15
N CYS A 76 -8.78 -6.78 -2.89
CA CYS A 76 -7.73 -6.48 -3.86
C CYS A 76 -7.22 -7.74 -4.52
N SER A 77 -7.00 -7.69 -5.83
CA SER A 77 -6.51 -8.84 -6.57
C SER A 77 -5.64 -8.38 -7.75
N ASP A 78 -4.46 -8.98 -7.86
CA ASP A 78 -3.53 -8.65 -8.95
C ASP A 78 -3.14 -7.17 -8.88
N CYS A 79 -3.04 -6.65 -7.67
CA CYS A 79 -2.67 -5.25 -7.47
C CYS A 79 -1.25 -5.13 -6.91
N VAL A 80 -0.69 -3.92 -6.97
CA VAL A 80 0.65 -3.68 -6.47
C VAL A 80 0.70 -2.42 -5.61
N LEU A 81 0.48 -2.59 -4.32
CA LEU A 81 0.51 -1.46 -3.38
C LEU A 81 1.92 -1.19 -2.89
N ALA A 82 2.19 0.07 -2.56
CA ALA A 82 3.51 0.46 -2.07
C ALA A 82 3.40 1.63 -1.09
N VAL A 83 3.41 1.32 0.20
CA VAL A 83 3.31 2.34 1.24
C VAL A 83 3.75 1.79 2.58
N ALA A 84 4.67 2.51 3.24
CA ALA A 84 5.18 2.10 4.54
C ALA A 84 4.17 2.38 5.64
N CYS A 85 4.25 1.62 6.73
CA CYS A 85 3.34 1.80 7.85
C CYS A 85 3.79 0.98 9.06
N GLN A 86 3.04 1.06 10.14
CA GLN A 86 3.36 0.33 11.36
C GLN A 86 2.45 -0.88 11.53
N GLN A 87 1.21 -0.75 11.04
CA GLN A 87 0.25 -1.84 11.14
C GLN A 87 -0.53 -1.99 9.85
N LEU A 88 -0.45 -3.17 9.25
CA LEU A 88 -1.15 -3.44 8.00
C LEU A 88 -2.22 -4.52 8.19
N ARG A 89 -3.38 -4.31 7.59
CA ARG A 89 -4.48 -5.26 7.69
C ARG A 89 -5.04 -5.60 6.32
N ILE A 90 -4.93 -6.88 5.94
CA ILE A 90 -5.43 -7.33 4.64
C ILE A 90 -6.59 -8.30 4.81
N HIS A 91 -7.52 -8.28 3.87
CA HIS A 91 -8.68 -9.16 3.92
C HIS A 91 -9.23 -9.44 2.52
N SER A 92 -9.46 -10.71 2.22
CA SER A 92 -9.99 -11.11 0.92
C SER A 92 -9.04 -10.68 -0.20
N THR A 93 -7.74 -10.76 0.07
CA THR A 93 -6.73 -10.38 -0.92
C THR A 93 -5.98 -11.60 -1.42
N LYS A 94 -5.81 -11.69 -2.74
CA LYS A 94 -5.10 -12.82 -3.35
C LYS A 94 -4.37 -12.38 -4.61
N ASP A 95 -3.17 -12.92 -4.80
CA ASP A 95 -2.36 -12.58 -5.98
C ASP A 95 -2.07 -11.09 -6.02
N THR A 96 -1.99 -10.46 -4.86
CA THR A 96 -1.72 -9.03 -4.77
C THR A 96 -0.35 -8.77 -4.14
N ARG A 97 0.45 -7.95 -4.80
CA ARG A 97 1.78 -7.61 -4.30
C ARG A 97 1.75 -6.33 -3.46
N ILE A 98 2.50 -6.33 -2.36
CA ILE A 98 2.56 -5.18 -1.48
C ILE A 98 3.98 -4.92 -1.00
N PHE A 99 4.45 -3.69 -1.19
CA PHE A 99 5.80 -3.31 -0.79
C PHE A 99 5.75 -2.23 0.30
N LEU A 100 6.10 -2.60 1.52
CA LEU A 100 6.10 -1.67 2.64
C LEU A 100 7.12 -2.09 3.69
N GLN A 101 7.27 -1.26 4.72
CA GLN A 101 8.22 -1.54 5.80
C GLN A 101 7.53 -1.46 7.16
N VAL A 102 7.00 -2.59 7.61
CA VAL A 102 6.32 -2.66 8.90
C VAL A 102 7.31 -2.80 10.05
N THR A 103 7.27 -1.84 10.97
CA THR A 103 8.17 -1.87 12.12
C THR A 103 7.54 -2.61 13.29
N SER A 104 6.22 -2.51 13.41
CA SER A 104 5.49 -3.17 14.49
C SER A 104 5.11 -4.58 14.09
N ARG A 105 4.10 -4.70 13.23
CA ARG A 105 3.63 -5.99 12.76
C ARG A 105 2.53 -5.83 11.73
N ALA A 106 2.08 -6.96 11.18
CA ALA A 106 1.02 -6.94 10.17
C ALA A 106 0.07 -8.13 10.34
N ILE A 107 -1.14 -7.99 9.82
CA ILE A 107 -2.14 -9.05 9.92
C ILE A 107 -2.64 -9.46 8.54
N VAL A 108 -3.00 -10.73 8.40
CA VAL A 108 -3.50 -11.25 7.13
C VAL A 108 -4.50 -12.38 7.37
N GLU A 109 -5.77 -12.12 7.09
CA GLU A 109 -6.81 -13.13 7.26
C GLU A 109 -7.55 -13.37 5.95
N ASP A 110 -7.83 -14.64 5.67
CA ASP A 110 -8.54 -15.00 4.44
C ASP A 110 -7.75 -14.57 3.21
N CYS A 111 -6.44 -14.56 3.33
CA CYS A 111 -5.57 -14.15 2.22
C CYS A 111 -4.79 -15.35 1.69
N SER A 112 -4.42 -15.29 0.41
CA SER A 112 -3.67 -16.36 -0.22
C SER A 112 -2.92 -15.86 -1.45
N GLY A 113 -1.62 -16.15 -1.50
CA GLY A 113 -0.81 -15.71 -2.62
C GLY A 113 -0.39 -14.26 -2.51
N ILE A 114 -0.27 -13.77 -1.28
CA ILE A 114 0.12 -12.38 -1.04
C ILE A 114 1.64 -12.24 -1.11
N GLN A 115 2.08 -11.07 -1.55
CA GLN A 115 3.52 -10.80 -1.67
C GLN A 115 3.94 -9.72 -0.67
N PHE A 116 5.00 -10.02 0.08
CA PHE A 116 5.51 -9.08 1.07
C PHE A 116 6.97 -8.75 0.80
N ALA A 117 7.28 -7.47 0.62
CA ALA A 117 8.64 -7.04 0.36
C ALA A 117 8.96 -5.74 1.10
N PRO A 118 10.25 -5.41 1.25
CA PRO A 118 10.68 -4.20 1.95
C PRO A 118 10.35 -2.93 1.15
N TYR A 119 10.48 -1.78 1.80
CA TYR A 119 10.19 -0.50 1.16
C TYR A 119 11.47 0.32 0.98
N THR A 120 11.72 0.77 -0.25
CA THR A 120 12.89 1.56 -0.55
C THR A 120 12.59 2.62 -1.60
N TRP A 121 11.35 3.10 -1.60
CA TRP A 121 10.93 4.12 -2.56
C TRP A 121 11.29 5.51 -2.07
N SER A 122 10.98 6.52 -2.87
CA SER A 122 11.27 7.90 -2.51
C SER A 122 12.77 8.11 -2.33
N TYR A 123 13.16 9.32 -1.96
CA TYR A 123 14.57 9.65 -1.76
C TYR A 123 14.72 11.10 -1.27
N PRO A 124 14.31 12.08 -2.08
CA PRO A 124 14.41 13.49 -1.71
C PRO A 124 13.66 13.82 -0.44
N GLU A 125 12.67 12.99 -0.10
CA GLU A 125 11.88 13.19 1.10
C GLU A 125 11.45 11.85 1.70
N ILE A 126 12.42 10.98 1.94
CA ILE A 126 12.14 9.66 2.51
C ILE A 126 12.67 9.56 3.93
N ASP A 127 13.79 10.21 4.19
CA ASP A 127 14.41 10.20 5.52
C ASP A 127 13.63 11.08 6.48
N LYS A 128 13.16 12.22 5.99
CA LYS A 128 12.40 13.16 6.81
C LYS A 128 11.00 12.63 7.08
N ASP A 129 10.40 12.00 6.06
CA ASP A 129 9.06 11.46 6.18
C ASP A 129 9.02 10.31 7.19
N PHE A 130 10.11 9.53 7.24
CA PHE A 130 10.20 8.40 8.15
C PHE A 130 10.16 8.87 9.60
N GLU A 131 10.69 10.06 9.85
CA GLU A 131 10.72 10.62 11.19
C GLU A 131 9.45 11.42 11.47
N SER A 132 8.90 12.02 10.42
CA SER A 132 7.68 12.83 10.55
C SER A 132 6.46 11.93 10.66
N SER A 133 6.37 10.94 9.77
CA SER A 133 5.25 10.01 9.76
C SER A 133 5.15 9.27 11.09
N GLY A 134 6.30 8.92 11.66
CA GLY A 134 6.32 8.21 12.92
C GLY A 134 6.82 6.79 12.78
N LEU A 135 7.71 6.57 11.82
CA LEU A 135 8.27 5.25 11.58
C LEU A 135 9.73 5.19 12.01
N ASP A 136 10.30 3.99 12.01
CA ASP A 136 11.69 3.80 12.40
C ASP A 136 12.52 3.29 11.23
N ARG A 137 13.72 3.84 11.08
CA ARG A 137 14.61 3.45 10.00
C ARG A 137 15.49 2.27 10.41
N SER A 138 15.80 2.19 11.70
CA SER A 138 16.62 1.10 12.21
C SER A 138 15.78 -0.15 12.46
N LYS A 139 14.74 0.00 13.27
CA LYS A 139 13.86 -1.13 13.59
C LYS A 139 13.20 -1.67 12.32
N ASN A 140 13.24 -2.98 12.16
CA ASN A 140 12.65 -3.63 11.00
C ASN A 140 12.11 -5.02 11.36
N ASN A 141 10.82 -5.23 11.13
CA ASN A 141 10.18 -6.50 11.43
C ASN A 141 9.02 -6.76 10.48
N TRP A 142 9.33 -7.34 9.32
CA TRP A 142 8.30 -7.64 8.33
C TRP A 142 8.09 -9.15 8.20
N ASN A 143 9.14 -9.92 8.47
CA ASN A 143 9.07 -11.37 8.39
C ASN A 143 7.99 -11.91 9.32
N ASP A 144 7.77 -11.22 10.43
CA ASP A 144 6.77 -11.63 11.41
C ASP A 144 5.38 -11.15 10.99
N VAL A 145 4.56 -12.08 10.50
CA VAL A 145 3.21 -11.75 10.07
C VAL A 145 2.19 -12.65 10.75
N ASP A 146 1.17 -12.05 11.36
CA ASP A 146 0.13 -12.79 12.05
C ASP A 146 -0.87 -13.38 11.05
N ASP A 147 -0.71 -14.67 10.75
CA ASP A 147 -1.60 -15.34 9.82
C ASP A 147 -2.73 -16.05 10.55
N PHE A 148 -3.94 -15.92 10.02
CA PHE A 148 -5.10 -16.55 10.63
C PHE A 148 -5.46 -17.85 9.91
N ASN A 149 -4.44 -18.61 9.54
CA ASN A 149 -4.64 -19.88 8.84
C ASN A 149 -3.36 -20.71 8.85
N TRP A 150 -3.34 -21.75 9.68
CA TRP A 150 -2.18 -22.63 9.77
C TRP A 150 -2.49 -24.00 9.22
N LEU A 151 -1.80 -24.37 8.14
CA LEU A 151 -2.01 -25.67 7.50
C LEU A 151 -0.98 -26.68 7.99
N ALA A 152 -1.37 -27.96 8.02
CA ALA A 152 -0.48 -29.02 8.47
C ALA A 152 0.29 -29.63 7.29
N ARG A 153 0.86 -28.77 6.45
CA ARG A 153 1.62 -29.22 5.29
C ARG A 153 3.00 -29.73 5.71
N ASP A 154 3.79 -28.85 6.33
CA ASP A 154 5.13 -29.21 6.77
C ASP A 154 5.34 -28.80 8.23
N MET A 155 5.08 -27.53 8.52
CA MET A 155 5.25 -27.00 9.88
C MET A 155 4.82 -25.55 9.95
N ALA A 156 5.15 -24.78 8.93
CA ALA A 156 4.80 -23.37 8.88
C ALA A 156 3.48 -23.16 8.16
N SER A 157 3.16 -21.90 7.87
CA SER A 157 1.92 -21.57 7.18
C SER A 157 2.21 -20.97 5.80
N PRO A 158 2.35 -21.83 4.77
CA PRO A 158 2.63 -21.38 3.41
C PRO A 158 1.44 -20.70 2.76
N ASN A 159 1.01 -19.59 3.34
CA ASN A 159 -0.13 -18.83 2.82
C ASN A 159 0.32 -17.54 2.15
N TRP A 160 1.40 -16.96 2.68
CA TRP A 160 1.93 -15.72 2.14
C TRP A 160 3.35 -15.92 1.61
N SER A 161 3.51 -15.83 0.29
CA SER A 161 4.81 -16.00 -0.33
C SER A 161 5.68 -14.75 -0.15
N ILE A 162 6.95 -14.85 -0.52
CA ILE A 162 7.87 -13.74 -0.41
C ILE A 162 8.54 -13.44 -1.75
N LEU A 163 8.54 -12.16 -2.12
CA LEU A 163 9.13 -11.74 -3.38
C LEU A 163 10.64 -12.05 -3.40
N PRO A 164 11.13 -12.66 -4.49
CA PRO A 164 12.55 -13.01 -4.62
C PRO A 164 13.44 -11.78 -4.74
N GLU A 165 14.74 -11.99 -4.61
CA GLU A 165 15.71 -10.90 -4.70
C GLU A 165 16.23 -10.75 -6.12
N GLU A 166 15.32 -10.75 -7.09
CA GLU A 166 15.68 -10.62 -8.49
C GLU A 166 14.68 -9.74 -9.25
N GLU A 167 13.39 -10.00 -9.02
CA GLU A 167 12.33 -9.24 -9.67
C GLU A 167 11.82 -8.13 -8.76
N ARG A 168 12.71 -7.58 -7.95
CA ARG A 168 12.35 -6.51 -7.02
C ARG A 168 11.99 -5.23 -7.78
N ASN A 169 12.84 -4.86 -8.74
CA ASN A 169 12.61 -3.66 -9.54
C ASN A 169 11.42 -3.85 -10.48
N ILE A 170 10.41 -3.00 -10.32
CA ILE A 170 9.22 -3.08 -11.15
C ILE A 170 9.16 -1.91 -12.14
N GLN A 171 8.51 -2.14 -13.27
CA GLN A 171 8.38 -1.11 -14.29
C GLN A 171 7.64 0.11 -13.76
N TRP A 172 8.34 1.24 -13.66
CA TRP A 172 7.75 2.47 -13.17
C TRP A 172 7.42 3.42 -14.32
N ASP A 173 8.44 3.86 -15.03
CA ASP A 173 8.27 4.78 -16.15
C ASP A 173 8.31 4.02 -17.47
N SER A 174 9.51 3.60 -17.87
CA SER A 174 9.68 2.87 -19.12
C SER A 174 10.95 2.02 -19.08
N GLY A 175 10.80 0.74 -19.40
CA GLY A 175 11.94 -0.16 -19.40
C GLY A 175 12.81 0.00 -20.63
N PRO A 176 13.49 -1.07 -21.07
CA PRO A 176 14.36 -1.03 -22.26
C PRO A 176 13.65 -0.44 -23.46
N SER A 177 12.51 -1.02 -23.82
CA SER A 177 11.73 -0.56 -24.97
C SER A 177 11.12 0.80 -24.69
N SER A 178 10.60 1.44 -25.74
CA SER A 178 9.98 2.75 -25.61
C SER A 178 9.28 3.15 -26.89
N GLY A 179 10.03 3.23 -27.98
CA GLY A 179 9.46 3.61 -29.26
C GLY A 179 8.88 5.01 -29.25
N GLY A 1 -27.37 25.57 0.50
CA GLY A 1 -26.54 26.64 1.12
C GLY A 1 -25.12 26.67 0.55
N SER A 2 -24.20 26.02 1.24
CA SER A 2 -22.80 25.98 0.80
C SER A 2 -22.28 24.54 0.79
N SER A 3 -21.33 24.27 -0.09
CA SER A 3 -20.74 22.94 -0.20
C SER A 3 -19.37 22.89 0.48
N GLY A 4 -19.36 22.58 1.76
CA GLY A 4 -18.11 22.51 2.50
C GLY A 4 -18.04 21.32 3.43
N SER A 5 -17.26 21.44 4.49
CA SER A 5 -17.13 20.37 5.47
C SER A 5 -17.45 20.85 6.88
N SER A 6 -17.63 19.91 7.80
CA SER A 6 -17.95 20.25 9.18
C SER A 6 -16.86 19.76 10.12
N GLY A 7 -15.62 19.75 9.63
CA GLY A 7 -14.50 19.30 10.44
C GLY A 7 -13.35 18.78 9.60
N SER A 8 -13.26 17.46 9.48
CA SER A 8 -12.19 16.83 8.71
C SER A 8 -12.48 16.93 7.21
N TRP A 9 -11.46 16.68 6.40
CA TRP A 9 -11.60 16.74 4.95
C TRP A 9 -11.31 15.38 4.32
N VAL A 10 -12.32 14.80 3.68
CA VAL A 10 -12.16 13.50 3.03
C VAL A 10 -12.72 13.52 1.61
N CYS A 11 -11.91 13.06 0.66
CA CYS A 11 -12.32 13.02 -0.73
C CYS A 11 -11.25 12.37 -1.60
N GLY A 12 -11.49 11.12 -1.97
CA GLY A 12 -10.53 10.41 -2.81
C GLY A 12 -10.99 10.26 -4.24
N PHE A 13 -10.50 9.23 -4.92
CA PHE A 13 -10.88 8.99 -6.31
C PHE A 13 -11.29 7.54 -6.51
N SER A 14 -12.19 7.31 -7.47
CA SER A 14 -12.67 5.96 -7.77
C SER A 14 -13.36 5.92 -9.13
N ASN A 15 -13.77 4.73 -9.53
CA ASN A 15 -14.46 4.55 -10.81
C ASN A 15 -13.55 4.98 -11.96
N LEU A 16 -12.25 4.78 -11.79
CA LEU A 16 -11.28 5.14 -12.82
C LEU A 16 -10.58 3.90 -13.37
N GLU A 17 -10.33 3.90 -14.68
CA GLU A 17 -9.67 2.78 -15.33
C GLU A 17 -8.73 3.27 -16.44
N SER A 18 -7.50 2.77 -16.42
CA SER A 18 -6.51 3.15 -17.43
C SER A 18 -6.22 4.65 -17.36
N GLN A 19 -6.31 5.21 -16.16
CA GLN A 19 -6.06 6.63 -15.96
C GLN A 19 -4.84 6.85 -15.08
N VAL A 20 -4.28 8.05 -15.13
CA VAL A 20 -3.10 8.39 -14.34
C VAL A 20 -3.36 9.64 -13.49
N LEU A 21 -3.21 9.49 -12.18
CA LEU A 21 -3.43 10.61 -11.26
C LEU A 21 -2.11 11.01 -10.59
N GLU A 22 -2.13 12.14 -9.89
CA GLU A 22 -0.96 12.64 -9.19
C GLU A 22 -1.35 13.50 -7.99
N LYS A 23 -0.63 13.33 -6.90
CA LYS A 23 -0.91 14.09 -5.68
C LYS A 23 0.40 14.55 -5.02
N ARG A 24 0.30 15.60 -4.21
CA ARG A 24 1.47 16.15 -3.52
C ARG A 24 1.20 16.27 -2.03
N ALA A 25 2.20 16.74 -1.29
CA ALA A 25 2.08 16.90 0.16
C ALA A 25 1.10 18.01 0.50
N SER A 26 1.17 19.12 -0.24
CA SER A 26 0.28 20.25 0.00
C SER A 26 -1.15 19.90 -0.36
N GLU A 27 -1.31 19.02 -1.35
CA GLU A 27 -2.64 18.60 -1.79
C GLU A 27 -3.33 17.76 -0.71
N LEU A 28 -2.59 16.81 -0.14
CA LEU A 28 -3.14 15.95 0.90
C LEU A 28 -3.21 16.68 2.24
N HIS A 29 -2.07 16.75 2.93
CA HIS A 29 -1.99 17.42 4.21
C HIS A 29 -2.90 16.74 5.23
N GLN A 30 -2.53 15.53 5.64
CA GLN A 30 -3.30 14.76 6.62
C GLN A 30 -4.72 14.54 6.12
N ARG A 31 -4.88 13.65 5.15
CA ARG A 31 -6.19 13.34 4.61
C ARG A 31 -6.40 11.83 4.46
N ASP A 32 -7.64 11.42 4.25
CA ASP A 32 -7.95 10.00 4.09
C ASP A 32 -8.21 9.67 2.63
N VAL A 33 -7.22 9.06 1.98
CA VAL A 33 -7.34 8.69 0.58
C VAL A 33 -7.98 7.32 0.42
N LEU A 34 -9.17 7.28 -0.17
CA LEU A 34 -9.89 6.03 -0.37
C LEU A 34 -10.12 5.78 -1.85
N LEU A 35 -9.45 4.77 -2.39
CA LEU A 35 -9.58 4.41 -3.80
C LEU A 35 -10.17 3.02 -3.97
N THR A 36 -11.12 2.89 -4.89
CA THR A 36 -11.76 1.61 -5.14
C THR A 36 -12.46 1.60 -6.51
N GLU A 37 -12.85 0.42 -6.96
CA GLU A 37 -13.53 0.28 -8.24
C GLU A 37 -12.64 0.78 -9.38
N LEU A 38 -11.35 0.49 -9.29
CA LEU A 38 -10.40 0.91 -10.31
C LEU A 38 -9.87 -0.30 -11.09
N SER A 39 -9.43 -0.05 -12.32
CA SER A 39 -8.90 -1.11 -13.16
C SER A 39 -7.80 -0.58 -14.08
N ASN A 40 -6.59 -1.07 -13.88
CA ASN A 40 -5.45 -0.64 -14.68
C ASN A 40 -5.20 0.86 -14.53
N CYS A 41 -5.53 1.39 -13.36
CA CYS A 41 -5.36 2.81 -13.09
C CYS A 41 -4.09 3.06 -12.27
N THR A 42 -3.28 4.00 -12.71
CA THR A 42 -2.04 4.34 -12.01
C THR A 42 -2.26 5.45 -11.00
N VAL A 43 -1.72 5.26 -9.80
CA VAL A 43 -1.87 6.24 -8.73
C VAL A 43 -0.54 6.50 -8.03
N ARG A 44 -0.18 7.77 -7.90
CA ARG A 44 1.07 8.16 -7.25
C ARG A 44 0.86 9.33 -6.29
N LEU A 45 1.43 9.22 -5.11
CA LEU A 45 1.31 10.27 -4.10
C LEU A 45 2.66 10.64 -3.54
N TYR A 46 2.77 11.86 -3.00
CA TYR A 46 4.03 12.34 -2.42
C TYR A 46 3.76 13.22 -1.21
N GLY A 47 3.99 12.67 -0.02
CA GLY A 47 3.77 13.41 1.20
C GLY A 47 3.55 12.51 2.41
N ASN A 48 2.59 12.86 3.24
CA ASN A 48 2.28 12.09 4.43
C ASN A 48 0.80 12.19 4.79
N PRO A 49 -0.06 11.38 4.16
CA PRO A 49 -1.50 11.40 4.42
C PRO A 49 -1.84 10.83 5.78
N ASN A 50 -3.12 10.92 6.17
CA ASN A 50 -3.57 10.42 7.44
C ASN A 50 -3.71 8.90 7.41
N THR A 51 -4.61 8.41 6.57
CA THR A 51 -4.84 6.98 6.43
C THR A 51 -5.01 6.59 4.97
N LEU A 52 -4.58 5.37 4.63
CA LEU A 52 -4.69 4.88 3.26
C LEU A 52 -5.57 3.63 3.20
N ARG A 53 -6.34 3.50 2.12
CA ARG A 53 -7.22 2.36 1.95
C ARG A 53 -7.49 2.10 0.47
N LEU A 54 -7.49 0.83 0.08
CA LEU A 54 -7.74 0.45 -1.31
C LEU A 54 -8.46 -0.89 -1.38
N THR A 55 -9.52 -0.94 -2.17
CA THR A 55 -10.29 -2.17 -2.33
C THR A 55 -10.90 -2.26 -3.72
N LYS A 56 -11.25 -3.47 -4.13
CA LYS A 56 -11.84 -3.70 -5.45
C LYS A 56 -10.90 -3.22 -6.56
N ALA A 57 -9.60 -3.32 -6.30
CA ALA A 57 -8.60 -2.91 -7.28
C ALA A 57 -8.00 -4.12 -8.00
N HIS A 58 -8.05 -4.10 -9.31
CA HIS A 58 -7.52 -5.20 -10.12
C HIS A 58 -6.55 -4.68 -11.17
N SER A 59 -5.34 -5.24 -11.17
CA SER A 59 -4.31 -4.83 -12.13
C SER A 59 -4.00 -3.34 -12.00
N CYS A 60 -4.15 -2.81 -10.79
CA CYS A 60 -3.89 -1.40 -10.54
C CYS A 60 -2.60 -1.20 -9.73
N LYS A 61 -1.95 -0.07 -9.94
CA LYS A 61 -0.71 0.23 -9.23
C LYS A 61 -0.91 1.39 -8.26
N LEU A 62 -0.29 1.27 -7.09
CA LEU A 62 -0.40 2.32 -6.07
C LEU A 62 0.96 2.63 -5.46
N LEU A 63 1.31 3.92 -5.44
CA LEU A 63 2.58 4.36 -4.88
C LEU A 63 2.41 5.64 -4.08
N CYS A 64 2.82 5.61 -2.82
CA CYS A 64 2.71 6.77 -1.95
C CYS A 64 3.71 6.69 -0.80
N GLY A 65 3.96 7.82 -0.15
CA GLY A 65 4.89 7.86 0.96
C GLY A 65 4.35 7.14 2.19
N PRO A 66 5.13 7.11 3.29
CA PRO A 66 4.71 6.46 4.53
C PRO A 66 3.46 7.10 5.12
N VAL A 67 2.45 6.26 5.41
CA VAL A 67 1.21 6.75 5.98
C VAL A 67 1.40 7.22 7.42
N SER A 68 0.50 8.06 7.89
CA SER A 68 0.57 8.58 9.26
C SER A 68 0.30 7.48 10.28
N THR A 69 -0.81 6.79 10.12
CA THR A 69 -1.18 5.72 11.03
C THR A 69 -0.90 4.35 10.40
N SER A 70 -1.76 3.93 9.48
CA SER A 70 -1.60 2.65 8.80
C SER A 70 -2.45 2.59 7.54
N VAL A 71 -2.37 1.46 6.84
CA VAL A 71 -3.13 1.28 5.61
C VAL A 71 -4.09 0.10 5.73
N PHE A 72 -5.12 0.09 4.87
CA PHE A 72 -6.11 -0.97 4.89
C PHE A 72 -6.35 -1.51 3.47
N LEU A 73 -6.27 -2.82 3.32
CA LEU A 73 -6.49 -3.46 2.02
C LEU A 73 -7.54 -4.55 2.12
N GLU A 74 -8.48 -4.56 1.17
CA GLU A 74 -9.55 -5.55 1.15
C GLU A 74 -10.11 -5.72 -0.25
N ASP A 75 -10.39 -6.97 -0.63
CA ASP A 75 -10.94 -7.26 -1.95
C ASP A 75 -9.97 -6.86 -3.05
N CYS A 76 -8.69 -7.10 -2.83
CA CYS A 76 -7.66 -6.76 -3.80
C CYS A 76 -7.14 -8.01 -4.50
N SER A 77 -7.00 -7.93 -5.82
CA SER A 77 -6.51 -9.06 -6.61
C SER A 77 -5.69 -8.58 -7.80
N ASP A 78 -4.49 -9.13 -7.94
CA ASP A 78 -3.60 -8.75 -9.04
C ASP A 78 -3.25 -7.28 -8.97
N CYS A 79 -3.09 -6.76 -7.76
CA CYS A 79 -2.76 -5.35 -7.56
C CYS A 79 -1.33 -5.21 -7.05
N VAL A 80 -0.87 -3.97 -6.94
CA VAL A 80 0.48 -3.68 -6.47
C VAL A 80 0.50 -2.49 -5.53
N LEU A 81 0.32 -2.75 -4.24
CA LEU A 81 0.33 -1.69 -3.23
C LEU A 81 1.75 -1.34 -2.81
N ALA A 82 2.01 -0.06 -2.65
CA ALA A 82 3.34 0.41 -2.24
C ALA A 82 3.23 1.55 -1.23
N VAL A 83 3.39 1.22 0.04
CA VAL A 83 3.31 2.23 1.11
C VAL A 83 3.91 1.69 2.41
N ALA A 84 4.40 2.60 3.24
CA ALA A 84 5.00 2.22 4.51
C ALA A 84 4.08 2.55 5.68
N CYS A 85 3.86 1.57 6.56
CA CYS A 85 3.00 1.76 7.71
C CYS A 85 3.53 1.01 8.93
N GLN A 86 2.82 1.10 10.04
CA GLN A 86 3.22 0.43 11.27
C GLN A 86 2.42 -0.86 11.48
N GLN A 87 1.18 -0.85 11.01
CA GLN A 87 0.30 -2.01 11.14
C GLN A 87 -0.57 -2.17 9.91
N LEU A 88 -0.19 -3.08 9.02
CA LEU A 88 -0.94 -3.33 7.80
C LEU A 88 -2.15 -4.21 8.09
N ARG A 89 -3.14 -4.15 7.20
CA ARG A 89 -4.36 -4.95 7.36
C ARG A 89 -4.91 -5.38 6.00
N ILE A 90 -4.72 -6.65 5.67
CA ILE A 90 -5.20 -7.18 4.41
C ILE A 90 -6.37 -8.14 4.62
N HIS A 91 -7.17 -8.35 3.58
CA HIS A 91 -8.33 -9.24 3.66
C HIS A 91 -8.87 -9.55 2.27
N SER A 92 -9.32 -10.78 2.08
CA SER A 92 -9.89 -11.22 0.80
C SER A 92 -8.95 -10.88 -0.35
N THR A 93 -7.65 -10.83 -0.06
CA THR A 93 -6.66 -10.52 -1.08
C THR A 93 -5.99 -11.79 -1.60
N LYS A 94 -5.77 -11.84 -2.90
CA LYS A 94 -5.14 -13.00 -3.53
C LYS A 94 -4.37 -12.60 -4.79
N ASP A 95 -3.13 -13.06 -4.87
CA ASP A 95 -2.28 -12.75 -6.02
C ASP A 95 -2.09 -11.24 -6.17
N THR A 96 -1.92 -10.55 -5.05
CA THR A 96 -1.73 -9.11 -5.06
C THR A 96 -0.41 -8.73 -4.40
N ARG A 97 0.51 -8.21 -5.22
CA ARG A 97 1.83 -7.81 -4.72
C ARG A 97 1.69 -6.64 -3.74
N ILE A 98 2.48 -6.69 -2.67
CA ILE A 98 2.45 -5.65 -1.66
C ILE A 98 3.86 -5.33 -1.15
N PHE A 99 4.25 -4.07 -1.26
CA PHE A 99 5.57 -3.64 -0.80
C PHE A 99 5.45 -2.57 0.27
N LEU A 100 5.61 -2.98 1.53
CA LEU A 100 5.52 -2.05 2.66
C LEU A 100 6.61 -2.33 3.67
N GLN A 101 6.74 -1.44 4.66
CA GLN A 101 7.74 -1.58 5.71
C GLN A 101 7.10 -1.46 7.08
N VAL A 102 6.67 -2.59 7.63
CA VAL A 102 6.04 -2.60 8.95
C VAL A 102 7.08 -2.59 10.06
N THR A 103 6.87 -1.75 11.06
CA THR A 103 7.79 -1.65 12.18
C THR A 103 7.26 -2.41 13.40
N SER A 104 5.94 -2.47 13.51
CA SER A 104 5.31 -3.17 14.63
C SER A 104 4.94 -4.60 14.23
N ARG A 105 4.01 -4.72 13.29
CA ARG A 105 3.55 -6.03 12.82
C ARG A 105 2.53 -5.88 11.71
N ALA A 106 2.09 -7.02 11.16
CA ALA A 106 1.10 -7.01 10.08
C ALA A 106 -0.05 -7.95 10.41
N ILE A 107 -1.15 -7.80 9.66
CA ILE A 107 -2.32 -8.64 9.87
C ILE A 107 -2.99 -8.99 8.54
N VAL A 108 -3.43 -10.24 8.41
CA VAL A 108 -4.09 -10.68 7.19
C VAL A 108 -5.12 -11.76 7.49
N GLU A 109 -6.34 -11.58 6.99
CA GLU A 109 -7.42 -12.54 7.21
C GLU A 109 -8.03 -12.98 5.88
N ASP A 110 -8.14 -14.29 5.70
CA ASP A 110 -8.71 -14.84 4.47
C ASP A 110 -7.86 -14.45 3.26
N CYS A 111 -6.56 -14.30 3.47
CA CYS A 111 -5.65 -13.93 2.40
C CYS A 111 -4.77 -15.11 1.99
N SER A 112 -4.53 -15.25 0.69
CA SER A 112 -3.71 -16.34 0.18
C SER A 112 -2.92 -15.89 -1.04
N GLY A 113 -1.65 -16.29 -1.09
CA GLY A 113 -0.81 -15.92 -2.21
C GLY A 113 -0.37 -14.47 -2.16
N ILE A 114 -0.29 -13.92 -0.95
CA ILE A 114 0.12 -12.53 -0.77
C ILE A 114 1.64 -12.40 -0.78
N GLN A 115 2.16 -11.71 -1.79
CA GLN A 115 3.60 -11.51 -1.93
C GLN A 115 4.08 -10.37 -1.03
N PHE A 116 4.71 -10.74 0.08
CA PHE A 116 5.22 -9.75 1.03
C PHE A 116 6.66 -9.35 0.68
N ALA A 117 6.93 -8.05 0.74
CA ALA A 117 8.27 -7.54 0.43
C ALA A 117 8.52 -6.21 1.13
N PRO A 118 9.80 -5.83 1.30
CA PRO A 118 10.17 -4.57 1.95
C PRO A 118 9.82 -3.35 1.11
N TYR A 119 9.71 -2.19 1.76
CA TYR A 119 9.37 -0.96 1.07
C TYR A 119 10.59 -0.37 0.37
N THR A 120 10.75 -0.67 -0.91
CA THR A 120 11.87 -0.19 -1.69
C THR A 120 11.45 0.98 -2.59
N TRP A 121 11.83 2.19 -2.20
CA TRP A 121 11.49 3.38 -2.96
C TRP A 121 12.38 4.56 -2.58
N SER A 122 13.11 5.08 -3.56
CA SER A 122 14.01 6.21 -3.32
C SER A 122 13.53 7.45 -4.08
N TYR A 123 13.47 8.57 -3.37
CA TYR A 123 13.04 9.82 -3.98
C TYR A 123 13.79 11.01 -3.38
N PRO A 124 13.81 12.15 -4.08
CA PRO A 124 14.49 13.36 -3.61
C PRO A 124 14.07 13.75 -2.20
N GLU A 125 12.81 13.48 -1.87
CA GLU A 125 12.28 13.80 -0.55
C GLU A 125 11.55 12.61 0.06
N ILE A 126 12.28 11.54 0.32
CA ILE A 126 11.69 10.33 0.89
C ILE A 126 12.16 10.13 2.33
N ASP A 127 13.40 10.53 2.61
CA ASP A 127 13.96 10.39 3.94
C ASP A 127 13.36 11.43 4.90
N LYS A 128 13.07 12.61 4.36
CA LYS A 128 12.50 13.68 5.16
C LYS A 128 11.08 13.35 5.60
N ASP A 129 10.37 12.58 4.77
CA ASP A 129 9.00 12.18 5.06
C ASP A 129 8.95 11.25 6.27
N PHE A 130 9.84 10.28 6.30
CA PHE A 130 9.90 9.32 7.40
C PHE A 130 10.14 10.03 8.73
N GLU A 131 10.97 11.07 8.69
CA GLU A 131 11.29 11.84 9.89
C GLU A 131 10.16 12.80 10.24
N SER A 132 9.49 13.31 9.21
CA SER A 132 8.38 14.24 9.41
C SER A 132 7.26 13.59 10.23
N SER A 133 6.78 12.46 9.74
CA SER A 133 5.71 11.73 10.42
C SER A 133 6.14 11.30 11.82
N GLY A 134 7.41 10.91 11.94
CA GLY A 134 7.93 10.48 13.23
C GLY A 134 8.15 8.98 13.28
N LEU A 135 8.46 8.38 12.14
CA LEU A 135 8.71 6.95 12.07
C LEU A 135 10.20 6.64 12.16
N ASP A 136 10.53 5.40 12.52
CA ASP A 136 11.92 4.98 12.64
C ASP A 136 12.29 4.01 11.53
N ARG A 137 13.56 3.98 11.17
CA ARG A 137 14.04 3.10 10.11
C ARG A 137 14.96 2.02 10.69
N SER A 138 14.71 1.64 11.93
CA SER A 138 15.51 0.62 12.60
C SER A 138 14.70 -0.65 12.81
N LYS A 139 13.42 -0.49 13.07
CA LYS A 139 12.53 -1.64 13.29
C LYS A 139 12.00 -2.18 11.97
N ASN A 140 12.14 -3.48 11.77
CA ASN A 140 11.67 -4.12 10.54
C ASN A 140 11.37 -5.60 10.78
N ASN A 141 10.10 -5.96 10.72
CA ASN A 141 9.68 -7.34 10.93
C ASN A 141 8.59 -7.74 9.94
N TRP A 142 8.77 -7.35 8.68
CA TRP A 142 7.80 -7.66 7.64
C TRP A 142 7.75 -9.17 7.38
N ASN A 143 8.89 -9.84 7.58
CA ASN A 143 8.96 -11.28 7.36
C ASN A 143 7.98 -12.01 8.25
N ASP A 144 7.78 -11.51 9.47
CA ASP A 144 6.86 -12.12 10.42
C ASP A 144 5.47 -11.54 10.27
N VAL A 145 4.53 -12.36 9.78
CA VAL A 145 3.16 -11.92 9.59
C VAL A 145 2.19 -12.81 10.36
N ASP A 146 1.11 -12.22 10.85
CA ASP A 146 0.11 -12.96 11.61
C ASP A 146 -0.88 -13.65 10.67
N ASP A 147 -1.46 -14.75 11.13
CA ASP A 147 -2.43 -15.51 10.34
C ASP A 147 -3.64 -15.88 11.17
N PHE A 148 -4.83 -15.60 10.64
CA PHE A 148 -6.07 -15.92 11.34
C PHE A 148 -6.77 -17.11 10.70
N ASN A 149 -6.57 -17.27 9.39
CA ASN A 149 -7.19 -18.38 8.66
C ASN A 149 -6.27 -19.59 8.65
N TRP A 150 -5.83 -20.00 9.84
CA TRP A 150 -4.95 -21.16 9.97
C TRP A 150 -4.69 -21.47 11.44
N LEU A 151 -4.91 -22.73 11.82
CA LEU A 151 -4.70 -23.16 13.20
C LEU A 151 -3.20 -23.20 13.54
N ALA A 152 -2.78 -22.32 14.43
CA ALA A 152 -1.37 -22.26 14.84
C ALA A 152 -1.09 -23.27 15.95
N ARG A 153 -0.70 -24.48 15.56
CA ARG A 153 -0.39 -25.54 16.52
C ARG A 153 1.00 -26.11 16.26
N ASP A 154 2.02 -25.34 16.59
CA ASP A 154 3.40 -25.77 16.39
C ASP A 154 3.68 -26.08 14.92
N MET A 155 2.99 -25.37 14.04
CA MET A 155 3.15 -25.57 12.60
C MET A 155 3.15 -24.23 11.85
N ALA A 156 3.83 -24.19 10.72
CA ALA A 156 3.91 -22.97 9.92
C ALA A 156 2.58 -22.70 9.23
N SER A 157 2.53 -21.63 8.44
CA SER A 157 1.32 -21.25 7.72
C SER A 157 1.59 -21.18 6.21
N PRO A 158 1.58 -22.33 5.53
CA PRO A 158 1.82 -22.39 4.09
C PRO A 158 0.75 -21.64 3.29
N ASN A 159 0.84 -20.31 3.29
CA ASN A 159 -0.11 -19.48 2.57
C ASN A 159 0.59 -18.31 1.91
N TRP A 160 1.22 -17.46 2.71
CA TRP A 160 1.94 -16.29 2.20
C TRP A 160 3.39 -16.63 1.92
N SER A 161 3.92 -16.07 0.84
CA SER A 161 5.31 -16.32 0.46
C SER A 161 6.05 -15.00 0.23
N ILE A 162 7.37 -15.09 0.19
CA ILE A 162 8.20 -13.90 -0.02
C ILE A 162 8.69 -13.82 -1.47
N LEU A 163 8.73 -12.61 -2.01
CA LEU A 163 9.16 -12.39 -3.38
C LEU A 163 10.69 -12.50 -3.49
N PRO A 164 11.19 -13.17 -4.53
CA PRO A 164 12.64 -13.34 -4.74
C PRO A 164 13.37 -12.01 -4.77
N GLU A 165 14.63 -12.05 -5.19
CA GLU A 165 15.45 -10.84 -5.26
C GLU A 165 15.62 -10.38 -6.71
N GLU A 166 14.63 -10.68 -7.53
CA GLU A 166 14.67 -10.30 -8.94
C GLU A 166 13.54 -9.34 -9.28
N GLU A 167 12.36 -9.60 -8.75
CA GLU A 167 11.20 -8.75 -9.00
C GLU A 167 10.97 -7.79 -7.84
N ARG A 168 12.06 -7.39 -7.19
CA ARG A 168 11.97 -6.47 -6.06
C ARG A 168 11.52 -5.09 -6.52
N ASN A 169 12.24 -4.52 -7.47
CA ASN A 169 11.91 -3.20 -7.99
C ASN A 169 11.23 -3.32 -9.35
N ILE A 170 10.49 -2.26 -9.73
CA ILE A 170 9.79 -2.25 -11.01
C ILE A 170 9.83 -0.86 -11.64
N GLN A 171 9.68 -0.82 -12.96
CA GLN A 171 9.70 0.45 -13.68
C GLN A 171 8.39 1.21 -13.48
N TRP A 172 8.46 2.35 -12.80
CA TRP A 172 7.29 3.16 -12.53
C TRP A 172 7.20 4.33 -13.52
N ASP A 173 7.70 4.10 -14.73
CA ASP A 173 7.68 5.13 -15.77
C ASP A 173 7.20 4.56 -17.10
N SER A 174 5.96 4.86 -17.45
CA SER A 174 5.38 4.37 -18.70
C SER A 174 5.89 5.19 -19.89
N GLY A 175 5.73 6.50 -19.80
CA GLY A 175 6.17 7.38 -20.88
C GLY A 175 5.46 7.09 -22.19
N PRO A 176 5.60 7.98 -23.18
CA PRO A 176 4.96 7.82 -24.49
C PRO A 176 5.21 6.44 -25.10
N SER A 177 4.45 6.10 -26.13
CA SER A 177 4.60 4.82 -26.81
C SER A 177 3.61 4.70 -27.96
N SER A 178 2.40 5.21 -27.76
CA SER A 178 1.36 5.15 -28.77
C SER A 178 0.88 3.72 -28.99
N GLY A 179 -0.08 3.29 -28.17
CA GLY A 179 -0.61 1.95 -28.29
C GLY A 179 -1.78 1.70 -27.35
N GLY A 1 -31.03 22.43 -3.17
CA GLY A 1 -31.18 20.95 -3.32
C GLY A 1 -31.36 20.26 -1.98
N SER A 2 -30.31 20.24 -1.17
CA SER A 2 -30.37 19.60 0.14
C SER A 2 -29.11 19.92 0.95
N SER A 3 -29.00 19.33 2.13
CA SER A 3 -27.86 19.54 3.00
C SER A 3 -27.61 18.33 3.90
N GLY A 4 -26.54 17.60 3.63
CA GLY A 4 -26.21 16.43 4.42
C GLY A 4 -24.73 16.30 4.67
N SER A 5 -23.95 16.18 3.61
CA SER A 5 -22.49 16.05 3.74
C SER A 5 -21.81 17.39 3.54
N SER A 6 -22.41 18.45 4.08
CA SER A 6 -21.86 19.79 3.96
C SER A 6 -20.68 19.98 4.91
N GLY A 7 -19.49 19.62 4.45
CA GLY A 7 -18.31 19.76 5.28
C GLY A 7 -17.31 18.63 5.08
N SER A 8 -16.98 18.36 3.83
CA SER A 8 -16.04 17.28 3.50
C SER A 8 -15.41 17.51 2.13
N TRP A 9 -14.14 17.11 2.00
CA TRP A 9 -13.42 17.27 0.74
C TRP A 9 -13.36 15.94 -0.02
N VAL A 10 -12.73 14.95 0.60
CA VAL A 10 -12.60 13.62 -0.02
C VAL A 10 -11.86 13.71 -1.35
N CYS A 11 -10.55 13.47 -1.30
CA CYS A 11 -9.72 13.52 -2.50
C CYS A 11 -9.50 12.12 -3.07
N GLY A 12 -10.51 11.27 -2.96
CA GLY A 12 -10.41 9.91 -3.46
C GLY A 12 -10.51 9.86 -4.98
N PHE A 13 -10.40 8.64 -5.52
CA PHE A 13 -10.48 8.44 -6.97
C PHE A 13 -11.11 7.10 -7.29
N SER A 14 -12.11 7.12 -8.17
CA SER A 14 -12.80 5.90 -8.57
C SER A 14 -13.40 6.04 -9.97
N ASN A 15 -13.90 4.94 -10.51
CA ASN A 15 -14.49 4.95 -11.85
C ASN A 15 -13.47 5.37 -12.90
N LEU A 16 -12.22 5.03 -12.67
CA LEU A 16 -11.14 5.37 -13.59
C LEU A 16 -10.56 4.12 -14.24
N GLU A 17 -9.73 4.32 -15.26
CA GLU A 17 -9.11 3.20 -15.96
C GLU A 17 -8.02 3.70 -16.91
N SER A 18 -6.84 3.10 -16.81
CA SER A 18 -5.72 3.48 -17.67
C SER A 18 -5.34 4.95 -17.45
N GLN A 19 -5.48 5.41 -16.21
CA GLN A 19 -5.15 6.79 -15.87
C GLN A 19 -4.08 6.85 -14.79
N VAL A 20 -3.24 7.87 -14.84
CA VAL A 20 -2.18 8.04 -13.85
C VAL A 20 -2.49 9.18 -12.90
N LEU A 21 -2.79 8.84 -11.65
CA LEU A 21 -3.09 9.85 -10.64
C LEU A 21 -1.86 10.24 -9.84
N GLU A 22 -1.71 11.53 -9.56
CA GLU A 22 -0.57 12.03 -8.82
C GLU A 22 -0.94 13.26 -7.99
N LYS A 23 -0.65 13.21 -6.70
CA LYS A 23 -0.96 14.32 -5.80
C LYS A 23 0.31 14.88 -5.17
N ARG A 24 0.15 15.89 -4.32
CA ARG A 24 1.28 16.51 -3.65
C ARG A 24 1.05 16.57 -2.14
N ALA A 25 2.12 16.87 -1.40
CA ALA A 25 2.03 16.95 0.06
C ALA A 25 1.05 18.05 0.48
N SER A 26 1.29 19.26 0.02
CA SER A 26 0.43 20.39 0.35
C SER A 26 -1.00 20.15 -0.11
N GLU A 27 -1.13 19.41 -1.22
CA GLU A 27 -2.44 19.10 -1.77
C GLU A 27 -3.20 18.12 -0.87
N LEU A 28 -2.49 17.11 -0.38
CA LEU A 28 -3.09 16.11 0.49
C LEU A 28 -3.22 16.63 1.92
N HIS A 29 -2.09 17.06 2.49
CA HIS A 29 -2.07 17.58 3.85
C HIS A 29 -2.48 16.50 4.86
N GLN A 30 -2.12 15.26 4.57
CA GLN A 30 -2.45 14.14 5.44
C GLN A 30 -3.97 14.01 5.62
N ARG A 31 -4.58 13.17 4.80
CA ARG A 31 -6.02 12.96 4.87
C ARG A 31 -6.37 11.52 4.51
N ASP A 32 -7.62 11.15 4.76
CA ASP A 32 -8.09 9.79 4.46
C ASP A 32 -8.14 9.56 2.95
N VAL A 33 -7.48 8.49 2.51
CA VAL A 33 -7.44 8.15 1.09
C VAL A 33 -8.39 7.00 0.78
N LEU A 34 -9.47 7.30 0.08
CA LEU A 34 -10.46 6.29 -0.28
C LEU A 34 -10.39 5.98 -1.78
N LEU A 35 -9.81 4.84 -2.12
CA LEU A 35 -9.68 4.41 -3.51
C LEU A 35 -10.45 3.13 -3.77
N THR A 36 -11.39 3.19 -4.71
CA THR A 36 -12.20 2.03 -5.05
C THR A 36 -12.70 2.11 -6.50
N GLU A 37 -13.17 0.98 -7.02
CA GLU A 37 -13.67 0.92 -8.39
C GLU A 37 -12.56 1.24 -9.39
N LEU A 38 -11.34 0.81 -9.07
CA LEU A 38 -10.20 1.04 -9.94
C LEU A 38 -9.92 -0.18 -10.82
N SER A 39 -9.32 0.07 -11.99
CA SER A 39 -9.00 -1.01 -12.91
C SER A 39 -7.96 -0.55 -13.92
N ASN A 40 -6.77 -1.15 -13.84
CA ASN A 40 -5.67 -0.81 -14.75
C ASN A 40 -5.31 0.66 -14.62
N CYS A 41 -5.46 1.20 -13.42
CA CYS A 41 -5.14 2.61 -13.16
C CYS A 41 -3.87 2.73 -12.34
N THR A 42 -3.13 3.81 -12.56
CA THR A 42 -1.89 4.05 -11.84
C THR A 42 -2.06 5.17 -10.81
N VAL A 43 -1.60 4.91 -9.59
CA VAL A 43 -1.71 5.90 -8.52
C VAL A 43 -0.34 6.21 -7.92
N ARG A 44 -0.17 7.45 -7.46
CA ARG A 44 1.09 7.88 -6.87
C ARG A 44 0.88 9.08 -5.96
N LEU A 45 0.81 8.83 -4.66
CA LEU A 45 0.62 9.89 -3.68
C LEU A 45 1.95 10.40 -3.15
N TYR A 46 2.08 11.72 -3.07
CA TYR A 46 3.31 12.34 -2.59
C TYR A 46 3.04 13.22 -1.37
N GLY A 47 3.45 12.74 -0.20
CA GLY A 47 3.23 13.51 1.02
C GLY A 47 3.29 12.63 2.26
N ASN A 48 2.20 12.63 3.03
CA ASN A 48 2.13 11.83 4.25
C ASN A 48 0.68 11.62 4.68
N PRO A 49 -0.09 10.83 3.90
CA PRO A 49 -1.50 10.55 4.20
C PRO A 49 -1.68 10.02 5.62
N ASN A 50 -2.84 10.31 6.20
CA ASN A 50 -3.15 9.86 7.56
C ASN A 50 -3.34 8.35 7.61
N THR A 51 -4.44 7.89 7.00
CA THR A 51 -4.75 6.46 6.97
C THR A 51 -5.17 6.03 5.57
N LEU A 52 -4.24 5.43 4.84
CA LEU A 52 -4.52 4.97 3.49
C LEU A 52 -5.48 3.78 3.50
N ARG A 53 -6.45 3.80 2.60
CA ARG A 53 -7.44 2.73 2.52
C ARG A 53 -7.75 2.40 1.06
N LEU A 54 -7.15 1.32 0.57
CA LEU A 54 -7.35 0.89 -0.81
C LEU A 54 -8.15 -0.41 -0.86
N THR A 55 -9.23 -0.41 -1.63
CA THR A 55 -10.07 -1.60 -1.76
C THR A 55 -10.76 -1.64 -3.13
N LYS A 56 -11.25 -2.81 -3.50
CA LYS A 56 -11.94 -2.97 -4.77
C LYS A 56 -11.01 -2.63 -5.93
N ALA A 57 -9.72 -2.91 -5.76
CA ALA A 57 -8.73 -2.62 -6.79
C ALA A 57 -8.42 -3.87 -7.61
N HIS A 58 -8.16 -3.68 -8.89
CA HIS A 58 -7.85 -4.79 -9.78
C HIS A 58 -6.88 -4.35 -10.88
N SER A 59 -5.71 -4.97 -10.91
CA SER A 59 -4.70 -4.64 -11.91
C SER A 59 -4.27 -3.18 -11.79
N CYS A 60 -4.33 -2.64 -10.57
CA CYS A 60 -3.95 -1.26 -10.33
C CYS A 60 -2.67 -1.17 -9.51
N LYS A 61 -1.92 -0.11 -9.70
CA LYS A 61 -0.67 0.10 -8.97
C LYS A 61 -0.75 1.32 -8.06
N LEU A 62 -0.08 1.25 -6.92
CA LEU A 62 -0.08 2.35 -5.96
C LEU A 62 1.31 2.56 -5.37
N LEU A 63 1.75 3.82 -5.36
CA LEU A 63 3.07 4.15 -4.83
C LEU A 63 3.01 5.48 -4.06
N CYS A 64 3.03 5.39 -2.73
CA CYS A 64 2.99 6.59 -1.90
C CYS A 64 4.02 6.49 -0.78
N GLY A 65 4.29 7.63 -0.14
CA GLY A 65 5.25 7.66 0.95
C GLY A 65 4.76 6.91 2.18
N PRO A 66 5.58 6.87 3.25
CA PRO A 66 5.21 6.18 4.49
C PRO A 66 4.01 6.82 5.18
N VAL A 67 2.94 6.05 5.34
CA VAL A 67 1.73 6.54 5.98
C VAL A 67 2.00 6.98 7.42
N SER A 68 1.16 7.87 7.94
CA SER A 68 1.32 8.36 9.30
C SER A 68 0.97 7.29 10.31
N THR A 69 -0.18 6.65 10.13
CA THR A 69 -0.62 5.59 11.04
C THR A 69 -0.43 4.21 10.41
N SER A 70 -1.34 3.85 9.51
CA SER A 70 -1.27 2.56 8.84
C SER A 70 -2.15 2.54 7.59
N VAL A 71 -2.17 1.40 6.90
CA VAL A 71 -2.97 1.26 5.70
C VAL A 71 -3.93 0.07 5.81
N PHE A 72 -4.99 0.09 5.01
CA PHE A 72 -5.98 -0.98 5.02
C PHE A 72 -6.29 -1.46 3.61
N LEU A 73 -6.15 -2.75 3.38
CA LEU A 73 -6.41 -3.34 2.08
C LEU A 73 -7.50 -4.40 2.16
N GLU A 74 -8.43 -4.37 1.21
CA GLU A 74 -9.53 -5.34 1.18
C GLU A 74 -10.18 -5.38 -0.20
N ASP A 75 -10.58 -6.57 -0.61
CA ASP A 75 -11.23 -6.76 -1.90
C ASP A 75 -10.28 -6.37 -3.03
N CYS A 76 -9.01 -6.73 -2.89
CA CYS A 76 -8.00 -6.41 -3.91
C CYS A 76 -7.43 -7.69 -4.51
N SER A 77 -7.05 -7.61 -5.78
CA SER A 77 -6.48 -8.76 -6.47
C SER A 77 -5.70 -8.32 -7.72
N ASP A 78 -4.57 -8.98 -7.95
CA ASP A 78 -3.73 -8.66 -9.10
C ASP A 78 -3.26 -7.20 -9.04
N CYS A 79 -3.10 -6.68 -7.82
CA CYS A 79 -2.66 -5.30 -7.63
C CYS A 79 -1.26 -5.26 -7.02
N VAL A 80 -0.66 -4.08 -7.01
CA VAL A 80 0.67 -3.91 -6.44
C VAL A 80 0.72 -2.70 -5.51
N LEU A 81 0.47 -2.93 -4.24
CA LEU A 81 0.48 -1.86 -3.24
C LEU A 81 1.89 -1.67 -2.67
N ALA A 82 2.25 -0.41 -2.43
CA ALA A 82 3.56 -0.08 -1.88
C ALA A 82 3.49 1.14 -0.97
N VAL A 83 3.45 0.90 0.33
CA VAL A 83 3.37 1.97 1.31
C VAL A 83 3.87 1.52 2.67
N ALA A 84 4.88 2.21 3.19
CA ALA A 84 5.44 1.86 4.49
C ALA A 84 4.49 2.24 5.62
N CYS A 85 4.15 1.26 6.46
CA CYS A 85 3.23 1.49 7.57
C CYS A 85 3.68 0.71 8.81
N GLN A 86 2.92 0.84 9.88
CA GLN A 86 3.23 0.15 11.13
C GLN A 86 2.49 -1.19 11.20
N GLN A 87 1.19 -1.17 10.94
CA GLN A 87 0.38 -2.37 10.98
C GLN A 87 -0.41 -2.54 9.68
N LEU A 88 -0.06 -3.55 8.90
CA LEU A 88 -0.75 -3.82 7.63
C LEU A 88 -1.93 -4.76 7.83
N ARG A 89 -3.11 -4.32 7.41
CA ARG A 89 -4.32 -5.12 7.55
C ARG A 89 -4.90 -5.46 6.18
N ILE A 90 -4.91 -6.74 5.85
CA ILE A 90 -5.44 -7.20 4.57
C ILE A 90 -6.61 -8.16 4.78
N HIS A 91 -7.45 -8.29 3.75
CA HIS A 91 -8.60 -9.18 3.81
C HIS A 91 -9.19 -9.43 2.43
N SER A 92 -9.54 -10.68 2.15
CA SER A 92 -10.11 -11.04 0.86
C SER A 92 -9.18 -10.67 -0.28
N THR A 93 -7.88 -10.71 -0.01
CA THR A 93 -6.88 -10.37 -1.03
C THR A 93 -6.21 -11.63 -1.57
N LYS A 94 -5.77 -11.57 -2.82
CA LYS A 94 -5.12 -12.70 -3.46
C LYS A 94 -4.38 -12.27 -4.73
N ASP A 95 -3.19 -12.82 -4.93
CA ASP A 95 -2.39 -12.50 -6.10
C ASP A 95 -2.07 -11.01 -6.15
N THR A 96 -1.80 -10.44 -4.98
CA THR A 96 -1.47 -9.01 -4.88
C THR A 96 -0.07 -8.81 -4.32
N ARG A 97 0.88 -8.53 -5.20
CA ARG A 97 2.26 -8.31 -4.80
C ARG A 97 2.40 -6.98 -4.06
N ILE A 98 2.50 -7.04 -2.74
CA ILE A 98 2.64 -5.84 -1.92
C ILE A 98 4.11 -5.59 -1.58
N PHE A 99 4.53 -4.33 -1.66
CA PHE A 99 5.90 -3.96 -1.36
C PHE A 99 5.94 -2.84 -0.31
N LEU A 100 6.03 -3.22 0.95
CA LEU A 100 6.08 -2.26 2.05
C LEU A 100 7.08 -2.71 3.12
N GLN A 101 7.21 -1.90 4.16
CA GLN A 101 8.12 -2.21 5.26
C GLN A 101 7.46 -1.94 6.61
N VAL A 102 6.95 -2.99 7.23
CA VAL A 102 6.29 -2.88 8.53
C VAL A 102 7.31 -2.84 9.66
N THR A 103 7.14 -1.88 10.57
CA THR A 103 8.04 -1.75 11.71
C THR A 103 7.48 -2.42 12.94
N SER A 104 6.15 -2.44 13.05
CA SER A 104 5.48 -3.06 14.19
C SER A 104 5.13 -4.51 13.90
N ARG A 105 4.08 -4.72 13.12
CA ARG A 105 3.64 -6.06 12.77
C ARG A 105 2.73 -6.05 11.54
N ALA A 106 2.27 -7.22 11.13
CA ALA A 106 1.41 -7.34 9.97
C ALA A 106 0.23 -8.27 10.26
N ILE A 107 -0.96 -7.88 9.80
CA ILE A 107 -2.15 -8.68 10.01
C ILE A 107 -2.81 -9.08 8.69
N VAL A 108 -3.27 -10.31 8.62
CA VAL A 108 -3.91 -10.83 7.41
C VAL A 108 -5.05 -11.78 7.74
N GLU A 109 -6.15 -11.66 7.02
CA GLU A 109 -7.31 -12.51 7.24
C GLU A 109 -7.91 -12.99 5.92
N ASP A 110 -8.20 -14.29 5.84
CA ASP A 110 -8.77 -14.87 4.63
C ASP A 110 -7.92 -14.54 3.41
N CYS A 111 -6.62 -14.36 3.62
CA CYS A 111 -5.71 -14.04 2.54
C CYS A 111 -5.12 -15.31 1.93
N SER A 112 -4.87 -15.28 0.62
CA SER A 112 -4.30 -16.43 -0.07
C SER A 112 -3.61 -16.00 -1.37
N GLY A 113 -2.34 -16.39 -1.51
CA GLY A 113 -1.59 -16.04 -2.70
C GLY A 113 -1.04 -14.63 -2.63
N ILE A 114 -0.72 -14.17 -1.43
CA ILE A 114 -0.17 -12.84 -1.24
C ILE A 114 1.35 -12.83 -1.33
N GLN A 115 1.91 -11.74 -1.82
CA GLN A 115 3.35 -11.61 -1.96
C GLN A 115 3.90 -10.52 -1.06
N PHE A 116 4.66 -10.91 -0.04
CA PHE A 116 5.24 -9.96 0.90
C PHE A 116 6.64 -9.56 0.46
N ALA A 117 6.89 -8.25 0.40
CA ALA A 117 8.20 -7.74 0.00
C ALA A 117 8.48 -6.38 0.63
N PRO A 118 9.74 -6.10 0.99
CA PRO A 118 10.13 -4.82 1.60
C PRO A 118 9.73 -3.63 0.74
N TYR A 119 9.88 -2.43 1.30
CA TYR A 119 9.54 -1.21 0.59
C TYR A 119 10.74 -0.70 -0.20
N THR A 120 10.48 -0.14 -1.39
CA THR A 120 11.53 0.38 -2.23
C THR A 120 11.12 1.71 -2.86
N TRP A 121 11.67 2.80 -2.33
CA TRP A 121 11.35 4.14 -2.84
C TRP A 121 12.14 5.20 -2.07
N SER A 122 12.90 6.01 -2.81
CA SER A 122 13.71 7.06 -2.21
C SER A 122 13.76 8.29 -3.11
N TYR A 123 13.97 9.46 -2.50
CA TYR A 123 14.04 10.71 -3.25
C TYR A 123 14.47 11.86 -2.35
N PRO A 124 14.90 12.98 -2.94
CA PRO A 124 15.35 14.16 -2.19
C PRO A 124 14.33 14.60 -1.14
N GLU A 125 13.05 14.32 -1.41
CA GLU A 125 11.98 14.68 -0.49
C GLU A 125 11.59 13.50 0.39
N ILE A 126 12.56 12.64 0.68
CA ILE A 126 12.30 11.47 1.52
C ILE A 126 12.32 11.84 3.00
N ASP A 127 13.30 12.65 3.40
CA ASP A 127 13.42 13.07 4.78
C ASP A 127 12.17 13.82 5.25
N LYS A 128 11.55 14.56 4.33
CA LYS A 128 10.36 15.32 4.64
C LYS A 128 9.18 14.39 4.91
N ASP A 129 9.18 13.23 4.27
CA ASP A 129 8.12 12.25 4.44
C ASP A 129 8.27 11.50 5.76
N PHE A 130 9.41 10.85 5.93
CA PHE A 130 9.69 10.09 7.14
C PHE A 130 9.64 10.98 8.37
N GLU A 131 10.07 12.23 8.21
CA GLU A 131 10.07 13.19 9.30
C GLU A 131 8.66 13.50 9.75
N SER A 132 7.74 13.60 8.78
CA SER A 132 6.34 13.90 9.08
C SER A 132 5.68 12.74 9.81
N SER A 133 5.79 11.55 9.25
CA SER A 133 5.20 10.36 9.85
C SER A 133 5.91 10.00 11.16
N GLY A 134 7.24 10.15 11.15
CA GLY A 134 8.01 9.83 12.34
C GLY A 134 8.37 8.36 12.41
N LEU A 135 8.48 7.71 11.26
CA LEU A 135 8.82 6.29 11.21
C LEU A 135 10.32 6.10 11.06
N ASP A 136 10.78 4.86 11.24
CA ASP A 136 12.20 4.55 11.13
C ASP A 136 12.45 3.56 9.99
N ARG A 137 13.57 3.71 9.31
CA ARG A 137 13.92 2.82 8.21
C ARG A 137 15.06 1.89 8.60
N SER A 138 15.10 1.52 9.88
CA SER A 138 16.13 0.63 10.38
C SER A 138 15.51 -0.58 11.09
N LYS A 139 14.51 -0.31 11.92
CA LYS A 139 13.83 -1.38 12.66
C LYS A 139 12.87 -2.14 11.75
N ASN A 140 13.35 -3.20 11.14
CA ASN A 140 12.53 -4.02 10.25
C ASN A 140 11.68 -5.00 11.05
N ASN A 141 10.64 -5.53 10.40
CA ASN A 141 9.75 -6.49 11.05
C ASN A 141 8.71 -7.02 10.07
N TRP A 142 9.14 -7.25 8.84
CA TRP A 142 8.25 -7.76 7.79
C TRP A 142 8.31 -9.29 7.71
N ASN A 143 9.31 -9.87 8.34
CA ASN A 143 9.47 -11.33 8.32
C ASN A 143 8.46 -12.00 9.25
N ASP A 144 8.10 -11.30 10.33
CA ASP A 144 7.15 -11.83 11.29
C ASP A 144 5.73 -11.41 10.94
N VAL A 145 4.94 -12.35 10.41
CA VAL A 145 3.56 -12.06 10.03
C VAL A 145 2.59 -12.97 10.78
N ASP A 146 1.47 -12.42 11.21
CA ASP A 146 0.46 -13.17 11.93
C ASP A 146 -0.29 -14.11 11.00
N ASP A 147 -1.24 -14.87 11.56
CA ASP A 147 -2.03 -15.81 10.77
C ASP A 147 -3.35 -16.12 11.47
N PHE A 148 -4.45 -15.71 10.84
CA PHE A 148 -5.77 -15.95 11.40
C PHE A 148 -6.55 -16.96 10.55
N ASN A 149 -5.83 -17.88 9.94
CA ASN A 149 -6.45 -18.90 9.10
C ASN A 149 -5.48 -20.07 8.88
N TRP A 150 -5.63 -21.12 9.68
CA TRP A 150 -4.78 -22.30 9.57
C TRP A 150 -5.42 -23.34 8.65
N LEU A 151 -4.64 -23.82 7.68
CA LEU A 151 -5.13 -24.83 6.74
C LEU A 151 -5.32 -26.17 7.43
N ALA A 152 -4.58 -26.39 8.52
CA ALA A 152 -4.66 -27.64 9.26
C ALA A 152 -4.19 -28.82 8.41
N ARG A 153 -2.88 -29.00 8.33
CA ARG A 153 -2.30 -30.09 7.56
C ARG A 153 -1.12 -30.70 8.29
N ASP A 154 -0.22 -29.86 8.78
CA ASP A 154 0.96 -30.32 9.49
C ASP A 154 1.57 -29.18 10.32
N MET A 155 1.92 -28.10 9.66
CA MET A 155 2.51 -26.94 10.32
C MET A 155 2.58 -25.74 9.39
N ALA A 156 3.13 -24.64 9.88
CA ALA A 156 3.25 -23.42 9.09
C ALA A 156 1.88 -22.91 8.66
N SER A 157 1.88 -21.93 7.75
CA SER A 157 0.64 -21.36 7.26
C SER A 157 0.74 -21.05 5.76
N PRO A 158 0.38 -22.01 4.90
CA PRO A 158 0.44 -21.84 3.44
C PRO A 158 -0.62 -20.86 2.94
N ASN A 159 -0.51 -19.61 3.37
CA ASN A 159 -1.45 -18.59 2.96
C ASN A 159 -0.73 -17.45 2.23
N TRP A 160 0.34 -16.96 2.84
CA TRP A 160 1.12 -15.87 2.26
C TRP A 160 2.54 -16.33 1.95
N SER A 161 3.13 -15.75 0.90
CA SER A 161 4.49 -16.10 0.50
C SER A 161 5.34 -14.85 0.34
N ILE A 162 6.66 -15.05 0.22
CA ILE A 162 7.58 -13.94 0.06
C ILE A 162 8.20 -13.92 -1.34
N LEU A 163 8.24 -12.75 -1.95
CA LEU A 163 8.80 -12.60 -3.28
C LEU A 163 10.28 -12.96 -3.30
N PRO A 164 10.73 -13.73 -4.31
CA PRO A 164 12.14 -14.14 -4.43
C PRO A 164 13.04 -12.99 -4.86
N GLU A 165 14.27 -13.32 -5.22
CA GLU A 165 15.25 -12.32 -5.65
C GLU A 165 15.30 -12.24 -7.17
N GLU A 166 14.14 -12.34 -7.80
CA GLU A 166 14.05 -12.28 -9.26
C GLU A 166 13.07 -11.20 -9.71
N GLU A 167 11.92 -11.16 -9.06
CA GLU A 167 10.89 -10.17 -9.39
C GLU A 167 10.84 -9.07 -8.34
N ARG A 168 11.99 -8.75 -7.75
CA ARG A 168 12.08 -7.72 -6.72
C ARG A 168 12.05 -6.33 -7.36
N ASN A 169 13.10 -6.02 -8.12
CA ASN A 169 13.20 -4.72 -8.78
C ASN A 169 12.36 -4.70 -10.05
N ILE A 170 11.07 -4.41 -9.90
CA ILE A 170 10.16 -4.35 -11.04
C ILE A 170 10.44 -3.13 -11.91
N GLN A 171 10.42 -3.32 -13.22
CA GLN A 171 10.66 -2.23 -14.16
C GLN A 171 9.45 -1.32 -14.26
N TRP A 172 9.50 -0.19 -13.56
CA TRP A 172 8.40 0.77 -13.58
C TRP A 172 8.51 1.71 -14.78
N ASP A 173 7.75 1.39 -15.83
CA ASP A 173 7.77 2.20 -17.04
C ASP A 173 9.17 2.24 -17.65
N SER A 174 9.28 2.91 -18.80
CA SER A 174 10.56 3.03 -19.48
C SER A 174 10.68 4.39 -20.17
N GLY A 175 9.82 4.62 -21.16
CA GLY A 175 9.86 5.89 -21.88
C GLY A 175 11.16 6.10 -22.62
N PRO A 176 11.13 6.80 -23.77
CA PRO A 176 12.32 7.07 -24.57
C PRO A 176 13.44 7.70 -23.75
N SER A 177 14.57 7.02 -23.67
CA SER A 177 15.73 7.52 -22.91
C SER A 177 16.97 7.59 -23.79
N SER A 178 17.19 6.54 -24.58
CA SER A 178 18.34 6.48 -25.48
C SER A 178 18.01 5.71 -26.74
N GLY A 179 17.40 4.53 -26.56
CA GLY A 179 17.05 3.70 -27.70
C GLY A 179 16.63 2.31 -27.28
N GLY A 1 -28.25 27.73 1.20
CA GLY A 1 -28.53 27.91 -0.26
C GLY A 1 -27.29 27.75 -1.11
N SER A 2 -26.60 26.61 -0.96
CA SER A 2 -25.39 26.34 -1.71
C SER A 2 -25.14 24.83 -1.81
N SER A 3 -24.04 24.46 -2.46
CA SER A 3 -23.68 23.06 -2.62
C SER A 3 -22.79 22.60 -1.48
N GLY A 4 -23.01 21.36 -1.03
CA GLY A 4 -22.22 20.81 0.06
C GLY A 4 -23.00 19.83 0.91
N SER A 5 -22.48 19.54 2.10
CA SER A 5 -23.14 18.62 3.01
C SER A 5 -23.26 17.23 2.38
N SER A 6 -22.15 16.51 2.33
CA SER A 6 -22.13 15.17 1.75
C SER A 6 -20.76 14.54 1.88
N GLY A 7 -19.76 15.16 1.24
CA GLY A 7 -18.41 14.64 1.30
C GLY A 7 -17.37 15.74 1.44
N SER A 8 -17.23 16.26 2.65
CA SER A 8 -16.27 17.33 2.92
C SER A 8 -14.86 16.76 3.11
N TRP A 9 -14.78 15.63 3.80
CA TRP A 9 -13.50 14.98 4.06
C TRP A 9 -13.39 13.66 3.30
N VAL A 10 -12.28 12.96 3.49
CA VAL A 10 -12.06 11.68 2.83
C VAL A 10 -11.94 11.86 1.32
N CYS A 11 -10.73 12.17 0.86
CA CYS A 11 -10.48 12.37 -0.57
C CYS A 11 -10.07 11.06 -1.23
N GLY A 12 -10.80 10.69 -2.27
CA GLY A 12 -10.49 9.45 -2.98
C GLY A 12 -10.73 9.57 -4.48
N PHE A 13 -10.39 8.51 -5.22
CA PHE A 13 -10.57 8.51 -6.66
C PHE A 13 -11.19 7.20 -7.13
N SER A 14 -12.33 7.30 -7.79
CA SER A 14 -13.04 6.12 -8.29
C SER A 14 -13.61 6.37 -9.68
N ASN A 15 -14.09 5.31 -10.32
CA ASN A 15 -14.67 5.41 -11.66
C ASN A 15 -13.62 5.88 -12.66
N LEU A 16 -12.40 5.38 -12.50
CA LEU A 16 -11.30 5.74 -13.41
C LEU A 16 -10.59 4.51 -13.93
N GLU A 17 -10.34 4.49 -15.24
CA GLU A 17 -9.66 3.35 -15.86
C GLU A 17 -8.59 3.83 -16.83
N SER A 18 -7.39 3.27 -16.72
CA SER A 18 -6.29 3.64 -17.59
C SER A 18 -5.94 5.12 -17.43
N GLN A 19 -6.12 5.64 -16.23
CA GLN A 19 -5.83 7.04 -15.94
C GLN A 19 -4.69 7.17 -14.93
N VAL A 20 -4.23 8.40 -14.73
CA VAL A 20 -3.14 8.66 -13.79
C VAL A 20 -3.55 9.70 -12.76
N LEU A 21 -3.09 9.51 -11.52
CA LEU A 21 -3.40 10.44 -10.45
C LEU A 21 -2.15 10.80 -9.65
N GLU A 22 -2.01 12.08 -9.32
CA GLU A 22 -0.86 12.55 -8.56
C GLU A 22 -1.28 13.57 -7.51
N LYS A 23 -1.14 13.21 -6.24
CA LYS A 23 -1.51 14.09 -5.15
C LYS A 23 -0.29 14.47 -4.31
N ARG A 24 -0.08 15.76 -4.12
CA ARG A 24 1.05 16.25 -3.35
C ARG A 24 0.68 16.39 -1.87
N ALA A 25 1.66 16.76 -1.05
CA ALA A 25 1.43 16.94 0.38
C ALA A 25 0.47 18.09 0.65
N SER A 26 0.51 19.09 -0.23
CA SER A 26 -0.35 20.26 -0.08
C SER A 26 -1.77 19.94 -0.52
N GLU A 27 -1.90 19.07 -1.52
CA GLU A 27 -3.21 18.68 -2.04
C GLU A 27 -3.91 17.74 -1.07
N LEU A 28 -3.13 16.92 -0.37
CA LEU A 28 -3.68 15.98 0.60
C LEU A 28 -3.72 16.59 2.00
N HIS A 29 -2.60 17.14 2.42
CA HIS A 29 -2.50 17.76 3.74
C HIS A 29 -2.81 16.75 4.84
N GLN A 30 -2.31 15.53 4.67
CA GLN A 30 -2.53 14.46 5.64
C GLN A 30 -4.02 14.18 5.81
N ARG A 31 -4.57 13.39 4.89
CA ARG A 31 -5.99 13.04 4.94
C ARG A 31 -6.20 11.57 4.61
N ASP A 32 -7.45 11.14 4.60
CA ASP A 32 -7.78 9.75 4.30
C ASP A 32 -7.72 9.49 2.79
N VAL A 33 -7.22 8.32 2.42
CA VAL A 33 -7.10 7.95 1.02
C VAL A 33 -7.97 6.72 0.70
N LEU A 34 -9.04 6.93 -0.04
CA LEU A 34 -9.94 5.84 -0.41
C LEU A 34 -9.99 5.68 -1.93
N LEU A 35 -9.94 4.42 -2.38
CA LEU A 35 -9.99 4.13 -3.80
C LEU A 35 -10.86 2.90 -4.08
N THR A 36 -11.62 2.96 -5.16
CA THR A 36 -12.50 1.85 -5.54
C THR A 36 -12.96 1.99 -6.98
N GLU A 37 -13.35 0.87 -7.58
CA GLU A 37 -13.81 0.86 -8.96
C GLU A 37 -12.71 1.34 -9.90
N LEU A 38 -11.48 0.92 -9.64
CA LEU A 38 -10.34 1.31 -10.46
C LEU A 38 -9.79 0.11 -11.21
N SER A 39 -9.52 0.29 -12.50
CA SER A 39 -8.99 -0.77 -13.34
C SER A 39 -7.87 -0.25 -14.23
N ASN A 40 -6.66 -0.77 -14.02
CA ASN A 40 -5.50 -0.36 -14.80
C ASN A 40 -5.23 1.13 -14.63
N CYS A 41 -5.51 1.64 -13.43
CA CYS A 41 -5.30 3.05 -13.14
C CYS A 41 -4.08 3.24 -12.25
N THR A 42 -3.05 3.88 -12.78
CA THR A 42 -1.82 4.13 -12.03
C THR A 42 -2.01 5.28 -11.06
N VAL A 43 -1.76 5.01 -9.78
CA VAL A 43 -1.91 6.03 -8.74
C VAL A 43 -0.59 6.28 -8.03
N ARG A 44 -0.09 7.50 -8.12
CA ARG A 44 1.17 7.87 -7.49
C ARG A 44 0.98 9.05 -6.54
N LEU A 45 0.93 8.76 -5.24
CA LEU A 45 0.74 9.79 -4.23
C LEU A 45 2.09 10.24 -3.67
N TYR A 46 2.13 11.45 -3.13
CA TYR A 46 3.35 12.00 -2.55
C TYR A 46 3.03 12.90 -1.36
N GLY A 47 3.28 12.39 -0.16
CA GLY A 47 3.02 13.17 1.04
C GLY A 47 2.98 12.30 2.29
N ASN A 48 1.93 12.47 3.09
CA ASN A 48 1.78 11.70 4.32
C ASN A 48 0.31 11.61 4.72
N PRO A 49 -0.44 10.67 4.12
CA PRO A 49 -1.87 10.49 4.43
C PRO A 49 -2.09 9.91 5.82
N ASN A 50 -3.16 10.36 6.47
CA ASN A 50 -3.49 9.89 7.81
C ASN A 50 -3.70 8.37 7.83
N THR A 51 -4.65 7.91 7.02
CA THR A 51 -4.94 6.48 6.95
C THR A 51 -5.22 6.07 5.51
N LEU A 52 -4.23 5.48 4.86
CA LEU A 52 -4.37 5.04 3.47
C LEU A 52 -5.30 3.83 3.39
N ARG A 53 -6.04 3.75 2.30
CA ARG A 53 -6.98 2.65 2.09
C ARG A 53 -7.19 2.38 0.61
N LEU A 54 -7.17 1.11 0.23
CA LEU A 54 -7.37 0.72 -1.16
C LEU A 54 -8.17 -0.58 -1.26
N THR A 55 -9.25 -0.54 -2.02
CA THR A 55 -10.10 -1.71 -2.20
C THR A 55 -10.76 -1.72 -3.57
N LYS A 56 -11.24 -2.87 -3.99
CA LYS A 56 -11.90 -3.01 -5.29
C LYS A 56 -10.95 -2.63 -6.41
N ALA A 57 -9.67 -2.87 -6.21
CA ALA A 57 -8.65 -2.55 -7.22
C ALA A 57 -8.26 -3.79 -8.01
N HIS A 58 -7.99 -3.60 -9.30
CA HIS A 58 -7.60 -4.71 -10.16
C HIS A 58 -6.63 -4.24 -11.24
N SER A 59 -5.45 -4.86 -11.28
CA SER A 59 -4.43 -4.50 -12.25
C SER A 59 -4.02 -3.04 -12.10
N CYS A 60 -4.07 -2.55 -10.87
CA CYS A 60 -3.70 -1.16 -10.59
C CYS A 60 -2.38 -1.10 -9.81
N LYS A 61 -1.78 0.08 -9.80
CA LYS A 61 -0.51 0.28 -9.10
C LYS A 61 -0.61 1.42 -8.09
N LEU A 62 -0.43 1.09 -6.82
CA LEU A 62 -0.50 2.09 -5.75
C LEU A 62 0.88 2.41 -5.22
N LEU A 63 1.24 3.69 -5.26
CA LEU A 63 2.54 4.14 -4.77
C LEU A 63 2.41 5.41 -3.94
N CYS A 64 2.66 5.29 -2.64
CA CYS A 64 2.57 6.43 -1.74
C CYS A 64 3.65 6.37 -0.67
N GLY A 65 3.98 7.53 -0.11
CA GLY A 65 5.01 7.59 0.92
C GLY A 65 4.55 6.93 2.21
N PRO A 66 5.42 6.91 3.24
CA PRO A 66 5.08 6.30 4.54
C PRO A 66 3.82 6.90 5.16
N VAL A 67 2.78 6.08 5.27
CA VAL A 67 1.52 6.53 5.84
C VAL A 67 1.71 7.07 7.26
N SER A 68 0.76 7.90 7.70
CA SER A 68 0.82 8.48 9.03
C SER A 68 0.76 7.40 10.11
N THR A 69 -0.27 6.55 10.04
CA THR A 69 -0.44 5.48 11.01
C THR A 69 -0.28 4.11 10.34
N SER A 70 -1.33 3.67 9.64
CA SER A 70 -1.31 2.39 8.96
C SER A 70 -2.17 2.42 7.69
N VAL A 71 -2.21 1.29 6.99
CA VAL A 71 -2.99 1.19 5.76
C VAL A 71 -3.93 -0.01 5.81
N PHE A 72 -4.98 0.03 4.99
CA PHE A 72 -5.95 -1.05 4.94
C PHE A 72 -6.14 -1.55 3.51
N LEU A 73 -6.24 -2.86 3.36
CA LEU A 73 -6.43 -3.47 2.04
C LEU A 73 -7.56 -4.49 2.07
N GLU A 74 -8.45 -4.41 1.08
CA GLU A 74 -9.58 -5.33 0.98
C GLU A 74 -10.09 -5.43 -0.45
N ASP A 75 -10.37 -6.65 -0.89
CA ASP A 75 -10.87 -6.89 -2.24
C ASP A 75 -9.86 -6.45 -3.28
N CYS A 76 -8.58 -6.73 -3.02
CA CYS A 76 -7.51 -6.36 -3.94
C CYS A 76 -6.95 -7.60 -4.65
N SER A 77 -6.79 -7.51 -5.96
CA SER A 77 -6.27 -8.62 -6.75
C SER A 77 -5.49 -8.11 -7.96
N ASP A 78 -4.37 -8.75 -8.25
CA ASP A 78 -3.54 -8.37 -9.38
C ASP A 78 -3.07 -6.92 -9.24
N CYS A 79 -2.91 -6.47 -8.01
CA CYS A 79 -2.47 -5.10 -7.74
C CYS A 79 -1.09 -5.09 -7.07
N VAL A 80 -0.41 -3.96 -7.15
CA VAL A 80 0.91 -3.83 -6.54
C VAL A 80 0.96 -2.62 -5.60
N LEU A 81 0.68 -2.87 -4.33
CA LEU A 81 0.68 -1.81 -3.33
C LEU A 81 2.08 -1.63 -2.74
N ALA A 82 2.39 -0.40 -2.34
CA ALA A 82 3.69 -0.09 -1.76
C ALA A 82 3.61 1.13 -0.85
N VAL A 83 3.51 0.87 0.45
CA VAL A 83 3.42 1.94 1.44
C VAL A 83 3.92 1.47 2.81
N ALA A 84 4.94 2.14 3.32
CA ALA A 84 5.51 1.81 4.61
C ALA A 84 4.54 2.14 5.74
N CYS A 85 4.53 1.30 6.77
CA CYS A 85 3.64 1.51 7.92
C CYS A 85 4.02 0.58 9.07
N GLN A 86 3.58 0.94 10.28
CA GLN A 86 3.87 0.15 11.46
C GLN A 86 3.06 -1.14 11.46
N GLN A 87 1.82 -1.06 10.99
CA GLN A 87 0.95 -2.23 10.93
C GLN A 87 0.20 -2.28 9.61
N LEU A 88 -0.17 -3.49 9.20
CA LEU A 88 -0.89 -3.68 7.94
C LEU A 88 -2.10 -4.58 8.14
N ARG A 89 -3.10 -4.43 7.27
CA ARG A 89 -4.31 -5.23 7.35
C ARG A 89 -4.85 -5.54 5.96
N ILE A 90 -4.83 -6.82 5.60
CA ILE A 90 -5.32 -7.26 4.30
C ILE A 90 -6.51 -8.21 4.44
N HIS A 91 -7.30 -8.32 3.38
CA HIS A 91 -8.47 -9.20 3.39
C HIS A 91 -9.01 -9.41 1.98
N SER A 92 -9.51 -10.61 1.72
CA SER A 92 -10.06 -10.93 0.40
C SER A 92 -9.07 -10.60 -0.71
N THR A 93 -7.78 -10.63 -0.38
CA THR A 93 -6.74 -10.32 -1.35
C THR A 93 -6.08 -11.60 -1.86
N LYS A 94 -5.88 -11.67 -3.18
CA LYS A 94 -5.26 -12.84 -3.78
C LYS A 94 -4.39 -12.44 -4.96
N ASP A 95 -3.16 -12.95 -5.00
CA ASP A 95 -2.23 -12.65 -6.08
C ASP A 95 -1.95 -11.15 -6.15
N THR A 96 -1.81 -10.52 -4.99
CA THR A 96 -1.53 -9.10 -4.91
C THR A 96 -0.21 -8.83 -4.22
N ARG A 97 0.76 -8.31 -4.95
CA ARG A 97 2.08 -8.01 -4.40
C ARG A 97 2.02 -6.79 -3.49
N ILE A 98 2.82 -6.81 -2.42
CA ILE A 98 2.86 -5.71 -1.47
C ILE A 98 4.29 -5.40 -1.04
N PHE A 99 4.80 -4.25 -1.50
CA PHE A 99 6.15 -3.84 -1.16
C PHE A 99 6.14 -2.75 -0.09
N LEU A 100 6.26 -3.15 1.16
CA LEU A 100 6.26 -2.21 2.28
C LEU A 100 7.22 -2.66 3.36
N GLN A 101 7.43 -1.79 4.36
CA GLN A 101 8.33 -2.10 5.46
C GLN A 101 7.62 -1.98 6.80
N VAL A 102 7.30 -3.12 7.41
CA VAL A 102 6.61 -3.14 8.69
C VAL A 102 7.59 -3.17 9.85
N THR A 103 7.31 -2.40 10.89
CA THR A 103 8.17 -2.34 12.06
C THR A 103 7.52 -3.02 13.25
N SER A 104 6.20 -2.94 13.31
CA SER A 104 5.43 -3.54 14.41
C SER A 104 5.02 -4.97 14.06
N ARG A 105 4.03 -5.11 13.18
CA ARG A 105 3.54 -6.41 12.77
C ARG A 105 2.47 -6.28 11.69
N ALA A 106 2.33 -7.31 10.87
CA ALA A 106 1.35 -7.32 9.79
C ALA A 106 0.16 -8.21 10.14
N ILE A 107 -1.02 -7.83 9.67
CA ILE A 107 -2.23 -8.61 9.92
C ILE A 107 -2.85 -9.10 8.63
N VAL A 108 -3.17 -10.39 8.57
CA VAL A 108 -3.77 -10.98 7.38
C VAL A 108 -4.96 -11.85 7.74
N GLU A 109 -6.08 -11.64 7.06
CA GLU A 109 -7.29 -12.41 7.31
C GLU A 109 -8.00 -12.75 6.00
N ASP A 110 -8.28 -14.03 5.81
CA ASP A 110 -8.95 -14.50 4.61
C ASP A 110 -8.13 -14.17 3.36
N CYS A 111 -6.81 -14.17 3.52
CA CYS A 111 -5.91 -13.86 2.40
C CYS A 111 -5.18 -15.13 1.95
N SER A 112 -4.74 -15.12 0.69
CA SER A 112 -4.02 -16.26 0.13
C SER A 112 -3.20 -15.85 -1.09
N GLY A 113 -1.98 -16.37 -1.18
CA GLY A 113 -1.11 -16.04 -2.30
C GLY A 113 -0.65 -14.60 -2.26
N ILE A 114 -0.49 -14.06 -1.06
CA ILE A 114 -0.04 -12.68 -0.88
C ILE A 114 1.48 -12.60 -0.93
N GLN A 115 2.00 -11.41 -1.24
CA GLN A 115 3.43 -11.19 -1.33
C GLN A 115 3.88 -10.09 -0.37
N PHE A 116 4.81 -10.44 0.52
CA PHE A 116 5.32 -9.48 1.49
C PHE A 116 6.80 -9.19 1.25
N ALA A 117 7.12 -7.94 0.96
CA ALA A 117 8.49 -7.52 0.72
C ALA A 117 8.73 -6.09 1.17
N PRO A 118 9.98 -5.75 1.52
CA PRO A 118 10.34 -4.40 1.98
C PRO A 118 9.89 -3.33 1.00
N TYR A 119 9.97 -2.07 1.44
CA TYR A 119 9.57 -0.95 0.60
C TYR A 119 10.69 -0.55 -0.36
N THR A 120 10.32 -0.16 -1.57
CA THR A 120 11.29 0.25 -2.57
C THR A 120 10.83 1.49 -3.33
N TRP A 121 11.49 2.61 -3.09
CA TRP A 121 11.14 3.86 -3.75
C TRP A 121 12.10 4.97 -3.34
N SER A 122 13.17 5.14 -4.11
CA SER A 122 14.16 6.17 -3.83
C SER A 122 13.76 7.51 -4.44
N TYR A 123 13.50 8.49 -3.58
CA TYR A 123 13.11 9.82 -4.02
C TYR A 123 13.89 10.90 -3.28
N PRO A 124 14.07 12.07 -3.91
CA PRO A 124 14.80 13.18 -3.29
C PRO A 124 14.11 13.71 -2.03
N GLU A 125 12.79 13.51 -1.97
CA GLU A 125 12.02 13.97 -0.82
C GLU A 125 11.58 12.79 0.04
N ILE A 126 12.47 11.82 0.21
CA ILE A 126 12.18 10.63 1.01
C ILE A 126 12.55 10.85 2.47
N ASP A 127 13.60 11.61 2.70
CA ASP A 127 14.06 11.89 4.06
C ASP A 127 12.97 12.59 4.86
N LYS A 128 12.48 13.70 4.35
CA LYS A 128 11.42 14.47 5.02
C LYS A 128 10.18 13.63 5.19
N ASP A 129 9.94 12.73 4.25
CA ASP A 129 8.77 11.85 4.29
C ASP A 129 8.78 10.99 5.55
N PHE A 130 9.91 10.36 5.83
CA PHE A 130 10.05 9.52 7.00
C PHE A 130 10.01 10.35 8.28
N GLU A 131 10.60 11.54 8.22
CA GLU A 131 10.63 12.43 9.37
C GLU A 131 9.22 12.94 9.70
N SER A 132 8.47 13.29 8.67
CA SER A 132 7.12 13.79 8.86
C SER A 132 6.16 12.66 9.22
N SER A 133 6.40 11.49 8.65
CA SER A 133 5.56 10.33 8.92
C SER A 133 5.66 9.90 10.38
N GLY A 134 6.84 10.10 10.97
CA GLY A 134 7.04 9.73 12.36
C GLY A 134 7.29 8.25 12.53
N LEU A 135 7.90 7.63 11.53
CA LEU A 135 8.20 6.20 11.58
C LEU A 135 9.68 5.97 11.90
N ASP A 136 10.08 4.70 11.94
CA ASP A 136 11.45 4.33 12.24
C ASP A 136 12.07 3.55 11.09
N ARG A 137 13.18 4.07 10.56
CA ARG A 137 13.87 3.42 9.45
C ARG A 137 14.78 2.31 9.95
N SER A 138 15.35 2.50 11.13
CA SER A 138 16.24 1.50 11.73
C SER A 138 15.51 0.18 11.94
N LYS A 139 14.21 0.27 12.21
CA LYS A 139 13.40 -0.93 12.42
C LYS A 139 13.09 -1.63 11.11
N ASN A 140 13.59 -2.85 10.95
CA ASN A 140 13.37 -3.62 9.74
C ASN A 140 13.01 -5.06 10.07
N ASN A 141 11.71 -5.35 10.14
CA ASN A 141 11.23 -6.69 10.45
C ASN A 141 10.00 -7.04 9.61
N TRP A 142 10.24 -7.46 8.38
CA TRP A 142 9.16 -7.83 7.47
C TRP A 142 9.02 -9.35 7.37
N ASN A 143 9.29 -10.03 8.48
CA ASN A 143 9.20 -11.49 8.51
C ASN A 143 8.12 -11.94 9.50
N ASP A 144 8.13 -11.33 10.68
CA ASP A 144 7.16 -11.66 11.71
C ASP A 144 5.77 -11.12 11.36
N VAL A 145 4.84 -12.01 11.04
CA VAL A 145 3.49 -11.61 10.69
C VAL A 145 2.47 -12.27 11.62
N ASP A 146 1.29 -11.66 11.71
CA ASP A 146 0.23 -12.17 12.57
C ASP A 146 -0.86 -12.84 11.74
N ASP A 147 -0.96 -14.16 11.85
CA ASP A 147 -1.97 -14.91 11.11
C ASP A 147 -3.22 -15.12 11.95
N PHE A 148 -4.35 -14.63 11.45
CA PHE A 148 -5.62 -14.76 12.16
C PHE A 148 -6.44 -15.91 11.60
N ASN A 149 -5.74 -16.96 11.16
CA ASN A 149 -6.40 -18.13 10.59
C ASN A 149 -5.42 -19.30 10.50
N TRP A 150 -5.06 -19.85 11.65
CA TRP A 150 -4.12 -20.98 11.70
C TRP A 150 -4.88 -22.31 11.69
N LEU A 151 -4.83 -22.99 10.56
CA LEU A 151 -5.51 -24.28 10.41
C LEU A 151 -4.68 -25.40 11.05
N ALA A 152 -3.47 -25.59 10.54
CA ALA A 152 -2.58 -26.62 11.06
C ALA A 152 -1.61 -26.05 12.08
N ARG A 153 -1.41 -26.78 13.18
CA ARG A 153 -0.51 -26.35 14.24
C ARG A 153 0.93 -26.75 13.92
N ASP A 154 1.66 -25.84 13.29
CA ASP A 154 3.06 -26.09 12.94
C ASP A 154 3.84 -24.79 12.81
N MET A 155 3.38 -23.76 13.51
CA MET A 155 4.03 -22.45 13.49
C MET A 155 4.22 -21.96 12.06
N ALA A 156 3.33 -22.39 11.17
CA ALA A 156 3.39 -21.99 9.77
C ALA A 156 2.02 -22.06 9.11
N SER A 157 1.58 -20.95 8.54
CA SER A 157 0.28 -20.89 7.88
C SER A 157 0.43 -20.87 6.36
N PRO A 158 -0.16 -21.86 5.66
CA PRO A 158 -0.08 -21.94 4.21
C PRO A 158 -1.00 -20.96 3.51
N ASN A 159 -0.80 -19.67 3.79
CA ASN A 159 -1.61 -18.62 3.19
C ASN A 159 -0.73 -17.54 2.56
N TRP A 160 0.19 -16.99 3.36
CA TRP A 160 1.09 -15.95 2.88
C TRP A 160 2.41 -16.55 2.43
N SER A 161 3.17 -15.77 1.65
CA SER A 161 4.46 -16.22 1.15
C SER A 161 5.41 -15.06 0.94
N ILE A 162 6.66 -15.36 0.65
CA ILE A 162 7.68 -14.33 0.44
C ILE A 162 8.13 -14.31 -1.03
N LEU A 163 8.32 -13.11 -1.56
CA LEU A 163 8.76 -12.95 -2.94
C LEU A 163 10.23 -13.35 -3.09
N PRO A 164 10.57 -14.11 -4.15
CA PRO A 164 11.95 -14.56 -4.39
C PRO A 164 12.87 -13.40 -4.77
N GLU A 165 14.11 -13.72 -5.12
CA GLU A 165 15.08 -12.71 -5.51
C GLU A 165 15.18 -12.59 -7.02
N GLU A 166 14.09 -12.92 -7.72
CA GLU A 166 14.06 -12.85 -9.17
C GLU A 166 12.97 -11.90 -9.65
N GLU A 167 11.84 -11.90 -8.96
CA GLU A 167 10.72 -11.02 -9.32
C GLU A 167 10.72 -9.76 -8.47
N ARG A 168 11.91 -9.26 -8.15
CA ARG A 168 12.05 -8.05 -7.35
C ARG A 168 12.46 -6.87 -8.22
N ASN A 169 12.02 -6.88 -9.47
CA ASN A 169 12.33 -5.81 -10.40
C ASN A 169 11.11 -5.41 -11.22
N ILE A 170 10.19 -4.69 -10.59
CA ILE A 170 8.97 -4.25 -11.25
C ILE A 170 9.23 -3.04 -12.14
N GLN A 171 8.50 -2.95 -13.24
CA GLN A 171 8.66 -1.83 -14.18
C GLN A 171 7.57 -0.79 -13.96
N TRP A 172 7.98 0.42 -13.61
CA TRP A 172 7.04 1.51 -13.37
C TRP A 172 6.93 2.41 -14.59
N ASP A 173 7.06 1.82 -15.77
CA ASP A 173 6.97 2.57 -17.01
C ASP A 173 5.62 2.36 -17.70
N SER A 174 5.30 3.22 -18.66
CA SER A 174 4.04 3.13 -19.38
C SER A 174 4.06 3.99 -20.63
N GLY A 175 3.92 3.36 -21.79
CA GLY A 175 3.93 4.09 -23.05
C GLY A 175 2.54 4.30 -23.62
N PRO A 176 1.99 5.52 -23.53
CA PRO A 176 0.66 5.82 -24.05
C PRO A 176 0.48 5.36 -25.49
N SER A 177 1.49 5.59 -26.32
CA SER A 177 1.45 5.20 -27.72
C SER A 177 2.82 5.33 -28.37
N SER A 178 3.44 6.49 -28.19
CA SER A 178 4.76 6.75 -28.76
C SER A 178 5.81 5.83 -28.12
N GLY A 179 5.60 5.49 -26.86
CA GLY A 179 6.54 4.62 -26.17
C GLY A 179 7.33 5.36 -25.10
N GLY A 1 -13.23 13.15 10.87
CA GLY A 1 -12.77 13.96 12.02
C GLY A 1 -13.34 15.37 12.00
N SER A 2 -13.57 15.93 13.19
CA SER A 2 -14.11 17.27 13.30
C SER A 2 -15.50 17.36 12.66
N SER A 3 -16.14 18.51 12.80
CA SER A 3 -17.47 18.72 12.24
C SER A 3 -17.55 20.04 11.49
N GLY A 4 -18.12 20.02 10.30
CA GLY A 4 -18.24 21.23 9.50
C GLY A 4 -16.94 21.62 8.83
N SER A 5 -16.96 22.73 8.11
CA SER A 5 -15.77 23.22 7.43
C SER A 5 -15.28 22.19 6.40
N SER A 6 -15.82 22.27 5.20
CA SER A 6 -15.44 21.36 4.13
C SER A 6 -15.48 22.05 2.76
N GLY A 7 -14.46 21.79 1.95
CA GLY A 7 -14.39 22.40 0.63
C GLY A 7 -13.06 22.15 -0.06
N SER A 8 -11.99 22.66 0.53
CA SER A 8 -10.65 22.48 -0.03
C SER A 8 -10.08 21.11 0.33
N TRP A 9 -10.47 20.60 1.49
CA TRP A 9 -10.00 19.31 1.95
C TRP A 9 -10.89 18.18 1.42
N VAL A 10 -10.57 16.95 1.80
CA VAL A 10 -11.34 15.79 1.36
C VAL A 10 -11.23 15.61 -0.16
N CYS A 11 -11.07 14.36 -0.58
CA CYS A 11 -10.96 14.05 -2.00
C CYS A 11 -10.87 12.55 -2.22
N GLY A 12 -11.34 12.09 -3.38
CA GLY A 12 -11.30 10.67 -3.69
C GLY A 12 -11.25 10.41 -5.18
N PHE A 13 -10.74 9.24 -5.56
CA PHE A 13 -10.62 8.87 -6.97
C PHE A 13 -11.09 7.43 -7.18
N SER A 14 -11.96 7.23 -8.16
CA SER A 14 -12.47 5.90 -8.47
C SER A 14 -13.15 5.88 -9.84
N ASN A 15 -13.60 4.71 -10.26
CA ASN A 15 -14.26 4.56 -11.55
C ASN A 15 -13.33 4.95 -12.69
N LEU A 16 -12.05 4.63 -12.54
CA LEU A 16 -11.05 4.96 -13.56
C LEU A 16 -10.44 3.69 -14.14
N GLU A 17 -9.85 3.81 -15.31
CA GLU A 17 -9.20 2.68 -15.98
C GLU A 17 -8.02 3.13 -16.81
N SER A 18 -6.84 2.58 -16.51
CA SER A 18 -5.62 2.92 -17.23
C SER A 18 -5.31 4.41 -17.09
N GLN A 19 -5.58 4.97 -15.91
CA GLN A 19 -5.33 6.37 -15.65
C GLN A 19 -4.21 6.56 -14.62
N VAL A 20 -3.55 7.70 -14.68
CA VAL A 20 -2.46 8.00 -13.75
C VAL A 20 -2.73 9.27 -12.96
N LEU A 21 -2.81 9.13 -11.63
CA LEU A 21 -3.06 10.28 -10.77
C LEU A 21 -1.78 10.75 -10.10
N GLU A 22 -1.82 11.96 -9.53
CA GLU A 22 -0.66 12.53 -8.85
C GLU A 22 -1.07 13.68 -7.94
N LYS A 23 -0.86 13.50 -6.65
CA LYS A 23 -1.20 14.53 -5.67
C LYS A 23 0.04 15.04 -4.96
N ARG A 24 -0.06 16.24 -4.38
CA ARG A 24 1.07 16.84 -3.67
C ARG A 24 0.77 16.95 -2.18
N ALA A 25 1.77 17.33 -1.40
CA ALA A 25 1.62 17.46 0.04
C ALA A 25 0.63 18.58 0.38
N SER A 26 0.58 19.59 -0.48
CA SER A 26 -0.33 20.72 -0.26
C SER A 26 -1.78 20.29 -0.41
N GLU A 27 -2.02 19.33 -1.30
CA GLU A 27 -3.37 18.83 -1.54
C GLU A 27 -3.82 17.92 -0.40
N LEU A 28 -3.01 16.93 -0.08
CA LEU A 28 -3.33 15.99 0.99
C LEU A 28 -3.20 16.66 2.35
N HIS A 29 -1.97 16.89 2.79
CA HIS A 29 -1.72 17.53 4.08
C HIS A 29 -2.30 16.71 5.22
N GLN A 30 -1.89 15.44 5.29
CA GLN A 30 -2.36 14.54 6.34
C GLN A 30 -3.87 14.36 6.25
N ARG A 31 -4.31 13.42 5.43
CA ARG A 31 -5.73 13.15 5.26
C ARG A 31 -5.97 11.71 4.83
N ASP A 32 -7.23 11.29 4.82
CA ASP A 32 -7.58 9.94 4.44
C ASP A 32 -7.75 9.84 2.92
N VAL A 33 -7.48 8.65 2.38
CA VAL A 33 -7.61 8.42 0.94
C VAL A 33 -8.43 7.17 0.66
N LEU A 34 -9.38 7.29 -0.26
CA LEU A 34 -10.23 6.16 -0.63
C LEU A 34 -10.19 5.91 -2.13
N LEU A 35 -9.86 4.68 -2.50
CA LEU A 35 -9.77 4.30 -3.91
C LEU A 35 -10.40 2.94 -4.14
N THR A 36 -11.38 2.89 -5.05
CA THR A 36 -12.07 1.63 -5.35
C THR A 36 -12.67 1.68 -6.76
N GLU A 37 -13.12 0.53 -7.24
CA GLU A 37 -13.72 0.43 -8.56
C GLU A 37 -12.72 0.84 -9.64
N LEU A 38 -11.47 0.43 -9.47
CA LEU A 38 -10.42 0.77 -10.43
C LEU A 38 -9.82 -0.49 -11.04
N SER A 39 -9.56 -0.45 -12.34
CA SER A 39 -8.98 -1.59 -13.05
C SER A 39 -7.82 -1.15 -13.93
N ASN A 40 -6.65 -1.70 -13.68
CA ASN A 40 -5.46 -1.37 -14.46
C ASN A 40 -5.14 0.11 -14.35
N CYS A 41 -5.46 0.70 -13.20
CA CYS A 41 -5.21 2.12 -12.97
C CYS A 41 -3.93 2.32 -12.15
N THR A 42 -3.46 3.56 -12.09
CA THR A 42 -2.25 3.89 -11.35
C THR A 42 -2.45 5.17 -10.54
N VAL A 43 -1.97 5.15 -9.30
CA VAL A 43 -2.08 6.32 -8.42
C VAL A 43 -0.79 6.57 -7.67
N ARG A 44 -0.43 7.83 -7.50
CA ARG A 44 0.78 8.22 -6.80
C ARG A 44 0.55 9.44 -5.93
N LEU A 45 0.72 9.27 -4.62
CA LEU A 45 0.53 10.37 -3.67
C LEU A 45 1.86 10.84 -3.12
N TYR A 46 2.11 12.14 -3.23
CA TYR A 46 3.36 12.73 -2.74
C TYR A 46 3.11 13.56 -1.48
N GLY A 47 3.65 13.08 -0.36
CA GLY A 47 3.48 13.79 0.89
C GLY A 47 3.42 12.85 2.09
N ASN A 48 2.31 12.91 2.83
CA ASN A 48 2.14 12.07 4.00
C ASN A 48 0.68 12.06 4.45
N PRO A 49 -0.14 11.15 3.89
CA PRO A 49 -1.55 11.04 4.24
C PRO A 49 -1.76 10.50 5.66
N ASN A 50 -2.99 10.56 6.13
CA ASN A 50 -3.33 10.08 7.46
C ASN A 50 -3.59 8.58 7.45
N THR A 51 -4.50 8.15 6.60
CA THR A 51 -4.84 6.73 6.49
C THR A 51 -5.19 6.35 5.05
N LEU A 52 -4.46 5.40 4.50
CA LEU A 52 -4.70 4.95 3.13
C LEU A 52 -5.72 3.83 3.10
N ARG A 53 -6.69 3.94 2.18
CA ARG A 53 -7.73 2.93 2.05
C ARG A 53 -7.91 2.52 0.59
N LEU A 54 -7.64 1.26 0.29
CA LEU A 54 -7.76 0.74 -1.06
C LEU A 54 -8.52 -0.58 -1.07
N THR A 55 -9.58 -0.65 -1.87
CA THR A 55 -10.39 -1.86 -1.96
C THR A 55 -10.99 -1.99 -3.36
N LYS A 56 -11.35 -3.23 -3.73
CA LYS A 56 -11.93 -3.49 -5.04
C LYS A 56 -10.98 -3.09 -6.16
N ALA A 57 -9.70 -3.31 -5.93
CA ALA A 57 -8.68 -2.97 -6.92
C ALA A 57 -8.36 -4.17 -7.80
N HIS A 58 -8.17 -3.92 -9.10
CA HIS A 58 -7.85 -4.98 -10.04
C HIS A 58 -6.70 -4.57 -10.95
N SER A 59 -5.52 -5.15 -10.72
CA SER A 59 -4.35 -4.84 -11.52
C SER A 59 -3.99 -3.36 -11.42
N CYS A 60 -4.31 -2.76 -10.28
CA CYS A 60 -4.03 -1.35 -10.05
C CYS A 60 -2.71 -1.16 -9.31
N LYS A 61 -2.06 -0.03 -9.53
CA LYS A 61 -0.79 0.27 -8.89
C LYS A 61 -0.89 1.54 -8.03
N LEU A 62 -0.29 1.49 -6.85
CA LEU A 62 -0.31 2.63 -5.94
C LEU A 62 1.08 2.88 -5.35
N LEU A 63 1.54 4.13 -5.45
CA LEU A 63 2.84 4.49 -4.93
C LEU A 63 2.77 5.83 -4.19
N CYS A 64 2.70 5.76 -2.86
CA CYS A 64 2.62 6.96 -2.03
C CYS A 64 3.65 6.92 -0.91
N GLY A 65 3.81 8.04 -0.22
CA GLY A 65 4.77 8.11 0.87
C GLY A 65 4.31 7.34 2.09
N PRO A 66 5.11 7.33 3.17
CA PRO A 66 4.77 6.62 4.40
C PRO A 66 3.55 7.21 5.09
N VAL A 67 2.48 6.42 5.20
CA VAL A 67 1.26 6.87 5.84
C VAL A 67 1.50 7.26 7.28
N SER A 68 0.61 8.08 7.83
CA SER A 68 0.72 8.53 9.21
C SER A 68 0.60 7.36 10.19
N THR A 69 -0.49 6.61 10.06
CA THR A 69 -0.73 5.47 10.94
C THR A 69 -0.47 4.15 10.19
N SER A 70 -1.43 3.73 9.39
CA SER A 70 -1.30 2.49 8.62
C SER A 70 -2.23 2.49 7.42
N VAL A 71 -2.20 1.40 6.66
CA VAL A 71 -3.04 1.26 5.47
C VAL A 71 -4.03 0.11 5.63
N PHE A 72 -5.11 0.15 4.86
CA PHE A 72 -6.13 -0.89 4.91
C PHE A 72 -6.46 -1.41 3.52
N LEU A 73 -6.10 -2.66 3.26
CA LEU A 73 -6.34 -3.28 1.96
C LEU A 73 -7.36 -4.41 2.09
N GLU A 74 -8.23 -4.54 1.10
CA GLU A 74 -9.24 -5.59 1.10
C GLU A 74 -9.90 -5.72 -0.27
N ASP A 75 -10.24 -6.95 -0.64
CA ASP A 75 -10.87 -7.23 -1.92
C ASP A 75 -9.96 -6.83 -3.07
N CYS A 76 -8.67 -7.10 -2.92
CA CYS A 76 -7.69 -6.77 -3.95
C CYS A 76 -7.17 -8.03 -4.64
N SER A 77 -6.87 -7.91 -5.93
CA SER A 77 -6.38 -9.04 -6.71
C SER A 77 -5.41 -8.58 -7.78
N ASP A 78 -4.20 -9.16 -7.76
CA ASP A 78 -3.17 -8.81 -8.74
C ASP A 78 -2.81 -7.32 -8.64
N CYS A 79 -2.91 -6.78 -7.44
CA CYS A 79 -2.60 -5.37 -7.21
C CYS A 79 -1.21 -5.21 -6.59
N VAL A 80 -0.65 -4.02 -6.69
CA VAL A 80 0.67 -3.74 -6.14
C VAL A 80 0.64 -2.50 -5.24
N LEU A 81 0.37 -2.71 -3.95
CA LEU A 81 0.30 -1.62 -3.00
C LEU A 81 1.70 -1.21 -2.54
N ALA A 82 2.02 0.07 -2.67
CA ALA A 82 3.32 0.58 -2.28
C ALA A 82 3.18 1.72 -1.27
N VAL A 83 3.46 1.42 0.00
CA VAL A 83 3.37 2.42 1.05
C VAL A 83 3.98 1.90 2.35
N ALA A 84 4.99 2.62 2.85
CA ALA A 84 5.66 2.24 4.07
C ALA A 84 4.81 2.59 5.30
N CYS A 85 4.52 1.57 6.11
CA CYS A 85 3.71 1.77 7.31
C CYS A 85 4.18 0.88 8.45
N GLN A 86 3.55 1.01 9.61
CA GLN A 86 3.91 0.21 10.76
C GLN A 86 3.07 -1.06 10.84
N GLN A 87 1.84 -0.98 10.33
CA GLN A 87 0.94 -2.13 10.34
C GLN A 87 0.08 -2.15 9.08
N LEU A 88 -0.39 -3.33 8.71
CA LEU A 88 -1.23 -3.48 7.53
C LEU A 88 -2.23 -4.62 7.70
N ARG A 89 -3.51 -4.29 7.63
CA ARG A 89 -4.57 -5.28 7.79
C ARG A 89 -5.18 -5.65 6.45
N ILE A 90 -4.86 -6.85 5.97
CA ILE A 90 -5.39 -7.33 4.70
C ILE A 90 -6.53 -8.32 4.91
N HIS A 91 -7.49 -8.31 3.99
CA HIS A 91 -8.64 -9.20 4.08
C HIS A 91 -9.23 -9.49 2.70
N SER A 92 -9.58 -10.74 2.46
CA SER A 92 -10.15 -11.15 1.18
C SER A 92 -9.21 -10.81 0.03
N THR A 93 -7.92 -10.83 0.30
CA THR A 93 -6.92 -10.51 -0.71
C THR A 93 -6.20 -11.78 -1.19
N LYS A 94 -6.04 -11.91 -2.50
CA LYS A 94 -5.37 -13.07 -3.08
C LYS A 94 -4.60 -12.70 -4.33
N ASP A 95 -3.40 -13.24 -4.47
CA ASP A 95 -2.56 -12.96 -5.64
C ASP A 95 -2.31 -11.47 -5.79
N THR A 96 -2.15 -10.79 -4.66
CA THR A 96 -1.91 -9.35 -4.67
C THR A 96 -0.58 -9.02 -3.98
N ARG A 97 0.35 -8.47 -4.76
CA ARG A 97 1.66 -8.10 -4.24
C ARG A 97 1.57 -6.84 -3.38
N ILE A 98 2.39 -6.78 -2.33
CA ILE A 98 2.40 -5.63 -1.44
C ILE A 98 3.81 -5.31 -0.97
N PHE A 99 4.39 -4.26 -1.55
CA PHE A 99 5.74 -3.84 -1.20
C PHE A 99 5.70 -2.70 -0.17
N LEU A 100 5.91 -3.05 1.10
CA LEU A 100 5.91 -2.06 2.16
C LEU A 100 6.93 -2.42 3.24
N GLN A 101 7.16 -1.49 4.16
CA GLN A 101 8.10 -1.71 5.25
C GLN A 101 7.40 -1.69 6.60
N VAL A 102 6.93 -2.85 7.04
CA VAL A 102 6.23 -2.97 8.31
C VAL A 102 7.22 -3.07 9.47
N THR A 103 7.19 -2.06 10.34
CA THR A 103 8.08 -2.04 11.49
C THR A 103 7.57 -2.95 12.60
N SER A 104 6.25 -3.11 12.67
CA SER A 104 5.63 -3.96 13.68
C SER A 104 5.25 -5.32 13.09
N ARG A 105 4.16 -5.35 12.34
CA ARG A 105 3.69 -6.58 11.72
C ARG A 105 2.50 -6.32 10.81
N ALA A 106 2.01 -7.37 10.15
CA ALA A 106 0.87 -7.23 9.25
C ALA A 106 -0.14 -8.35 9.50
N ILE A 107 -1.42 -8.03 9.29
CA ILE A 107 -2.49 -9.00 9.49
C ILE A 107 -3.06 -9.47 8.15
N VAL A 108 -3.50 -10.71 8.10
CA VAL A 108 -4.08 -11.28 6.88
C VAL A 108 -5.19 -12.27 7.21
N GLU A 109 -6.40 -11.96 6.72
CA GLU A 109 -7.55 -12.82 6.96
C GLU A 109 -8.23 -13.20 5.64
N ASP A 110 -8.49 -14.49 5.47
CA ASP A 110 -9.13 -14.97 4.25
C ASP A 110 -8.30 -14.64 3.02
N CYS A 111 -6.99 -14.56 3.20
CA CYS A 111 -6.09 -14.24 2.10
C CYS A 111 -5.31 -15.49 1.65
N SER A 112 -4.72 -15.41 0.47
CA SER A 112 -3.95 -16.52 -0.08
C SER A 112 -3.13 -16.08 -1.29
N GLY A 113 -1.85 -16.43 -1.29
CA GLY A 113 -0.98 -16.06 -2.38
C GLY A 113 -0.49 -14.62 -2.29
N ILE A 114 -0.41 -14.12 -1.07
CA ILE A 114 0.04 -12.74 -0.85
C ILE A 114 1.56 -12.66 -0.83
N GLN A 115 2.10 -11.61 -1.45
CA GLN A 115 3.54 -11.41 -1.51
C GLN A 115 3.96 -10.22 -0.65
N PHE A 116 4.77 -10.49 0.38
CA PHE A 116 5.24 -9.43 1.26
C PHE A 116 6.68 -9.07 0.95
N ALA A 117 6.93 -7.79 0.70
CA ALA A 117 8.27 -7.31 0.38
C ALA A 117 8.50 -5.91 0.96
N PRO A 118 9.76 -5.61 1.31
CA PRO A 118 10.12 -4.30 1.89
C PRO A 118 9.72 -3.14 0.98
N TYR A 119 10.21 -1.95 1.29
CA TYR A 119 9.90 -0.76 0.49
C TYR A 119 11.13 -0.27 -0.25
N THR A 120 11.05 -0.23 -1.58
CA THR A 120 12.16 0.22 -2.40
C THR A 120 11.94 1.65 -2.88
N TRP A 121 10.68 2.04 -3.04
CA TRP A 121 10.33 3.38 -3.49
C TRP A 121 10.92 4.44 -2.57
N SER A 122 12.05 5.00 -2.97
CA SER A 122 12.71 6.03 -2.19
C SER A 122 13.25 7.15 -3.08
N TYR A 123 13.78 8.20 -2.46
CA TYR A 123 14.33 9.32 -3.19
C TYR A 123 15.38 10.06 -2.36
N PRO A 124 16.19 10.91 -3.01
CA PRO A 124 17.24 11.68 -2.32
C PRO A 124 16.71 12.42 -1.11
N GLU A 125 15.42 12.76 -1.13
CA GLU A 125 14.79 13.47 -0.03
C GLU A 125 13.57 12.71 0.48
N ILE A 126 13.81 11.50 0.99
CA ILE A 126 12.73 10.67 1.51
C ILE A 126 12.80 10.56 3.03
N ASP A 127 14.01 10.68 3.57
CA ASP A 127 14.21 10.60 5.01
C ASP A 127 13.46 11.71 5.73
N LYS A 128 13.33 12.85 5.08
CA LYS A 128 12.62 13.99 5.66
C LYS A 128 11.16 13.65 5.92
N ASP A 129 10.53 12.98 4.97
CA ASP A 129 9.13 12.59 5.09
C ASP A 129 8.93 11.68 6.29
N PHE A 130 9.77 10.66 6.41
CA PHE A 130 9.68 9.71 7.51
C PHE A 130 9.83 10.41 8.86
N GLU A 131 10.62 11.49 8.86
CA GLU A 131 10.84 12.25 10.09
C GLU A 131 9.58 13.01 10.49
N SER A 132 8.86 13.53 9.49
CA SER A 132 7.64 14.28 9.74
C SER A 132 6.59 13.39 10.40
N SER A 133 6.61 12.10 10.08
CA SER A 133 5.66 11.16 10.65
C SER A 133 6.18 10.59 11.95
N GLY A 134 7.45 10.20 11.97
CA GLY A 134 8.05 9.65 13.17
C GLY A 134 8.14 8.14 13.12
N LEU A 135 8.31 7.60 11.92
CA LEU A 135 8.40 6.15 11.74
C LEU A 135 9.86 5.69 11.85
N ASP A 136 10.05 4.44 12.27
CA ASP A 136 11.39 3.88 12.42
C ASP A 136 11.93 3.41 11.08
N ARG A 137 13.13 3.86 10.74
CA ARG A 137 13.77 3.48 9.47
C ARG A 137 14.75 2.33 9.68
N SER A 138 15.45 2.35 10.81
CA SER A 138 16.41 1.30 11.12
C SER A 138 15.72 -0.05 11.26
N LYS A 139 14.50 -0.04 11.77
CA LYS A 139 13.72 -1.27 11.96
C LYS A 139 13.21 -1.79 10.62
N ASN A 140 12.84 -3.07 10.60
CA ASN A 140 12.33 -3.69 9.38
C ASN A 140 11.89 -5.12 9.66
N ASN A 141 10.64 -5.28 10.11
CA ASN A 141 10.09 -6.59 10.40
C ASN A 141 9.12 -7.05 9.31
N TRP A 142 9.60 -7.00 8.07
CA TRP A 142 8.78 -7.41 6.93
C TRP A 142 8.71 -8.93 6.81
N ASN A 143 9.75 -9.60 7.30
CA ASN A 143 9.81 -11.06 7.25
C ASN A 143 8.65 -11.67 8.02
N ASP A 144 8.44 -11.19 9.25
CA ASP A 144 7.36 -11.69 10.09
C ASP A 144 6.01 -11.16 9.62
N VAL A 145 4.98 -11.99 9.78
CA VAL A 145 3.63 -11.61 9.38
C VAL A 145 2.58 -12.33 10.22
N ASP A 146 1.53 -11.60 10.59
CA ASP A 146 0.46 -12.17 11.40
C ASP A 146 -0.58 -12.85 10.52
N ASP A 147 -1.50 -13.57 11.15
CA ASP A 147 -2.56 -14.28 10.42
C ASP A 147 -3.62 -14.82 11.38
N PHE A 148 -4.88 -14.57 11.05
CA PHE A 148 -5.98 -15.04 11.89
C PHE A 148 -6.83 -16.06 11.14
N ASN A 149 -6.19 -16.82 10.27
CA ASN A 149 -6.88 -17.85 9.49
C ASN A 149 -6.27 -19.22 9.72
N TRP A 150 -4.94 -19.28 9.74
CA TRP A 150 -4.23 -20.53 9.96
C TRP A 150 -3.35 -20.45 11.21
N LEU A 151 -3.65 -21.30 12.18
CA LEU A 151 -2.88 -21.32 13.42
C LEU A 151 -2.30 -22.70 13.68
N ALA A 152 -0.99 -22.85 13.45
CA ALA A 152 -0.32 -24.12 13.65
C ALA A 152 0.64 -24.05 14.84
N ARG A 153 1.24 -25.19 15.19
CA ARG A 153 2.18 -25.26 16.30
C ARG A 153 3.57 -25.64 15.82
N ASP A 154 3.63 -26.57 14.88
CA ASP A 154 4.91 -27.02 14.33
C ASP A 154 5.13 -26.45 12.93
N MET A 155 4.18 -26.69 12.04
CA MET A 155 4.26 -26.19 10.68
C MET A 155 4.03 -24.69 10.62
N ALA A 156 4.27 -24.10 9.44
CA ALA A 156 4.08 -22.67 9.26
C ALA A 156 2.69 -22.37 8.71
N SER A 157 2.50 -21.13 8.25
CA SER A 157 1.22 -20.71 7.71
C SER A 157 1.27 -20.63 6.18
N PRO A 158 0.95 -21.74 5.49
CA PRO A 158 0.97 -21.79 4.02
C PRO A 158 -0.14 -20.93 3.40
N ASN A 159 -0.07 -19.63 3.64
CA ASN A 159 -1.06 -18.71 3.10
C ASN A 159 -0.39 -17.52 2.42
N TRP A 160 0.51 -16.85 3.15
CA TRP A 160 1.22 -15.70 2.61
C TRP A 160 2.66 -16.06 2.29
N SER A 161 3.06 -15.80 1.04
CA SER A 161 4.42 -16.10 0.60
C SER A 161 5.22 -14.82 0.43
N ILE A 162 6.53 -14.97 0.22
CA ILE A 162 7.41 -13.82 0.06
C ILE A 162 7.84 -13.67 -1.40
N LEU A 163 8.27 -12.48 -1.77
CA LEU A 163 8.71 -12.21 -3.13
C LEU A 163 10.24 -12.27 -3.24
N PRO A 164 10.76 -12.93 -4.28
CA PRO A 164 12.21 -13.06 -4.48
C PRO A 164 12.84 -11.77 -4.99
N GLU A 165 14.15 -11.79 -5.19
CA GLU A 165 14.88 -10.62 -5.67
C GLU A 165 14.77 -10.51 -7.18
N GLU A 166 14.64 -11.65 -7.85
CA GLU A 166 14.53 -11.67 -9.31
C GLU A 166 13.22 -11.04 -9.77
N GLU A 167 12.19 -11.16 -8.95
CA GLU A 167 10.88 -10.60 -9.27
C GLU A 167 10.69 -9.23 -8.62
N ARG A 168 11.44 -8.97 -7.56
CA ARG A 168 11.35 -7.69 -6.86
C ARG A 168 11.52 -6.52 -7.82
N ASN A 169 12.30 -6.74 -8.87
CA ASN A 169 12.54 -5.69 -9.86
C ASN A 169 11.32 -5.47 -10.74
N ILE A 170 10.83 -4.23 -10.77
CA ILE A 170 9.67 -3.89 -11.58
C ILE A 170 9.85 -2.55 -12.27
N GLN A 171 9.21 -2.40 -13.42
CA GLN A 171 9.30 -1.16 -14.20
C GLN A 171 8.56 -0.03 -13.49
N TRP A 172 9.31 0.96 -13.01
CA TRP A 172 8.72 2.09 -12.32
C TRP A 172 8.75 3.34 -13.20
N ASP A 173 7.57 3.78 -13.63
CA ASP A 173 7.46 4.96 -14.48
C ASP A 173 7.64 6.24 -13.67
N SER A 174 8.27 7.23 -14.28
CA SER A 174 8.50 8.51 -13.61
C SER A 174 8.96 9.57 -14.60
N GLY A 175 8.56 10.81 -14.37
CA GLY A 175 8.94 11.89 -15.26
C GLY A 175 8.43 11.70 -16.67
N PRO A 176 8.27 12.78 -17.45
CA PRO A 176 7.79 12.70 -18.83
C PRO A 176 8.62 11.73 -19.67
N SER A 177 8.34 11.72 -20.98
CA SER A 177 9.06 10.82 -21.89
C SER A 177 9.62 11.61 -23.07
N SER A 178 9.99 12.86 -22.83
CA SER A 178 10.53 13.71 -23.88
C SER A 178 11.85 14.35 -23.44
N GLY A 179 12.66 14.75 -24.40
CA GLY A 179 13.94 15.36 -24.09
C GLY A 179 15.05 14.34 -23.87
N GLY A 1 -27.75 19.05 2.66
CA GLY A 1 -27.81 18.09 1.52
C GLY A 1 -26.82 18.43 0.42
N SER A 2 -25.68 18.98 0.82
CA SER A 2 -24.64 19.36 -0.14
C SER A 2 -23.49 18.36 -0.12
N SER A 3 -23.16 17.87 1.07
CA SER A 3 -22.07 16.91 1.22
C SER A 3 -22.52 15.51 0.82
N GLY A 4 -23.41 14.92 1.62
CA GLY A 4 -23.90 13.59 1.33
C GLY A 4 -23.16 12.52 2.08
N SER A 5 -21.90 12.78 2.40
CA SER A 5 -21.08 11.83 3.13
C SER A 5 -21.32 11.94 4.64
N SER A 6 -20.62 11.10 5.40
CA SER A 6 -20.76 11.10 6.86
C SER A 6 -19.88 12.18 7.48
N GLY A 7 -18.67 12.33 6.96
CA GLY A 7 -17.76 13.33 7.48
C GLY A 7 -17.77 14.61 6.67
N SER A 8 -16.60 15.10 6.30
CA SER A 8 -16.49 16.32 5.53
C SER A 8 -15.17 16.37 4.76
N TRP A 9 -15.17 17.09 3.64
CA TRP A 9 -13.98 17.22 2.82
C TRP A 9 -13.52 15.85 2.32
N VAL A 10 -13.87 15.53 1.07
CA VAL A 10 -13.50 14.25 0.48
C VAL A 10 -12.91 14.45 -0.91
N CYS A 11 -11.88 13.67 -1.23
CA CYS A 11 -11.23 13.76 -2.54
C CYS A 11 -10.76 12.38 -3.00
N GLY A 12 -11.72 11.49 -3.25
CA GLY A 12 -11.38 10.16 -3.70
C GLY A 12 -11.30 10.05 -5.21
N PHE A 13 -10.90 8.89 -5.71
CA PHE A 13 -10.79 8.67 -7.14
C PHE A 13 -11.18 7.24 -7.50
N SER A 14 -12.28 7.09 -8.23
CA SER A 14 -12.76 5.78 -8.65
C SER A 14 -13.39 5.84 -10.04
N ASN A 15 -13.78 4.68 -10.55
CA ASN A 15 -14.39 4.60 -11.86
C ASN A 15 -13.42 5.05 -12.95
N LEU A 16 -12.13 4.82 -12.72
CA LEU A 16 -11.10 5.19 -13.67
C LEU A 16 -10.38 3.97 -14.21
N GLU A 17 -9.99 4.03 -15.48
CA GLU A 17 -9.28 2.92 -16.11
C GLU A 17 -8.26 3.43 -17.12
N SER A 18 -7.04 2.88 -17.05
CA SER A 18 -5.97 3.29 -17.95
C SER A 18 -5.66 4.77 -17.79
N GLN A 19 -5.82 5.29 -16.58
CA GLN A 19 -5.57 6.69 -16.29
C GLN A 19 -4.43 6.84 -15.29
N VAL A 20 -4.00 8.08 -15.05
CA VAL A 20 -2.93 8.35 -14.11
C VAL A 20 -3.34 9.43 -13.10
N LEU A 21 -3.16 9.12 -11.82
CA LEU A 21 -3.52 10.05 -10.76
C LEU A 21 -2.28 10.50 -10.00
N GLU A 22 -2.24 11.78 -9.63
CA GLU A 22 -1.11 12.33 -8.89
C GLU A 22 -1.58 13.34 -7.84
N LYS A 23 -0.76 13.55 -6.82
CA LYS A 23 -1.09 14.47 -5.75
C LYS A 23 0.16 14.95 -5.04
N ARG A 24 0.07 16.11 -4.38
CA ARG A 24 1.20 16.68 -3.66
C ARG A 24 0.91 16.76 -2.18
N ALA A 25 1.95 17.03 -1.38
CA ALA A 25 1.80 17.13 0.07
C ALA A 25 0.90 18.29 0.44
N SER A 26 0.95 19.36 -0.35
CA SER A 26 0.12 20.54 -0.10
C SER A 26 -1.35 20.24 -0.36
N GLU A 27 -1.61 19.38 -1.34
CA GLU A 27 -2.97 19.01 -1.69
C GLU A 27 -3.58 18.10 -0.64
N LEU A 28 -2.77 17.19 -0.11
CA LEU A 28 -3.23 16.25 0.91
C LEU A 28 -3.12 16.87 2.30
N HIS A 29 -1.88 17.05 2.76
CA HIS A 29 -1.63 17.64 4.07
C HIS A 29 -2.25 16.77 5.17
N GLN A 30 -1.88 15.49 5.18
CA GLN A 30 -2.40 14.56 6.18
C GLN A 30 -3.91 14.43 6.08
N ARG A 31 -4.37 13.42 5.33
CA ARG A 31 -5.80 13.19 5.15
C ARG A 31 -6.06 11.72 4.84
N ASP A 32 -7.35 11.36 4.75
CA ASP A 32 -7.75 10.00 4.46
C ASP A 32 -7.87 9.78 2.95
N VAL A 33 -7.17 8.78 2.45
CA VAL A 33 -7.20 8.47 1.02
C VAL A 33 -8.03 7.23 0.75
N LEU A 34 -8.97 7.33 -0.19
CA LEU A 34 -9.83 6.21 -0.54
C LEU A 34 -9.79 5.95 -2.04
N LEU A 35 -9.51 4.71 -2.41
CA LEU A 35 -9.45 4.33 -3.82
C LEU A 35 -10.12 2.99 -4.06
N THR A 36 -11.13 2.97 -4.93
CA THR A 36 -11.86 1.75 -5.24
C THR A 36 -12.44 1.80 -6.65
N GLU A 37 -12.90 0.66 -7.14
CA GLU A 37 -13.48 0.58 -8.47
C GLU A 37 -12.47 1.01 -9.53
N LEU A 38 -11.21 0.64 -9.32
CA LEU A 38 -10.15 0.99 -10.25
C LEU A 38 -9.67 -0.24 -11.02
N SER A 39 -9.25 -0.03 -12.26
CA SER A 39 -8.76 -1.13 -13.09
C SER A 39 -7.68 -0.64 -14.05
N ASN A 40 -6.46 -1.13 -13.87
CA ASN A 40 -5.35 -0.75 -14.72
C ASN A 40 -5.07 0.75 -14.63
N CYS A 41 -5.35 1.31 -13.46
CA CYS A 41 -5.14 2.74 -13.23
C CYS A 41 -3.93 2.98 -12.33
N THR A 42 -3.10 3.94 -12.70
CA THR A 42 -1.91 4.27 -11.93
C THR A 42 -2.23 5.28 -10.83
N VAL A 43 -1.65 5.07 -9.65
CA VAL A 43 -1.88 5.96 -8.52
C VAL A 43 -0.57 6.41 -7.89
N ARG A 44 -0.50 7.67 -7.48
CA ARG A 44 0.70 8.21 -6.87
C ARG A 44 0.37 9.41 -5.98
N LEU A 45 0.77 9.33 -4.71
CA LEU A 45 0.51 10.41 -3.77
C LEU A 45 1.78 10.81 -3.04
N TYR A 46 2.36 11.94 -3.44
CA TYR A 46 3.59 12.43 -2.83
C TYR A 46 3.27 13.33 -1.63
N GLY A 47 3.37 12.77 -0.43
CA GLY A 47 3.10 13.53 0.77
C GLY A 47 3.15 12.69 2.02
N ASN A 48 2.14 12.84 2.88
CA ASN A 48 2.07 12.08 4.12
C ASN A 48 0.62 11.88 4.56
N PRO A 49 -0.16 11.10 3.80
CA PRO A 49 -1.56 10.83 4.12
C PRO A 49 -1.76 10.34 5.55
N ASN A 50 -2.97 10.49 6.06
CA ASN A 50 -3.28 10.07 7.42
C ASN A 50 -3.51 8.57 7.48
N THR A 51 -4.55 8.10 6.80
CA THR A 51 -4.88 6.68 6.77
C THR A 51 -5.21 6.23 5.36
N LEU A 52 -4.30 5.48 4.76
CA LEU A 52 -4.49 4.98 3.40
C LEU A 52 -5.53 3.86 3.37
N ARG A 53 -6.12 3.63 2.21
CA ARG A 53 -7.13 2.58 2.05
C ARG A 53 -7.35 2.26 0.59
N LEU A 54 -7.24 0.99 0.24
CA LEU A 54 -7.43 0.54 -1.14
C LEU A 54 -8.20 -0.77 -1.18
N THR A 55 -9.29 -0.78 -1.94
CA THR A 55 -10.13 -1.98 -2.07
C THR A 55 -10.78 -2.04 -3.45
N LYS A 56 -11.21 -3.23 -3.84
CA LYS A 56 -11.86 -3.42 -5.13
C LYS A 56 -10.94 -2.99 -6.27
N ALA A 57 -9.65 -3.17 -6.09
CA ALA A 57 -8.67 -2.80 -7.10
C ALA A 57 -8.16 -4.03 -7.85
N HIS A 58 -8.00 -3.90 -9.16
CA HIS A 58 -7.53 -4.99 -9.99
C HIS A 58 -6.52 -4.50 -11.03
N SER A 59 -5.32 -5.06 -11.02
CA SER A 59 -4.28 -4.68 -11.97
C SER A 59 -3.94 -3.20 -11.81
N CYS A 60 -4.07 -2.69 -10.60
CA CYS A 60 -3.76 -1.29 -10.31
C CYS A 60 -2.49 -1.16 -9.47
N LYS A 61 -1.84 -0.01 -9.56
CA LYS A 61 -0.62 0.24 -8.81
C LYS A 61 -0.80 1.41 -7.86
N LEU A 62 -0.21 1.29 -6.67
CA LEU A 62 -0.31 2.35 -5.66
C LEU A 62 1.05 2.65 -5.06
N LEU A 63 1.57 3.85 -5.32
CA LEU A 63 2.87 4.26 -4.81
C LEU A 63 2.77 5.61 -4.11
N CYS A 64 2.78 5.60 -2.79
CA CYS A 64 2.70 6.82 -2.01
C CYS A 64 3.74 6.84 -0.90
N GLY A 65 3.94 8.02 -0.30
CA GLY A 65 4.93 8.15 0.76
C GLY A 65 4.53 7.40 2.02
N PRO A 66 5.35 7.44 3.07
CA PRO A 66 5.07 6.75 4.33
C PRO A 66 3.78 7.26 4.99
N VAL A 67 2.83 6.35 5.18
CA VAL A 67 1.56 6.70 5.79
C VAL A 67 1.76 7.27 7.19
N SER A 68 0.76 8.01 7.68
CA SER A 68 0.83 8.61 9.00
C SER A 68 0.71 7.54 10.09
N THR A 69 -0.33 6.71 9.99
CA THR A 69 -0.56 5.65 10.96
C THR A 69 -0.37 4.28 10.33
N SER A 70 -1.38 3.83 9.59
CA SER A 70 -1.33 2.53 8.94
C SER A 70 -2.21 2.52 7.69
N VAL A 71 -2.25 1.37 7.01
CA VAL A 71 -3.04 1.23 5.80
C VAL A 71 -3.99 0.03 5.91
N PHE A 72 -5.04 0.04 5.10
CA PHE A 72 -6.02 -1.04 5.10
C PHE A 72 -6.27 -1.56 3.68
N LEU A 73 -6.18 -2.87 3.52
CA LEU A 73 -6.39 -3.49 2.22
C LEU A 73 -7.48 -4.56 2.29
N GLU A 74 -8.39 -4.55 1.32
CA GLU A 74 -9.48 -5.50 1.28
C GLU A 74 -10.09 -5.59 -0.12
N ASP A 75 -10.44 -6.80 -0.53
CA ASP A 75 -11.04 -7.02 -1.85
C ASP A 75 -10.07 -6.59 -2.96
N CYS A 76 -8.79 -6.89 -2.77
CA CYS A 76 -7.76 -6.55 -3.75
C CYS A 76 -7.20 -7.81 -4.40
N SER A 77 -7.05 -7.75 -5.73
CA SER A 77 -6.52 -8.89 -6.48
C SER A 77 -5.69 -8.41 -7.67
N ASP A 78 -4.51 -9.00 -7.83
CA ASP A 78 -3.63 -8.63 -8.93
C ASP A 78 -3.23 -7.17 -8.86
N CYS A 79 -3.01 -6.68 -7.64
CA CYS A 79 -2.62 -5.29 -7.44
C CYS A 79 -1.21 -5.18 -6.87
N VAL A 80 -0.60 -4.02 -7.03
CA VAL A 80 0.76 -3.79 -6.53
C VAL A 80 0.80 -2.60 -5.59
N LEU A 81 0.60 -2.87 -4.30
CA LEU A 81 0.62 -1.81 -3.29
C LEU A 81 2.05 -1.45 -2.90
N ALA A 82 2.26 -0.18 -2.55
CA ALA A 82 3.58 0.28 -2.15
C ALA A 82 3.49 1.47 -1.21
N VAL A 83 3.59 1.21 0.09
CA VAL A 83 3.50 2.26 1.10
C VAL A 83 4.04 1.77 2.45
N ALA A 84 5.03 2.48 2.97
CA ALA A 84 5.63 2.13 4.25
C ALA A 84 4.72 2.54 5.41
N CYS A 85 4.40 1.57 6.26
CA CYS A 85 3.53 1.83 7.40
C CYS A 85 3.98 1.04 8.63
N GLN A 86 3.28 1.20 9.74
CA GLN A 86 3.60 0.49 10.97
C GLN A 86 2.79 -0.80 11.08
N GLN A 87 1.51 -0.71 10.75
CA GLN A 87 0.62 -1.87 10.80
C GLN A 87 -0.08 -2.09 9.46
N LEU A 88 -0.51 -3.31 9.23
CA LEU A 88 -1.20 -3.65 7.97
C LEU A 88 -2.37 -4.60 8.23
N ARG A 89 -3.47 -4.36 7.53
CA ARG A 89 -4.67 -5.20 7.68
C ARG A 89 -5.21 -5.63 6.32
N ILE A 90 -4.94 -6.88 5.95
CA ILE A 90 -5.41 -7.42 4.68
C ILE A 90 -6.54 -8.42 4.88
N HIS A 91 -7.52 -8.39 3.99
CA HIS A 91 -8.66 -9.29 4.07
C HIS A 91 -9.26 -9.55 2.69
N SER A 92 -9.56 -10.82 2.41
CA SER A 92 -10.13 -11.21 1.14
C SER A 92 -9.21 -10.82 -0.02
N THR A 93 -7.92 -10.86 0.23
CA THR A 93 -6.93 -10.51 -0.79
C THR A 93 -6.26 -11.76 -1.35
N LYS A 94 -5.97 -11.74 -2.65
CA LYS A 94 -5.34 -12.88 -3.31
C LYS A 94 -4.60 -12.43 -4.57
N ASP A 95 -3.39 -12.94 -4.76
CA ASP A 95 -2.58 -12.60 -5.91
C ASP A 95 -2.32 -11.09 -5.99
N THR A 96 -2.18 -10.47 -4.82
CA THR A 96 -1.95 -9.04 -4.74
C THR A 96 -0.57 -8.75 -4.15
N ARG A 97 0.40 -8.46 -5.01
CA ARG A 97 1.75 -8.16 -4.56
C ARG A 97 1.78 -6.89 -3.72
N ILE A 98 2.42 -6.97 -2.55
CA ILE A 98 2.50 -5.83 -1.65
C ILE A 98 3.96 -5.55 -1.27
N PHE A 99 4.34 -4.28 -1.32
CA PHE A 99 5.70 -3.87 -0.98
C PHE A 99 5.68 -2.78 0.09
N LEU A 100 5.98 -3.16 1.34
CA LEU A 100 6.00 -2.21 2.43
C LEU A 100 7.00 -2.64 3.50
N GLN A 101 7.26 -1.75 4.46
CA GLN A 101 8.19 -2.04 5.53
C GLN A 101 7.54 -1.79 6.90
N VAL A 102 6.92 -2.83 7.45
CA VAL A 102 6.26 -2.72 8.74
C VAL A 102 7.27 -2.53 9.86
N THR A 103 7.00 -1.56 10.74
CA THR A 103 7.89 -1.29 11.86
C THR A 103 7.26 -1.75 13.17
N SER A 104 6.43 -2.78 13.10
CA SER A 104 5.78 -3.32 14.28
C SER A 104 5.24 -4.73 14.01
N ARG A 105 4.22 -4.82 13.16
CA ARG A 105 3.62 -6.11 12.82
C ARG A 105 2.52 -5.93 11.78
N ALA A 106 2.05 -7.06 11.23
CA ALA A 106 1.00 -7.03 10.23
C ALA A 106 -0.06 -8.08 10.52
N ILE A 107 -1.26 -7.88 9.98
CA ILE A 107 -2.36 -8.81 10.19
C ILE A 107 -2.99 -9.23 8.87
N VAL A 108 -3.33 -10.51 8.76
CA VAL A 108 -3.94 -11.03 7.54
C VAL A 108 -4.99 -12.09 7.88
N GLU A 109 -6.22 -11.86 7.42
CA GLU A 109 -7.31 -12.80 7.66
C GLU A 109 -8.10 -13.06 6.38
N ASP A 110 -8.43 -14.34 6.15
CA ASP A 110 -9.18 -14.73 4.97
C ASP A 110 -8.40 -14.39 3.70
N CYS A 111 -7.08 -14.44 3.79
CA CYS A 111 -6.23 -14.14 2.64
C CYS A 111 -5.54 -15.40 2.14
N SER A 112 -5.08 -15.36 0.90
CA SER A 112 -4.40 -16.50 0.29
C SER A 112 -3.55 -16.06 -0.90
N GLY A 113 -2.34 -16.60 -0.98
CA GLY A 113 -1.44 -16.24 -2.08
C GLY A 113 -0.93 -14.83 -1.97
N ILE A 114 -0.82 -14.32 -0.76
CA ILE A 114 -0.34 -12.97 -0.52
C ILE A 114 1.18 -12.91 -0.63
N GLN A 115 1.69 -11.78 -1.11
CA GLN A 115 3.12 -11.58 -1.26
C GLN A 115 3.60 -10.39 -0.43
N PHE A 116 4.70 -10.59 0.29
CA PHE A 116 5.26 -9.53 1.12
C PHE A 116 6.71 -9.25 0.73
N ALA A 117 6.98 -8.01 0.36
CA ALA A 117 8.33 -7.61 -0.04
C ALA A 117 8.80 -6.38 0.74
N PRO A 118 10.12 -6.17 0.84
CA PRO A 118 10.69 -5.02 1.56
C PRO A 118 10.43 -3.70 0.84
N TYR A 119 10.36 -2.62 1.61
CA TYR A 119 10.12 -1.30 1.04
C TYR A 119 11.44 -0.62 0.67
N THR A 120 11.56 -0.22 -0.59
CA THR A 120 12.77 0.45 -1.07
C THR A 120 12.42 1.58 -2.02
N TRP A 121 11.77 2.62 -1.50
CA TRP A 121 11.39 3.77 -2.30
C TRP A 121 12.15 5.02 -1.87
N SER A 122 13.31 5.24 -2.49
CA SER A 122 14.14 6.40 -2.18
C SER A 122 13.81 7.58 -3.09
N TYR A 123 14.03 8.79 -2.59
CA TYR A 123 13.76 10.00 -3.36
C TYR A 123 14.67 11.14 -2.92
N PRO A 124 14.73 12.22 -3.72
CA PRO A 124 15.57 13.38 -3.40
C PRO A 124 15.35 13.90 -1.98
N GLU A 125 14.14 13.67 -1.46
CA GLU A 125 13.80 14.12 -0.11
C GLU A 125 12.84 13.13 0.54
N ILE A 126 13.39 12.11 1.19
CA ILE A 126 12.58 11.10 1.86
C ILE A 126 12.71 11.22 3.39
N ASP A 127 13.82 11.77 3.84
CA ASP A 127 14.06 11.93 5.27
C ASP A 127 12.94 12.73 5.93
N LYS A 128 12.59 13.85 5.32
CA LYS A 128 11.53 14.71 5.84
C LYS A 128 10.18 13.98 5.81
N ASP A 129 9.96 13.20 4.75
CA ASP A 129 8.72 12.45 4.61
C ASP A 129 8.61 11.37 5.67
N PHE A 130 9.74 10.77 6.01
CA PHE A 130 9.78 9.71 7.02
C PHE A 130 9.63 10.29 8.42
N GLU A 131 10.23 11.46 8.65
CA GLU A 131 10.17 12.11 9.95
C GLU A 131 8.73 12.49 10.30
N SER A 132 7.99 12.95 9.30
CA SER A 132 6.60 13.34 9.50
C SER A 132 5.76 12.17 9.96
N SER A 133 6.11 10.97 9.48
CA SER A 133 5.38 9.76 9.86
C SER A 133 5.95 9.16 11.14
N GLY A 134 7.26 9.31 11.32
CA GLY A 134 7.90 8.77 12.51
C GLY A 134 8.25 7.30 12.37
N LEU A 135 8.54 6.88 11.14
CA LEU A 135 8.89 5.49 10.87
C LEU A 135 10.40 5.29 10.93
N ASP A 136 10.82 4.22 11.61
CA ASP A 136 12.23 3.92 11.73
C ASP A 136 12.73 3.09 10.55
N ARG A 137 13.71 3.63 9.82
CA ARG A 137 14.27 2.94 8.67
C ARG A 137 15.22 1.84 9.10
N SER A 138 16.06 2.13 10.08
CA SER A 138 17.03 1.18 10.59
C SER A 138 16.32 0.04 11.33
N LYS A 139 15.26 0.37 12.05
CA LYS A 139 14.49 -0.61 12.81
C LYS A 139 13.22 -1.01 12.06
N ASN A 140 13.09 -2.31 11.79
CA ASN A 140 11.92 -2.81 11.07
C ASN A 140 11.93 -4.34 11.04
N ASN A 141 10.82 -4.92 10.57
CA ASN A 141 10.70 -6.37 10.48
C ASN A 141 9.60 -6.76 9.51
N TRP A 142 9.93 -6.81 8.22
CA TRP A 142 8.96 -7.17 7.20
C TRP A 142 8.86 -8.69 7.04
N ASN A 143 9.91 -9.40 7.45
CA ASN A 143 9.93 -10.85 7.35
C ASN A 143 9.19 -11.49 8.53
N ASP A 144 7.92 -11.13 8.69
CA ASP A 144 7.11 -11.67 9.77
C ASP A 144 5.64 -11.29 9.59
N VAL A 145 4.81 -12.29 9.30
CA VAL A 145 3.39 -12.06 9.11
C VAL A 145 2.55 -13.02 9.93
N ASP A 146 1.70 -12.47 10.80
CA ASP A 146 0.85 -13.28 11.66
C ASP A 146 -0.51 -13.51 11.00
N ASP A 147 -0.71 -14.71 10.47
CA ASP A 147 -1.96 -15.06 9.81
C ASP A 147 -3.00 -15.54 10.83
N PHE A 148 -4.28 -15.35 10.50
CA PHE A 148 -5.36 -15.75 11.38
C PHE A 148 -6.11 -16.95 10.81
N ASN A 149 -5.39 -17.78 10.06
CA ASN A 149 -5.99 -18.96 9.45
C ASN A 149 -5.26 -20.23 9.89
N TRP A 150 -3.94 -20.16 9.94
CA TRP A 150 -3.12 -21.29 10.34
C TRP A 150 -2.54 -21.07 11.73
N LEU A 151 -2.08 -22.16 12.35
CA LEU A 151 -1.49 -22.08 13.68
C LEU A 151 -0.52 -23.22 13.91
N ALA A 152 0.78 -22.93 13.80
CA ALA A 152 1.81 -23.94 14.00
C ALA A 152 3.08 -23.32 14.56
N ARG A 153 3.79 -24.07 15.40
CA ARG A 153 5.03 -23.59 16.01
C ARG A 153 6.23 -23.96 15.14
N ASP A 154 6.14 -25.09 14.45
CA ASP A 154 7.22 -25.53 13.59
C ASP A 154 6.85 -25.39 12.11
N MET A 155 5.61 -25.77 11.77
CA MET A 155 5.13 -25.68 10.40
C MET A 155 5.01 -24.22 9.96
N ALA A 156 5.04 -24.00 8.66
CA ALA A 156 4.93 -22.65 8.11
C ALA A 156 3.48 -22.29 7.83
N SER A 157 3.27 -21.13 7.21
CA SER A 157 1.93 -20.66 6.89
C SER A 157 1.63 -20.88 5.40
N PRO A 158 0.97 -22.02 5.07
CA PRO A 158 0.62 -22.34 3.68
C PRO A 158 -0.44 -21.40 3.11
N ASN A 159 -0.08 -20.13 2.97
CA ASN A 159 -1.01 -19.14 2.45
C ASN A 159 -0.25 -18.05 1.68
N TRP A 160 0.61 -17.33 2.40
CA TRP A 160 1.40 -16.26 1.79
C TRP A 160 2.77 -16.77 1.36
N SER A 161 3.50 -15.93 0.63
CA SER A 161 4.83 -16.30 0.16
C SER A 161 5.69 -15.06 -0.08
N ILE A 162 7.00 -15.24 -0.12
CA ILE A 162 7.93 -14.14 -0.34
C ILE A 162 8.37 -14.09 -1.80
N LEU A 163 8.36 -12.90 -2.38
CA LEU A 163 8.77 -12.72 -3.78
C LEU A 163 10.28 -12.93 -3.93
N PRO A 164 10.70 -13.85 -4.82
CA PRO A 164 12.11 -14.12 -5.05
C PRO A 164 12.91 -12.86 -5.38
N GLU A 165 14.23 -12.99 -5.40
CA GLU A 165 15.10 -11.86 -5.70
C GLU A 165 14.98 -11.46 -7.16
N GLU A 166 14.95 -12.45 -8.05
CA GLU A 166 14.84 -12.20 -9.48
C GLU A 166 13.55 -11.44 -9.79
N GLU A 167 12.52 -11.68 -9.00
CA GLU A 167 11.24 -11.02 -9.19
C GLU A 167 11.15 -9.74 -8.38
N ARG A 168 11.93 -9.66 -7.32
CA ARG A 168 11.94 -8.48 -6.46
C ARG A 168 12.21 -7.21 -7.26
N ASN A 169 13.22 -7.26 -8.12
CA ASN A 169 13.57 -6.11 -8.95
C ASN A 169 12.56 -5.93 -10.07
N ILE A 170 11.71 -4.91 -9.92
CA ILE A 170 10.69 -4.61 -10.91
C ILE A 170 11.07 -3.38 -11.74
N GLN A 171 10.52 -3.30 -12.95
CA GLN A 171 10.80 -2.16 -13.83
C GLN A 171 9.75 -1.07 -13.66
N TRP A 172 10.09 -0.05 -12.89
CA TRP A 172 9.18 1.06 -12.65
C TRP A 172 9.08 1.96 -13.88
N ASP A 173 10.16 2.71 -14.14
CA ASP A 173 10.20 3.61 -15.28
C ASP A 173 10.26 2.84 -16.59
N SER A 174 9.82 3.47 -17.67
CA SER A 174 9.83 2.84 -18.99
C SER A 174 10.95 3.41 -19.86
N GLY A 175 11.29 4.67 -19.62
CA GLY A 175 12.35 5.31 -20.38
C GLY A 175 11.83 6.45 -21.25
N PRO A 176 11.37 7.54 -20.64
CA PRO A 176 10.84 8.70 -21.38
C PRO A 176 11.95 9.49 -22.07
N SER A 177 11.57 10.60 -22.69
CA SER A 177 12.53 11.45 -23.39
C SER A 177 13.23 10.67 -24.50
N SER A 178 13.85 11.41 -25.42
CA SER A 178 14.57 10.78 -26.53
C SER A 178 15.92 11.45 -26.77
N GLY A 179 16.94 10.65 -26.99
CA GLY A 179 18.28 11.18 -27.21
C GLY A 179 18.75 10.96 -28.63
N GLY A 1 -34.68 22.86 -0.76
CA GLY A 1 -34.09 22.72 0.60
C GLY A 1 -34.21 21.31 1.14
N SER A 2 -34.26 21.19 2.46
CA SER A 2 -34.38 19.88 3.11
C SER A 2 -33.20 18.99 2.75
N SER A 3 -32.07 19.21 3.42
CA SER A 3 -30.87 18.42 3.16
C SER A 3 -30.26 17.92 4.47
N GLY A 4 -30.08 18.83 5.42
CA GLY A 4 -29.51 18.47 6.70
C GLY A 4 -28.03 18.17 6.61
N SER A 5 -27.69 16.97 6.14
CA SER A 5 -26.30 16.56 6.01
C SER A 5 -25.77 16.88 4.61
N SER A 6 -24.47 16.69 4.42
CA SER A 6 -23.84 16.95 3.13
C SER A 6 -23.01 15.77 2.68
N GLY A 7 -22.16 15.27 3.59
CA GLY A 7 -21.32 14.14 3.27
C GLY A 7 -19.86 14.38 3.63
N SER A 8 -19.14 13.30 3.92
CA SER A 8 -17.73 13.41 4.28
C SER A 8 -16.86 13.52 3.04
N TRP A 9 -15.59 13.88 3.24
CA TRP A 9 -14.65 14.02 2.14
C TRP A 9 -13.76 12.80 2.01
N VAL A 10 -14.31 11.63 2.38
CA VAL A 10 -13.57 10.38 2.31
C VAL A 10 -14.00 9.55 1.12
N CYS A 11 -13.51 9.91 -0.07
CA CYS A 11 -13.85 9.19 -1.29
C CYS A 11 -12.62 8.96 -2.16
N GLY A 12 -11.82 10.02 -2.34
CA GLY A 12 -10.61 9.92 -3.14
C GLY A 12 -10.93 9.88 -4.62
N PHE A 13 -10.65 8.75 -5.26
CA PHE A 13 -10.89 8.59 -6.69
C PHE A 13 -11.51 7.22 -6.98
N SER A 14 -12.29 7.16 -8.06
CA SER A 14 -12.95 5.92 -8.45
C SER A 14 -13.57 6.04 -9.84
N ASN A 15 -14.09 4.94 -10.35
CA ASN A 15 -14.72 4.93 -11.67
C ASN A 15 -13.72 5.32 -12.76
N LEU A 16 -12.47 4.90 -12.56
CA LEU A 16 -11.41 5.21 -13.53
C LEU A 16 -10.81 3.93 -14.09
N GLU A 17 -10.36 3.99 -15.34
CA GLU A 17 -9.77 2.84 -16.00
C GLU A 17 -8.66 3.27 -16.96
N SER A 18 -7.47 2.71 -16.78
CA SER A 18 -6.34 3.03 -17.63
C SER A 18 -6.00 4.52 -17.54
N GLN A 19 -6.17 5.09 -16.35
CA GLN A 19 -5.89 6.50 -16.14
C GLN A 19 -4.71 6.69 -15.19
N VAL A 20 -4.14 7.89 -15.17
CA VAL A 20 -3.01 8.19 -14.31
C VAL A 20 -3.33 9.37 -13.38
N LEU A 21 -3.48 9.08 -12.09
CA LEU A 21 -3.78 10.10 -11.10
C LEU A 21 -2.51 10.63 -10.46
N GLU A 22 -2.49 11.92 -10.15
CA GLU A 22 -1.33 12.55 -9.53
C GLU A 22 -1.76 13.55 -8.48
N LYS A 23 -1.15 13.45 -7.29
CA LYS A 23 -1.48 14.36 -6.19
C LYS A 23 -0.21 14.99 -5.62
N ARG A 24 -0.38 15.84 -4.62
CA ARG A 24 0.74 16.52 -3.98
C ARG A 24 0.54 16.61 -2.47
N ALA A 25 1.57 17.09 -1.77
CA ALA A 25 1.50 17.23 -0.32
C ALA A 25 0.50 18.29 0.08
N SER A 26 0.34 19.30 -0.77
CA SER A 26 -0.60 20.39 -0.50
C SER A 26 -2.04 19.93 -0.72
N GLU A 27 -2.23 19.03 -1.67
CA GLU A 27 -3.56 18.51 -1.97
C GLU A 27 -4.07 17.62 -0.85
N LEU A 28 -3.25 16.64 -0.47
CA LEU A 28 -3.62 15.71 0.59
C LEU A 28 -3.86 16.46 1.91
N HIS A 29 -2.85 17.17 2.37
CA HIS A 29 -2.94 17.93 3.61
C HIS A 29 -3.25 17.01 4.79
N GLN A 30 -2.72 15.79 4.74
CA GLN A 30 -2.94 14.81 5.80
C GLN A 30 -4.43 14.51 5.96
N ARG A 31 -4.91 13.54 5.18
CA ARG A 31 -6.32 13.15 5.24
C ARG A 31 -6.50 11.70 4.82
N ASP A 32 -7.65 11.13 5.14
CA ASP A 32 -7.95 9.75 4.79
C ASP A 32 -8.01 9.57 3.27
N VAL A 33 -7.34 8.54 2.77
CA VAL A 33 -7.33 8.27 1.34
C VAL A 33 -8.08 6.98 1.02
N LEU A 34 -9.07 7.08 0.15
CA LEU A 34 -9.88 5.93 -0.24
C LEU A 34 -9.96 5.81 -1.75
N LEU A 35 -9.82 4.58 -2.25
CA LEU A 35 -9.88 4.33 -3.70
C LEU A 35 -10.56 3.00 -3.99
N THR A 36 -11.41 2.98 -5.00
CA THR A 36 -12.12 1.77 -5.39
C THR A 36 -12.69 1.89 -6.79
N GLU A 37 -13.14 0.77 -7.35
CA GLU A 37 -13.70 0.75 -8.69
C GLU A 37 -12.68 1.21 -9.73
N LEU A 38 -11.43 0.79 -9.53
CA LEU A 38 -10.35 1.16 -10.44
C LEU A 38 -9.84 -0.06 -11.20
N SER A 39 -9.62 0.12 -12.50
CA SER A 39 -9.12 -0.97 -13.33
C SER A 39 -7.92 -0.52 -14.17
N ASN A 40 -6.75 -1.07 -13.85
CA ASN A 40 -5.53 -0.72 -14.58
C ASN A 40 -5.23 0.77 -14.46
N CYS A 41 -5.62 1.35 -13.32
CA CYS A 41 -5.40 2.78 -13.09
C CYS A 41 -4.12 3.00 -12.28
N THR A 42 -3.33 4.00 -12.69
CA THR A 42 -2.09 4.31 -12.01
C THR A 42 -2.30 5.40 -10.96
N VAL A 43 -1.88 5.12 -9.73
CA VAL A 43 -2.03 6.08 -8.63
C VAL A 43 -0.68 6.44 -8.03
N ARG A 44 -0.39 7.73 -7.96
CA ARG A 44 0.88 8.19 -7.39
C ARG A 44 0.65 9.37 -6.46
N LEU A 45 0.63 9.10 -5.16
CA LEU A 45 0.42 10.15 -4.16
C LEU A 45 1.76 10.61 -3.56
N TYR A 46 1.88 11.91 -3.35
CA TYR A 46 3.11 12.48 -2.78
C TYR A 46 2.79 13.34 -1.57
N GLY A 47 3.52 13.11 -0.48
CA GLY A 47 3.31 13.87 0.74
C GLY A 47 3.26 13.00 1.97
N ASN A 48 2.14 13.02 2.67
CA ASN A 48 1.96 12.22 3.88
C ASN A 48 0.51 12.22 4.33
N PRO A 49 -0.31 11.31 3.76
CA PRO A 49 -1.73 11.21 4.11
C PRO A 49 -1.94 10.63 5.50
N ASN A 50 -3.16 10.78 6.01
CA ASN A 50 -3.50 10.27 7.34
C ASN A 50 -3.57 8.75 7.34
N THR A 51 -4.59 8.20 6.67
CA THR A 51 -4.76 6.76 6.59
C THR A 51 -5.15 6.34 5.18
N LEU A 52 -4.26 5.59 4.53
CA LEU A 52 -4.51 5.12 3.17
C LEU A 52 -5.40 3.89 3.18
N ARG A 53 -6.32 3.82 2.22
CA ARG A 53 -7.23 2.69 2.12
C ARG A 53 -7.49 2.32 0.65
N LEU A 54 -7.11 1.10 0.28
CA LEU A 54 -7.30 0.63 -1.09
C LEU A 54 -8.17 -0.62 -1.11
N THR A 55 -9.16 -0.63 -2.00
CA THR A 55 -10.06 -1.76 -2.12
C THR A 55 -10.64 -1.85 -3.53
N LYS A 56 -11.05 -3.06 -3.93
CA LYS A 56 -11.62 -3.28 -5.24
C LYS A 56 -10.65 -2.87 -6.35
N ALA A 57 -9.35 -3.07 -6.08
CA ALA A 57 -8.33 -2.73 -7.05
C ALA A 57 -7.89 -3.94 -7.85
N HIS A 58 -7.90 -3.83 -9.17
CA HIS A 58 -7.50 -4.92 -10.05
C HIS A 58 -6.47 -4.46 -11.07
N SER A 59 -5.25 -4.97 -10.95
CA SER A 59 -4.17 -4.61 -11.86
C SER A 59 -3.89 -3.11 -11.80
N CYS A 60 -4.17 -2.51 -10.65
CA CYS A 60 -3.95 -1.07 -10.46
C CYS A 60 -2.60 -0.81 -9.79
N LYS A 61 -2.17 0.44 -9.81
CA LYS A 61 -0.90 0.82 -9.20
C LYS A 61 -1.10 1.91 -8.15
N LEU A 62 -0.29 1.88 -7.10
CA LEU A 62 -0.39 2.85 -6.02
C LEU A 62 0.96 3.05 -5.34
N LEU A 63 1.41 4.30 -5.28
CA LEU A 63 2.69 4.62 -4.66
C LEU A 63 2.58 5.90 -3.83
N CYS A 64 2.62 5.73 -2.50
CA CYS A 64 2.52 6.87 -1.60
C CYS A 64 3.62 6.84 -0.54
N GLY A 65 3.93 8.00 0.02
CA GLY A 65 4.98 8.07 1.03
C GLY A 65 4.57 7.37 2.31
N PRO A 66 5.46 7.38 3.34
CA PRO A 66 5.17 6.74 4.63
C PRO A 66 3.93 7.31 5.30
N VAL A 67 2.89 6.49 5.40
CA VAL A 67 1.64 6.92 6.03
C VAL A 67 1.85 7.23 7.51
N SER A 68 0.94 8.02 8.07
CA SER A 68 1.02 8.39 9.48
C SER A 68 0.67 7.21 10.37
N THR A 69 -0.48 6.59 10.12
CA THR A 69 -0.93 5.45 10.90
C THR A 69 -0.61 4.14 10.18
N SER A 70 -1.45 3.79 9.22
CA SER A 70 -1.27 2.56 8.45
C SER A 70 -2.11 2.57 7.18
N VAL A 71 -2.02 1.49 6.40
CA VAL A 71 -2.79 1.38 5.17
C VAL A 71 -3.69 0.15 5.19
N PHE A 72 -4.73 0.17 4.36
CA PHE A 72 -5.67 -0.95 4.29
C PHE A 72 -5.67 -1.57 2.90
N LEU A 73 -6.12 -2.82 2.83
CA LEU A 73 -6.18 -3.53 1.55
C LEU A 73 -7.17 -4.68 1.62
N GLU A 74 -8.30 -4.52 0.94
CA GLU A 74 -9.34 -5.55 0.93
C GLU A 74 -9.99 -5.65 -0.44
N ASP A 75 -10.37 -6.86 -0.84
CA ASP A 75 -11.01 -7.08 -2.13
C ASP A 75 -10.07 -6.72 -3.27
N CYS A 76 -8.78 -6.97 -3.07
CA CYS A 76 -7.77 -6.67 -4.07
C CYS A 76 -7.24 -7.96 -4.70
N SER A 77 -6.90 -7.89 -5.99
CA SER A 77 -6.39 -9.05 -6.71
C SER A 77 -5.53 -8.62 -7.90
N ASP A 78 -4.35 -9.22 -8.02
CA ASP A 78 -3.44 -8.89 -9.10
C ASP A 78 -3.05 -7.42 -9.08
N CYS A 79 -2.96 -6.85 -7.88
CA CYS A 79 -2.60 -5.45 -7.71
C CYS A 79 -1.15 -5.32 -7.26
N VAL A 80 -0.63 -4.09 -7.32
CA VAL A 80 0.75 -3.82 -6.92
C VAL A 80 0.83 -2.60 -6.02
N LEU A 81 0.77 -2.83 -4.71
CA LEU A 81 0.83 -1.74 -3.74
C LEU A 81 2.27 -1.46 -3.33
N ALA A 82 2.53 -0.22 -2.91
CA ALA A 82 3.88 0.17 -2.49
C ALA A 82 3.82 1.39 -1.58
N VAL A 83 3.86 1.15 -0.27
CA VAL A 83 3.81 2.24 0.70
C VAL A 83 4.22 1.75 2.08
N ALA A 84 5.12 2.50 2.73
CA ALA A 84 5.59 2.13 4.06
C ALA A 84 4.56 2.48 5.12
N CYS A 85 4.33 1.55 6.05
CA CYS A 85 3.36 1.77 7.11
C CYS A 85 3.72 0.94 8.35
N GLN A 86 3.41 1.47 9.52
CA GLN A 86 3.71 0.78 10.77
C GLN A 86 3.00 -0.56 10.84
N GLN A 87 1.75 -0.59 10.39
CA GLN A 87 0.95 -1.82 10.39
C GLN A 87 0.27 -2.03 9.05
N LEU A 88 -0.33 -3.20 8.87
CA LEU A 88 -1.02 -3.53 7.63
C LEU A 88 -2.14 -4.52 7.88
N ARG A 89 -3.36 -4.15 7.50
CA ARG A 89 -4.52 -5.01 7.69
C ARG A 89 -5.12 -5.40 6.34
N ILE A 90 -4.95 -6.66 5.95
CA ILE A 90 -5.47 -7.16 4.69
C ILE A 90 -6.59 -8.18 4.93
N HIS A 91 -7.48 -8.31 3.95
CA HIS A 91 -8.59 -9.24 4.05
C HIS A 91 -9.24 -9.46 2.69
N SER A 92 -9.59 -10.71 2.40
CA SER A 92 -10.22 -11.06 1.13
C SER A 92 -9.31 -10.69 -0.04
N THR A 93 -8.01 -10.84 0.15
CA THR A 93 -7.04 -10.52 -0.90
C THR A 93 -6.34 -11.79 -1.39
N LYS A 94 -5.86 -11.75 -2.62
CA LYS A 94 -5.17 -12.89 -3.21
C LYS A 94 -4.45 -12.50 -4.49
N ASP A 95 -3.22 -12.99 -4.66
CA ASP A 95 -2.44 -12.68 -5.84
C ASP A 95 -2.20 -11.19 -5.97
N THR A 96 -1.94 -10.54 -4.85
CA THR A 96 -1.70 -9.10 -4.83
C THR A 96 -0.31 -8.79 -4.27
N ARG A 97 0.57 -8.26 -5.11
CA ARG A 97 1.92 -7.92 -4.70
C ARG A 97 1.93 -6.65 -3.87
N ILE A 98 2.57 -6.70 -2.71
CA ILE A 98 2.66 -5.54 -1.82
C ILE A 98 4.07 -5.35 -1.31
N PHE A 99 4.65 -4.19 -1.61
CA PHE A 99 6.01 -3.88 -1.17
C PHE A 99 6.01 -2.76 -0.13
N LEU A 100 6.16 -3.14 1.14
CA LEU A 100 6.17 -2.17 2.22
C LEU A 100 7.17 -2.57 3.30
N GLN A 101 7.27 -1.75 4.34
CA GLN A 101 8.20 -2.02 5.44
C GLN A 101 7.53 -1.75 6.79
N VAL A 102 6.96 -2.81 7.37
CA VAL A 102 6.30 -2.69 8.67
C VAL A 102 7.29 -2.80 9.81
N THR A 103 7.20 -1.87 10.76
CA THR A 103 8.10 -1.86 11.91
C THR A 103 7.46 -2.56 13.11
N SER A 104 6.14 -2.49 13.19
CA SER A 104 5.41 -3.12 14.28
C SER A 104 5.03 -4.56 13.92
N ARG A 105 4.08 -4.69 13.01
CA ARG A 105 3.62 -6.01 12.57
C ARG A 105 2.57 -5.90 11.47
N ALA A 106 2.09 -7.04 10.99
CA ALA A 106 1.09 -7.06 9.93
C ALA A 106 0.03 -8.11 10.21
N ILE A 107 -1.21 -7.79 9.86
CA ILE A 107 -2.33 -8.70 10.08
C ILE A 107 -2.96 -9.13 8.75
N VAL A 108 -3.23 -10.42 8.62
CA VAL A 108 -3.84 -10.96 7.41
C VAL A 108 -4.86 -12.04 7.73
N GLU A 109 -6.08 -11.84 7.25
CA GLU A 109 -7.17 -12.79 7.48
C GLU A 109 -7.82 -13.21 6.18
N ASP A 110 -8.02 -14.52 6.01
CA ASP A 110 -8.64 -15.05 4.81
C ASP A 110 -7.82 -14.69 3.57
N CYS A 111 -6.50 -14.59 3.75
CA CYS A 111 -5.61 -14.26 2.65
C CYS A 111 -5.04 -15.52 2.01
N SER A 112 -4.76 -15.45 0.72
CA SER A 112 -4.21 -16.58 -0.02
C SER A 112 -3.49 -16.11 -1.29
N GLY A 113 -2.23 -16.50 -1.41
CA GLY A 113 -1.44 -16.11 -2.57
C GLY A 113 -0.94 -14.68 -2.49
N ILE A 114 -0.70 -14.22 -1.26
CA ILE A 114 -0.22 -12.85 -1.05
C ILE A 114 1.31 -12.81 -1.11
N GLN A 115 1.84 -11.62 -1.40
CA GLN A 115 3.28 -11.43 -1.50
C GLN A 115 3.72 -10.24 -0.66
N PHE A 116 4.86 -10.39 0.02
CA PHE A 116 5.40 -9.32 0.86
C PHE A 116 6.87 -9.08 0.56
N ALA A 117 7.23 -7.81 0.44
CA ALA A 117 8.61 -7.43 0.15
C ALA A 117 8.93 -6.04 0.67
N PRO A 118 10.20 -5.77 0.99
CA PRO A 118 10.64 -4.47 1.51
C PRO A 118 10.18 -3.31 0.62
N TYR A 119 10.08 -2.12 1.20
CA TYR A 119 9.66 -0.94 0.46
C TYR A 119 10.64 -0.61 -0.66
N THR A 120 10.16 0.13 -1.66
CA THR A 120 11.00 0.51 -2.80
C THR A 120 10.57 1.87 -3.35
N TRP A 121 11.28 2.91 -2.93
CA TRP A 121 10.98 4.27 -3.39
C TRP A 121 12.04 5.26 -2.90
N SER A 122 12.34 6.25 -3.72
CA SER A 122 13.32 7.26 -3.37
C SER A 122 12.72 8.66 -3.44
N TYR A 123 13.31 9.59 -2.69
CA TYR A 123 12.85 10.97 -2.66
C TYR A 123 13.94 11.91 -2.14
N PRO A 124 14.00 13.14 -2.67
CA PRO A 124 15.00 14.12 -2.26
C PRO A 124 14.87 14.49 -0.78
N GLU A 125 13.65 14.48 -0.27
CA GLU A 125 13.39 14.82 1.13
C GLU A 125 12.70 13.65 1.83
N ILE A 126 13.21 12.44 1.61
CA ILE A 126 12.64 11.25 2.23
C ILE A 126 13.20 11.04 3.64
N ASP A 127 14.43 11.49 3.85
CA ASP A 127 15.07 11.35 5.15
C ASP A 127 14.26 12.04 6.24
N LYS A 128 13.57 13.11 5.88
CA LYS A 128 12.75 13.86 6.82
C LYS A 128 11.35 13.27 6.91
N ASP A 129 10.89 12.67 5.81
CA ASP A 129 9.56 12.07 5.76
C ASP A 129 9.42 10.98 6.83
N PHE A 130 10.33 10.02 6.81
CA PHE A 130 10.31 8.93 7.77
C PHE A 130 10.43 9.45 9.20
N GLU A 131 11.37 10.36 9.41
CA GLU A 131 11.59 10.95 10.73
C GLU A 131 10.37 11.73 11.19
N SER A 132 9.67 12.34 10.24
CA SER A 132 8.47 13.12 10.54
C SER A 132 7.40 12.24 11.18
N SER A 133 6.90 11.27 10.41
CA SER A 133 5.87 10.37 10.89
C SER A 133 6.35 9.61 12.12
N GLY A 134 7.66 9.35 12.18
CA GLY A 134 8.22 8.63 13.30
C GLY A 134 8.60 7.21 12.96
N LEU A 135 8.91 6.97 11.69
CA LEU A 135 9.29 5.65 11.22
C LEU A 135 10.80 5.43 11.33
N ASP A 136 11.24 4.21 11.09
CA ASP A 136 12.66 3.88 11.15
C ASP A 136 13.15 3.28 9.84
N ARG A 137 14.44 3.39 9.59
CA ARG A 137 15.04 2.86 8.36
C ARG A 137 15.84 1.60 8.65
N SER A 138 16.43 1.54 9.85
CA SER A 138 17.23 0.39 10.25
C SER A 138 16.41 -0.57 11.11
N LYS A 139 15.11 -0.62 10.87
CA LYS A 139 14.22 -1.50 11.62
C LYS A 139 13.21 -2.17 10.70
N ASN A 140 13.54 -3.38 10.26
CA ASN A 140 12.65 -4.13 9.37
C ASN A 140 11.98 -5.28 10.12
N ASN A 141 10.68 -5.44 9.91
CA ASN A 141 9.92 -6.49 10.57
C ASN A 141 8.86 -7.07 9.62
N TRP A 142 9.28 -7.36 8.39
CA TRP A 142 8.36 -7.90 7.39
C TRP A 142 8.48 -9.43 7.32
N ASN A 143 8.62 -10.06 8.49
CA ASN A 143 8.75 -11.51 8.57
C ASN A 143 7.79 -12.08 9.60
N ASP A 144 7.74 -11.45 10.77
CA ASP A 144 6.86 -11.90 11.85
C ASP A 144 5.44 -11.38 11.65
N VAL A 145 4.53 -12.27 11.26
CA VAL A 145 3.14 -11.90 11.03
C VAL A 145 2.20 -12.82 11.79
N ASP A 146 1.12 -12.25 12.31
CA ASP A 146 0.13 -13.01 13.06
C ASP A 146 -0.94 -13.58 12.12
N ASP A 147 -0.82 -14.86 11.79
CA ASP A 147 -1.77 -15.52 10.91
C ASP A 147 -2.96 -16.06 11.70
N PHE A 148 -4.15 -15.84 11.18
CA PHE A 148 -5.37 -16.31 11.83
C PHE A 148 -5.96 -17.51 11.09
N ASN A 149 -5.09 -18.30 10.48
CA ASN A 149 -5.52 -19.49 9.74
C ASN A 149 -4.67 -20.69 10.10
N TRP A 150 -4.18 -20.72 11.33
CA TRP A 150 -3.34 -21.82 11.79
C TRP A 150 -4.18 -23.06 12.06
N LEU A 151 -3.78 -24.18 11.45
CA LEU A 151 -4.48 -25.44 11.62
C LEU A 151 -3.61 -26.48 12.31
N ALA A 152 -2.78 -26.02 13.24
CA ALA A 152 -1.88 -26.91 13.97
C ALA A 152 -0.93 -27.64 13.02
N ARG A 153 -0.48 -26.93 11.99
CA ARG A 153 0.43 -27.51 11.01
C ARG A 153 1.81 -27.75 11.63
N ASP A 154 2.48 -26.67 12.00
CA ASP A 154 3.81 -26.76 12.60
C ASP A 154 4.32 -25.38 13.01
N MET A 155 4.66 -24.56 12.02
CA MET A 155 5.17 -23.22 12.28
C MET A 155 4.62 -22.23 11.25
N ALA A 156 4.77 -22.57 9.97
CA ALA A 156 4.29 -21.71 8.90
C ALA A 156 2.90 -22.14 8.43
N SER A 157 2.26 -21.28 7.65
CA SER A 157 0.93 -21.58 7.13
C SER A 157 0.87 -21.40 5.62
N PRO A 158 0.25 -22.36 4.90
CA PRO A 158 0.13 -22.29 3.44
C PRO A 158 -0.92 -21.29 2.99
N ASN A 159 -0.72 -20.02 3.34
CA ASN A 159 -1.65 -18.97 2.96
C ASN A 159 -0.92 -17.82 2.26
N TRP A 160 0.13 -17.32 2.88
CA TRP A 160 0.92 -16.22 2.32
C TRP A 160 2.26 -16.73 1.80
N SER A 161 3.02 -15.83 1.18
CA SER A 161 4.33 -16.18 0.63
C SER A 161 5.18 -14.94 0.44
N ILE A 162 6.43 -15.15 0.02
CA ILE A 162 7.35 -14.04 -0.21
C ILE A 162 7.77 -13.97 -1.67
N LEU A 163 8.24 -12.79 -2.09
CA LEU A 163 8.67 -12.59 -3.47
C LEU A 163 10.19 -12.65 -3.57
N PRO A 164 10.73 -13.44 -4.51
CA PRO A 164 12.17 -13.57 -4.70
C PRO A 164 12.85 -12.21 -4.89
N GLU A 165 14.13 -12.14 -4.54
CA GLU A 165 14.89 -10.90 -4.67
C GLU A 165 15.09 -10.54 -6.14
N GLU A 166 15.17 -11.56 -6.98
CA GLU A 166 15.37 -11.37 -8.41
C GLU A 166 14.09 -10.84 -9.07
N GLU A 167 12.94 -11.19 -8.49
CA GLU A 167 11.66 -10.75 -9.02
C GLU A 167 11.15 -9.53 -8.27
N ARG A 168 12.07 -8.74 -7.73
CA ARG A 168 11.71 -7.54 -6.98
C ARG A 168 11.92 -6.29 -7.83
N ASN A 169 12.90 -6.34 -8.72
CA ASN A 169 13.20 -5.22 -9.60
C ASN A 169 12.11 -5.02 -10.64
N ILE A 170 11.15 -4.15 -10.33
CA ILE A 170 10.05 -3.86 -11.24
C ILE A 170 10.27 -2.54 -11.97
N GLN A 171 10.23 -2.59 -13.29
CA GLN A 171 10.42 -1.40 -14.11
C GLN A 171 9.20 -0.48 -14.02
N TRP A 172 9.17 0.36 -13.02
CA TRP A 172 8.06 1.29 -12.83
C TRP A 172 7.94 2.26 -14.00
N ASP A 173 9.09 2.65 -14.55
CA ASP A 173 9.12 3.56 -15.68
C ASP A 173 8.84 2.82 -16.99
N SER A 174 7.88 3.34 -17.76
CA SER A 174 7.52 2.73 -19.04
C SER A 174 7.67 3.72 -20.18
N GLY A 175 7.71 3.21 -21.41
CA GLY A 175 7.84 4.07 -22.57
C GLY A 175 7.51 3.35 -23.86
N PRO A 176 8.05 3.82 -25.00
CA PRO A 176 7.80 3.20 -26.31
C PRO A 176 8.48 1.85 -26.44
N SER A 177 9.63 1.69 -25.78
CA SER A 177 10.37 0.44 -25.83
C SER A 177 10.72 -0.04 -24.42
N SER A 178 11.19 0.88 -23.59
CA SER A 178 11.56 0.55 -22.21
C SER A 178 12.69 -0.48 -22.18
N GLY A 179 13.60 -0.37 -23.14
CA GLY A 179 14.71 -1.31 -23.21
C GLY A 179 14.27 -2.72 -23.53
N GLY A 1 -31.72 7.46 -0.19
CA GLY A 1 -30.64 7.16 0.78
C GLY A 1 -31.06 7.46 2.22
N SER A 2 -31.90 6.60 2.78
CA SER A 2 -32.37 6.79 4.14
C SER A 2 -31.28 6.44 5.15
N SER A 3 -31.19 7.22 6.22
CA SER A 3 -30.19 6.99 7.26
C SER A 3 -28.78 7.09 6.67
N GLY A 4 -28.10 8.20 6.96
CA GLY A 4 -26.75 8.39 6.46
C GLY A 4 -25.76 8.71 7.57
N SER A 5 -25.71 9.98 7.96
CA SER A 5 -24.80 10.40 9.01
C SER A 5 -23.35 10.14 8.62
N SER A 6 -22.74 11.09 7.93
CA SER A 6 -21.36 10.96 7.49
C SER A 6 -20.52 12.17 7.93
N GLY A 7 -19.23 12.11 7.66
CA GLY A 7 -18.35 13.21 8.03
C GLY A 7 -16.90 12.91 7.73
N SER A 8 -16.00 13.71 8.32
CA SER A 8 -14.57 13.51 8.11
C SER A 8 -14.21 13.68 6.64
N TRP A 9 -12.91 13.78 6.35
CA TRP A 9 -12.44 13.94 4.99
C TRP A 9 -12.48 12.61 4.24
N VAL A 10 -13.57 12.39 3.51
CA VAL A 10 -13.73 11.16 2.75
C VAL A 10 -14.06 11.45 1.29
N CYS A 11 -13.02 11.65 0.49
CA CYS A 11 -13.19 11.94 -0.93
C CYS A 11 -12.00 11.42 -1.74
N GLY A 12 -12.24 10.39 -2.54
CA GLY A 12 -11.18 9.82 -3.35
C GLY A 12 -11.54 9.77 -4.82
N PHE A 13 -10.99 8.79 -5.53
CA PHE A 13 -11.25 8.64 -6.96
C PHE A 13 -11.78 7.24 -7.27
N SER A 14 -12.79 7.17 -8.13
CA SER A 14 -13.39 5.90 -8.51
C SER A 14 -14.02 5.98 -9.89
N ASN A 15 -14.50 4.85 -10.39
CA ASN A 15 -15.13 4.79 -11.71
C ASN A 15 -14.15 5.23 -12.79
N LEU A 16 -12.88 4.90 -12.60
CA LEU A 16 -11.84 5.26 -13.57
C LEU A 16 -10.95 4.07 -13.87
N GLU A 17 -10.58 3.91 -15.13
CA GLU A 17 -9.71 2.82 -15.56
C GLU A 17 -8.74 3.27 -16.64
N SER A 18 -7.58 2.63 -16.68
CA SER A 18 -6.56 2.96 -17.67
C SER A 18 -6.13 4.42 -17.54
N GLN A 19 -6.16 4.93 -16.31
CA GLN A 19 -5.77 6.31 -16.05
C GLN A 19 -4.61 6.38 -15.07
N VAL A 20 -4.02 7.56 -14.94
CA VAL A 20 -2.90 7.76 -14.02
C VAL A 20 -3.14 8.97 -13.12
N LEU A 21 -3.36 8.71 -11.84
CA LEU A 21 -3.60 9.78 -10.88
C LEU A 21 -2.29 10.22 -10.22
N GLU A 22 -2.33 11.39 -9.57
CA GLU A 22 -1.14 11.92 -8.90
C GLU A 22 -1.54 13.03 -7.93
N LYS A 23 -0.99 12.96 -6.72
CA LYS A 23 -1.27 13.95 -5.69
C LYS A 23 0.01 14.49 -5.09
N ARG A 24 -0.09 15.61 -4.38
CA ARG A 24 1.07 16.23 -3.74
C ARG A 24 0.87 16.33 -2.23
N ALA A 25 1.96 16.60 -1.51
CA ALA A 25 1.90 16.71 -0.06
C ALA A 25 1.00 17.87 0.36
N SER A 26 1.14 19.00 -0.31
CA SER A 26 0.33 20.17 -0.01
C SER A 26 -1.14 19.93 -0.32
N GLU A 27 -1.39 19.11 -1.34
CA GLU A 27 -2.75 18.79 -1.75
C GLU A 27 -3.43 17.89 -0.72
N LEU A 28 -2.68 16.94 -0.18
CA LEU A 28 -3.21 16.02 0.82
C LEU A 28 -3.31 16.71 2.19
N HIS A 29 -2.17 17.14 2.72
CA HIS A 29 -2.13 17.80 4.01
C HIS A 29 -2.67 16.89 5.11
N GLN A 30 -2.26 15.63 5.07
CA GLN A 30 -2.69 14.65 6.06
C GLN A 30 -4.20 14.42 5.99
N ARG A 31 -4.62 13.65 4.99
CA ARG A 31 -6.04 13.36 4.82
C ARG A 31 -6.27 11.86 4.63
N ASP A 32 -7.53 11.48 4.40
CA ASP A 32 -7.88 10.08 4.21
C ASP A 32 -8.10 9.78 2.72
N VAL A 33 -7.43 8.75 2.22
CA VAL A 33 -7.55 8.36 0.83
C VAL A 33 -8.50 7.18 0.67
N LEU A 34 -9.23 7.15 -0.44
CA LEU A 34 -10.18 6.08 -0.72
C LEU A 34 -10.30 5.82 -2.21
N LEU A 35 -9.66 4.75 -2.67
CA LEU A 35 -9.69 4.39 -4.09
C LEU A 35 -10.38 3.04 -4.29
N THR A 36 -11.40 3.03 -5.14
CA THR A 36 -12.13 1.80 -5.43
C THR A 36 -12.73 1.83 -6.83
N GLU A 37 -13.11 0.67 -7.33
CA GLU A 37 -13.69 0.56 -8.67
C GLU A 37 -12.71 1.04 -9.73
N LEU A 38 -11.44 0.72 -9.54
CA LEU A 38 -10.40 1.12 -10.48
C LEU A 38 -9.67 -0.11 -11.04
N SER A 39 -9.41 -0.07 -12.33
CA SER A 39 -8.72 -1.18 -13.00
C SER A 39 -7.70 -0.65 -14.00
N ASN A 40 -6.47 -1.13 -13.90
CA ASN A 40 -5.40 -0.71 -14.79
C ASN A 40 -5.17 0.79 -14.69
N CYS A 41 -5.41 1.34 -13.50
CA CYS A 41 -5.22 2.77 -13.25
C CYS A 41 -4.11 3.00 -12.23
N THR A 42 -2.97 3.48 -12.71
CA THR A 42 -1.83 3.75 -11.84
C THR A 42 -2.11 4.95 -10.93
N VAL A 43 -1.72 4.82 -9.67
CA VAL A 43 -1.93 5.89 -8.70
C VAL A 43 -0.65 6.20 -7.93
N ARG A 44 -0.40 7.48 -7.69
CA ARG A 44 0.80 7.91 -6.97
C ARG A 44 0.48 9.07 -6.03
N LEU A 45 0.82 8.91 -4.75
CA LEU A 45 0.57 9.94 -3.75
C LEU A 45 1.88 10.44 -3.16
N TYR A 46 2.04 11.76 -3.13
CA TYR A 46 3.24 12.37 -2.58
C TYR A 46 2.94 13.15 -1.31
N GLY A 47 3.65 12.84 -0.24
CA GLY A 47 3.43 13.52 1.03
C GLY A 47 3.34 12.55 2.19
N ASN A 48 2.39 12.80 3.09
CA ASN A 48 2.19 11.95 4.26
C ASN A 48 0.74 11.97 4.71
N PRO A 49 -0.10 11.09 4.14
CA PRO A 49 -1.52 11.01 4.49
C PRO A 49 -1.74 10.37 5.86
N ASN A 50 -2.93 10.61 6.43
CA ASN A 50 -3.27 10.05 7.73
C ASN A 50 -3.45 8.53 7.65
N THR A 51 -4.45 8.11 6.89
CA THR A 51 -4.72 6.68 6.73
C THR A 51 -4.91 6.33 5.25
N LEU A 52 -4.41 5.16 4.86
CA LEU A 52 -4.52 4.71 3.48
C LEU A 52 -5.51 3.55 3.36
N ARG A 53 -6.53 3.71 2.53
CA ARG A 53 -7.53 2.68 2.34
C ARG A 53 -7.75 2.40 0.85
N LEU A 54 -7.40 1.20 0.42
CA LEU A 54 -7.57 0.82 -0.99
C LEU A 54 -8.27 -0.53 -1.10
N THR A 55 -9.31 -0.58 -1.92
CA THR A 55 -10.08 -1.80 -2.12
C THR A 55 -10.69 -1.84 -3.52
N LYS A 56 -11.09 -3.04 -3.94
CA LYS A 56 -11.68 -3.21 -5.26
C LYS A 56 -10.72 -2.77 -6.36
N ALA A 57 -9.44 -2.95 -6.11
CA ALA A 57 -8.41 -2.56 -7.09
C ALA A 57 -7.86 -3.79 -7.82
N HIS A 58 -7.99 -3.78 -9.14
CA HIS A 58 -7.51 -4.89 -9.95
C HIS A 58 -6.54 -4.40 -11.02
N SER A 59 -5.33 -4.98 -11.02
CA SER A 59 -4.32 -4.59 -11.99
C SER A 59 -3.97 -3.12 -11.87
N CYS A 60 -4.07 -2.58 -10.65
CA CYS A 60 -3.76 -1.18 -10.41
C CYS A 60 -2.48 -1.03 -9.60
N LYS A 61 -1.95 0.19 -9.54
CA LYS A 61 -0.73 0.46 -8.81
C LYS A 61 -0.95 1.54 -7.76
N LEU A 62 -0.04 1.62 -6.79
CA LEU A 62 -0.14 2.62 -5.73
C LEU A 62 1.21 2.91 -5.12
N LEU A 63 1.62 4.17 -5.16
CA LEU A 63 2.90 4.58 -4.61
C LEU A 63 2.74 5.79 -3.70
N CYS A 64 2.71 5.55 -2.39
CA CYS A 64 2.56 6.63 -1.42
C CYS A 64 3.67 6.59 -0.38
N GLY A 65 3.96 7.74 0.22
CA GLY A 65 5.00 7.81 1.23
C GLY A 65 4.61 7.15 2.53
N PRO A 66 5.50 7.17 3.54
CA PRO A 66 5.22 6.57 4.84
C PRO A 66 3.95 7.13 5.49
N VAL A 67 2.90 6.32 5.53
CA VAL A 67 1.63 6.74 6.10
C VAL A 67 1.81 7.18 7.56
N SER A 68 0.86 7.98 8.05
CA SER A 68 0.91 8.48 9.42
C SER A 68 0.57 7.36 10.41
N THR A 69 -0.55 6.70 10.18
CA THR A 69 -0.99 5.61 11.05
C THR A 69 -0.69 4.25 10.44
N SER A 70 -1.54 3.82 9.50
CA SER A 70 -1.35 2.52 8.84
C SER A 70 -2.18 2.45 7.56
N VAL A 71 -2.10 1.32 6.88
CA VAL A 71 -2.83 1.13 5.64
C VAL A 71 -3.79 -0.06 5.75
N PHE A 72 -4.82 -0.06 4.91
CA PHE A 72 -5.81 -1.14 4.93
C PHE A 72 -6.14 -1.58 3.50
N LEU A 73 -6.15 -2.89 3.28
CA LEU A 73 -6.46 -3.44 1.95
C LEU A 73 -7.60 -4.45 2.05
N GLU A 74 -8.43 -4.49 1.01
CA GLU A 74 -9.56 -5.42 0.97
C GLU A 74 -10.13 -5.52 -0.44
N ASP A 75 -10.47 -6.74 -0.84
CA ASP A 75 -11.03 -6.97 -2.17
C ASP A 75 -10.04 -6.55 -3.26
N CYS A 76 -8.77 -6.86 -3.04
CA CYS A 76 -7.72 -6.51 -4.00
C CYS A 76 -7.17 -7.76 -4.66
N SER A 77 -6.75 -7.63 -5.93
CA SER A 77 -6.20 -8.75 -6.67
C SER A 77 -5.36 -8.26 -7.85
N ASP A 78 -4.17 -8.83 -7.99
CA ASP A 78 -3.26 -8.44 -9.07
C ASP A 78 -2.91 -6.96 -8.99
N CYS A 79 -2.89 -6.43 -7.78
CA CYS A 79 -2.57 -5.02 -7.56
C CYS A 79 -1.16 -4.87 -7.00
N VAL A 80 -0.61 -3.66 -7.14
CA VAL A 80 0.73 -3.38 -6.64
C VAL A 80 0.73 -2.18 -5.71
N LEU A 81 0.54 -2.44 -4.41
CA LEU A 81 0.51 -1.39 -3.41
C LEU A 81 1.86 -1.24 -2.73
N ALA A 82 2.46 -0.06 -2.84
CA ALA A 82 3.76 0.21 -2.24
C ALA A 82 3.71 1.43 -1.34
N VAL A 83 3.88 1.22 -0.04
CA VAL A 83 3.84 2.31 0.93
C VAL A 83 4.30 1.84 2.31
N ALA A 84 5.08 2.68 2.98
CA ALA A 84 5.59 2.34 4.31
C ALA A 84 4.55 2.66 5.38
N CYS A 85 4.42 1.75 6.35
CA CYS A 85 3.47 1.94 7.44
C CYS A 85 3.87 1.12 8.66
N GLN A 86 3.15 1.32 9.76
CA GLN A 86 3.43 0.60 10.99
C GLN A 86 2.66 -0.71 11.05
N GLN A 87 1.40 -0.67 10.64
CA GLN A 87 0.55 -1.86 10.64
C GLN A 87 -0.12 -2.05 9.28
N LEU A 88 -0.64 -3.24 9.04
CA LEU A 88 -1.30 -3.55 7.78
C LEU A 88 -2.43 -4.58 8.00
N ARG A 89 -3.60 -4.28 7.44
CA ARG A 89 -4.74 -5.16 7.57
C ARG A 89 -5.23 -5.63 6.20
N ILE A 90 -4.94 -6.90 5.88
CA ILE A 90 -5.34 -7.47 4.60
C ILE A 90 -6.54 -8.38 4.76
N HIS A 91 -7.39 -8.43 3.74
CA HIS A 91 -8.58 -9.26 3.78
C HIS A 91 -9.11 -9.52 2.37
N SER A 92 -9.41 -10.78 2.07
CA SER A 92 -9.92 -11.15 0.76
C SER A 92 -8.94 -10.77 -0.35
N THR A 93 -7.66 -10.74 -0.01
CA THR A 93 -6.62 -10.39 -0.97
C THR A 93 -5.99 -11.65 -1.57
N LYS A 94 -5.84 -11.66 -2.89
CA LYS A 94 -5.25 -12.79 -3.59
C LYS A 94 -4.47 -12.34 -4.82
N ASP A 95 -3.26 -12.86 -4.98
CA ASP A 95 -2.42 -12.52 -6.11
C ASP A 95 -2.15 -11.02 -6.15
N THR A 96 -1.92 -10.43 -4.98
CA THR A 96 -1.65 -9.00 -4.89
C THR A 96 -0.28 -8.74 -4.27
N ARG A 97 0.65 -8.24 -5.07
CA ARG A 97 2.00 -7.95 -4.60
C ARG A 97 2.03 -6.62 -3.85
N ILE A 98 2.27 -6.68 -2.56
CA ILE A 98 2.33 -5.49 -1.73
C ILE A 98 3.74 -5.25 -1.19
N PHE A 99 4.38 -4.19 -1.64
CA PHE A 99 5.72 -3.85 -1.20
C PHE A 99 5.69 -2.75 -0.15
N LEU A 100 5.66 -3.15 1.12
CA LEU A 100 5.63 -2.19 2.22
C LEU A 100 6.70 -2.53 3.26
N GLN A 101 6.79 -1.71 4.30
CA GLN A 101 7.76 -1.91 5.37
C GLN A 101 7.11 -1.72 6.73
N VAL A 102 6.59 -2.81 7.29
CA VAL A 102 5.95 -2.76 8.61
C VAL A 102 6.98 -2.76 9.72
N THR A 103 6.75 -1.93 10.73
CA THR A 103 7.65 -1.83 11.88
C THR A 103 7.05 -2.50 13.11
N SER A 104 5.72 -2.46 13.20
CA SER A 104 5.02 -3.06 14.33
C SER A 104 4.63 -4.50 14.03
N ARG A 105 3.67 -4.69 13.11
CA ARG A 105 3.22 -6.02 12.74
C ARG A 105 2.18 -5.94 11.61
N ALA A 106 1.73 -7.10 11.15
CA ALA A 106 0.75 -7.17 10.08
C ALA A 106 -0.32 -8.21 10.39
N ILE A 107 -1.52 -8.00 9.84
CA ILE A 107 -2.63 -8.92 10.06
C ILE A 107 -3.25 -9.35 8.73
N VAL A 108 -3.41 -10.66 8.56
CA VAL A 108 -4.00 -11.20 7.35
C VAL A 108 -5.10 -12.21 7.66
N GLU A 109 -6.24 -12.04 7.01
CA GLU A 109 -7.37 -12.94 7.23
C GLU A 109 -8.08 -13.26 5.91
N ASP A 110 -8.32 -14.54 5.67
CA ASP A 110 -8.98 -14.98 4.44
C ASP A 110 -8.19 -14.57 3.21
N CYS A 111 -6.86 -14.51 3.36
CA CYS A 111 -5.98 -14.13 2.27
C CYS A 111 -5.16 -15.32 1.79
N SER A 112 -4.73 -15.27 0.53
CA SER A 112 -3.93 -16.35 -0.05
C SER A 112 -3.07 -15.83 -1.20
N GLY A 113 -1.81 -16.22 -1.21
CA GLY A 113 -0.90 -15.79 -2.25
C GLY A 113 -0.42 -14.36 -2.07
N ILE A 114 -0.38 -13.92 -0.81
CA ILE A 114 0.05 -12.57 -0.49
C ILE A 114 1.58 -12.48 -0.46
N GLN A 115 2.12 -11.52 -1.22
CA GLN A 115 3.56 -11.33 -1.28
C GLN A 115 3.97 -10.07 -0.52
N PHE A 116 4.85 -10.24 0.47
CA PHE A 116 5.32 -9.12 1.27
C PHE A 116 6.78 -8.80 0.94
N ALA A 117 6.99 -7.65 0.29
CA ALA A 117 8.33 -7.23 -0.08
C ALA A 117 8.68 -5.87 0.55
N PRO A 118 9.96 -5.65 0.90
CA PRO A 118 10.40 -4.40 1.51
C PRO A 118 10.03 -3.18 0.67
N TYR A 119 10.47 -2.01 1.11
CA TYR A 119 10.18 -0.77 0.40
C TYR A 119 11.32 -0.43 -0.56
N THR A 120 11.10 -0.70 -1.85
CA THR A 120 12.10 -0.42 -2.87
C THR A 120 12.03 1.03 -3.33
N TRP A 121 10.81 1.57 -3.37
CA TRP A 121 10.60 2.94 -3.80
C TRP A 121 11.35 3.91 -2.89
N SER A 122 12.44 4.48 -3.41
CA SER A 122 13.25 5.42 -2.65
C SER A 122 13.29 6.78 -3.34
N TYR A 123 13.52 7.83 -2.55
CA TYR A 123 13.58 9.19 -3.10
C TYR A 123 14.68 9.99 -2.41
N PRO A 124 15.20 11.04 -3.08
CA PRO A 124 16.26 11.89 -2.52
C PRO A 124 15.91 12.41 -1.14
N GLU A 125 14.75 13.05 -1.02
CA GLU A 125 14.30 13.60 0.26
C GLU A 125 13.27 12.68 0.92
N ILE A 126 13.50 11.38 0.80
CA ILE A 126 12.61 10.39 1.38
C ILE A 126 12.81 10.30 2.89
N ASP A 127 14.03 10.50 3.34
CA ASP A 127 14.36 10.44 4.75
C ASP A 127 13.54 11.44 5.55
N LYS A 128 13.50 12.68 5.07
CA LYS A 128 12.74 13.73 5.75
C LYS A 128 11.26 13.37 5.82
N ASP A 129 10.79 12.63 4.83
CA ASP A 129 9.39 12.21 4.79
C ASP A 129 9.05 11.28 5.95
N PHE A 130 9.92 10.29 6.16
CA PHE A 130 9.72 9.32 7.24
C PHE A 130 9.80 10.00 8.60
N GLU A 131 10.71 10.96 8.71
CA GLU A 131 10.90 11.69 9.97
C GLU A 131 9.64 12.48 10.32
N SER A 132 8.94 12.94 9.30
CA SER A 132 7.72 13.72 9.49
C SER A 132 6.67 12.91 10.26
N SER A 133 6.24 11.81 9.67
CA SER A 133 5.24 10.95 10.28
C SER A 133 5.75 10.41 11.63
N GLY A 134 7.05 10.17 11.70
CA GLY A 134 7.64 9.65 12.93
C GLY A 134 7.99 8.18 12.83
N LEU A 135 8.29 7.73 11.62
CA LEU A 135 8.65 6.33 11.39
C LEU A 135 10.15 6.13 11.50
N ASP A 136 10.56 4.90 11.78
CA ASP A 136 11.98 4.58 11.92
C ASP A 136 12.49 3.84 10.68
N ARG A 137 13.65 4.27 10.19
CA ARG A 137 14.24 3.66 9.00
C ARG A 137 15.40 2.75 9.40
N SER A 138 15.30 2.16 10.58
CA SER A 138 16.34 1.25 11.08
C SER A 138 15.79 -0.14 11.29
N LYS A 139 14.80 -0.25 12.18
CA LYS A 139 14.19 -1.55 12.48
C LYS A 139 13.14 -1.90 11.44
N ASN A 140 13.21 -3.12 10.91
CA ASN A 140 12.27 -3.58 9.90
C ASN A 140 11.90 -5.04 10.13
N ASN A 141 10.61 -5.30 10.32
CA ASN A 141 10.13 -6.65 10.56
C ASN A 141 9.06 -7.04 9.52
N TRP A 142 9.38 -6.84 8.25
CA TRP A 142 8.46 -7.17 7.17
C TRP A 142 8.32 -8.68 7.01
N ASN A 143 9.38 -9.41 7.32
CA ASN A 143 9.36 -10.86 7.22
C ASN A 143 8.33 -11.47 8.16
N ASP A 144 8.46 -11.15 9.45
CA ASP A 144 7.54 -11.66 10.45
C ASP A 144 6.13 -11.10 10.24
N VAL A 145 5.15 -11.99 10.17
CA VAL A 145 3.77 -11.59 9.98
C VAL A 145 2.82 -12.45 10.81
N ASP A 146 1.81 -11.81 11.40
CA ASP A 146 0.84 -12.51 12.22
C ASP A 146 -0.21 -13.19 11.34
N ASP A 147 -0.36 -14.50 11.51
CA ASP A 147 -1.34 -15.26 10.74
C ASP A 147 -2.56 -15.61 11.59
N PHE A 148 -3.72 -15.66 10.96
CA PHE A 148 -4.96 -15.99 11.66
C PHE A 148 -5.56 -17.28 11.12
N ASN A 149 -5.91 -17.28 9.84
CA ASN A 149 -6.49 -18.46 9.21
C ASN A 149 -5.41 -19.45 8.79
N TRP A 150 -4.89 -20.20 9.76
CA TRP A 150 -3.84 -21.17 9.50
C TRP A 150 -4.41 -22.40 8.79
N LEU A 151 -5.20 -23.20 9.51
CA LEU A 151 -5.80 -24.40 8.95
C LEU A 151 -4.74 -25.30 8.32
N ALA A 152 -4.17 -26.19 9.13
CA ALA A 152 -3.15 -27.11 8.65
C ALA A 152 -2.69 -28.05 9.76
N ARG A 153 -2.42 -27.48 10.94
CA ARG A 153 -1.97 -28.25 12.08
C ARG A 153 -0.64 -28.94 11.78
N ASP A 154 0.18 -28.30 10.95
CA ASP A 154 1.47 -28.84 10.59
C ASP A 154 2.48 -27.73 10.32
N MET A 155 2.26 -26.57 10.94
CA MET A 155 3.16 -25.43 10.78
C MET A 155 3.22 -25.01 9.31
N ALA A 156 2.15 -25.29 8.57
CA ALA A 156 2.10 -24.94 7.15
C ALA A 156 0.89 -24.07 6.84
N SER A 157 1.13 -22.86 6.35
CA SER A 157 0.06 -21.94 6.02
C SER A 157 0.27 -21.34 4.63
N PRO A 158 -0.24 -22.01 3.58
CA PRO A 158 -0.09 -21.55 2.20
C PRO A 158 -1.00 -20.35 1.90
N ASN A 159 -0.77 -19.25 2.62
CA ASN A 159 -1.56 -18.04 2.42
C ASN A 159 -0.66 -16.85 2.11
N TRP A 160 0.47 -16.76 2.81
CA TRP A 160 1.41 -15.66 2.60
C TRP A 160 2.77 -16.19 2.14
N SER A 161 3.34 -15.55 1.13
CA SER A 161 4.63 -15.97 0.59
C SER A 161 5.54 -14.76 0.38
N ILE A 162 6.79 -15.03 0.03
CA ILE A 162 7.77 -13.96 -0.21
C ILE A 162 8.18 -13.91 -1.68
N LEU A 163 8.31 -12.70 -2.21
CA LEU A 163 8.71 -12.52 -3.61
C LEU A 163 10.22 -12.69 -3.76
N PRO A 164 10.66 -13.38 -4.83
CA PRO A 164 12.09 -13.60 -5.09
C PRO A 164 12.82 -12.31 -5.44
N GLU A 165 14.09 -12.23 -5.06
CA GLU A 165 14.90 -11.05 -5.34
C GLU A 165 14.96 -10.76 -6.84
N GLU A 166 14.82 -11.81 -7.65
CA GLU A 166 14.87 -11.67 -9.09
C GLU A 166 13.61 -10.95 -9.61
N GLU A 167 12.53 -11.03 -8.86
CA GLU A 167 11.28 -10.39 -9.25
C GLU A 167 11.12 -9.03 -8.56
N ARG A 168 12.24 -8.40 -8.25
CA ARG A 168 12.22 -7.10 -7.59
C ARG A 168 12.60 -5.98 -8.57
N ASN A 169 12.24 -6.18 -9.84
CA ASN A 169 12.55 -5.20 -10.87
C ASN A 169 11.30 -4.87 -11.68
N ILE A 170 10.53 -3.89 -11.20
CA ILE A 170 9.30 -3.48 -11.88
C ILE A 170 9.49 -2.14 -12.58
N GLN A 171 8.77 -1.94 -13.68
CA GLN A 171 8.86 -0.70 -14.44
C GLN A 171 7.77 0.27 -14.01
N TRP A 172 8.19 1.50 -13.68
CA TRP A 172 7.24 2.53 -13.25
C TRP A 172 6.88 3.45 -14.40
N ASP A 173 7.84 4.25 -14.85
CA ASP A 173 7.61 5.17 -15.96
C ASP A 173 8.09 4.57 -17.28
N SER A 174 9.41 4.40 -17.40
CA SER A 174 10.00 3.84 -18.60
C SER A 174 11.51 3.68 -18.45
N GLY A 175 11.94 3.29 -17.25
CA GLY A 175 13.35 3.11 -17.00
C GLY A 175 14.00 4.34 -16.38
N PRO A 176 15.04 4.16 -15.55
CA PRO A 176 15.73 5.27 -14.89
C PRO A 176 16.19 6.32 -15.90
N SER A 177 16.48 7.53 -15.40
CA SER A 177 16.94 8.62 -16.25
C SER A 177 18.43 8.87 -16.06
N SER A 178 19.22 8.47 -17.05
CA SER A 178 20.66 8.65 -17.00
C SER A 178 21.15 9.49 -18.17
N GLY A 179 21.62 10.70 -17.87
CA GLY A 179 22.11 11.59 -18.91
C GLY A 179 20.99 12.18 -19.74
N GLY A 1 -24.22 12.31 -3.62
CA GLY A 1 -24.56 13.69 -3.19
C GLY A 1 -24.68 13.82 -1.68
N SER A 2 -23.57 13.60 -0.98
CA SER A 2 -23.55 13.69 0.47
C SER A 2 -22.49 14.68 0.95
N SER A 3 -22.35 15.78 0.22
CA SER A 3 -21.37 16.80 0.56
C SER A 3 -22.04 17.95 1.30
N GLY A 4 -21.32 18.53 2.26
CA GLY A 4 -21.86 19.64 3.03
C GLY A 4 -22.21 19.24 4.45
N SER A 5 -21.24 19.38 5.36
CA SER A 5 -21.45 19.03 6.75
C SER A 5 -20.70 19.98 7.68
N SER A 6 -20.53 21.22 7.23
CA SER A 6 -19.82 22.23 8.00
C SER A 6 -18.40 21.79 8.31
N GLY A 7 -17.82 21.00 7.41
CA GLY A 7 -16.47 20.52 7.61
C GLY A 7 -16.33 19.04 7.31
N SER A 8 -15.65 18.71 6.22
CA SER A 8 -15.45 17.31 5.84
C SER A 8 -14.48 17.21 4.66
N TRP A 9 -13.40 16.47 4.85
CA TRP A 9 -12.40 16.29 3.81
C TRP A 9 -12.36 14.84 3.33
N VAL A 10 -13.15 14.54 2.31
CA VAL A 10 -13.21 13.19 1.76
C VAL A 10 -13.28 13.22 0.24
N CYS A 11 -12.13 13.40 -0.40
CA CYS A 11 -12.06 13.44 -1.86
C CYS A 11 -11.00 12.49 -2.38
N GLY A 12 -11.44 11.39 -2.99
CA GLY A 12 -10.51 10.42 -3.53
C GLY A 12 -10.65 10.26 -5.03
N PHE A 13 -10.29 9.08 -5.53
CA PHE A 13 -10.37 8.81 -6.97
C PHE A 13 -11.00 7.44 -7.22
N SER A 14 -12.00 7.40 -8.09
CA SER A 14 -12.68 6.15 -8.42
C SER A 14 -13.27 6.20 -9.83
N ASN A 15 -13.77 5.08 -10.30
CA ASN A 15 -14.37 5.00 -11.63
C ASN A 15 -13.35 5.37 -12.70
N LEU A 16 -12.10 4.94 -12.50
CA LEU A 16 -11.04 5.22 -13.45
C LEU A 16 -10.50 3.94 -14.06
N GLU A 17 -10.14 4.00 -15.34
CA GLU A 17 -9.60 2.84 -16.04
C GLU A 17 -8.51 3.25 -17.02
N SER A 18 -7.34 2.65 -16.87
CA SER A 18 -6.21 2.94 -17.74
C SER A 18 -5.80 4.41 -17.62
N GLN A 19 -5.89 4.96 -16.41
CA GLN A 19 -5.55 6.35 -16.16
C GLN A 19 -4.37 6.45 -15.20
N VAL A 20 -3.81 7.66 -15.08
CA VAL A 20 -2.69 7.89 -14.18
C VAL A 20 -2.89 9.16 -13.37
N LEU A 21 -3.00 9.00 -12.05
CA LEU A 21 -3.20 10.13 -11.16
C LEU A 21 -1.91 10.46 -10.41
N GLU A 22 -1.80 11.71 -9.96
CA GLU A 22 -0.62 12.17 -9.23
C GLU A 22 -0.99 13.22 -8.20
N LYS A 23 -0.88 12.85 -6.93
CA LYS A 23 -1.20 13.76 -5.83
C LYS A 23 0.07 14.28 -5.16
N ARG A 24 -0.10 15.13 -4.15
CA ARG A 24 1.03 15.69 -3.43
C ARG A 24 0.67 15.93 -1.96
N ALA A 25 1.63 16.43 -1.20
CA ALA A 25 1.42 16.71 0.21
C ALA A 25 0.29 17.72 0.42
N SER A 26 0.35 18.82 -0.32
CA SER A 26 -0.67 19.86 -0.22
C SER A 26 -2.04 19.32 -0.63
N GLU A 27 -2.05 18.38 -1.57
CA GLU A 27 -3.29 17.79 -2.05
C GLU A 27 -3.88 16.85 -1.01
N LEU A 28 -3.01 16.18 -0.25
CA LEU A 28 -3.44 15.25 0.78
C LEU A 28 -3.76 15.99 2.08
N HIS A 29 -2.90 16.93 2.45
CA HIS A 29 -3.10 17.71 3.66
C HIS A 29 -3.12 16.80 4.89
N GLN A 30 -2.50 15.64 4.78
CA GLN A 30 -2.45 14.68 5.89
C GLN A 30 -3.86 14.35 6.36
N ARG A 31 -4.50 13.39 5.70
CA ARG A 31 -5.85 12.98 6.07
C ARG A 31 -6.17 11.60 5.51
N ASP A 32 -7.39 11.12 5.76
CA ASP A 32 -7.80 9.81 5.29
C ASP A 32 -7.95 9.80 3.76
N VAL A 33 -7.71 8.65 3.16
CA VAL A 33 -7.82 8.51 1.72
C VAL A 33 -8.76 7.37 1.34
N LEU A 34 -9.28 7.42 0.12
CA LEU A 34 -10.20 6.39 -0.36
C LEU A 34 -10.00 6.14 -1.86
N LEU A 35 -9.84 4.87 -2.22
CA LEU A 35 -9.64 4.49 -3.61
C LEU A 35 -10.31 3.16 -3.91
N THR A 36 -11.28 3.18 -4.83
CA THR A 36 -12.00 1.96 -5.20
C THR A 36 -12.52 2.07 -6.63
N GLU A 37 -13.02 0.95 -7.16
CA GLU A 37 -13.56 0.92 -8.51
C GLU A 37 -12.49 1.31 -9.53
N LEU A 38 -11.25 0.90 -9.26
CA LEU A 38 -10.14 1.20 -10.15
C LEU A 38 -9.66 -0.05 -10.87
N SER A 39 -9.45 0.05 -12.17
CA SER A 39 -9.00 -1.08 -12.97
C SER A 39 -7.92 -0.64 -13.96
N ASN A 40 -6.76 -1.27 -13.89
CA ASN A 40 -5.65 -0.95 -14.79
C ASN A 40 -5.25 0.52 -14.64
N CYS A 41 -5.41 1.05 -13.44
CA CYS A 41 -5.06 2.44 -13.17
C CYS A 41 -3.84 2.54 -12.26
N THR A 42 -3.23 3.71 -12.21
CA THR A 42 -2.06 3.94 -11.38
C THR A 42 -2.23 5.17 -10.50
N VAL A 43 -1.73 5.09 -9.27
CA VAL A 43 -1.82 6.20 -8.33
C VAL A 43 -0.47 6.54 -7.73
N ARG A 44 -0.15 7.83 -7.71
CA ARG A 44 1.13 8.29 -7.17
C ARG A 44 0.91 9.36 -6.11
N LEU A 45 0.98 8.95 -4.84
CA LEU A 45 0.79 9.88 -3.73
C LEU A 45 2.13 10.38 -3.20
N TYR A 46 2.37 11.67 -3.31
CA TYR A 46 3.62 12.26 -2.83
C TYR A 46 3.38 13.09 -1.57
N GLY A 47 3.69 12.51 -0.42
CA GLY A 47 3.50 13.20 0.83
C GLY A 47 3.38 12.25 2.01
N ASN A 48 2.60 12.65 3.01
CA ASN A 48 2.40 11.83 4.20
C ASN A 48 0.96 11.92 4.69
N PRO A 49 0.05 11.11 4.10
CA PRO A 49 -1.37 11.11 4.48
C PRO A 49 -1.59 10.51 5.86
N ASN A 50 -2.82 10.61 6.36
CA ASN A 50 -3.17 10.08 7.67
C ASN A 50 -3.44 8.59 7.60
N THR A 51 -4.53 8.22 6.91
CA THR A 51 -4.91 6.82 6.76
C THR A 51 -5.25 6.51 5.31
N LEU A 52 -4.38 5.75 4.66
CA LEU A 52 -4.60 5.37 3.26
C LEU A 52 -5.51 4.15 3.17
N ARG A 53 -6.31 4.11 2.11
CA ARG A 53 -7.24 3.00 1.90
C ARG A 53 -7.32 2.63 0.42
N LEU A 54 -7.19 1.34 0.13
CA LEU A 54 -7.25 0.86 -1.25
C LEU A 54 -7.97 -0.48 -1.33
N THR A 55 -9.22 -0.44 -1.78
CA THR A 55 -10.02 -1.66 -1.90
C THR A 55 -10.73 -1.71 -3.26
N LYS A 56 -11.17 -2.90 -3.64
CA LYS A 56 -11.86 -3.08 -4.90
C LYS A 56 -10.97 -2.70 -6.08
N ALA A 57 -9.69 -3.05 -5.97
CA ALA A 57 -8.72 -2.74 -7.02
C ALA A 57 -8.39 -3.99 -7.84
N HIS A 58 -8.04 -3.78 -9.11
CA HIS A 58 -7.69 -4.88 -10.00
C HIS A 58 -6.66 -4.44 -11.03
N SER A 59 -5.46 -5.00 -10.93
CA SER A 59 -4.38 -4.67 -11.86
C SER A 59 -4.04 -3.18 -11.78
N CYS A 60 -4.09 -2.62 -10.58
CA CYS A 60 -3.78 -1.21 -10.37
C CYS A 60 -2.55 -1.04 -9.49
N LYS A 61 -1.74 -0.04 -9.79
CA LYS A 61 -0.53 0.23 -9.03
C LYS A 61 -0.69 1.49 -8.18
N LEU A 62 -0.23 1.41 -6.94
CA LEU A 62 -0.33 2.54 -6.02
C LEU A 62 0.99 2.79 -5.31
N LEU A 63 1.41 4.05 -5.24
CA LEU A 63 2.66 4.42 -4.59
C LEU A 63 2.46 5.63 -3.68
N CYS A 64 2.74 5.44 -2.40
CA CYS A 64 2.59 6.51 -1.42
C CYS A 64 3.69 6.46 -0.38
N GLY A 65 3.97 7.60 0.25
CA GLY A 65 4.99 7.67 1.26
C GLY A 65 4.57 7.03 2.56
N PRO A 66 5.44 7.02 3.59
CA PRO A 66 5.13 6.43 4.89
C PRO A 66 3.88 7.03 5.52
N VAL A 67 2.80 6.27 5.50
CA VAL A 67 1.53 6.72 6.07
C VAL A 67 1.68 7.09 7.54
N SER A 68 0.77 7.90 8.05
CA SER A 68 0.80 8.33 9.45
C SER A 68 0.48 7.17 10.38
N THR A 69 -0.66 6.54 10.15
CA THR A 69 -1.09 5.41 10.97
C THR A 69 -0.84 4.09 10.25
N SER A 70 -1.70 3.76 9.30
CA SER A 70 -1.57 2.52 8.54
C SER A 70 -2.44 2.56 7.28
N VAL A 71 -2.41 1.47 6.51
CA VAL A 71 -3.19 1.38 5.28
C VAL A 71 -4.03 0.12 5.27
N PHE A 72 -5.22 0.21 4.69
CA PHE A 72 -6.13 -0.94 4.62
C PHE A 72 -6.30 -1.39 3.17
N LEU A 73 -6.47 -2.69 2.97
CA LEU A 73 -6.64 -3.26 1.64
C LEU A 73 -7.64 -4.41 1.67
N GLU A 74 -8.55 -4.42 0.70
CA GLU A 74 -9.56 -5.47 0.61
C GLU A 74 -10.15 -5.54 -0.79
N ASP A 75 -10.53 -6.74 -1.21
CA ASP A 75 -11.12 -6.95 -2.53
C ASP A 75 -10.15 -6.53 -3.62
N CYS A 76 -8.87 -6.83 -3.42
CA CYS A 76 -7.84 -6.49 -4.40
C CYS A 76 -7.17 -7.75 -4.95
N SER A 77 -7.05 -7.82 -6.27
CA SER A 77 -6.43 -8.97 -6.92
C SER A 77 -5.53 -8.53 -8.07
N ASP A 78 -4.37 -9.16 -8.19
CA ASP A 78 -3.42 -8.84 -9.24
C ASP A 78 -2.97 -7.38 -9.14
N CYS A 79 -2.94 -6.87 -7.91
CA CYS A 79 -2.53 -5.49 -7.68
C CYS A 79 -1.14 -5.42 -7.07
N VAL A 80 -0.52 -4.26 -7.14
CA VAL A 80 0.82 -4.07 -6.58
C VAL A 80 0.89 -2.81 -5.71
N LEU A 81 0.61 -2.97 -4.42
CA LEU A 81 0.65 -1.85 -3.50
C LEU A 81 2.05 -1.64 -2.94
N ALA A 82 2.35 -0.40 -2.56
CA ALA A 82 3.66 -0.07 -2.01
C ALA A 82 3.59 1.19 -1.15
N VAL A 83 3.53 1.00 0.16
CA VAL A 83 3.46 2.10 1.10
C VAL A 83 3.90 1.68 2.49
N ALA A 84 4.91 2.36 3.02
CA ALA A 84 5.43 2.07 4.34
C ALA A 84 4.40 2.39 5.43
N CYS A 85 4.29 1.52 6.42
CA CYS A 85 3.35 1.71 7.51
C CYS A 85 3.68 0.80 8.69
N GLN A 86 3.27 1.21 9.88
CA GLN A 86 3.53 0.45 11.09
C GLN A 86 2.74 -0.87 11.08
N GLN A 87 1.51 -0.79 10.60
CA GLN A 87 0.65 -1.97 10.53
C GLN A 87 -0.01 -2.09 9.16
N LEU A 88 -0.22 -3.32 8.71
CA LEU A 88 -0.84 -3.58 7.42
C LEU A 88 -2.00 -4.54 7.55
N ARG A 89 -3.22 -4.00 7.45
CA ARG A 89 -4.43 -4.82 7.56
C ARG A 89 -4.91 -5.26 6.18
N ILE A 90 -4.92 -6.56 5.96
CA ILE A 90 -5.36 -7.12 4.68
C ILE A 90 -6.48 -8.14 4.88
N HIS A 91 -7.50 -8.08 4.03
CA HIS A 91 -8.62 -9.00 4.11
C HIS A 91 -9.24 -9.24 2.73
N SER A 92 -9.51 -10.50 2.42
CA SER A 92 -10.10 -10.85 1.13
C SER A 92 -9.17 -10.50 -0.02
N THR A 93 -7.87 -10.66 0.21
CA THR A 93 -6.87 -10.36 -0.80
C THR A 93 -6.21 -11.64 -1.33
N LYS A 94 -5.87 -11.64 -2.61
CA LYS A 94 -5.24 -12.80 -3.22
C LYS A 94 -4.46 -12.40 -4.48
N ASP A 95 -3.24 -12.90 -4.60
CA ASP A 95 -2.40 -12.60 -5.74
C ASP A 95 -2.15 -11.10 -5.86
N THR A 96 -1.98 -10.44 -4.72
CA THR A 96 -1.73 -9.01 -4.68
C THR A 96 -0.42 -8.69 -4.00
N ARG A 97 0.60 -8.38 -4.79
CA ARG A 97 1.93 -8.06 -4.26
C ARG A 97 1.89 -6.74 -3.49
N ILE A 98 2.62 -6.70 -2.38
CA ILE A 98 2.67 -5.49 -1.56
C ILE A 98 4.09 -5.23 -1.06
N PHE A 99 4.66 -4.10 -1.48
CA PHE A 99 6.01 -3.73 -1.09
C PHE A 99 5.99 -2.63 -0.03
N LEU A 100 6.07 -3.02 1.23
CA LEU A 100 6.05 -2.07 2.33
C LEU A 100 6.99 -2.50 3.45
N GLN A 101 7.19 -1.63 4.43
CA GLN A 101 8.08 -1.92 5.55
C GLN A 101 7.33 -1.78 6.88
N VAL A 102 6.96 -2.91 7.47
CA VAL A 102 6.24 -2.91 8.74
C VAL A 102 7.21 -2.94 9.92
N THR A 103 7.12 -1.93 10.77
CA THR A 103 7.99 -1.84 11.94
C THR A 103 7.52 -2.78 13.04
N SER A 104 6.21 -2.99 13.12
CA SER A 104 5.63 -3.87 14.12
C SER A 104 5.27 -5.22 13.52
N ARG A 105 4.22 -5.24 12.70
CA ARG A 105 3.77 -6.46 12.06
C ARG A 105 2.64 -6.18 11.08
N ALA A 106 2.33 -7.17 10.25
CA ALA A 106 1.26 -7.03 9.26
C ALA A 106 0.07 -7.91 9.60
N ILE A 107 -1.11 -7.31 9.68
CA ILE A 107 -2.33 -8.05 10.00
C ILE A 107 -2.99 -8.59 8.73
N VAL A 108 -3.17 -9.90 8.69
CA VAL A 108 -3.79 -10.55 7.54
C VAL A 108 -4.95 -11.45 7.97
N GLU A 109 -5.87 -11.71 7.05
CA GLU A 109 -7.02 -12.55 7.34
C GLU A 109 -7.76 -12.91 6.05
N ASP A 110 -7.96 -14.21 5.84
CA ASP A 110 -8.66 -14.69 4.65
C ASP A 110 -7.90 -14.29 3.38
N CYS A 111 -6.58 -14.22 3.50
CA CYS A 111 -5.75 -13.85 2.35
C CYS A 111 -4.85 -15.01 1.94
N SER A 112 -4.88 -15.34 0.65
CA SER A 112 -4.06 -16.43 0.12
C SER A 112 -3.34 -16.00 -1.15
N GLY A 113 -2.09 -16.43 -1.27
CA GLY A 113 -1.30 -16.08 -2.44
C GLY A 113 -0.78 -14.66 -2.39
N ILE A 114 -0.58 -14.15 -1.18
CA ILE A 114 -0.08 -12.79 -1.01
C ILE A 114 1.44 -12.74 -1.08
N GLN A 115 1.97 -11.63 -1.59
CA GLN A 115 3.41 -11.47 -1.71
C GLN A 115 3.87 -10.19 -1.02
N PHE A 116 4.70 -10.35 0.00
CA PHE A 116 5.22 -9.21 0.76
C PHE A 116 6.63 -8.85 0.31
N ALA A 117 7.09 -7.67 0.70
CA ALA A 117 8.42 -7.21 0.33
C ALA A 117 8.80 -5.95 1.10
N PRO A 118 10.11 -5.73 1.33
CA PRO A 118 10.60 -4.56 2.06
C PRO A 118 10.45 -3.27 1.25
N TYR A 119 10.17 -2.17 1.95
CA TYR A 119 9.99 -0.88 1.30
C TYR A 119 11.34 -0.20 1.07
N THR A 120 11.53 0.33 -0.13
CA THR A 120 12.78 1.00 -0.48
C THR A 120 12.59 1.92 -1.69
N TRP A 121 11.47 2.65 -1.70
CA TRP A 121 11.17 3.57 -2.79
C TRP A 121 12.22 4.67 -2.88
N SER A 122 12.25 5.35 -4.02
CA SER A 122 13.22 6.42 -4.24
C SER A 122 12.51 7.75 -4.46
N TYR A 123 12.84 8.74 -3.63
CA TYR A 123 12.23 10.06 -3.73
C TYR A 123 13.08 11.11 -3.02
N PRO A 124 13.20 12.32 -3.60
CA PRO A 124 13.99 13.41 -3.01
C PRO A 124 13.42 13.86 -1.66
N GLU A 125 12.13 13.62 -1.45
CA GLU A 125 11.47 14.00 -0.22
C GLU A 125 10.88 12.80 0.49
N ILE A 126 11.71 11.78 0.73
CA ILE A 126 11.27 10.57 1.40
C ILE A 126 11.87 10.46 2.80
N ASP A 127 13.17 10.74 2.90
CA ASP A 127 13.85 10.67 4.19
C ASP A 127 13.32 11.73 5.15
N LYS A 128 12.90 12.86 4.61
CA LYS A 128 12.36 13.95 5.42
C LYS A 128 10.92 13.67 5.81
N ASP A 129 10.18 13.04 4.90
CA ASP A 129 8.77 12.71 5.15
C ASP A 129 8.64 11.64 6.23
N PHE A 130 9.60 10.71 6.25
CA PHE A 130 9.60 9.64 7.23
C PHE A 130 9.73 10.19 8.65
N GLU A 131 10.46 11.30 8.78
CA GLU A 131 10.67 11.93 10.07
C GLU A 131 9.43 12.71 10.51
N SER A 132 8.81 13.40 9.55
CA SER A 132 7.62 14.19 9.83
C SER A 132 6.49 13.31 10.36
N SER A 133 6.47 12.06 9.91
CA SER A 133 5.44 11.11 10.35
C SER A 133 5.78 10.54 11.72
N GLY A 134 7.04 10.18 11.91
CA GLY A 134 7.47 9.62 13.19
C GLY A 134 7.64 8.11 13.13
N LEU A 135 8.01 7.60 11.96
CA LEU A 135 8.19 6.17 11.78
C LEU A 135 9.68 5.83 11.69
N ASP A 136 10.02 4.62 12.12
CA ASP A 136 11.42 4.17 12.08
C ASP A 136 11.68 3.34 10.83
N ARG A 137 12.76 3.69 10.12
CA ARG A 137 13.13 2.98 8.91
C ARG A 137 14.13 1.87 9.20
N SER A 138 14.99 2.09 10.18
CA SER A 138 16.00 1.10 10.57
C SER A 138 15.34 -0.11 11.21
N LYS A 139 14.30 0.13 12.00
CA LYS A 139 13.59 -0.95 12.68
C LYS A 139 12.64 -1.65 11.72
N ASN A 140 13.01 -2.86 11.29
CA ASN A 140 12.20 -3.63 10.37
C ASN A 140 11.76 -4.95 11.01
N ASN A 141 10.76 -5.59 10.42
CA ASN A 141 10.25 -6.86 10.93
C ASN A 141 9.16 -7.41 10.03
N TRP A 142 9.35 -7.27 8.72
CA TRP A 142 8.37 -7.76 7.75
C TRP A 142 8.39 -9.28 7.67
N ASN A 143 9.54 -9.88 7.98
CA ASN A 143 9.68 -11.33 7.96
C ASN A 143 8.66 -12.00 8.87
N ASP A 144 8.30 -11.31 9.95
CA ASP A 144 7.33 -11.83 10.91
C ASP A 144 5.95 -11.25 10.66
N VAL A 145 5.03 -12.09 10.18
CA VAL A 145 3.67 -11.65 9.90
C VAL A 145 2.67 -12.38 10.78
N ASP A 146 1.64 -11.67 11.21
CA ASP A 146 0.60 -12.25 12.07
C ASP A 146 -0.53 -12.84 11.21
N ASP A 147 -0.70 -14.15 11.29
CA ASP A 147 -1.74 -14.84 10.54
C ASP A 147 -2.91 -15.20 11.44
N PHE A 148 -4.11 -14.78 11.05
CA PHE A 148 -5.31 -15.06 11.83
C PHE A 148 -6.07 -16.24 11.25
N ASN A 149 -5.33 -17.20 10.69
CA ASN A 149 -5.94 -18.39 10.10
C ASN A 149 -5.05 -19.61 10.32
N TRP A 150 -4.33 -19.62 11.44
CA TRP A 150 -3.45 -20.73 11.76
C TRP A 150 -4.24 -21.89 12.35
N LEU A 151 -4.41 -22.95 11.57
CA LEU A 151 -5.15 -24.12 12.00
C LEU A 151 -4.20 -25.30 12.25
N ALA A 152 -2.98 -24.99 12.68
CA ALA A 152 -1.98 -26.02 12.94
C ALA A 152 -1.48 -25.93 14.38
N ARG A 153 -0.64 -26.88 14.77
CA ARG A 153 -0.09 -26.92 16.12
C ARG A 153 1.39 -26.51 16.10
N ASP A 154 2.14 -27.07 15.15
CA ASP A 154 3.56 -26.76 15.04
C ASP A 154 4.04 -26.95 13.60
N MET A 155 3.76 -25.97 12.75
CA MET A 155 4.16 -26.02 11.35
C MET A 155 3.80 -24.73 10.62
N ALA A 156 4.51 -24.45 9.53
CA ALA A 156 4.26 -23.25 8.76
C ALA A 156 2.94 -23.34 8.00
N SER A 157 2.41 -22.20 7.58
CA SER A 157 1.16 -22.15 6.85
C SER A 157 1.37 -21.64 5.42
N PRO A 158 1.36 -22.55 4.42
CA PRO A 158 1.56 -22.19 3.02
C PRO A 158 0.39 -21.37 2.46
N ASN A 159 0.18 -20.19 3.02
CA ASN A 159 -0.91 -19.32 2.58
C ASN A 159 -0.36 -17.99 2.06
N TRP A 160 0.65 -17.46 2.74
CA TRP A 160 1.26 -16.20 2.33
C TRP A 160 2.72 -16.40 1.96
N SER A 161 3.04 -16.16 0.69
CA SER A 161 4.41 -16.32 0.20
C SER A 161 5.13 -14.98 0.16
N ILE A 162 6.41 -15.01 -0.18
CA ILE A 162 7.22 -13.79 -0.27
C ILE A 162 7.91 -13.68 -1.62
N LEU A 163 7.95 -12.47 -2.16
CA LEU A 163 8.58 -12.22 -3.45
C LEU A 163 10.08 -12.48 -3.37
N PRO A 164 10.68 -13.09 -4.41
CA PRO A 164 12.11 -13.38 -4.45
C PRO A 164 12.96 -12.12 -4.52
N GLU A 165 14.24 -12.29 -4.82
CA GLU A 165 15.16 -11.16 -4.93
C GLU A 165 15.39 -10.78 -6.38
N GLU A 166 15.29 -11.77 -7.27
CA GLU A 166 15.49 -11.54 -8.70
C GLU A 166 14.33 -10.76 -9.30
N GLU A 167 13.16 -10.86 -8.68
CA GLU A 167 11.98 -10.15 -9.16
C GLU A 167 11.82 -8.79 -8.47
N ARG A 168 12.89 -8.31 -7.84
CA ARG A 168 12.85 -7.03 -7.15
C ARG A 168 13.04 -5.88 -8.14
N ASN A 169 13.79 -6.13 -9.20
CA ASN A 169 14.04 -5.12 -10.21
C ASN A 169 12.80 -4.86 -11.05
N ILE A 170 11.86 -4.10 -10.49
CA ILE A 170 10.63 -3.78 -11.18
C ILE A 170 10.65 -2.35 -11.74
N GLN A 171 10.26 -2.20 -12.99
CA GLN A 171 10.24 -0.89 -13.63
C GLN A 171 8.93 -0.16 -13.35
N TRP A 172 9.02 0.90 -12.54
CA TRP A 172 7.84 1.68 -12.18
C TRP A 172 7.45 2.63 -13.31
N ASP A 173 8.46 3.13 -14.03
CA ASP A 173 8.22 4.05 -15.13
C ASP A 173 7.88 3.28 -16.41
N SER A 174 7.69 4.01 -17.51
CA SER A 174 7.37 3.40 -18.78
C SER A 174 8.23 3.97 -19.91
N GLY A 175 8.89 3.09 -20.65
CA GLY A 175 9.74 3.53 -21.74
C GLY A 175 11.07 2.81 -21.76
N PRO A 176 11.15 1.65 -22.45
CA PRO A 176 12.38 0.87 -22.54
C PRO A 176 13.44 1.56 -23.41
N SER A 177 14.56 1.91 -22.78
CA SER A 177 15.65 2.56 -23.49
C SER A 177 16.73 1.57 -23.88
N SER A 178 16.32 0.33 -24.16
CA SER A 178 17.26 -0.71 -24.54
C SER A 178 16.59 -1.74 -25.44
N GLY A 179 17.39 -2.47 -26.21
CA GLY A 179 16.86 -3.48 -27.10
C GLY A 179 17.04 -3.12 -28.56
N GLY A 1 -8.80 25.11 8.14
CA GLY A 1 -9.53 24.66 9.35
C GLY A 1 -8.76 24.93 10.62
N SER A 2 -7.44 24.71 10.58
CA SER A 2 -6.59 24.92 11.75
C SER A 2 -6.90 23.91 12.85
N SER A 3 -8.06 24.05 13.47
CA SER A 3 -8.48 23.15 14.53
C SER A 3 -9.90 22.67 14.32
N GLY A 4 -10.05 21.36 14.07
CA GLY A 4 -11.36 20.80 13.84
C GLY A 4 -11.36 19.73 12.77
N SER A 5 -11.36 20.15 11.51
CA SER A 5 -11.35 19.21 10.39
C SER A 5 -12.58 18.31 10.42
N SER A 6 -13.67 18.79 9.82
CA SER A 6 -14.91 18.02 9.78
C SER A 6 -15.17 17.48 8.38
N GLY A 7 -14.21 16.71 7.87
CA GLY A 7 -14.36 16.14 6.55
C GLY A 7 -14.30 17.18 5.44
N SER A 8 -13.10 17.62 5.11
CA SER A 8 -12.91 18.62 4.06
C SER A 8 -12.24 18.02 2.83
N TRP A 9 -11.37 17.05 3.05
CA TRP A 9 -10.67 16.39 1.96
C TRP A 9 -10.53 14.89 2.23
N VAL A 10 -11.62 14.28 2.66
CA VAL A 10 -11.64 12.85 2.95
C VAL A 10 -12.13 12.05 1.75
N CYS A 11 -11.62 12.38 0.57
CA CYS A 11 -12.01 11.70 -0.66
C CYS A 11 -10.83 11.60 -1.62
N GLY A 12 -10.60 10.40 -2.15
CA GLY A 12 -9.50 10.19 -3.08
C GLY A 12 -9.97 10.16 -4.52
N PHE A 13 -10.05 8.96 -5.08
CA PHE A 13 -10.48 8.80 -6.46
C PHE A 13 -11.12 7.43 -6.68
N SER A 14 -12.08 7.37 -7.59
CA SER A 14 -12.77 6.11 -7.89
C SER A 14 -13.47 6.19 -9.25
N ASN A 15 -14.01 5.06 -9.69
CA ASN A 15 -14.70 5.00 -10.97
C ASN A 15 -13.76 5.36 -12.12
N LEU A 16 -12.53 4.89 -12.02
CA LEU A 16 -11.53 5.17 -13.05
C LEU A 16 -10.91 3.88 -13.58
N GLU A 17 -10.23 3.97 -14.71
CA GLU A 17 -9.58 2.81 -15.32
C GLU A 17 -8.68 3.24 -16.47
N SER A 18 -7.47 2.67 -16.51
CA SER A 18 -6.51 2.98 -17.56
C SER A 18 -6.16 4.47 -17.54
N GLN A 19 -6.14 5.05 -16.35
CA GLN A 19 -5.82 6.47 -16.21
C GLN A 19 -4.60 6.66 -15.31
N VAL A 20 -4.08 7.89 -15.27
CA VAL A 20 -2.92 8.20 -14.45
C VAL A 20 -3.14 9.47 -13.65
N LEU A 21 -3.25 9.32 -12.33
CA LEU A 21 -3.45 10.46 -11.44
C LEU A 21 -2.18 10.79 -10.67
N GLU A 22 -2.21 11.91 -9.96
CA GLU A 22 -1.05 12.34 -9.18
C GLU A 22 -1.49 13.17 -7.97
N LYS A 23 -1.04 12.76 -6.78
CA LYS A 23 -1.38 13.46 -5.56
C LYS A 23 -0.14 14.07 -4.91
N ARG A 24 -0.29 15.26 -4.35
CA ARG A 24 0.81 15.95 -3.70
C ARG A 24 0.53 16.15 -2.22
N ALA A 25 1.56 16.55 -1.47
CA ALA A 25 1.42 16.77 -0.03
C ALA A 25 0.36 17.83 0.25
N SER A 26 0.22 18.78 -0.67
CA SER A 26 -0.76 19.85 -0.51
C SER A 26 -2.17 19.34 -0.72
N GLU A 27 -2.32 18.37 -1.62
CA GLU A 27 -3.61 17.79 -1.92
C GLU A 27 -4.08 16.90 -0.77
N LEU A 28 -3.16 16.14 -0.20
CA LEU A 28 -3.48 15.25 0.91
C LEU A 28 -3.44 15.99 2.24
N HIS A 29 -2.24 16.42 2.63
CA HIS A 29 -2.07 17.15 3.88
C HIS A 29 -2.56 16.32 5.08
N GLN A 30 -2.08 15.09 5.17
CA GLN A 30 -2.47 14.19 6.25
C GLN A 30 -3.98 13.94 6.24
N ARG A 31 -4.45 13.22 5.23
CA ARG A 31 -5.87 12.92 5.10
C ARG A 31 -6.08 11.50 4.58
N ASP A 32 -7.22 10.92 4.93
CA ASP A 32 -7.54 9.57 4.48
C ASP A 32 -7.66 9.50 2.97
N VAL A 33 -7.13 8.43 2.39
CA VAL A 33 -7.17 8.24 0.93
C VAL A 33 -8.06 7.06 0.57
N LEU A 34 -9.15 7.34 -0.15
CA LEU A 34 -10.08 6.30 -0.56
C LEU A 34 -9.95 6.01 -2.05
N LEU A 35 -9.73 4.74 -2.39
CA LEU A 35 -9.58 4.34 -3.79
C LEU A 35 -10.22 2.98 -4.03
N THR A 36 -11.25 2.95 -4.86
CA THR A 36 -11.95 1.70 -5.17
C THR A 36 -12.62 1.78 -6.53
N GLU A 37 -13.08 0.65 -7.03
CA GLU A 37 -13.74 0.58 -8.33
C GLU A 37 -12.80 1.04 -9.44
N LEU A 38 -11.54 0.66 -9.33
CA LEU A 38 -10.54 1.03 -10.33
C LEU A 38 -10.08 -0.19 -11.12
N SER A 39 -9.36 0.05 -12.21
CA SER A 39 -8.86 -1.02 -13.06
C SER A 39 -7.73 -0.53 -13.97
N ASN A 40 -6.52 -1.03 -13.72
CA ASN A 40 -5.37 -0.63 -14.52
C ASN A 40 -5.11 0.87 -14.40
N CYS A 41 -5.45 1.44 -13.25
CA CYS A 41 -5.26 2.86 -13.02
C CYS A 41 -3.96 3.13 -12.26
N THR A 42 -3.13 4.01 -12.80
CA THR A 42 -1.87 4.36 -12.18
C THR A 42 -2.01 5.58 -11.29
N VAL A 43 -1.46 5.51 -10.08
CA VAL A 43 -1.52 6.61 -9.13
C VAL A 43 -0.20 6.78 -8.39
N ARG A 44 0.18 8.03 -8.15
CA ARG A 44 1.42 8.33 -7.44
C ARG A 44 1.19 9.37 -6.34
N LEU A 45 1.18 8.91 -5.10
CA LEU A 45 0.97 9.79 -3.96
C LEU A 45 2.30 10.34 -3.44
N TYR A 46 2.29 11.59 -3.01
CA TYR A 46 3.50 12.24 -2.50
C TYR A 46 3.19 13.07 -1.26
N GLY A 47 3.68 12.64 -0.11
CA GLY A 47 3.45 13.38 1.13
C GLY A 47 3.33 12.46 2.32
N ASN A 48 2.60 12.89 3.33
CA ASN A 48 2.40 12.11 4.55
C ASN A 48 0.93 12.07 4.96
N PRO A 49 0.07 11.46 4.14
CA PRO A 49 -1.36 11.38 4.41
C PRO A 49 -1.65 10.78 5.80
N ASN A 50 -2.92 10.73 6.16
CA ASN A 50 -3.33 10.19 7.44
C ASN A 50 -3.49 8.67 7.38
N THR A 51 -4.37 8.22 6.48
CA THR A 51 -4.62 6.79 6.32
C THR A 51 -4.83 6.45 4.85
N LEU A 52 -4.31 5.30 4.43
CA LEU A 52 -4.45 4.86 3.05
C LEU A 52 -5.43 3.70 2.94
N ARG A 53 -6.38 3.81 2.03
CA ARG A 53 -7.38 2.77 1.83
C ARG A 53 -7.46 2.37 0.36
N LEU A 54 -7.52 1.06 0.11
CA LEU A 54 -7.59 0.54 -1.25
C LEU A 54 -8.36 -0.77 -1.29
N THR A 55 -9.47 -0.79 -2.03
CA THR A 55 -10.28 -1.99 -2.14
C THR A 55 -10.90 -2.10 -3.54
N LYS A 56 -11.25 -3.31 -3.93
CA LYS A 56 -11.84 -3.56 -5.24
C LYS A 56 -10.91 -3.11 -6.35
N ALA A 57 -9.60 -3.20 -6.09
CA ALA A 57 -8.60 -2.80 -7.07
C ALA A 57 -8.22 -3.98 -7.97
N HIS A 58 -7.59 -3.67 -9.10
CA HIS A 58 -7.17 -4.70 -10.04
C HIS A 58 -6.13 -4.15 -11.02
N SER A 59 -4.91 -4.66 -10.94
CA SER A 59 -3.83 -4.22 -11.81
C SER A 59 -3.56 -2.73 -11.63
N CYS A 60 -3.76 -2.25 -10.41
CA CYS A 60 -3.54 -0.84 -10.09
C CYS A 60 -2.25 -0.65 -9.30
N LYS A 61 -1.48 0.37 -9.66
CA LYS A 61 -0.22 0.65 -8.98
C LYS A 61 -0.35 1.87 -8.08
N LEU A 62 0.20 1.76 -6.88
CA LEU A 62 0.14 2.86 -5.91
C LEU A 62 1.46 3.01 -5.17
N LEU A 63 2.00 4.22 -5.16
CA LEU A 63 3.26 4.49 -4.49
C LEU A 63 3.15 5.73 -3.60
N CYS A 64 3.02 5.51 -2.30
CA CYS A 64 2.90 6.61 -1.34
C CYS A 64 3.96 6.51 -0.26
N GLY A 65 4.33 7.65 0.32
CA GLY A 65 5.33 7.67 1.37
C GLY A 65 4.84 7.01 2.64
N PRO A 66 5.67 6.97 3.69
CA PRO A 66 5.31 6.36 4.98
C PRO A 66 4.03 6.97 5.56
N VAL A 67 2.96 6.20 5.57
CA VAL A 67 1.68 6.65 6.09
C VAL A 67 1.81 7.09 7.54
N SER A 68 0.87 7.91 7.99
CA SER A 68 0.87 8.41 9.36
C SER A 68 0.49 7.31 10.34
N THR A 69 -0.63 6.65 10.07
CA THR A 69 -1.11 5.57 10.93
C THR A 69 -0.84 4.21 10.31
N SER A 70 -1.69 3.82 9.36
CA SER A 70 -1.55 2.53 8.69
C SER A 70 -2.35 2.49 7.41
N VAL A 71 -2.29 1.36 6.70
CA VAL A 71 -3.02 1.20 5.45
C VAL A 71 -4.08 0.10 5.57
N PHE A 72 -5.07 0.14 4.70
CA PHE A 72 -6.14 -0.85 4.71
C PHE A 72 -6.37 -1.42 3.31
N LEU A 73 -6.42 -2.74 3.21
CA LEU A 73 -6.64 -3.41 1.94
C LEU A 73 -7.72 -4.48 2.06
N GLU A 74 -8.56 -4.58 1.03
CA GLU A 74 -9.64 -5.56 1.03
C GLU A 74 -10.22 -5.72 -0.37
N ASP A 75 -10.48 -6.96 -0.76
CA ASP A 75 -11.05 -7.25 -2.08
C ASP A 75 -10.10 -6.79 -3.18
N CYS A 76 -8.81 -7.01 -2.97
CA CYS A 76 -7.80 -6.63 -3.95
C CYS A 76 -7.16 -7.86 -4.59
N SER A 77 -6.91 -7.79 -5.90
CA SER A 77 -6.30 -8.90 -6.62
C SER A 77 -5.50 -8.40 -7.81
N ASP A 78 -4.32 -8.97 -8.01
CA ASP A 78 -3.45 -8.58 -9.11
C ASP A 78 -3.10 -7.10 -9.04
N CYS A 79 -2.96 -6.59 -7.81
CA CYS A 79 -2.63 -5.20 -7.60
C CYS A 79 -1.19 -5.05 -7.12
N VAL A 80 -0.65 -3.83 -7.23
CA VAL A 80 0.72 -3.57 -6.81
C VAL A 80 0.76 -2.38 -5.84
N LEU A 81 0.66 -2.68 -4.55
CA LEU A 81 0.70 -1.63 -3.53
C LEU A 81 2.12 -1.42 -3.01
N ALA A 82 2.42 -0.19 -2.61
CA ALA A 82 3.74 0.15 -2.11
C ALA A 82 3.69 1.37 -1.20
N VAL A 83 3.79 1.13 0.11
CA VAL A 83 3.74 2.22 1.09
C VAL A 83 4.13 1.72 2.48
N ALA A 84 5.09 2.40 3.10
CA ALA A 84 5.54 2.02 4.43
C ALA A 84 4.51 2.39 5.49
N CYS A 85 4.43 1.57 6.53
CA CYS A 85 3.48 1.82 7.61
C CYS A 85 3.85 1.01 8.86
N GLN A 86 3.14 1.26 9.95
CA GLN A 86 3.39 0.56 11.21
C GLN A 86 2.67 -0.78 11.23
N GLN A 87 1.42 -0.78 10.76
CA GLN A 87 0.63 -2.00 10.73
C GLN A 87 -0.05 -2.17 9.37
N LEU A 88 -0.44 -3.41 9.06
CA LEU A 88 -1.09 -3.71 7.79
C LEU A 88 -2.29 -4.62 8.00
N ARG A 89 -3.35 -4.40 7.23
CA ARG A 89 -4.55 -5.21 7.33
C ARG A 89 -5.10 -5.56 5.95
N ILE A 90 -5.25 -6.85 5.69
CA ILE A 90 -5.76 -7.32 4.41
C ILE A 90 -6.93 -8.29 4.61
N HIS A 91 -7.79 -8.38 3.60
CA HIS A 91 -8.95 -9.27 3.66
C HIS A 91 -9.46 -9.58 2.25
N SER A 92 -9.67 -10.88 1.99
CA SER A 92 -10.16 -11.31 0.69
C SER A 92 -9.21 -10.89 -0.43
N THR A 93 -7.92 -10.95 -0.15
CA THR A 93 -6.91 -10.58 -1.14
C THR A 93 -6.12 -11.80 -1.60
N LYS A 94 -5.71 -11.78 -2.86
CA LYS A 94 -4.94 -12.89 -3.43
C LYS A 94 -4.23 -12.46 -4.70
N ASP A 95 -3.01 -12.94 -4.89
CA ASP A 95 -2.23 -12.61 -6.08
C ASP A 95 -1.99 -11.10 -6.16
N THR A 96 -1.81 -10.47 -5.01
CA THR A 96 -1.57 -9.04 -4.95
C THR A 96 -0.17 -8.74 -4.40
N ARG A 97 0.56 -7.87 -5.09
CA ARG A 97 1.91 -7.50 -4.67
C ARG A 97 1.88 -6.25 -3.80
N ILE A 98 2.45 -6.36 -2.60
CA ILE A 98 2.49 -5.24 -1.67
C ILE A 98 3.89 -5.03 -1.11
N PHE A 99 4.49 -3.89 -1.43
CA PHE A 99 5.84 -3.58 -0.96
C PHE A 99 5.79 -2.54 0.14
N LEU A 100 5.84 -3.00 1.39
CA LEU A 100 5.81 -2.10 2.54
C LEU A 100 6.77 -2.57 3.63
N GLN A 101 7.03 -1.71 4.60
CA GLN A 101 7.93 -2.03 5.70
C GLN A 101 7.23 -1.87 7.04
N VAL A 102 6.61 -2.95 7.53
CA VAL A 102 5.91 -2.91 8.80
C VAL A 102 6.89 -2.83 9.97
N THR A 103 6.57 -1.97 10.93
CA THR A 103 7.43 -1.79 12.10
C THR A 103 6.82 -2.46 13.32
N SER A 104 5.49 -2.50 13.37
CA SER A 104 4.79 -3.12 14.49
C SER A 104 4.45 -4.57 14.19
N ARG A 105 3.41 -4.77 13.37
CA ARG A 105 2.98 -6.11 13.00
C ARG A 105 2.06 -6.07 11.79
N ALA A 106 1.74 -7.25 11.25
CA ALA A 106 0.87 -7.34 10.09
C ALA A 106 -0.26 -8.34 10.33
N ILE A 107 -1.46 -7.99 9.87
CA ILE A 107 -2.62 -8.85 10.03
C ILE A 107 -3.16 -9.31 8.68
N VAL A 108 -3.40 -10.61 8.55
CA VAL A 108 -3.92 -11.17 7.31
C VAL A 108 -4.86 -12.34 7.58
N GLU A 109 -6.14 -12.15 7.29
CA GLU A 109 -7.14 -13.18 7.51
C GLU A 109 -8.00 -13.38 6.27
N ASP A 110 -8.37 -14.62 6.01
CA ASP A 110 -9.19 -14.95 4.85
C ASP A 110 -8.48 -14.56 3.55
N CYS A 111 -7.15 -14.64 3.57
CA CYS A 111 -6.35 -14.30 2.40
C CYS A 111 -5.55 -15.50 1.92
N SER A 112 -5.02 -15.42 0.70
CA SER A 112 -4.24 -16.50 0.12
C SER A 112 -3.47 -16.02 -1.11
N GLY A 113 -2.21 -16.43 -1.22
CA GLY A 113 -1.39 -16.04 -2.35
C GLY A 113 -0.95 -14.59 -2.26
N ILE A 114 -0.82 -14.08 -1.05
CA ILE A 114 -0.40 -12.70 -0.84
C ILE A 114 1.11 -12.55 -0.97
N GLN A 115 1.55 -11.34 -1.28
CA GLN A 115 2.98 -11.07 -1.44
C GLN A 115 3.47 -10.06 -0.39
N PHE A 116 4.43 -10.48 0.42
CA PHE A 116 4.98 -9.62 1.45
C PHE A 116 6.44 -9.26 1.15
N ALA A 117 6.68 -7.96 0.97
CA ALA A 117 8.03 -7.48 0.67
C ALA A 117 8.29 -6.13 1.33
N PRO A 118 9.56 -5.81 1.61
CA PRO A 118 9.94 -4.55 2.25
C PRO A 118 9.76 -3.36 1.31
N TYR A 119 9.69 -2.16 1.89
CA TYR A 119 9.52 -0.94 1.11
C TYR A 119 10.80 -0.57 0.39
N THR A 120 10.68 -0.20 -0.88
CA THR A 120 11.84 0.18 -1.68
C THR A 120 11.49 1.29 -2.65
N TRP A 121 11.91 2.51 -2.33
CA TRP A 121 11.63 3.67 -3.18
C TRP A 121 12.53 4.85 -2.79
N SER A 122 13.82 4.69 -3.00
CA SER A 122 14.79 5.75 -2.68
C SER A 122 14.57 6.97 -3.55
N TYR A 123 14.43 8.13 -2.91
CA TYR A 123 14.21 9.38 -3.64
C TYR A 123 15.13 10.48 -3.11
N PRO A 124 15.38 11.52 -3.93
CA PRO A 124 16.25 12.63 -3.54
C PRO A 124 15.84 13.24 -2.21
N GLU A 125 14.54 13.38 -1.99
CA GLU A 125 14.02 13.94 -0.75
C GLU A 125 13.03 12.98 -0.08
N ILE A 126 13.56 11.88 0.42
CA ILE A 126 12.73 10.87 1.09
C ILE A 126 12.96 10.90 2.60
N ASP A 127 14.16 11.28 3.01
CA ASP A 127 14.50 11.33 4.43
C ASP A 127 13.58 12.28 5.17
N LYS A 128 13.05 13.28 4.46
CA LYS A 128 12.14 14.25 5.06
C LYS A 128 10.76 13.64 5.28
N ASP A 129 10.38 12.72 4.39
CA ASP A 129 9.08 12.06 4.47
C ASP A 129 8.99 11.20 5.73
N PHE A 130 10.06 10.45 6.01
CA PHE A 130 10.10 9.59 7.18
C PHE A 130 10.12 10.41 8.47
N GLU A 131 10.74 11.58 8.40
CA GLU A 131 10.84 12.46 9.55
C GLU A 131 9.47 13.00 9.95
N SER A 132 8.62 13.22 8.96
CA SER A 132 7.27 13.73 9.20
C SER A 132 6.49 12.78 10.09
N SER A 133 6.26 11.56 9.60
CA SER A 133 5.52 10.56 10.35
C SER A 133 6.22 10.23 11.66
N GLY A 134 7.54 10.10 11.62
CA GLY A 134 8.30 9.80 12.82
C GLY A 134 8.61 8.33 12.94
N LEU A 135 8.70 7.64 11.81
CA LEU A 135 8.99 6.21 11.81
C LEU A 135 10.50 5.96 11.90
N ASP A 136 10.88 4.68 11.87
CA ASP A 136 12.30 4.32 11.95
C ASP A 136 12.73 3.57 10.69
N ARG A 137 13.91 3.90 10.19
CA ARG A 137 14.44 3.26 8.99
C ARG A 137 15.34 2.08 9.36
N SER A 138 16.11 2.25 10.42
CA SER A 138 17.03 1.21 10.88
C SER A 138 16.25 -0.01 11.36
N LYS A 139 15.16 0.22 12.08
CA LYS A 139 14.33 -0.85 12.60
C LYS A 139 13.44 -1.44 11.50
N ASN A 140 13.49 -2.77 11.35
CA ASN A 140 12.70 -3.44 10.34
C ASN A 140 12.11 -4.74 10.89
N ASN A 141 10.95 -5.13 10.37
CA ASN A 141 10.28 -6.35 10.81
C ASN A 141 9.30 -6.84 9.76
N TRP A 142 9.66 -6.69 8.49
CA TRP A 142 8.82 -7.11 7.38
C TRP A 142 8.75 -8.64 7.31
N ASN A 143 9.85 -9.29 7.70
CA ASN A 143 9.92 -10.75 7.67
C ASN A 143 8.89 -11.36 8.61
N ASP A 144 8.63 -10.67 9.72
CA ASP A 144 7.66 -11.14 10.71
C ASP A 144 6.25 -10.80 10.30
N VAL A 145 5.37 -11.80 10.27
CA VAL A 145 3.99 -11.60 9.89
C VAL A 145 3.06 -12.51 10.70
N ASP A 146 1.98 -11.94 11.21
CA ASP A 146 1.01 -12.69 11.99
C ASP A 146 -0.03 -13.36 11.10
N ASP A 147 -0.66 -14.40 11.63
CA ASP A 147 -1.67 -15.13 10.87
C ASP A 147 -2.81 -15.59 11.79
N PHE A 148 -4.04 -15.45 11.30
CA PHE A 148 -5.21 -15.85 12.07
C PHE A 148 -5.82 -17.12 11.52
N ASN A 149 -5.88 -17.22 10.20
CA ASN A 149 -6.44 -18.40 9.54
C ASN A 149 -5.65 -19.65 9.92
N TRP A 150 -4.33 -19.52 9.95
CA TRP A 150 -3.46 -20.65 10.29
C TRP A 150 -3.04 -20.58 11.76
N LEU A 151 -2.54 -21.70 12.28
CA LEU A 151 -2.10 -21.76 13.67
C LEU A 151 -1.35 -23.05 13.94
N ALA A 152 -0.03 -22.95 14.11
CA ALA A 152 0.80 -24.10 14.38
C ALA A 152 2.08 -23.71 15.11
N ARG A 153 2.59 -24.61 15.94
CA ARG A 153 3.81 -24.36 16.69
C ARG A 153 5.00 -24.15 15.76
N ASP A 154 5.25 -25.13 14.89
CA ASP A 154 6.34 -25.05 13.93
C ASP A 154 5.92 -25.56 12.57
N MET A 155 5.19 -24.73 11.83
CA MET A 155 4.72 -25.09 10.50
C MET A 155 4.57 -23.86 9.61
N ALA A 156 4.43 -24.09 8.31
CA ALA A 156 4.28 -22.99 7.36
C ALA A 156 2.80 -22.63 7.17
N SER A 157 2.56 -21.38 6.79
CA SER A 157 1.19 -20.91 6.58
C SER A 157 0.93 -20.65 5.09
N PRO A 158 0.26 -21.58 4.40
CA PRO A 158 -0.04 -21.44 2.97
C PRO A 158 -1.06 -20.33 2.70
N ASN A 159 -0.67 -19.09 3.01
CA ASN A 159 -1.55 -17.95 2.81
C ASN A 159 -0.79 -16.79 2.15
N TRP A 160 0.41 -16.50 2.67
CA TRP A 160 1.23 -15.44 2.12
C TRP A 160 2.63 -15.95 1.78
N SER A 161 3.20 -15.40 0.72
CA SER A 161 4.54 -15.81 0.28
C SER A 161 5.40 -14.59 -0.04
N ILE A 162 6.71 -14.76 0.04
CA ILE A 162 7.65 -13.69 -0.24
C ILE A 162 8.02 -13.65 -1.73
N LEU A 163 8.09 -12.45 -2.29
CA LEU A 163 8.44 -12.29 -3.70
C LEU A 163 9.93 -12.50 -3.91
N PRO A 164 10.31 -13.30 -4.94
CA PRO A 164 11.71 -13.58 -5.24
C PRO A 164 12.53 -12.29 -5.41
N GLU A 165 13.83 -12.46 -5.64
CA GLU A 165 14.72 -11.32 -5.83
C GLU A 165 14.90 -11.01 -7.32
N GLU A 166 13.78 -10.95 -8.04
CA GLU A 166 13.81 -10.67 -9.47
C GLU A 166 12.78 -9.61 -9.84
N GLU A 167 11.57 -9.76 -9.33
CA GLU A 167 10.50 -8.82 -9.60
C GLU A 167 10.34 -7.82 -8.46
N ARG A 168 11.45 -7.52 -7.78
CA ARG A 168 11.43 -6.57 -6.67
C ARG A 168 11.61 -5.14 -7.17
N ASN A 169 12.56 -4.94 -8.08
CA ASN A 169 12.82 -3.62 -8.64
C ASN A 169 12.11 -3.45 -9.98
N ILE A 170 10.79 -3.26 -9.91
CA ILE A 170 9.99 -3.08 -11.11
C ILE A 170 10.29 -1.74 -11.77
N GLN A 171 10.42 -1.77 -13.10
CA GLN A 171 10.71 -0.55 -13.85
C GLN A 171 9.48 0.36 -13.92
N TRP A 172 9.58 1.51 -13.26
CA TRP A 172 8.48 2.47 -13.24
C TRP A 172 8.70 3.58 -14.27
N ASP A 173 9.38 3.23 -15.36
CA ASP A 173 9.65 4.20 -16.42
C ASP A 173 9.09 3.71 -17.75
N SER A 174 8.68 4.65 -18.59
CA SER A 174 8.12 4.32 -19.90
C SER A 174 8.01 5.56 -20.78
N GLY A 175 8.36 5.42 -22.04
CA GLY A 175 8.29 6.54 -22.97
C GLY A 175 6.97 6.59 -23.72
N PRO A 176 6.06 7.51 -23.36
CA PRO A 176 4.76 7.64 -24.02
C PRO A 176 4.89 8.10 -25.47
N SER A 177 5.69 9.15 -25.68
CA SER A 177 5.90 9.69 -27.02
C SER A 177 6.92 10.82 -26.99
N SER A 178 7.98 10.63 -26.20
CA SER A 178 9.04 11.63 -26.09
C SER A 178 8.49 12.94 -25.55
N GLY A 179 8.87 13.28 -24.32
CA GLY A 179 8.41 14.51 -23.71
C GLY A 179 7.38 14.26 -22.62
N GLY A 1 -31.58 15.19 21.49
CA GLY A 1 -30.76 15.74 20.37
C GLY A 1 -30.05 14.65 19.58
N SER A 2 -30.66 14.22 18.48
CA SER A 2 -30.07 13.18 17.65
C SER A 2 -29.42 13.79 16.41
N SER A 3 -28.90 15.00 16.55
CA SER A 3 -28.25 15.69 15.44
C SER A 3 -26.75 15.38 15.42
N GLY A 4 -26.20 15.27 14.21
CA GLY A 4 -24.79 14.97 14.07
C GLY A 4 -24.18 15.64 12.85
N SER A 5 -24.35 16.95 12.75
CA SER A 5 -23.82 17.71 11.63
C SER A 5 -22.30 17.86 11.74
N SER A 6 -21.61 17.70 10.62
CA SER A 6 -20.16 17.81 10.60
C SER A 6 -19.65 18.09 9.19
N GLY A 7 -20.19 17.36 8.21
CA GLY A 7 -19.78 17.54 6.84
C GLY A 7 -18.68 16.59 6.42
N SER A 8 -18.18 16.76 5.20
CA SER A 8 -17.11 15.90 4.69
C SER A 8 -16.10 16.72 3.91
N TRP A 9 -15.09 16.04 3.35
CA TRP A 9 -14.05 16.71 2.58
C TRP A 9 -13.20 15.68 1.83
N VAL A 10 -12.84 14.61 2.51
CA VAL A 10 -12.03 13.55 1.91
C VAL A 10 -12.90 12.54 1.17
N CYS A 11 -12.39 12.06 0.03
CA CYS A 11 -13.12 11.08 -0.77
C CYS A 11 -12.16 10.14 -1.49
N GLY A 12 -11.21 10.72 -2.22
CA GLY A 12 -10.25 9.91 -2.94
C GLY A 12 -10.52 9.89 -4.43
N PHE A 13 -10.14 8.79 -5.08
CA PHE A 13 -10.36 8.63 -6.51
C PHE A 13 -11.04 7.30 -6.83
N SER A 14 -11.91 7.30 -7.82
CA SER A 14 -12.63 6.10 -8.22
C SER A 14 -13.23 6.26 -9.61
N ASN A 15 -13.78 5.18 -10.14
CA ASN A 15 -14.40 5.20 -11.47
C ASN A 15 -13.38 5.58 -12.53
N LEU A 16 -12.14 5.11 -12.36
CA LEU A 16 -11.08 5.42 -13.31
C LEU A 16 -10.47 4.13 -13.86
N GLU A 17 -10.14 4.15 -15.15
CA GLU A 17 -9.54 2.98 -15.80
C GLU A 17 -8.43 3.40 -16.75
N SER A 18 -7.23 2.85 -16.55
CA SER A 18 -6.09 3.16 -17.39
C SER A 18 -5.75 4.66 -17.32
N GLN A 19 -5.99 5.25 -16.15
CA GLN A 19 -5.72 6.67 -15.95
C GLN A 19 -4.54 6.87 -15.01
N VAL A 20 -4.08 8.11 -14.89
CA VAL A 20 -2.95 8.43 -14.03
C VAL A 20 -3.33 9.54 -13.04
N LEU A 21 -3.19 9.24 -11.75
CA LEU A 21 -3.51 10.21 -10.71
C LEU A 21 -2.28 10.53 -9.87
N GLU A 22 -2.31 11.68 -9.21
CA GLU A 22 -1.19 12.10 -8.37
C GLU A 22 -1.59 13.27 -7.48
N LYS A 23 -1.09 13.27 -6.25
CA LYS A 23 -1.40 14.33 -5.29
C LYS A 23 -0.16 14.72 -4.49
N ARG A 24 -0.13 15.95 -4.01
CA ARG A 24 1.00 16.44 -3.22
C ARG A 24 0.58 16.72 -1.78
N ALA A 25 1.56 17.02 -0.93
CA ALA A 25 1.29 17.31 0.46
C ALA A 25 0.36 18.50 0.62
N SER A 26 0.45 19.44 -0.32
CA SER A 26 -0.39 20.63 -0.29
C SER A 26 -1.86 20.27 -0.50
N GLU A 27 -2.10 19.24 -1.29
CA GLU A 27 -3.46 18.79 -1.58
C GLU A 27 -3.98 17.89 -0.45
N LEU A 28 -3.23 16.85 -0.14
CA LEU A 28 -3.61 15.92 0.92
C LEU A 28 -3.58 16.60 2.28
N HIS A 29 -2.39 17.05 2.69
CA HIS A 29 -2.24 17.71 3.98
C HIS A 29 -2.63 16.80 5.12
N GLN A 30 -2.21 15.53 5.02
CA GLN A 30 -2.52 14.55 6.06
C GLN A 30 -4.02 14.36 6.20
N ARG A 31 -4.60 13.53 5.34
CA ARG A 31 -6.03 13.26 5.37
C ARG A 31 -6.34 11.86 4.84
N ASP A 32 -7.49 11.33 5.22
CA ASP A 32 -7.91 10.00 4.78
C ASP A 32 -8.21 9.99 3.29
N VAL A 33 -7.91 8.87 2.64
CA VAL A 33 -8.15 8.73 1.21
C VAL A 33 -8.70 7.35 0.88
N LEU A 34 -9.89 7.33 0.27
CA LEU A 34 -10.53 6.06 -0.09
C LEU A 34 -10.50 5.86 -1.60
N LEU A 35 -10.04 4.69 -2.03
CA LEU A 35 -9.96 4.37 -3.45
C LEU A 35 -10.69 3.07 -3.76
N THR A 36 -11.45 3.06 -4.85
CA THR A 36 -12.19 1.88 -5.26
C THR A 36 -12.73 2.04 -6.68
N GLU A 37 -13.22 0.94 -7.24
CA GLU A 37 -13.77 0.95 -8.59
C GLU A 37 -12.69 1.33 -9.60
N LEU A 38 -11.49 0.84 -9.39
CA LEU A 38 -10.37 1.13 -10.29
C LEU A 38 -9.98 -0.11 -11.08
N SER A 39 -9.28 0.11 -12.20
CA SER A 39 -8.85 -0.99 -13.05
C SER A 39 -7.71 -0.55 -13.97
N ASN A 40 -6.53 -1.12 -13.75
CA ASN A 40 -5.36 -0.78 -14.56
C ASN A 40 -5.02 0.70 -14.44
N CYS A 41 -5.34 1.28 -13.29
CA CYS A 41 -5.07 2.70 -13.04
C CYS A 41 -3.77 2.87 -12.26
N THR A 42 -3.06 3.96 -12.56
CA THR A 42 -1.81 4.26 -11.88
C THR A 42 -1.92 5.50 -11.01
N VAL A 43 -1.53 5.38 -9.75
CA VAL A 43 -1.59 6.49 -8.81
C VAL A 43 -0.29 6.63 -8.02
N ARG A 44 0.24 7.84 -7.99
CA ARG A 44 1.49 8.11 -7.28
C ARG A 44 1.36 9.36 -6.40
N LEU A 45 1.13 9.15 -5.11
CA LEU A 45 1.00 10.26 -4.18
C LEU A 45 2.35 10.69 -3.63
N TYR A 46 2.42 11.94 -3.18
CA TYR A 46 3.67 12.48 -2.64
C TYR A 46 3.40 13.42 -1.47
N GLY A 47 3.56 12.92 -0.25
CA GLY A 47 3.33 13.73 0.92
C GLY A 47 3.28 12.90 2.20
N ASN A 48 2.15 12.94 2.88
CA ASN A 48 1.98 12.20 4.12
C ASN A 48 0.51 12.18 4.56
N PRO A 49 -0.28 11.23 4.02
CA PRO A 49 -1.70 11.11 4.35
C PRO A 49 -1.92 10.61 5.78
N ASN A 50 -3.18 10.47 6.16
CA ASN A 50 -3.54 9.99 7.50
C ASN A 50 -3.75 8.48 7.50
N THR A 51 -4.76 8.03 6.75
CA THR A 51 -5.06 6.62 6.66
C THR A 51 -5.45 6.22 5.25
N LEU A 52 -4.55 5.52 4.57
CA LEU A 52 -4.79 5.09 3.20
C LEU A 52 -5.62 3.80 3.17
N ARG A 53 -6.48 3.68 2.17
CA ARG A 53 -7.33 2.50 2.03
C ARG A 53 -7.61 2.20 0.56
N LEU A 54 -7.30 0.98 0.15
CA LEU A 54 -7.51 0.56 -1.24
C LEU A 54 -8.30 -0.74 -1.30
N THR A 55 -9.44 -0.71 -1.97
CA THR A 55 -10.29 -1.89 -2.10
C THR A 55 -10.96 -1.93 -3.47
N LYS A 56 -11.38 -3.12 -3.88
CA LYS A 56 -12.05 -3.30 -5.17
C LYS A 56 -11.14 -2.88 -6.31
N ALA A 57 -9.85 -3.21 -6.19
CA ALA A 57 -8.89 -2.87 -7.22
C ALA A 57 -8.35 -4.12 -7.90
N HIS A 58 -8.17 -4.05 -9.22
CA HIS A 58 -7.67 -5.17 -9.99
C HIS A 58 -6.66 -4.71 -11.03
N SER A 59 -5.47 -5.32 -11.02
CA SER A 59 -4.43 -4.97 -11.97
C SER A 59 -4.07 -3.49 -11.87
N CYS A 60 -4.27 -2.91 -10.68
CA CYS A 60 -3.96 -1.51 -10.45
C CYS A 60 -2.67 -1.36 -9.65
N LYS A 61 -2.06 -0.18 -9.75
CA LYS A 61 -0.82 0.09 -9.04
C LYS A 61 -0.94 1.35 -8.19
N LEU A 62 -0.69 1.22 -6.90
CA LEU A 62 -0.79 2.35 -5.98
C LEU A 62 0.54 2.57 -5.25
N LEU A 63 0.99 3.82 -5.23
CA LEU A 63 2.24 4.16 -4.57
C LEU A 63 2.09 5.43 -3.74
N CYS A 64 2.39 5.33 -2.46
CA CYS A 64 2.28 6.49 -1.56
C CYS A 64 3.38 6.46 -0.49
N GLY A 65 3.70 7.62 0.05
CA GLY A 65 4.72 7.71 1.07
C GLY A 65 4.30 7.05 2.38
N PRO A 66 5.17 7.07 3.40
CA PRO A 66 4.87 6.46 4.71
C PRO A 66 3.67 7.14 5.39
N VAL A 67 2.57 6.41 5.47
CA VAL A 67 1.35 6.93 6.09
C VAL A 67 1.58 7.23 7.57
N SER A 68 0.74 8.10 8.12
CA SER A 68 0.85 8.48 9.53
C SER A 68 0.53 7.29 10.43
N THR A 69 -0.63 6.68 10.21
CA THR A 69 -1.06 5.54 11.01
C THR A 69 -0.74 4.23 10.30
N SER A 70 -1.55 3.89 9.30
CA SER A 70 -1.35 2.66 8.54
C SER A 70 -2.25 2.63 7.32
N VAL A 71 -2.16 1.55 6.55
CA VAL A 71 -2.96 1.39 5.34
C VAL A 71 -3.78 0.11 5.39
N PHE A 72 -4.86 0.07 4.60
CA PHE A 72 -5.73 -1.10 4.55
C PHE A 72 -5.87 -1.63 3.13
N LEU A 73 -6.24 -2.90 3.02
CA LEU A 73 -6.42 -3.52 1.71
C LEU A 73 -7.45 -4.65 1.78
N GLU A 74 -8.47 -4.56 0.95
CA GLU A 74 -9.53 -5.57 0.93
C GLU A 74 -10.09 -5.75 -0.48
N ASP A 75 -10.39 -6.99 -0.84
CA ASP A 75 -10.92 -7.29 -2.17
C ASP A 75 -9.94 -6.89 -3.26
N CYS A 76 -8.66 -7.02 -2.99
CA CYS A 76 -7.62 -6.67 -3.95
C CYS A 76 -7.01 -7.92 -4.58
N SER A 77 -6.84 -7.89 -5.90
CA SER A 77 -6.27 -9.02 -6.62
C SER A 77 -5.43 -8.54 -7.79
N ASP A 78 -4.24 -9.11 -7.94
CA ASP A 78 -3.34 -8.74 -9.02
C ASP A 78 -2.97 -7.26 -8.94
N CYS A 79 -2.95 -6.73 -7.72
CA CYS A 79 -2.61 -5.34 -7.50
C CYS A 79 -1.18 -5.19 -6.98
N VAL A 80 -0.69 -3.96 -6.97
CA VAL A 80 0.67 -3.69 -6.49
C VAL A 80 0.66 -2.59 -5.44
N LEU A 81 0.52 -2.98 -4.18
CA LEU A 81 0.50 -2.01 -3.08
C LEU A 81 1.91 -1.73 -2.59
N ALA A 82 2.18 -0.46 -2.28
CA ALA A 82 3.49 -0.04 -1.80
C ALA A 82 3.39 1.20 -0.93
N VAL A 83 3.48 1.02 0.38
CA VAL A 83 3.40 2.13 1.31
C VAL A 83 3.86 1.71 2.71
N ALA A 84 4.94 2.33 3.18
CA ALA A 84 5.50 2.02 4.49
C ALA A 84 4.53 2.44 5.60
N CYS A 85 4.41 1.59 6.61
CA CYS A 85 3.52 1.88 7.74
C CYS A 85 3.85 1.00 8.93
N GLN A 86 3.13 1.20 10.04
CA GLN A 86 3.36 0.43 11.25
C GLN A 86 2.47 -0.81 11.27
N GLN A 87 1.29 -0.70 10.66
CA GLN A 87 0.36 -1.82 10.61
C GLN A 87 -0.27 -1.94 9.23
N LEU A 88 -0.57 -3.17 8.82
CA LEU A 88 -1.17 -3.42 7.52
C LEU A 88 -2.24 -4.52 7.62
N ARG A 89 -3.48 -4.15 7.32
CA ARG A 89 -4.60 -5.11 7.38
C ARG A 89 -5.03 -5.52 5.97
N ILE A 90 -4.87 -6.80 5.67
CA ILE A 90 -5.24 -7.32 4.36
C ILE A 90 -6.29 -8.42 4.49
N HIS A 91 -7.30 -8.39 3.62
CA HIS A 91 -8.37 -9.38 3.65
C HIS A 91 -8.91 -9.63 2.24
N SER A 92 -9.26 -10.89 1.97
CA SER A 92 -9.79 -11.26 0.66
C SER A 92 -8.84 -10.86 -0.45
N THR A 93 -7.54 -10.85 -0.15
CA THR A 93 -6.53 -10.49 -1.13
C THR A 93 -5.80 -11.72 -1.65
N LYS A 94 -5.50 -11.73 -2.94
CA LYS A 94 -4.80 -12.85 -3.55
C LYS A 94 -4.06 -12.42 -4.81
N ASP A 95 -2.86 -12.95 -5.01
CA ASP A 95 -2.04 -12.61 -6.16
C ASP A 95 -1.72 -11.13 -6.19
N THR A 96 -1.62 -10.53 -5.00
CA THR A 96 -1.31 -9.11 -4.88
C THR A 96 0.03 -8.90 -4.18
N ARG A 97 0.96 -8.25 -4.86
CA ARG A 97 2.28 -7.98 -4.30
C ARG A 97 2.28 -6.69 -3.51
N ILE A 98 2.63 -6.78 -2.22
CA ILE A 98 2.67 -5.62 -1.35
C ILE A 98 4.09 -5.34 -0.87
N PHE A 99 4.66 -4.23 -1.32
CA PHE A 99 6.02 -3.87 -0.93
C PHE A 99 6.01 -2.73 0.08
N LEU A 100 6.20 -3.05 1.35
CA LEU A 100 6.21 -2.05 2.41
C LEU A 100 7.14 -2.46 3.54
N GLN A 101 7.34 -1.56 4.50
CA GLN A 101 8.20 -1.83 5.64
C GLN A 101 7.44 -1.71 6.94
N VAL A 102 6.95 -2.84 7.44
CA VAL A 102 6.19 -2.86 8.68
C VAL A 102 7.10 -2.68 9.89
N THR A 103 6.72 -1.78 10.78
CA THR A 103 7.51 -1.51 11.98
C THR A 103 6.92 -2.22 13.19
N SER A 104 5.60 -2.37 13.20
CA SER A 104 4.91 -3.03 14.30
C SER A 104 4.55 -4.46 13.94
N ARG A 105 3.59 -4.63 13.02
CA ARG A 105 3.17 -5.95 12.58
C ARG A 105 2.10 -5.85 11.50
N ALA A 106 1.99 -6.89 10.69
CA ALA A 106 1.00 -6.92 9.61
C ALA A 106 -0.08 -7.95 9.88
N ILE A 107 -1.33 -7.57 9.63
CA ILE A 107 -2.46 -8.47 9.84
C ILE A 107 -3.00 -9.00 8.51
N VAL A 108 -3.34 -10.29 8.49
CA VAL A 108 -3.87 -10.92 7.29
C VAL A 108 -4.92 -11.97 7.64
N GLU A 109 -5.91 -12.12 6.75
CA GLU A 109 -6.98 -13.08 6.97
C GLU A 109 -7.81 -13.28 5.70
N ASP A 110 -8.20 -14.51 5.44
CA ASP A 110 -9.00 -14.82 4.25
C ASP A 110 -8.24 -14.47 2.97
N CYS A 111 -6.91 -14.57 3.04
CA CYS A 111 -6.06 -14.26 1.89
C CYS A 111 -5.48 -15.54 1.29
N SER A 112 -4.80 -15.40 0.16
CA SER A 112 -4.19 -16.54 -0.52
C SER A 112 -3.27 -16.08 -1.64
N GLY A 113 -1.99 -16.42 -1.52
CA GLY A 113 -1.02 -16.04 -2.53
C GLY A 113 -0.56 -14.60 -2.38
N ILE A 114 -0.37 -14.17 -1.13
CA ILE A 114 0.07 -12.82 -0.84
C ILE A 114 1.60 -12.72 -0.87
N GLN A 115 2.10 -11.60 -1.37
CA GLN A 115 3.55 -11.38 -1.46
C GLN A 115 3.98 -10.23 -0.55
N PHE A 116 4.89 -10.52 0.37
CA PHE A 116 5.39 -9.51 1.29
C PHE A 116 6.86 -9.21 1.02
N ALA A 117 7.12 -8.02 0.49
CA ALA A 117 8.49 -7.61 0.19
C ALA A 117 8.81 -6.25 0.83
N PRO A 118 10.10 -5.98 1.08
CA PRO A 118 10.53 -4.71 1.69
C PRO A 118 10.03 -3.50 0.92
N TYR A 119 10.04 -2.35 1.58
CA TYR A 119 9.59 -1.11 0.95
C TYR A 119 10.59 -0.64 -0.10
N THR A 120 10.12 -0.48 -1.33
CA THR A 120 10.97 -0.03 -2.43
C THR A 120 10.29 1.07 -3.22
N TRP A 121 10.72 2.31 -3.01
CA TRP A 121 10.16 3.46 -3.71
C TRP A 121 10.92 4.74 -3.37
N SER A 122 11.29 5.49 -4.41
CA SER A 122 12.03 6.73 -4.22
C SER A 122 13.37 6.48 -3.54
N TYR A 123 14.07 7.56 -3.20
CA TYR A 123 15.36 7.45 -2.54
C TYR A 123 15.95 8.84 -2.26
N PRO A 124 16.04 9.70 -3.29
CA PRO A 124 16.59 11.05 -3.15
C PRO A 124 15.79 11.88 -2.15
N GLU A 125 14.48 11.64 -2.08
CA GLU A 125 13.61 12.36 -1.17
C GLU A 125 12.70 11.41 -0.41
N ILE A 126 13.29 10.40 0.21
CA ILE A 126 12.52 9.41 0.97
C ILE A 126 12.76 9.57 2.47
N ASP A 127 14.00 9.90 2.83
CA ASP A 127 14.36 10.09 4.23
C ASP A 127 13.57 11.24 4.85
N LYS A 128 13.24 12.22 4.04
CA LYS A 128 12.48 13.38 4.51
C LYS A 128 11.07 12.98 4.91
N ASP A 129 10.53 11.97 4.24
CA ASP A 129 9.18 11.49 4.53
C ASP A 129 9.15 10.77 5.87
N PHE A 130 10.07 9.83 6.07
CA PHE A 130 10.14 9.07 7.30
C PHE A 130 10.38 9.98 8.49
N GLU A 131 11.11 11.07 8.25
CA GLU A 131 11.41 12.04 9.31
C GLU A 131 10.21 12.92 9.61
N SER A 132 9.47 13.28 8.57
CA SER A 132 8.30 14.12 8.71
C SER A 132 7.23 13.44 9.55
N SER A 133 6.84 12.23 9.14
CA SER A 133 5.83 11.46 9.85
C SER A 133 6.29 11.15 11.27
N GLY A 134 7.56 10.78 11.41
CA GLY A 134 8.09 10.46 12.71
C GLY A 134 8.21 8.97 12.94
N LEU A 135 8.40 8.21 11.86
CA LEU A 135 8.52 6.77 11.95
C LEU A 135 9.99 6.36 12.08
N ASP A 136 10.22 5.04 12.18
CA ASP A 136 11.58 4.53 12.31
C ASP A 136 12.04 3.87 11.01
N ARG A 137 13.32 4.01 10.71
CA ARG A 137 13.90 3.45 9.49
C ARG A 137 14.64 2.15 9.80
N SER A 138 15.34 2.13 10.93
CA SER A 138 16.10 0.95 11.33
C SER A 138 15.23 -0.01 12.11
N LYS A 139 14.37 0.53 12.98
CA LYS A 139 13.48 -0.28 13.79
C LYS A 139 12.30 -0.79 12.96
N ASN A 140 12.46 -1.96 12.35
CA ASN A 140 11.41 -2.55 11.53
C ASN A 140 11.61 -4.06 11.39
N ASN A 141 10.53 -4.77 11.09
CA ASN A 141 10.59 -6.22 10.93
C ASN A 141 9.55 -6.69 9.93
N TRP A 142 9.99 -6.96 8.71
CA TRP A 142 9.09 -7.43 7.65
C TRP A 142 9.20 -8.94 7.48
N ASN A 143 9.51 -9.64 8.56
CA ASN A 143 9.64 -11.10 8.53
C ASN A 143 8.92 -11.73 9.71
N ASP A 144 7.84 -11.10 10.16
CA ASP A 144 7.07 -11.61 11.29
C ASP A 144 5.69 -10.95 11.34
N VAL A 145 4.66 -11.71 10.95
CA VAL A 145 3.30 -11.19 10.97
C VAL A 145 2.38 -12.09 11.79
N ASP A 146 1.17 -11.61 12.04
CA ASP A 146 0.19 -12.37 12.82
C ASP A 146 -0.86 -13.00 11.91
N ASP A 147 -0.88 -14.33 11.88
CA ASP A 147 -1.82 -15.06 11.05
C ASP A 147 -3.10 -15.39 11.83
N PHE A 148 -4.23 -15.44 11.14
CA PHE A 148 -5.50 -15.74 11.77
C PHE A 148 -5.90 -17.19 11.51
N ASN A 149 -6.07 -17.54 10.24
CA ASN A 149 -6.45 -18.89 9.86
C ASN A 149 -5.24 -19.82 9.86
N TRP A 150 -4.76 -20.15 11.06
CA TRP A 150 -3.60 -21.02 11.21
C TRP A 150 -4.02 -22.48 11.12
N LEU A 151 -3.46 -23.20 10.15
CA LEU A 151 -3.77 -24.61 9.96
C LEU A 151 -2.50 -25.47 10.04
N ALA A 152 -1.53 -25.01 10.81
CA ALA A 152 -0.27 -25.73 10.96
C ALA A 152 0.22 -25.67 12.40
N ARG A 153 1.12 -26.59 12.75
CA ARG A 153 1.68 -26.64 14.10
C ARG A 153 3.19 -26.39 14.09
N ASP A 154 3.77 -26.32 12.90
CA ASP A 154 5.21 -26.10 12.77
C ASP A 154 5.51 -24.61 12.51
N MET A 155 4.63 -23.74 12.99
CA MET A 155 4.80 -22.30 12.82
C MET A 155 4.89 -21.94 11.34
N ALA A 156 4.08 -22.59 10.53
CA ALA A 156 4.06 -22.34 9.09
C ALA A 156 2.67 -21.97 8.60
N SER A 157 2.60 -21.05 7.64
CA SER A 157 1.33 -20.62 7.09
C SER A 157 1.36 -20.64 5.56
N PRO A 158 1.02 -21.79 4.95
CA PRO A 158 1.02 -21.94 3.50
C PRO A 158 -0.10 -21.12 2.84
N ASN A 159 0.00 -19.80 2.95
CA ASN A 159 -0.99 -18.91 2.36
C ASN A 159 -0.32 -17.73 1.66
N TRP A 160 0.62 -17.10 2.34
CA TRP A 160 1.34 -15.95 1.78
C TRP A 160 2.82 -16.26 1.67
N SER A 161 3.41 -15.93 0.52
CA SER A 161 4.82 -16.17 0.27
C SER A 161 5.58 -14.84 0.15
N ILE A 162 6.89 -14.94 -0.07
CA ILE A 162 7.73 -13.75 -0.20
C ILE A 162 8.36 -13.69 -1.59
N LEU A 163 8.42 -12.48 -2.15
CA LEU A 163 8.99 -12.28 -3.47
C LEU A 163 10.51 -12.51 -3.44
N PRO A 164 11.06 -13.20 -4.46
CA PRO A 164 12.50 -13.47 -4.53
C PRO A 164 13.31 -12.21 -4.80
N GLU A 165 14.62 -12.38 -4.98
CA GLU A 165 15.51 -11.26 -5.24
C GLU A 165 15.85 -11.17 -6.73
N GLU A 166 14.91 -11.58 -7.57
CA GLU A 166 15.11 -11.55 -9.02
C GLU A 166 14.18 -10.53 -9.67
N GLU A 167 12.97 -10.43 -9.15
CA GLU A 167 11.98 -9.49 -9.68
C GLU A 167 11.67 -8.39 -8.68
N ARG A 168 12.69 -7.99 -7.92
CA ARG A 168 12.52 -6.94 -6.91
C ARG A 168 12.19 -5.61 -7.56
N ASN A 169 13.11 -5.11 -8.39
CA ASN A 169 12.91 -3.85 -9.07
C ASN A 169 11.96 -4.01 -10.26
N ILE A 170 10.79 -3.39 -10.17
CA ILE A 170 9.79 -3.47 -11.23
C ILE A 170 9.57 -2.12 -11.89
N GLN A 171 9.46 -2.12 -13.21
CA GLN A 171 9.25 -0.88 -13.96
C GLN A 171 7.88 -0.28 -13.65
N TRP A 172 7.57 0.83 -14.31
CA TRP A 172 6.29 1.51 -14.10
C TRP A 172 5.85 2.24 -15.36
N ASP A 173 5.13 1.54 -16.23
CA ASP A 173 4.64 2.13 -17.47
C ASP A 173 3.14 1.89 -17.64
N SER A 174 2.41 2.98 -17.81
CA SER A 174 0.95 2.90 -17.97
C SER A 174 0.58 2.74 -19.44
N GLY A 175 -0.45 1.94 -19.71
CA GLY A 175 -0.88 1.71 -21.07
C GLY A 175 -2.20 0.98 -21.13
N PRO A 176 -3.15 1.42 -21.98
CA PRO A 176 -4.46 0.77 -22.12
C PRO A 176 -4.34 -0.71 -22.44
N SER A 177 -3.73 -1.04 -23.57
CA SER A 177 -3.56 -2.42 -23.98
C SER A 177 -2.23 -2.97 -23.47
N SER A 178 -1.23 -2.11 -23.37
CA SER A 178 0.09 -2.51 -22.90
C SER A 178 0.69 -3.57 -23.81
N GLY A 179 1.54 -3.15 -24.74
CA GLY A 179 2.17 -4.08 -25.66
C GLY A 179 3.68 -3.87 -25.76
N GLY A 1 -23.09 25.30 -5.41
CA GLY A 1 -23.37 24.23 -4.42
C GLY A 1 -24.74 23.60 -4.62
N SER A 2 -25.04 22.59 -3.81
CA SER A 2 -26.32 21.90 -3.89
C SER A 2 -27.21 22.24 -2.70
N SER A 3 -28.39 21.62 -2.64
CA SER A 3 -29.33 21.87 -1.56
C SER A 3 -28.98 21.02 -0.34
N GLY A 4 -28.73 21.68 0.78
CA GLY A 4 -28.38 20.97 2.00
C GLY A 4 -26.97 20.43 1.97
N SER A 5 -26.08 21.15 1.30
CA SER A 5 -24.68 20.73 1.21
C SER A 5 -23.78 21.94 0.93
N SER A 6 -22.47 21.70 0.93
CA SER A 6 -21.50 22.76 0.68
C SER A 6 -20.33 22.24 -0.15
N GLY A 7 -19.77 21.12 0.28
CA GLY A 7 -18.64 20.53 -0.44
C GLY A 7 -18.19 19.22 0.15
N SER A 8 -17.20 18.60 -0.47
CA SER A 8 -16.67 17.32 0.00
C SER A 8 -15.37 16.98 -0.70
N TRP A 9 -14.35 17.82 -0.51
CA TRP A 9 -13.05 17.61 -1.12
C TRP A 9 -12.49 16.23 -0.79
N VAL A 10 -12.88 15.72 0.38
CA VAL A 10 -12.42 14.40 0.82
C VAL A 10 -13.36 13.30 0.37
N CYS A 11 -12.89 12.45 -0.56
CA CYS A 11 -13.71 11.36 -1.08
C CYS A 11 -12.82 10.29 -1.72
N GLY A 12 -11.94 10.72 -2.62
CA GLY A 12 -11.05 9.79 -3.29
C GLY A 12 -11.40 9.61 -4.75
N PHE A 13 -10.59 8.84 -5.46
CA PHE A 13 -10.81 8.58 -6.87
C PHE A 13 -11.45 7.21 -7.09
N SER A 14 -12.51 7.17 -7.88
CA SER A 14 -13.21 5.92 -8.17
C SER A 14 -13.97 6.01 -9.49
N ASN A 15 -14.50 4.88 -9.93
CA ASN A 15 -15.25 4.84 -11.18
C ASN A 15 -14.37 5.20 -12.38
N LEU A 16 -13.09 4.85 -12.28
CA LEU A 16 -12.14 5.15 -13.34
C LEU A 16 -11.45 3.87 -13.84
N GLU A 17 -10.69 4.00 -14.91
CA GLU A 17 -9.98 2.86 -15.49
C GLU A 17 -8.97 3.32 -16.53
N SER A 18 -7.77 2.75 -16.49
CA SER A 18 -6.72 3.09 -17.44
C SER A 18 -6.40 4.58 -17.38
N GLN A 19 -6.49 5.16 -16.18
CA GLN A 19 -6.21 6.57 -16.00
C GLN A 19 -4.93 6.78 -15.20
N VAL A 20 -4.48 8.02 -15.12
CA VAL A 20 -3.26 8.36 -14.39
C VAL A 20 -3.51 9.46 -13.37
N LEU A 21 -3.61 9.07 -12.10
CA LEU A 21 -3.84 10.03 -11.04
C LEU A 21 -2.52 10.51 -10.42
N GLU A 22 -2.60 11.52 -9.58
CA GLU A 22 -1.41 12.08 -8.94
C GLU A 22 -1.80 13.04 -7.81
N LYS A 23 -1.14 12.90 -6.67
CA LYS A 23 -1.41 13.75 -5.52
C LYS A 23 -0.11 14.21 -4.87
N ARG A 24 -0.23 15.20 -3.97
CA ARG A 24 0.95 15.72 -3.28
C ARG A 24 0.57 16.20 -1.87
N ALA A 25 1.57 16.63 -1.11
CA ALA A 25 1.35 17.10 0.25
C ALA A 25 0.40 18.30 0.26
N SER A 26 0.57 19.21 -0.70
CA SER A 26 -0.27 20.39 -0.79
C SER A 26 -1.72 20.01 -1.03
N GLU A 27 -1.93 18.89 -1.73
CA GLU A 27 -3.27 18.42 -2.03
C GLU A 27 -3.79 17.51 -0.91
N LEU A 28 -2.90 16.69 -0.36
CA LEU A 28 -3.27 15.78 0.72
C LEU A 28 -3.18 16.47 2.07
N HIS A 29 -1.95 16.75 2.52
CA HIS A 29 -1.73 17.41 3.79
C HIS A 29 -2.27 16.56 4.95
N GLN A 30 -1.88 15.29 4.96
CA GLN A 30 -2.33 14.38 6.01
C GLN A 30 -3.84 14.25 6.01
N ARG A 31 -4.37 13.43 5.10
CA ARG A 31 -5.81 13.22 5.00
C ARG A 31 -6.12 11.77 4.62
N ASP A 32 -7.39 11.41 4.71
CA ASP A 32 -7.82 10.05 4.37
C ASP A 32 -7.88 9.87 2.85
N VAL A 33 -7.31 8.77 2.38
CA VAL A 33 -7.29 8.47 0.96
C VAL A 33 -7.94 7.12 0.67
N LEU A 34 -8.88 7.11 -0.27
CA LEU A 34 -9.58 5.88 -0.64
C LEU A 34 -9.61 5.71 -2.15
N LEU A 35 -9.29 4.50 -2.61
CA LEU A 35 -9.29 4.21 -4.04
C LEU A 35 -9.99 2.89 -4.32
N THR A 36 -11.13 2.96 -5.01
CA THR A 36 -11.90 1.77 -5.34
C THR A 36 -12.58 1.93 -6.70
N GLU A 37 -13.07 0.82 -7.24
CA GLU A 37 -13.75 0.84 -8.54
C GLU A 37 -12.81 1.32 -9.63
N LEU A 38 -11.53 0.97 -9.50
CA LEU A 38 -10.53 1.38 -10.49
C LEU A 38 -9.87 0.16 -11.12
N SER A 39 -9.43 0.32 -12.37
CA SER A 39 -8.77 -0.77 -13.08
C SER A 39 -7.69 -0.24 -14.01
N ASN A 40 -6.47 -0.75 -13.85
CA ASN A 40 -5.35 -0.33 -14.67
C ASN A 40 -5.08 1.15 -14.49
N CYS A 41 -5.35 1.67 -13.30
CA CYS A 41 -5.14 3.08 -13.00
C CYS A 41 -3.99 3.25 -12.02
N THR A 42 -2.94 3.94 -12.46
CA THR A 42 -1.78 4.18 -11.62
C THR A 42 -1.95 5.44 -10.79
N VAL A 43 -1.41 5.42 -9.57
CA VAL A 43 -1.52 6.56 -8.67
C VAL A 43 -0.18 6.85 -8.00
N ARG A 44 0.19 8.13 -7.95
CA ARG A 44 1.45 8.55 -7.33
C ARG A 44 1.21 9.65 -6.31
N LEU A 45 1.38 9.32 -5.03
CA LEU A 45 1.19 10.29 -3.96
C LEU A 45 2.53 10.67 -3.32
N TYR A 46 2.71 11.96 -3.08
CA TYR A 46 3.95 12.44 -2.48
C TYR A 46 3.64 13.43 -1.35
N GLY A 47 3.76 12.95 -0.12
CA GLY A 47 3.49 13.80 1.03
C GLY A 47 3.49 13.03 2.33
N ASN A 48 2.31 12.88 2.93
CA ASN A 48 2.17 12.15 4.19
C ASN A 48 0.70 12.05 4.59
N PRO A 49 -0.11 11.31 3.81
CA PRO A 49 -1.54 11.13 4.09
C PRO A 49 -1.79 10.65 5.52
N ASN A 50 -3.05 10.71 5.95
CA ASN A 50 -3.42 10.28 7.29
C ASN A 50 -3.50 8.76 7.36
N THR A 51 -4.42 8.18 6.59
CA THR A 51 -4.60 6.73 6.57
C THR A 51 -4.97 6.26 5.17
N LEU A 52 -4.06 5.54 4.54
CA LEU A 52 -4.28 5.03 3.19
C LEU A 52 -5.27 3.87 3.21
N ARG A 53 -5.97 3.67 2.10
CA ARG A 53 -6.95 2.60 1.99
C ARG A 53 -7.22 2.25 0.53
N LEU A 54 -6.94 1.01 0.17
CA LEU A 54 -7.15 0.55 -1.21
C LEU A 54 -8.00 -0.72 -1.22
N THR A 55 -9.10 -0.67 -1.97
CA THR A 55 -10.00 -1.82 -2.07
C THR A 55 -10.66 -1.88 -3.44
N LYS A 56 -11.06 -3.07 -3.86
CA LYS A 56 -11.70 -3.26 -5.15
C LYS A 56 -10.79 -2.81 -6.29
N ALA A 57 -9.49 -3.04 -6.11
CA ALA A 57 -8.51 -2.65 -7.13
C ALA A 57 -7.99 -3.87 -7.88
N HIS A 58 -7.76 -3.72 -9.18
CA HIS A 58 -7.26 -4.80 -10.00
C HIS A 58 -6.33 -4.27 -11.08
N SER A 59 -5.13 -4.86 -11.16
CA SER A 59 -4.14 -4.45 -12.14
C SER A 59 -3.79 -2.98 -11.99
N CYS A 60 -3.87 -2.48 -10.77
CA CYS A 60 -3.56 -1.08 -10.49
C CYS A 60 -2.30 -0.96 -9.63
N LYS A 61 -1.49 0.05 -9.93
CA LYS A 61 -0.25 0.27 -9.18
C LYS A 61 -0.40 1.47 -8.25
N LEU A 62 -0.04 1.27 -6.98
CA LEU A 62 -0.12 2.34 -5.99
C LEU A 62 1.25 2.64 -5.39
N LEU A 63 1.63 3.90 -5.41
CA LEU A 63 2.91 4.33 -4.86
C LEU A 63 2.78 5.62 -4.08
N CYS A 64 3.13 5.58 -2.80
CA CYS A 64 3.04 6.76 -1.94
C CYS A 64 4.02 6.66 -0.78
N GLY A 65 4.28 7.80 -0.13
CA GLY A 65 5.20 7.82 0.98
C GLY A 65 4.64 7.11 2.20
N PRO A 66 5.40 7.06 3.31
CA PRO A 66 4.95 6.41 4.55
C PRO A 66 3.69 7.05 5.12
N VAL A 67 2.67 6.23 5.36
CA VAL A 67 1.41 6.71 5.91
C VAL A 67 1.59 7.19 7.35
N SER A 68 0.79 8.19 7.74
CA SER A 68 0.85 8.73 9.08
C SER A 68 0.55 7.65 10.12
N THR A 69 -0.58 6.97 9.95
CA THR A 69 -0.98 5.92 10.88
C THR A 69 -0.69 4.54 10.30
N SER A 70 -1.57 4.09 9.39
CA SER A 70 -1.41 2.79 8.76
C SER A 70 -2.26 2.70 7.49
N VAL A 71 -2.20 1.54 6.83
CA VAL A 71 -2.96 1.32 5.61
C VAL A 71 -3.89 0.11 5.75
N PHE A 72 -4.92 0.06 4.93
CA PHE A 72 -5.87 -1.04 4.96
C PHE A 72 -6.18 -1.54 3.55
N LEU A 73 -6.12 -2.84 3.36
CA LEU A 73 -6.39 -3.45 2.07
C LEU A 73 -7.53 -4.47 2.16
N GLU A 74 -8.40 -4.49 1.16
CA GLU A 74 -9.52 -5.41 1.13
C GLU A 74 -10.13 -5.50 -0.26
N ASP A 75 -10.42 -6.73 -0.68
CA ASP A 75 -11.01 -6.95 -2.01
C ASP A 75 -10.04 -6.52 -3.11
N CYS A 76 -8.77 -6.81 -2.91
CA CYS A 76 -7.74 -6.44 -3.89
C CYS A 76 -7.12 -7.69 -4.52
N SER A 77 -6.95 -7.66 -5.84
CA SER A 77 -6.37 -8.79 -6.56
C SER A 77 -5.56 -8.30 -7.76
N ASP A 78 -4.39 -8.89 -7.95
CA ASP A 78 -3.52 -8.52 -9.06
C ASP A 78 -3.13 -7.05 -8.97
N CYS A 79 -2.92 -6.57 -7.75
CA CYS A 79 -2.55 -5.17 -7.52
C CYS A 79 -1.15 -5.07 -6.94
N VAL A 80 -0.51 -3.92 -7.13
CA VAL A 80 0.83 -3.69 -6.61
C VAL A 80 0.86 -2.51 -5.66
N LEU A 81 0.64 -2.78 -4.39
CA LEU A 81 0.65 -1.73 -3.37
C LEU A 81 2.07 -1.43 -2.89
N ALA A 82 2.29 -0.18 -2.49
CA ALA A 82 3.60 0.25 -2.00
C ALA A 82 3.48 1.44 -1.06
N VAL A 83 3.58 1.17 0.23
CA VAL A 83 3.48 2.23 1.23
C VAL A 83 4.01 1.76 2.59
N ALA A 84 5.03 2.44 3.09
CA ALA A 84 5.63 2.10 4.37
C ALA A 84 4.71 2.47 5.52
N CYS A 85 4.11 1.47 6.15
CA CYS A 85 3.21 1.68 7.27
C CYS A 85 3.59 0.82 8.46
N GLN A 86 3.34 1.33 9.66
CA GLN A 86 3.67 0.60 10.88
C GLN A 86 2.93 -0.73 10.94
N GLN A 87 1.65 -0.71 10.59
CA GLN A 87 0.83 -1.91 10.60
C GLN A 87 0.06 -2.05 9.29
N LEU A 88 -0.15 -3.29 8.86
CA LEU A 88 -0.87 -3.56 7.63
C LEU A 88 -1.96 -4.61 7.85
N ARG A 89 -3.18 -4.29 7.42
CA ARG A 89 -4.30 -5.21 7.58
C ARG A 89 -4.88 -5.60 6.22
N ILE A 90 -4.70 -6.86 5.84
CA ILE A 90 -5.20 -7.36 4.57
C ILE A 90 -6.36 -8.33 4.78
N HIS A 91 -7.21 -8.46 3.77
CA HIS A 91 -8.36 -9.35 3.84
C HIS A 91 -9.00 -9.55 2.48
N SER A 92 -9.42 -10.77 2.18
CA SER A 92 -10.05 -11.08 0.91
C SER A 92 -9.13 -10.71 -0.26
N THR A 93 -7.82 -10.82 -0.02
CA THR A 93 -6.84 -10.50 -1.05
C THR A 93 -6.26 -11.77 -1.66
N LYS A 94 -6.07 -11.75 -2.98
CA LYS A 94 -5.51 -12.90 -3.69
C LYS A 94 -4.66 -12.45 -4.87
N ASP A 95 -3.43 -12.97 -4.94
CA ASP A 95 -2.52 -12.63 -6.02
C ASP A 95 -2.24 -11.13 -6.04
N THR A 96 -2.10 -10.53 -4.85
CA THR A 96 -1.83 -9.11 -4.73
C THR A 96 -0.45 -8.87 -4.13
N ARG A 97 0.46 -8.31 -4.95
CA ARG A 97 1.81 -8.02 -4.49
C ARG A 97 1.84 -6.73 -3.68
N ILE A 98 2.38 -6.82 -2.47
CA ILE A 98 2.47 -5.66 -1.59
C ILE A 98 3.92 -5.40 -1.16
N PHE A 99 4.48 -4.29 -1.62
CA PHE A 99 5.85 -3.93 -1.29
C PHE A 99 5.88 -2.78 -0.27
N LEU A 100 5.92 -3.13 1.01
CA LEU A 100 5.95 -2.13 2.07
C LEU A 100 7.00 -2.48 3.11
N GLN A 101 7.17 -1.60 4.08
CA GLN A 101 8.14 -1.81 5.15
C GLN A 101 7.47 -1.65 6.52
N VAL A 102 6.96 -2.76 7.05
CA VAL A 102 6.31 -2.75 8.35
C VAL A 102 7.32 -2.72 9.49
N THR A 103 7.08 -1.88 10.48
CA THR A 103 7.97 -1.76 11.63
C THR A 103 7.37 -2.43 12.86
N SER A 104 6.05 -2.41 12.95
CA SER A 104 5.35 -3.02 14.08
C SER A 104 5.01 -4.48 13.79
N ARG A 105 4.02 -4.68 12.92
CA ARG A 105 3.59 -6.03 12.55
C ARG A 105 2.57 -5.99 11.42
N ALA A 106 2.26 -7.16 10.88
CA ALA A 106 1.29 -7.27 9.78
C ALA A 106 0.26 -8.36 10.06
N ILE A 107 -0.98 -8.11 9.66
CA ILE A 107 -2.05 -9.07 9.87
C ILE A 107 -2.66 -9.52 8.54
N VAL A 108 -3.14 -10.76 8.50
CA VAL A 108 -3.75 -11.30 7.29
C VAL A 108 -4.88 -12.26 7.62
N GLU A 109 -6.09 -11.92 7.20
CA GLU A 109 -7.25 -12.75 7.46
C GLU A 109 -7.98 -13.09 6.16
N ASP A 110 -8.24 -14.37 5.94
CA ASP A 110 -8.94 -14.83 4.74
C ASP A 110 -8.14 -14.48 3.49
N CYS A 111 -6.82 -14.48 3.63
CA CYS A 111 -5.94 -14.16 2.51
C CYS A 111 -5.28 -15.43 1.97
N SER A 112 -4.68 -15.31 0.79
CA SER A 112 -4.01 -16.44 0.16
C SER A 112 -3.21 -15.99 -1.06
N GLY A 113 -2.05 -16.63 -1.26
CA GLY A 113 -1.20 -16.28 -2.38
C GLY A 113 -0.73 -14.84 -2.33
N ILE A 114 -0.50 -14.34 -1.12
CA ILE A 114 -0.03 -12.97 -0.94
C ILE A 114 1.48 -12.87 -1.05
N GLN A 115 1.96 -11.81 -1.69
CA GLN A 115 3.39 -11.61 -1.86
C GLN A 115 3.87 -10.39 -1.07
N PHE A 116 4.67 -10.65 -0.04
CA PHE A 116 5.19 -9.58 0.80
C PHE A 116 6.60 -9.17 0.35
N ALA A 117 6.96 -7.92 0.59
CA ALA A 117 8.26 -7.40 0.21
C ALA A 117 8.52 -6.04 0.84
N PRO A 118 9.80 -5.68 1.02
CA PRO A 118 10.19 -4.40 1.63
C PRO A 118 9.89 -3.22 0.71
N TYR A 119 10.15 -2.01 1.19
CA TYR A 119 9.91 -0.81 0.42
C TYR A 119 11.03 -0.57 -0.58
N THR A 120 10.78 -0.86 -1.85
CA THR A 120 11.77 -0.68 -2.91
C THR A 120 11.56 0.65 -3.63
N TRP A 121 11.25 1.69 -2.86
CA TRP A 121 11.03 3.01 -3.42
C TRP A 121 11.84 4.07 -2.66
N SER A 122 12.55 4.91 -3.40
CA SER A 122 13.36 5.96 -2.80
C SER A 122 13.21 7.27 -3.57
N TYR A 123 13.48 8.39 -2.88
CA TYR A 123 13.37 9.70 -3.50
C TYR A 123 14.30 10.70 -2.81
N PRO A 124 14.54 11.86 -3.44
CA PRO A 124 15.41 12.89 -2.87
C PRO A 124 14.98 13.31 -1.47
N GLU A 125 13.68 13.18 -1.19
CA GLU A 125 13.14 13.55 0.12
C GLU A 125 12.37 12.37 0.73
N ILE A 126 13.10 11.29 1.01
CA ILE A 126 12.48 10.10 1.61
C ILE A 126 12.64 10.11 3.12
N ASP A 127 13.73 10.71 3.60
CA ASP A 127 14.00 10.78 5.03
C ASP A 127 13.08 11.80 5.71
N LYS A 128 12.54 12.73 4.92
CA LYS A 128 11.66 13.75 5.46
C LYS A 128 10.28 13.18 5.76
N ASP A 129 9.87 12.19 4.96
CA ASP A 129 8.58 11.55 5.15
C ASP A 129 8.52 10.79 6.47
N PHE A 130 9.58 10.05 6.76
CA PHE A 130 9.66 9.27 7.99
C PHE A 130 9.75 10.19 9.20
N GLU A 131 10.37 11.35 9.01
CA GLU A 131 10.52 12.33 10.09
C GLU A 131 9.20 13.02 10.39
N SER A 132 8.45 13.33 9.34
CA SER A 132 7.17 14.00 9.50
C SER A 132 6.21 13.16 10.34
N SER A 133 6.16 11.86 10.03
CA SER A 133 5.28 10.95 10.76
C SER A 133 5.92 10.51 12.07
N GLY A 134 7.25 10.43 12.08
CA GLY A 134 7.96 10.02 13.28
C GLY A 134 8.37 8.56 13.24
N LEU A 135 8.58 8.04 12.03
CA LEU A 135 8.98 6.64 11.86
C LEU A 135 10.49 6.52 11.75
N ASP A 136 11.01 5.34 12.06
CA ASP A 136 12.45 5.09 12.01
C ASP A 136 12.81 4.34 10.72
N ARG A 137 14.08 4.47 10.31
CA ARG A 137 14.55 3.80 9.10
C ARG A 137 15.32 2.53 9.46
N SER A 138 16.00 2.54 10.60
CA SER A 138 16.76 1.39 11.05
C SER A 138 15.87 0.18 11.25
N LYS A 139 14.75 0.40 11.93
CA LYS A 139 13.81 -0.68 12.21
C LYS A 139 13.27 -1.28 10.91
N ASN A 140 13.46 -2.58 10.74
CA ASN A 140 13.00 -3.28 9.54
C ASN A 140 12.48 -4.67 9.89
N ASN A 141 11.20 -4.74 10.26
CA ASN A 141 10.57 -6.01 10.62
C ASN A 141 9.50 -6.38 9.61
N TRP A 142 9.91 -7.00 8.51
CA TRP A 142 8.98 -7.42 7.47
C TRP A 142 8.77 -8.93 7.49
N ASN A 143 8.77 -9.50 8.69
CA ASN A 143 8.58 -10.94 8.86
C ASN A 143 7.45 -11.22 9.84
N ASP A 144 7.43 -10.49 10.94
CA ASP A 144 6.40 -10.66 11.97
C ASP A 144 5.00 -10.50 11.37
N VAL A 145 4.28 -11.61 11.27
CA VAL A 145 2.93 -11.59 10.72
C VAL A 145 2.03 -12.58 11.46
N ASP A 146 0.75 -12.24 11.58
CA ASP A 146 -0.21 -13.10 12.26
C ASP A 146 -1.13 -13.78 11.25
N ASP A 147 -1.13 -15.10 11.27
CA ASP A 147 -1.96 -15.88 10.36
C ASP A 147 -3.23 -16.35 11.06
N PHE A 148 -4.38 -16.03 10.47
CA PHE A 148 -5.66 -16.42 11.04
C PHE A 148 -6.36 -17.46 10.17
N ASN A 149 -5.57 -18.38 9.63
CA ASN A 149 -6.11 -19.44 8.77
C ASN A 149 -5.46 -20.78 9.09
N TRP A 150 -4.12 -20.79 9.16
CA TRP A 150 -3.37 -22.00 9.46
C TRP A 150 -2.59 -21.86 10.76
N LEU A 151 -2.70 -22.86 11.62
CA LEU A 151 -1.99 -22.84 12.90
C LEU A 151 -0.67 -23.61 12.81
N ALA A 152 0.40 -22.89 12.52
CA ALA A 152 1.72 -23.51 12.39
C ALA A 152 2.61 -23.14 13.57
N ARG A 153 2.81 -24.08 14.48
CA ARG A 153 3.64 -23.86 15.66
C ARG A 153 4.93 -24.67 15.59
N ASP A 154 5.38 -24.95 14.37
CA ASP A 154 6.59 -25.72 14.16
C ASP A 154 6.87 -25.91 12.67
N MET A 155 5.84 -26.23 11.91
CA MET A 155 5.98 -26.43 10.48
C MET A 155 5.77 -25.12 9.73
N ALA A 156 5.75 -25.20 8.39
CA ALA A 156 5.57 -24.02 7.56
C ALA A 156 4.10 -23.78 7.26
N SER A 157 3.74 -22.53 6.99
CA SER A 157 2.37 -22.17 6.68
C SER A 157 2.17 -21.95 5.18
N PRO A 158 1.74 -22.98 4.45
CA PRO A 158 1.52 -22.89 3.01
C PRO A 158 0.34 -21.99 2.65
N ASN A 159 0.45 -20.72 2.99
CA ASN A 159 -0.61 -19.75 2.71
C ASN A 159 -0.03 -18.45 2.15
N TRP A 160 1.02 -17.95 2.81
CA TRP A 160 1.66 -16.72 2.38
C TRP A 160 3.14 -16.96 2.05
N SER A 161 3.64 -16.26 1.05
CA SER A 161 5.03 -16.40 0.64
C SER A 161 5.65 -15.04 0.33
N ILE A 162 6.97 -14.95 0.44
CA ILE A 162 7.68 -13.72 0.18
C ILE A 162 8.13 -13.65 -1.28
N LEU A 163 8.14 -12.43 -1.83
CA LEU A 163 8.55 -12.24 -3.22
C LEU A 163 10.06 -12.36 -3.37
N PRO A 164 10.53 -13.11 -4.38
CA PRO A 164 11.97 -13.29 -4.63
C PRO A 164 12.61 -12.06 -5.27
N GLU A 165 13.91 -11.90 -5.07
CA GLU A 165 14.64 -10.77 -5.62
C GLU A 165 14.69 -10.86 -7.15
N GLU A 166 14.67 -12.08 -7.67
CA GLU A 166 14.71 -12.29 -9.11
C GLU A 166 13.43 -11.79 -9.78
N GLU A 167 12.33 -11.79 -9.03
CA GLU A 167 11.05 -11.33 -9.54
C GLU A 167 10.70 -9.94 -9.01
N ARG A 168 11.72 -9.16 -8.70
CA ARG A 168 11.52 -7.81 -8.19
C ARG A 168 11.83 -6.76 -9.25
N ASN A 169 11.56 -7.10 -10.51
CA ASN A 169 11.82 -6.19 -11.61
C ASN A 169 10.52 -5.51 -12.07
N ILE A 170 10.20 -4.39 -11.46
CA ILE A 170 8.99 -3.65 -11.80
C ILE A 170 9.33 -2.35 -12.53
N GLN A 171 8.55 -2.03 -13.55
CA GLN A 171 8.78 -0.81 -14.32
C GLN A 171 8.19 0.40 -13.60
N TRP A 172 9.07 1.31 -13.19
CA TRP A 172 8.64 2.52 -12.49
C TRP A 172 8.55 3.70 -13.45
N ASP A 173 9.60 3.89 -14.24
CA ASP A 173 9.63 4.99 -15.21
C ASP A 173 10.75 4.77 -16.23
N SER A 174 11.92 4.38 -15.74
CA SER A 174 13.07 4.14 -16.61
C SER A 174 13.30 2.65 -16.80
N GLY A 175 12.22 1.89 -16.95
CA GLY A 175 12.33 0.46 -17.15
C GLY A 175 12.96 0.11 -18.48
N PRO A 176 13.77 -0.97 -18.54
CA PRO A 176 14.43 -1.40 -19.77
C PRO A 176 13.48 -2.09 -20.73
N SER A 177 12.45 -1.36 -21.16
CA SER A 177 11.47 -1.90 -22.09
C SER A 177 10.96 -0.82 -23.03
N SER A 178 10.49 0.28 -22.48
CA SER A 178 9.97 1.39 -23.27
C SER A 178 11.11 2.15 -23.94
N GLY A 179 10.90 2.53 -25.20
CA GLY A 179 11.92 3.26 -25.93
C GLY A 179 12.66 2.38 -26.93
N GLY A 1 -12.96 15.99 10.57
CA GLY A 1 -13.23 17.37 10.05
C GLY A 1 -14.28 17.37 8.96
N SER A 2 -14.83 18.55 8.67
CA SER A 2 -15.86 18.69 7.64
C SER A 2 -15.23 18.74 6.25
N SER A 3 -16.03 18.47 5.24
CA SER A 3 -15.56 18.49 3.86
C SER A 3 -16.68 18.88 2.90
N GLY A 4 -17.59 19.71 3.39
CA GLY A 4 -18.71 20.15 2.57
C GLY A 4 -18.55 21.58 2.08
N SER A 5 -17.45 21.85 1.38
CA SER A 5 -17.19 23.18 0.87
C SER A 5 -16.29 23.13 -0.37
N SER A 6 -16.39 24.15 -1.21
CA SER A 6 -15.59 24.22 -2.43
C SER A 6 -14.09 24.30 -2.09
N GLY A 7 -13.34 23.33 -2.59
CA GLY A 7 -11.91 23.30 -2.34
C GLY A 7 -11.30 21.93 -2.57
N SER A 8 -9.97 21.87 -2.53
CA SER A 8 -9.27 20.60 -2.72
C SER A 8 -8.59 20.14 -1.44
N TRP A 9 -9.35 19.44 -0.60
CA TRP A 9 -8.82 18.93 0.67
C TRP A 9 -8.81 17.41 0.68
N VAL A 10 -9.98 16.81 0.83
CA VAL A 10 -10.10 15.35 0.86
C VAL A 10 -9.91 14.76 -0.53
N CYS A 11 -9.40 13.53 -0.58
CA CYS A 11 -9.16 12.85 -1.84
C CYS A 11 -10.21 11.77 -2.09
N GLY A 12 -10.20 11.21 -3.29
CA GLY A 12 -11.16 10.16 -3.62
C GLY A 12 -11.26 9.92 -5.12
N PHE A 13 -10.86 8.74 -5.55
CA PHE A 13 -10.90 8.38 -6.96
C PHE A 13 -11.38 6.95 -7.15
N SER A 14 -12.54 6.78 -7.78
CA SER A 14 -13.11 5.46 -8.02
C SER A 14 -13.80 5.41 -9.37
N ASN A 15 -14.17 4.20 -9.79
CA ASN A 15 -14.84 4.01 -11.07
C ASN A 15 -13.96 4.48 -12.23
N LEU A 16 -12.65 4.35 -12.05
CA LEU A 16 -11.69 4.76 -13.08
C LEU A 16 -10.97 3.55 -13.66
N GLU A 17 -10.45 3.70 -14.87
CA GLU A 17 -9.73 2.63 -15.54
C GLU A 17 -8.81 3.18 -16.63
N SER A 18 -7.57 2.71 -16.63
CA SER A 18 -6.58 3.15 -17.61
C SER A 18 -6.36 4.66 -17.51
N GLN A 19 -6.39 5.17 -16.28
CA GLN A 19 -6.19 6.59 -16.04
C GLN A 19 -4.92 6.83 -15.22
N VAL A 20 -4.51 8.09 -15.13
CA VAL A 20 -3.31 8.44 -14.37
C VAL A 20 -3.60 9.57 -13.39
N LEU A 21 -3.59 9.27 -12.11
CA LEU A 21 -3.85 10.26 -11.06
C LEU A 21 -2.57 10.60 -10.30
N GLU A 22 -2.43 11.87 -9.94
CA GLU A 22 -1.26 12.33 -9.21
C GLU A 22 -1.65 13.36 -8.16
N LYS A 23 -1.11 13.20 -6.95
CA LYS A 23 -1.41 14.12 -5.85
C LYS A 23 -0.11 14.65 -5.24
N ARG A 24 -0.22 15.76 -4.52
CA ARG A 24 0.93 16.38 -3.87
C ARG A 24 0.70 16.54 -2.37
N ALA A 25 1.75 16.95 -1.66
CA ALA A 25 1.66 17.14 -0.22
C ALA A 25 0.69 18.27 0.13
N SER A 26 0.59 19.25 -0.75
CA SER A 26 -0.31 20.38 -0.53
C SER A 26 -1.76 19.97 -0.73
N GLU A 27 -1.99 19.02 -1.63
CA GLU A 27 -3.34 18.53 -1.90
C GLU A 27 -3.85 17.66 -0.76
N LEU A 28 -2.94 16.89 -0.16
CA LEU A 28 -3.30 16.00 0.94
C LEU A 28 -3.05 16.67 2.28
N HIS A 29 -1.77 16.83 2.62
CA HIS A 29 -1.38 17.46 3.88
C HIS A 29 -1.92 16.67 5.07
N GLN A 30 -1.69 15.35 5.05
CA GLN A 30 -2.15 14.49 6.14
C GLN A 30 -3.67 14.53 6.25
N ARG A 31 -4.33 13.63 5.52
CA ARG A 31 -5.79 13.57 5.52
C ARG A 31 -6.28 12.17 5.13
N ASP A 32 -7.56 11.93 5.30
CA ASP A 32 -8.16 10.64 4.97
C ASP A 32 -8.30 10.49 3.46
N VAL A 33 -7.88 9.34 2.94
CA VAL A 33 -7.97 9.06 1.51
C VAL A 33 -8.65 7.73 1.24
N LEU A 34 -9.37 7.65 0.12
CA LEU A 34 -10.07 6.43 -0.25
C LEU A 34 -10.00 6.19 -1.76
N LEU A 35 -9.66 4.97 -2.15
CA LEU A 35 -9.55 4.62 -3.56
C LEU A 35 -10.06 3.20 -3.80
N THR A 36 -11.17 3.10 -4.53
CA THR A 36 -11.76 1.79 -4.83
C THR A 36 -12.36 1.78 -6.23
N GLU A 37 -12.74 0.61 -6.69
CA GLU A 37 -13.33 0.46 -8.02
C GLU A 37 -12.36 0.91 -9.10
N LEU A 38 -11.09 0.59 -8.92
CA LEU A 38 -10.05 0.97 -9.88
C LEU A 38 -9.57 -0.26 -10.66
N SER A 39 -9.23 -0.04 -11.93
CA SER A 39 -8.74 -1.13 -12.78
C SER A 39 -7.70 -0.63 -13.76
N ASN A 40 -6.47 -1.10 -13.61
CA ASN A 40 -5.37 -0.70 -14.49
C ASN A 40 -5.12 0.81 -14.38
N CYS A 41 -5.38 1.36 -13.19
CA CYS A 41 -5.17 2.79 -12.95
C CYS A 41 -3.88 3.03 -12.20
N THR A 42 -3.11 4.00 -12.66
CA THR A 42 -1.83 4.34 -12.01
C THR A 42 -1.97 5.61 -11.17
N VAL A 43 -1.55 5.52 -9.91
CA VAL A 43 -1.62 6.65 -9.00
C VAL A 43 -0.32 6.83 -8.25
N ARG A 44 0.08 8.08 -8.05
CA ARG A 44 1.32 8.40 -7.34
C ARG A 44 1.09 9.48 -6.29
N LEU A 45 1.04 9.07 -5.02
CA LEU A 45 0.82 10.00 -3.93
C LEU A 45 2.14 10.53 -3.40
N TYR A 46 2.27 11.85 -3.35
CA TYR A 46 3.50 12.48 -2.87
C TYR A 46 3.19 13.41 -1.69
N GLY A 47 3.61 13.00 -0.50
CA GLY A 47 3.38 13.80 0.69
C GLY A 47 3.38 12.96 1.96
N ASN A 48 2.22 12.90 2.61
CA ASN A 48 2.08 12.13 3.85
C ASN A 48 0.63 12.14 4.33
N PRO A 49 -0.23 11.31 3.72
CA PRO A 49 -1.65 11.22 4.11
C PRO A 49 -1.83 10.90 5.58
N ASN A 50 -3.08 10.67 5.98
CA ASN A 50 -3.39 10.35 7.36
C ASN A 50 -3.71 8.87 7.52
N THR A 51 -4.56 8.36 6.64
CA THR A 51 -4.94 6.95 6.67
C THR A 51 -5.32 6.45 5.28
N LEU A 52 -4.38 5.76 4.64
CA LEU A 52 -4.62 5.22 3.30
C LEU A 52 -5.48 3.97 3.36
N ARG A 53 -6.39 3.84 2.40
CA ARG A 53 -7.28 2.69 2.33
C ARG A 53 -7.60 2.32 0.89
N LEU A 54 -7.08 1.17 0.46
CA LEU A 54 -7.30 0.70 -0.90
C LEU A 54 -8.09 -0.61 -0.90
N THR A 55 -9.13 -0.67 -1.73
CA THR A 55 -9.96 -1.86 -1.83
C THR A 55 -10.59 -1.98 -3.21
N LYS A 56 -10.94 -3.21 -3.60
CA LYS A 56 -11.55 -3.46 -4.90
C LYS A 56 -10.63 -3.00 -6.03
N ALA A 57 -9.33 -3.19 -5.84
CA ALA A 57 -8.34 -2.80 -6.85
C ALA A 57 -7.84 -4.02 -7.62
N HIS A 58 -7.63 -3.82 -8.92
CA HIS A 58 -7.16 -4.90 -9.78
C HIS A 58 -6.19 -4.37 -10.83
N SER A 59 -4.96 -4.89 -10.82
CA SER A 59 -3.94 -4.46 -11.78
C SER A 59 -3.67 -2.97 -11.65
N CYS A 60 -3.85 -2.44 -10.46
CA CYS A 60 -3.62 -1.02 -10.20
C CYS A 60 -2.32 -0.81 -9.43
N LYS A 61 -1.71 0.36 -9.60
CA LYS A 61 -0.46 0.68 -8.92
C LYS A 61 -0.65 1.89 -8.01
N LEU A 62 -0.27 1.73 -6.75
CA LEU A 62 -0.40 2.81 -5.77
C LEU A 62 0.94 3.09 -5.10
N LEU A 63 1.50 4.28 -5.36
CA LEU A 63 2.78 4.67 -4.78
C LEU A 63 2.60 5.87 -3.85
N CYS A 64 2.65 5.62 -2.55
CA CYS A 64 2.49 6.68 -1.56
C CYS A 64 3.59 6.61 -0.51
N GLY A 65 3.90 7.75 0.10
CA GLY A 65 4.93 7.78 1.13
C GLY A 65 4.47 7.15 2.43
N PRO A 66 5.33 7.13 3.46
CA PRO A 66 4.99 6.55 4.76
C PRO A 66 3.75 7.18 5.38
N VAL A 67 2.66 6.43 5.42
CA VAL A 67 1.40 6.91 5.97
C VAL A 67 1.58 7.38 7.42
N SER A 68 0.67 8.23 7.88
CA SER A 68 0.73 8.75 9.24
C SER A 68 0.55 7.64 10.25
N THR A 69 -0.53 6.87 10.12
CA THR A 69 -0.81 5.77 11.03
C THR A 69 -0.52 4.43 10.37
N SER A 70 -1.42 3.99 9.49
CA SER A 70 -1.25 2.73 8.78
C SER A 70 -2.16 2.66 7.57
N VAL A 71 -2.09 1.54 6.85
CA VAL A 71 -2.90 1.34 5.65
C VAL A 71 -3.73 0.08 5.76
N PHE A 72 -4.81 0.01 4.97
CA PHE A 72 -5.68 -1.16 4.98
C PHE A 72 -6.00 -1.61 3.55
N LEU A 73 -6.02 -2.92 3.35
CA LEU A 73 -6.30 -3.49 2.03
C LEU A 73 -7.37 -4.56 2.12
N GLU A 74 -8.25 -4.62 1.12
CA GLU A 74 -9.31 -5.61 1.08
C GLU A 74 -9.93 -5.71 -0.31
N ASP A 75 -10.24 -6.93 -0.72
CA ASP A 75 -10.83 -7.17 -2.04
C ASP A 75 -9.88 -6.74 -3.15
N CYS A 76 -8.59 -7.00 -2.95
CA CYS A 76 -7.57 -6.64 -3.93
C CYS A 76 -6.97 -7.88 -4.58
N SER A 77 -6.87 -7.88 -5.89
CA SER A 77 -6.31 -9.01 -6.62
C SER A 77 -5.47 -8.53 -7.82
N ASP A 78 -4.29 -9.11 -7.97
CA ASP A 78 -3.40 -8.74 -9.06
C ASP A 78 -3.01 -7.26 -8.98
N CYS A 79 -2.85 -6.77 -7.76
CA CYS A 79 -2.49 -5.38 -7.54
C CYS A 79 -1.05 -5.26 -7.02
N VAL A 80 -0.58 -4.04 -6.87
CA VAL A 80 0.77 -3.79 -6.38
C VAL A 80 0.81 -2.55 -5.50
N LEU A 81 0.60 -2.74 -4.20
CA LEU A 81 0.62 -1.63 -3.25
C LEU A 81 2.03 -1.38 -2.73
N ALA A 82 2.39 -0.10 -2.60
CA ALA A 82 3.71 0.26 -2.11
C ALA A 82 3.64 1.50 -1.22
N VAL A 83 3.64 1.26 0.10
CA VAL A 83 3.57 2.35 1.06
C VAL A 83 3.94 1.86 2.46
N ALA A 84 4.83 2.58 3.12
CA ALA A 84 5.26 2.22 4.47
C ALA A 84 4.15 2.47 5.48
N CYS A 85 4.07 1.61 6.49
CA CYS A 85 3.06 1.73 7.53
C CYS A 85 3.38 0.83 8.72
N GLN A 86 3.10 1.34 9.92
CA GLN A 86 3.36 0.58 11.15
C GLN A 86 2.67 -0.78 11.10
N GLN A 87 1.38 -0.78 10.83
CA GLN A 87 0.61 -2.01 10.76
C GLN A 87 -0.15 -2.11 9.43
N LEU A 88 -0.21 -3.32 8.88
CA LEU A 88 -0.90 -3.55 7.63
C LEU A 88 -2.01 -4.58 7.79
N ARG A 89 -3.19 -4.26 7.29
CA ARG A 89 -4.34 -5.15 7.38
C ARG A 89 -4.82 -5.56 5.99
N ILE A 90 -4.92 -6.87 5.77
CA ILE A 90 -5.38 -7.39 4.49
C ILE A 90 -6.53 -8.37 4.67
N HIS A 91 -7.35 -8.52 3.63
CA HIS A 91 -8.49 -9.43 3.68
C HIS A 91 -9.03 -9.69 2.29
N SER A 92 -9.31 -10.96 1.99
CA SER A 92 -9.84 -11.35 0.69
C SER A 92 -8.87 -10.95 -0.43
N THR A 93 -7.59 -10.96 -0.12
CA THR A 93 -6.56 -10.61 -1.10
C THR A 93 -5.83 -11.85 -1.61
N LYS A 94 -5.52 -11.88 -2.89
CA LYS A 94 -4.82 -13.00 -3.49
C LYS A 94 -4.11 -12.59 -4.78
N ASP A 95 -2.90 -13.10 -4.97
CA ASP A 95 -2.12 -12.78 -6.16
C ASP A 95 -1.86 -11.28 -6.26
N THR A 96 -1.76 -10.63 -5.11
CA THR A 96 -1.52 -9.18 -5.07
C THR A 96 -0.17 -8.87 -4.43
N ARG A 97 0.63 -8.08 -5.13
CA ARG A 97 1.95 -7.71 -4.62
C ARG A 97 1.85 -6.53 -3.66
N ILE A 98 2.76 -6.49 -2.68
CA ILE A 98 2.78 -5.41 -1.70
C ILE A 98 4.19 -5.16 -1.20
N PHE A 99 4.71 -3.97 -1.48
CA PHE A 99 6.05 -3.60 -1.04
C PHE A 99 6.01 -2.48 -0.01
N LEU A 100 6.13 -2.85 1.26
CA LEU A 100 6.10 -1.88 2.35
C LEU A 100 7.08 -2.26 3.46
N GLN A 101 7.13 -1.45 4.50
CA GLN A 101 8.02 -1.70 5.63
C GLN A 101 7.29 -1.49 6.96
N VAL A 102 6.85 -2.59 7.56
CA VAL A 102 6.14 -2.52 8.83
C VAL A 102 7.09 -2.67 10.02
N THR A 103 6.90 -1.85 11.04
CA THR A 103 7.74 -1.90 12.23
C THR A 103 7.08 -2.73 13.32
N SER A 104 5.76 -2.67 13.37
CA SER A 104 4.99 -3.42 14.38
C SER A 104 4.72 -4.84 13.90
N ARG A 105 3.76 -4.98 12.99
CA ARG A 105 3.40 -6.29 12.46
C ARG A 105 2.32 -6.17 11.40
N ALA A 106 2.05 -7.27 10.71
CA ALA A 106 1.03 -7.29 9.66
C ALA A 106 0.00 -8.38 9.92
N ILE A 107 -1.25 -8.10 9.56
CA ILE A 107 -2.33 -9.06 9.76
C ILE A 107 -3.02 -9.40 8.44
N VAL A 108 -3.54 -10.62 8.35
CA VAL A 108 -4.22 -11.08 7.15
C VAL A 108 -5.35 -12.05 7.48
N GLU A 109 -6.47 -11.92 6.78
CA GLU A 109 -7.62 -12.80 7.01
C GLU A 109 -8.21 -13.26 5.69
N ASP A 110 -8.41 -14.57 5.56
CA ASP A 110 -8.98 -15.15 4.36
C ASP A 110 -8.11 -14.82 3.13
N CYS A 111 -6.81 -14.71 3.35
CA CYS A 111 -5.88 -14.40 2.27
C CYS A 111 -5.18 -15.66 1.76
N SER A 112 -4.70 -15.61 0.53
CA SER A 112 -4.02 -16.74 -0.08
C SER A 112 -3.15 -16.30 -1.25
N GLY A 113 -1.87 -16.68 -1.21
CA GLY A 113 -0.96 -16.30 -2.28
C GLY A 113 -0.58 -14.84 -2.23
N ILE A 114 -0.44 -14.30 -1.02
CA ILE A 114 -0.08 -12.90 -0.84
C ILE A 114 1.43 -12.70 -0.97
N GLN A 115 1.84 -11.47 -1.26
CA GLN A 115 3.25 -11.15 -1.41
C GLN A 115 3.69 -10.12 -0.38
N PHE A 116 4.82 -10.40 0.27
CA PHE A 116 5.35 -9.49 1.29
C PHE A 116 6.83 -9.20 1.05
N ALA A 117 7.12 -8.05 0.46
CA ALA A 117 8.49 -7.66 0.17
C ALA A 117 8.79 -6.27 0.72
N PRO A 118 10.08 -5.98 1.00
CA PRO A 118 10.50 -4.69 1.54
C PRO A 118 9.99 -3.52 0.70
N TYR A 119 10.24 -2.30 1.16
CA TYR A 119 9.81 -1.11 0.46
C TYR A 119 10.82 -0.71 -0.62
N THR A 120 10.39 -0.74 -1.87
CA THR A 120 11.26 -0.39 -2.98
C THR A 120 10.92 0.99 -3.53
N TRP A 121 11.66 2.00 -3.08
CA TRP A 121 11.42 3.37 -3.53
C TRP A 121 12.47 4.31 -2.93
N SER A 122 13.51 4.61 -3.70
CA SER A 122 14.57 5.50 -3.25
C SER A 122 14.30 6.94 -3.69
N TYR A 123 14.93 7.88 -3.00
CA TYR A 123 14.75 9.29 -3.30
C TYR A 123 15.59 10.17 -2.37
N PRO A 124 16.06 11.33 -2.86
CA PRO A 124 16.87 12.25 -2.05
C PRO A 124 16.11 12.80 -0.86
N GLU A 125 14.79 12.87 -0.98
CA GLU A 125 13.94 13.38 0.10
C GLU A 125 13.11 12.26 0.70
N ILE A 126 13.69 11.08 0.80
CA ILE A 126 13.00 9.92 1.36
C ILE A 126 13.09 9.91 2.88
N ASP A 127 14.23 10.37 3.40
CA ASP A 127 14.44 10.41 4.84
C ASP A 127 13.67 11.58 5.47
N LYS A 128 13.53 12.65 4.72
CA LYS A 128 12.82 13.83 5.21
C LYS A 128 11.34 13.52 5.45
N ASP A 129 10.73 12.81 4.50
CA ASP A 129 9.33 12.44 4.62
C ASP A 129 9.09 11.53 5.82
N PHE A 130 10.01 10.58 6.02
CA PHE A 130 9.90 9.64 7.13
C PHE A 130 9.91 10.38 8.46
N GLU A 131 10.62 11.50 8.52
CA GLU A 131 10.71 12.30 9.73
C GLU A 131 9.39 13.02 10.00
N SER A 132 8.84 13.66 8.97
CA SER A 132 7.59 14.37 9.10
C SER A 132 6.46 13.45 9.53
N SER A 133 6.55 12.19 9.11
CA SER A 133 5.54 11.20 9.45
C SER A 133 5.70 10.73 10.91
N GLY A 134 6.90 10.31 11.25
CA GLY A 134 7.17 9.85 12.60
C GLY A 134 7.47 8.37 12.66
N LEU A 135 8.00 7.83 11.57
CA LEU A 135 8.33 6.40 11.50
C LEU A 135 9.84 6.21 11.46
N ASP A 136 10.28 4.99 11.76
CA ASP A 136 11.70 4.66 11.76
C ASP A 136 12.01 3.58 10.74
N ARG A 137 13.25 3.56 10.25
CA ARG A 137 13.68 2.58 9.27
C ARG A 137 14.79 1.69 9.83
N SER A 138 14.77 1.49 11.15
CA SER A 138 15.78 0.67 11.80
C SER A 138 15.14 -0.49 12.55
N LYS A 139 13.95 -0.89 12.10
CA LYS A 139 13.22 -1.99 12.74
C LYS A 139 12.98 -3.13 11.74
N ASN A 140 12.15 -2.85 10.74
CA ASN A 140 11.83 -3.84 9.72
C ASN A 140 11.17 -5.07 10.34
N ASN A 141 9.90 -5.28 10.02
CA ASN A 141 9.15 -6.41 10.54
C ASN A 141 8.13 -6.92 9.52
N TRP A 142 8.62 -7.22 8.32
CA TRP A 142 7.76 -7.71 7.25
C TRP A 142 7.85 -9.22 7.13
N ASN A 143 8.09 -9.89 8.26
CA ASN A 143 8.21 -11.35 8.27
C ASN A 143 7.16 -11.96 9.18
N ASP A 144 6.92 -11.32 10.32
CA ASP A 144 5.94 -11.81 11.28
C ASP A 144 4.53 -11.41 10.86
N VAL A 145 3.63 -12.39 10.82
CA VAL A 145 2.25 -12.13 10.43
C VAL A 145 1.28 -12.98 11.25
N ASP A 146 -0.02 -12.78 11.02
CA ASP A 146 -1.05 -13.52 11.73
C ASP A 146 -2.00 -14.22 10.77
N ASP A 147 -1.95 -15.55 10.75
CA ASP A 147 -2.80 -16.34 9.86
C ASP A 147 -4.25 -16.31 10.35
N PHE A 148 -5.16 -16.71 9.47
CA PHE A 148 -6.59 -16.73 9.80
C PHE A 148 -7.36 -17.58 8.81
N ASN A 149 -6.74 -18.67 8.36
CA ASN A 149 -7.37 -19.58 7.40
C ASN A 149 -6.71 -20.94 7.42
N TRP A 150 -5.38 -20.95 7.41
CA TRP A 150 -4.61 -22.19 7.44
C TRP A 150 -3.81 -22.32 8.73
N LEU A 151 -3.85 -23.50 9.32
CA LEU A 151 -3.13 -23.76 10.57
C LEU A 151 -1.66 -24.11 10.28
N ALA A 152 -0.82 -23.98 11.30
CA ALA A 152 0.60 -24.29 11.17
C ALA A 152 1.06 -25.24 12.26
N ARG A 153 1.41 -26.47 11.86
CA ARG A 153 1.86 -27.47 12.81
C ARG A 153 3.15 -28.14 12.30
N ASP A 154 3.09 -28.67 11.09
CA ASP A 154 4.24 -29.34 10.49
C ASP A 154 4.52 -28.81 9.09
N MET A 155 3.46 -28.68 8.29
CA MET A 155 3.58 -28.18 6.93
C MET A 155 3.77 -26.66 6.92
N ALA A 156 4.20 -26.14 5.78
CA ALA A 156 4.41 -24.70 5.64
C ALA A 156 3.09 -23.95 5.49
N SER A 157 3.17 -22.65 5.25
CA SER A 157 1.97 -21.82 5.09
C SER A 157 1.98 -21.12 3.73
N PRO A 158 1.33 -21.74 2.72
CA PRO A 158 1.27 -21.17 1.37
C PRO A 158 0.36 -19.95 1.28
N ASN A 159 -0.35 -19.66 2.38
CA ASN A 159 -1.25 -18.51 2.42
C ASN A 159 -0.54 -17.24 2.00
N TRP A 160 0.76 -17.17 2.27
CA TRP A 160 1.55 -16.00 1.92
C TRP A 160 2.99 -16.39 1.61
N SER A 161 3.49 -15.93 0.46
CA SER A 161 4.85 -16.23 0.05
C SER A 161 5.63 -14.95 -0.24
N ILE A 162 6.92 -14.96 0.11
CA ILE A 162 7.77 -13.80 -0.12
C ILE A 162 8.47 -13.88 -1.47
N LEU A 163 8.54 -12.76 -2.16
CA LEU A 163 9.19 -12.70 -3.47
C LEU A 163 10.70 -12.70 -3.33
N PRO A 164 11.41 -13.52 -4.14
CA PRO A 164 12.87 -13.60 -4.09
C PRO A 164 13.53 -12.23 -4.21
N GLU A 165 14.86 -12.20 -4.12
CA GLU A 165 15.61 -10.96 -4.22
C GLU A 165 16.18 -10.77 -5.63
N GLU A 166 15.49 -11.33 -6.62
CA GLU A 166 15.92 -11.23 -8.01
C GLU A 166 14.90 -10.46 -8.84
N GLU A 167 13.62 -10.64 -8.52
CA GLU A 167 12.55 -9.96 -9.24
C GLU A 167 12.10 -8.71 -8.49
N ARG A 168 13.06 -8.03 -7.85
CA ARG A 168 12.75 -6.82 -7.10
C ARG A 168 12.86 -5.58 -8.00
N ASN A 169 13.75 -5.65 -8.98
CA ASN A 169 13.94 -4.54 -9.90
C ASN A 169 12.75 -4.38 -10.82
N ILE A 170 11.85 -3.46 -10.46
CA ILE A 170 10.66 -3.21 -11.26
C ILE A 170 10.57 -1.74 -11.68
N GLN A 171 10.60 -1.49 -12.98
CA GLN A 171 10.52 -0.13 -13.49
C GLN A 171 9.12 0.43 -13.35
N TRP A 172 8.93 1.33 -12.39
CA TRP A 172 7.64 1.94 -12.14
C TRP A 172 7.26 2.89 -13.28
N ASP A 173 8.21 3.71 -13.69
CA ASP A 173 7.98 4.67 -14.77
C ASP A 173 7.65 3.95 -16.07
N SER A 174 6.75 4.54 -16.86
CA SER A 174 6.36 3.96 -18.14
C SER A 174 5.67 5.00 -19.02
N GLY A 175 6.36 5.40 -20.08
CA GLY A 175 5.81 6.39 -20.99
C GLY A 175 6.36 7.78 -20.74
N PRO A 176 7.10 8.35 -21.71
CA PRO A 176 7.68 9.70 -21.57
C PRO A 176 6.65 10.73 -21.13
N SER A 177 7.02 11.55 -20.16
CA SER A 177 6.12 12.59 -19.65
C SER A 177 6.91 13.69 -18.94
N SER A 178 7.84 13.29 -18.09
CA SER A 178 8.66 14.24 -17.35
C SER A 178 9.84 13.54 -16.68
N GLY A 179 10.93 13.38 -17.43
CA GLY A 179 12.11 12.73 -16.89
C GLY A 179 12.74 11.78 -17.88
N GLY A 1 -17.74 22.99 14.49
CA GLY A 1 -17.17 21.81 13.79
C GLY A 1 -15.97 22.16 12.93
N SER A 2 -14.85 22.47 13.57
CA SER A 2 -13.63 22.84 12.87
C SER A 2 -12.40 22.36 13.62
N SER A 3 -12.35 22.65 14.91
CA SER A 3 -11.23 22.25 15.76
C SER A 3 -11.22 20.74 15.97
N GLY A 4 -10.16 20.10 15.52
CA GLY A 4 -10.04 18.65 15.67
C GLY A 4 -10.16 17.92 14.35
N SER A 5 -9.60 16.72 14.30
CA SER A 5 -9.65 15.91 13.08
C SER A 5 -11.03 15.30 12.88
N SER A 6 -11.37 15.01 11.62
CA SER A 6 -12.67 14.43 11.29
C SER A 6 -12.76 14.10 9.81
N GLY A 7 -12.46 15.09 8.97
CA GLY A 7 -12.51 14.88 7.53
C GLY A 7 -13.33 15.94 6.82
N SER A 8 -12.77 17.14 6.71
CA SER A 8 -13.46 18.24 6.04
C SER A 8 -13.35 18.11 4.52
N TRP A 9 -12.16 17.79 4.04
CA TRP A 9 -11.93 17.63 2.61
C TRP A 9 -11.95 16.16 2.22
N VAL A 10 -13.12 15.67 1.81
CA VAL A 10 -13.28 14.29 1.41
C VAL A 10 -13.06 14.12 -0.09
N CYS A 11 -11.81 13.88 -0.48
CA CYS A 11 -11.46 13.71 -1.89
C CYS A 11 -11.09 12.26 -2.18
N GLY A 12 -11.85 11.62 -3.08
CA GLY A 12 -11.59 10.25 -3.43
C GLY A 12 -11.71 9.99 -4.92
N PHE A 13 -10.79 9.20 -5.46
CA PHE A 13 -10.81 8.88 -6.88
C PHE A 13 -11.36 7.48 -7.12
N SER A 14 -12.50 7.40 -7.79
CA SER A 14 -13.14 6.12 -8.08
C SER A 14 -13.76 6.13 -9.49
N ASN A 15 -14.27 4.97 -9.90
CA ASN A 15 -14.88 4.85 -11.22
C ASN A 15 -13.89 5.17 -12.33
N LEU A 16 -12.61 4.88 -12.06
CA LEU A 16 -11.56 5.14 -13.04
C LEU A 16 -10.95 3.84 -13.55
N GLU A 17 -10.49 3.85 -14.79
CA GLU A 17 -9.89 2.66 -15.40
C GLU A 17 -8.90 3.06 -16.50
N SER A 18 -7.70 2.51 -16.43
CA SER A 18 -6.67 2.81 -17.42
C SER A 18 -6.33 4.28 -17.43
N GLN A 19 -6.31 4.89 -16.25
CA GLN A 19 -5.99 6.31 -16.12
C GLN A 19 -4.75 6.52 -15.25
N VAL A 20 -4.28 7.76 -15.21
CA VAL A 20 -3.09 8.09 -14.42
C VAL A 20 -3.41 9.17 -13.39
N LEU A 21 -3.55 8.77 -12.14
CA LEU A 21 -3.86 9.72 -11.07
C LEU A 21 -2.61 10.04 -10.25
N GLU A 22 -2.49 11.29 -9.83
CA GLU A 22 -1.35 11.73 -9.04
C GLU A 22 -1.77 12.73 -7.97
N LYS A 23 -1.07 12.70 -6.84
CA LYS A 23 -1.37 13.61 -5.74
C LYS A 23 -0.10 14.24 -5.18
N ARG A 24 -0.26 15.14 -4.21
CA ARG A 24 0.87 15.82 -3.60
C ARG A 24 0.54 16.25 -2.18
N ALA A 25 1.58 16.50 -1.39
CA ALA A 25 1.40 16.92 0.00
C ALA A 25 0.68 18.25 0.08
N SER A 26 0.95 19.13 -0.88
CA SER A 26 0.33 20.45 -0.92
C SER A 26 -1.20 20.32 -1.02
N GLU A 27 -1.65 19.29 -1.72
CA GLU A 27 -3.08 19.06 -1.90
C GLU A 27 -3.64 18.21 -0.76
N LEU A 28 -2.92 17.15 -0.40
CA LEU A 28 -3.34 16.25 0.66
C LEU A 28 -3.29 16.96 2.01
N HIS A 29 -2.10 17.40 2.40
CA HIS A 29 -1.92 18.10 3.66
C HIS A 29 -2.30 17.21 4.84
N GLN A 30 -1.86 15.95 4.79
CA GLN A 30 -2.17 14.99 5.86
C GLN A 30 -3.68 14.77 5.97
N ARG A 31 -4.21 13.93 5.09
CA ARG A 31 -5.64 13.63 5.09
C ARG A 31 -5.90 12.21 4.59
N ASP A 32 -7.06 11.67 4.94
CA ASP A 32 -7.43 10.32 4.53
C ASP A 32 -7.55 10.24 3.01
N VAL A 33 -7.25 9.07 2.47
CA VAL A 33 -7.33 8.85 1.03
C VAL A 33 -8.21 7.64 0.70
N LEU A 34 -9.17 7.85 -0.19
CA LEU A 34 -10.08 6.77 -0.59
C LEU A 34 -9.91 6.45 -2.07
N LEU A 35 -9.60 5.19 -2.37
CA LEU A 35 -9.42 4.76 -3.75
C LEU A 35 -10.05 3.39 -3.98
N THR A 36 -11.12 3.36 -4.76
CA THR A 36 -11.82 2.11 -5.05
C THR A 36 -12.47 2.16 -6.44
N GLU A 37 -13.02 1.03 -6.87
CA GLU A 37 -13.67 0.94 -8.17
C GLU A 37 -12.68 1.26 -9.30
N LEU A 38 -11.45 0.81 -9.13
CA LEU A 38 -10.41 1.04 -10.13
C LEU A 38 -10.02 -0.26 -10.82
N SER A 39 -9.63 -0.16 -12.09
CA SER A 39 -9.23 -1.33 -12.87
C SER A 39 -8.18 -0.96 -13.91
N ASN A 40 -7.00 -1.57 -13.79
CA ASN A 40 -5.91 -1.30 -14.72
C ASN A 40 -5.52 0.16 -14.70
N CYS A 41 -5.70 0.80 -13.55
CA CYS A 41 -5.36 2.21 -13.39
C CYS A 41 -4.13 2.39 -12.49
N THR A 42 -3.37 3.44 -12.76
CA THR A 42 -2.16 3.72 -11.98
C THR A 42 -2.35 4.95 -11.10
N VAL A 43 -1.82 4.89 -9.89
CA VAL A 43 -1.93 6.00 -8.95
C VAL A 43 -0.66 6.16 -8.12
N ARG A 44 -0.22 7.39 -7.96
CA ARG A 44 0.99 7.67 -7.18
C ARG A 44 0.81 8.90 -6.30
N LEU A 45 0.61 8.68 -5.01
CA LEU A 45 0.41 9.78 -4.07
C LEU A 45 1.75 10.26 -3.53
N TYR A 46 1.88 11.58 -3.38
CA TYR A 46 3.11 12.18 -2.87
C TYR A 46 2.82 13.06 -1.65
N GLY A 47 3.65 12.92 -0.63
CA GLY A 47 3.47 13.71 0.58
C GLY A 47 3.47 12.86 1.84
N ASN A 48 2.32 12.78 2.49
CA ASN A 48 2.19 11.99 3.72
C ASN A 48 0.75 12.02 4.22
N PRO A 49 -0.10 11.10 3.71
CA PRO A 49 -1.51 11.03 4.12
C PRO A 49 -1.67 10.50 5.54
N ASN A 50 -2.90 10.56 6.05
CA ASN A 50 -3.19 10.08 7.40
C ASN A 50 -3.52 8.60 7.39
N THR A 51 -4.41 8.20 6.50
CA THR A 51 -4.82 6.80 6.39
C THR A 51 -5.08 6.42 4.94
N LEU A 52 -4.30 5.47 4.42
CA LEU A 52 -4.45 5.02 3.05
C LEU A 52 -5.33 3.77 2.99
N ARG A 53 -6.40 3.85 2.19
CA ARG A 53 -7.32 2.72 2.05
C ARG A 53 -7.50 2.37 0.58
N LEU A 54 -7.29 1.09 0.26
CA LEU A 54 -7.43 0.62 -1.11
C LEU A 54 -8.26 -0.66 -1.16
N THR A 55 -9.36 -0.61 -1.89
CA THR A 55 -10.24 -1.77 -2.03
C THR A 55 -10.89 -1.82 -3.40
N LYS A 56 -11.32 -3.01 -3.80
CA LYS A 56 -11.95 -3.19 -5.10
C LYS A 56 -11.00 -2.80 -6.23
N ALA A 57 -9.72 -3.12 -6.06
CA ALA A 57 -8.71 -2.80 -7.06
C ALA A 57 -8.33 -4.03 -7.87
N HIS A 58 -8.13 -3.84 -9.17
CA HIS A 58 -7.76 -4.95 -10.06
C HIS A 58 -6.76 -4.49 -11.10
N SER A 59 -5.58 -5.11 -11.09
CA SER A 59 -4.53 -4.77 -12.04
C SER A 59 -4.12 -3.31 -11.91
N CYS A 60 -4.31 -2.75 -10.72
CA CYS A 60 -3.96 -1.36 -10.46
C CYS A 60 -2.70 -1.25 -9.61
N LYS A 61 -2.05 -0.11 -9.66
CA LYS A 61 -0.83 0.12 -8.88
C LYS A 61 -0.97 1.35 -7.99
N LEU A 62 -0.28 1.34 -6.86
CA LEU A 62 -0.33 2.46 -5.93
C LEU A 62 1.03 2.71 -5.30
N LEU A 63 1.49 3.95 -5.37
CA LEU A 63 2.77 4.34 -4.81
C LEU A 63 2.66 5.60 -3.95
N CYS A 64 2.59 5.41 -2.64
CA CYS A 64 2.46 6.52 -1.71
C CYS A 64 3.58 6.51 -0.68
N GLY A 65 3.88 7.68 -0.12
CA GLY A 65 4.92 7.79 0.88
C GLY A 65 4.53 7.16 2.20
N PRO A 66 5.42 7.20 3.21
CA PRO A 66 5.14 6.64 4.53
C PRO A 66 3.88 7.21 5.15
N VAL A 67 2.86 6.38 5.28
CA VAL A 67 1.58 6.79 5.86
C VAL A 67 1.76 7.25 7.31
N SER A 68 0.81 8.05 7.78
CA SER A 68 0.86 8.56 9.15
C SER A 68 0.60 7.44 10.16
N THR A 69 -0.49 6.70 9.95
CA THR A 69 -0.85 5.61 10.84
C THR A 69 -0.55 4.26 10.20
N SER A 70 -1.40 3.85 9.26
CA SER A 70 -1.21 2.58 8.58
C SER A 70 -2.08 2.52 7.31
N VAL A 71 -1.96 1.41 6.59
CA VAL A 71 -2.72 1.23 5.36
C VAL A 71 -3.61 -0.01 5.44
N PHE A 72 -4.82 0.10 4.89
CA PHE A 72 -5.77 -1.00 4.91
C PHE A 72 -6.10 -1.47 3.50
N LEU A 73 -5.88 -2.75 3.23
CA LEU A 73 -6.15 -3.32 1.92
C LEU A 73 -7.14 -4.47 2.02
N GLU A 74 -8.14 -4.48 1.13
CA GLU A 74 -9.16 -5.52 1.13
C GLU A 74 -9.79 -5.66 -0.26
N ASP A 75 -10.09 -6.89 -0.65
CA ASP A 75 -10.70 -7.15 -1.95
C ASP A 75 -9.80 -6.69 -3.08
N CYS A 76 -8.49 -6.91 -2.92
CA CYS A 76 -7.52 -6.51 -3.93
C CYS A 76 -6.89 -7.73 -4.59
N SER A 77 -6.79 -7.70 -5.91
CA SER A 77 -6.21 -8.81 -6.66
C SER A 77 -5.40 -8.30 -7.85
N ASP A 78 -4.24 -8.90 -8.08
CA ASP A 78 -3.37 -8.51 -9.18
C ASP A 78 -2.97 -7.04 -9.07
N CYS A 79 -2.89 -6.55 -7.83
CA CYS A 79 -2.51 -5.17 -7.59
C CYS A 79 -1.10 -5.08 -7.03
N VAL A 80 -0.47 -3.92 -7.19
CA VAL A 80 0.89 -3.71 -6.70
C VAL A 80 0.96 -2.49 -5.79
N LEU A 81 0.75 -2.71 -4.50
CA LEU A 81 0.79 -1.63 -3.52
C LEU A 81 2.22 -1.34 -3.08
N ALA A 82 2.48 -0.10 -2.72
CA ALA A 82 3.81 0.31 -2.27
C ALA A 82 3.73 1.50 -1.32
N VAL A 83 3.82 1.22 -0.03
CA VAL A 83 3.76 2.27 0.98
C VAL A 83 4.14 1.73 2.35
N ALA A 84 5.07 2.41 3.02
CA ALA A 84 5.52 2.00 4.35
C ALA A 84 4.50 2.37 5.41
N CYS A 85 4.32 1.49 6.39
CA CYS A 85 3.37 1.73 7.48
C CYS A 85 3.79 0.97 8.73
N GLN A 86 3.17 1.31 9.85
CA GLN A 86 3.47 0.66 11.13
C GLN A 86 2.75 -0.68 11.23
N GLN A 87 1.58 -0.77 10.62
CA GLN A 87 0.79 -2.00 10.64
C GLN A 87 -0.05 -2.14 9.39
N LEU A 88 0.02 -3.31 8.75
CA LEU A 88 -0.74 -3.57 7.53
C LEU A 88 -1.95 -4.44 7.83
N ARG A 89 -3.05 -4.18 7.12
CA ARG A 89 -4.28 -4.95 7.31
C ARG A 89 -4.81 -5.45 5.97
N ILE A 90 -4.62 -6.75 5.72
CA ILE A 90 -5.08 -7.37 4.48
C ILE A 90 -6.27 -8.28 4.73
N HIS A 91 -7.15 -8.37 3.75
CA HIS A 91 -8.34 -9.22 3.86
C HIS A 91 -8.93 -9.52 2.48
N SER A 92 -9.19 -10.80 2.23
CA SER A 92 -9.76 -11.22 0.96
C SER A 92 -8.83 -10.85 -0.19
N THR A 93 -7.53 -10.85 0.07
CA THR A 93 -6.54 -10.51 -0.95
C THR A 93 -5.89 -11.78 -1.50
N LYS A 94 -5.48 -11.72 -2.77
CA LYS A 94 -4.84 -12.85 -3.42
C LYS A 94 -4.06 -12.41 -4.65
N ASP A 95 -2.82 -12.86 -4.76
CA ASP A 95 -1.97 -12.51 -5.89
C ASP A 95 -1.79 -11.00 -5.98
N THR A 96 -1.71 -10.34 -4.83
CA THR A 96 -1.53 -8.90 -4.78
C THR A 96 -0.17 -8.54 -4.20
N ARG A 97 0.70 -7.99 -5.04
CA ARG A 97 2.04 -7.60 -4.61
C ARG A 97 1.97 -6.39 -3.67
N ILE A 98 2.49 -6.57 -2.46
CA ILE A 98 2.49 -5.48 -1.47
C ILE A 98 3.89 -5.22 -0.95
N PHE A 99 4.50 -4.13 -1.40
CA PHE A 99 5.85 -3.77 -0.99
C PHE A 99 5.80 -2.71 0.11
N LEU A 100 6.12 -3.11 1.33
CA LEU A 100 6.11 -2.19 2.47
C LEU A 100 7.11 -2.63 3.53
N GLN A 101 7.19 -1.85 4.61
CA GLN A 101 8.11 -2.16 5.70
C GLN A 101 7.44 -1.93 7.05
N VAL A 102 6.80 -2.98 7.58
CA VAL A 102 6.12 -2.88 8.86
C VAL A 102 7.10 -3.02 10.02
N THR A 103 6.84 -2.28 11.09
CA THR A 103 7.70 -2.31 12.27
C THR A 103 7.03 -3.05 13.42
N SER A 104 5.70 -2.99 13.45
CA SER A 104 4.93 -3.65 14.50
C SER A 104 4.48 -5.05 14.05
N ARG A 105 3.46 -5.09 13.21
CA ARG A 105 2.95 -6.36 12.72
C ARG A 105 2.02 -6.15 11.52
N ALA A 106 1.61 -7.24 10.90
CA ALA A 106 0.71 -7.17 9.74
C ALA A 106 -0.40 -8.20 9.86
N ILE A 107 -1.63 -7.71 10.01
CA ILE A 107 -2.79 -8.58 10.13
C ILE A 107 -3.27 -9.05 8.77
N VAL A 108 -3.64 -10.32 8.67
CA VAL A 108 -4.13 -10.89 7.41
C VAL A 108 -5.21 -11.94 7.67
N GLU A 109 -6.39 -11.72 7.09
CA GLU A 109 -7.51 -12.64 7.25
C GLU A 109 -8.05 -13.08 5.90
N ASP A 110 -8.24 -14.39 5.75
CA ASP A 110 -8.75 -14.95 4.50
C ASP A 110 -7.83 -14.60 3.33
N CYS A 111 -6.55 -14.48 3.62
CA CYS A 111 -5.56 -14.16 2.59
C CYS A 111 -4.90 -15.42 2.04
N SER A 112 -4.52 -15.38 0.77
CA SER A 112 -3.88 -16.52 0.13
C SER A 112 -3.03 -16.07 -1.07
N GLY A 113 -1.82 -16.60 -1.15
CA GLY A 113 -0.93 -16.24 -2.25
C GLY A 113 -0.55 -14.78 -2.23
N ILE A 114 -0.37 -14.22 -1.03
CA ILE A 114 0.01 -12.83 -0.88
C ILE A 114 1.49 -12.62 -1.14
N GLN A 115 1.82 -11.54 -1.84
CA GLN A 115 3.21 -11.23 -2.16
C GLN A 115 3.76 -10.18 -1.20
N PHE A 116 4.52 -10.63 -0.21
CA PHE A 116 5.11 -9.73 0.77
C PHE A 116 6.55 -9.39 0.40
N ALA A 117 6.89 -8.10 0.46
CA ALA A 117 8.23 -7.64 0.13
C ALA A 117 8.53 -6.31 0.79
N PRO A 118 9.83 -5.97 0.95
CA PRO A 118 10.25 -4.71 1.57
C PRO A 118 9.94 -3.50 0.69
N TYR A 119 9.70 -2.36 1.32
CA TYR A 119 9.40 -1.13 0.59
C TYR A 119 10.55 -0.75 -0.33
N THR A 120 10.21 -0.13 -1.46
CA THR A 120 11.21 0.28 -2.43
C THR A 120 10.83 1.62 -3.06
N TRP A 121 11.30 2.71 -2.46
CA TRP A 121 11.01 4.05 -2.96
C TRP A 121 11.78 5.11 -2.16
N SER A 122 12.91 5.56 -2.70
CA SER A 122 13.72 6.56 -2.04
C SER A 122 13.55 7.93 -2.70
N TYR A 123 13.64 8.98 -1.89
CA TYR A 123 13.48 10.34 -2.40
C TYR A 123 14.61 11.24 -1.87
N PRO A 124 14.84 12.39 -2.53
CA PRO A 124 15.88 13.33 -2.11
C PRO A 124 15.57 13.99 -0.78
N GLU A 125 14.27 14.10 -0.46
CA GLU A 125 13.84 14.71 0.78
C GLU A 125 12.90 13.79 1.54
N ILE A 126 13.21 12.49 1.53
CA ILE A 126 12.39 11.51 2.21
C ILE A 126 12.74 11.42 3.70
N ASP A 127 13.99 11.77 4.03
CA ASP A 127 14.46 11.73 5.41
C ASP A 127 13.56 12.58 6.31
N LYS A 128 12.98 13.63 5.75
CA LYS A 128 12.10 14.51 6.50
C LYS A 128 10.71 13.90 6.66
N ASP A 129 10.31 13.10 5.68
CA ASP A 129 9.01 12.45 5.72
C ASP A 129 8.93 11.44 6.85
N PHE A 130 9.94 10.57 6.93
CA PHE A 130 10.00 9.55 7.98
C PHE A 130 10.08 10.19 9.35
N GLU A 131 10.73 11.35 9.43
CA GLU A 131 10.88 12.06 10.69
C GLU A 131 9.56 12.64 11.15
N SER A 132 8.83 13.27 10.23
CA SER A 132 7.55 13.87 10.54
C SER A 132 6.53 12.80 10.91
N SER A 133 6.62 11.64 10.25
CA SER A 133 5.70 10.54 10.51
C SER A 133 6.07 9.82 11.79
N GLY A 134 7.37 9.79 12.10
CA GLY A 134 7.83 9.12 13.30
C GLY A 134 7.99 7.63 13.11
N LEU A 135 8.28 7.21 11.88
CA LEU A 135 8.45 5.79 11.57
C LEU A 135 9.84 5.32 11.99
N ASP A 136 10.13 4.05 11.73
CA ASP A 136 11.42 3.48 12.08
C ASP A 136 12.16 2.99 10.83
N ARG A 137 13.48 3.07 10.86
CA ARG A 137 14.30 2.63 9.73
C ARG A 137 15.45 1.75 10.21
N SER A 138 15.13 0.79 11.07
CA SER A 138 16.14 -0.12 11.60
C SER A 138 15.53 -1.45 12.00
N LYS A 139 14.37 -1.40 12.66
CA LYS A 139 13.68 -2.61 13.09
C LYS A 139 13.52 -3.59 11.93
N ASN A 140 12.58 -3.30 11.04
CA ASN A 140 12.32 -4.16 9.89
C ASN A 140 11.92 -5.56 10.34
N ASN A 141 10.65 -5.90 10.13
CA ASN A 141 10.13 -7.21 10.51
C ASN A 141 8.96 -7.61 9.62
N TRP A 142 9.03 -7.22 8.35
CA TRP A 142 7.98 -7.55 7.39
C TRP A 142 7.80 -9.06 7.27
N ASN A 143 8.87 -9.81 7.51
CA ASN A 143 8.83 -11.26 7.42
C ASN A 143 7.82 -11.83 8.41
N ASP A 144 7.68 -11.16 9.56
CA ASP A 144 6.74 -11.59 10.58
C ASP A 144 5.33 -11.08 10.30
N VAL A 145 4.37 -11.99 10.27
CA VAL A 145 2.98 -11.63 10.01
C VAL A 145 2.03 -12.49 10.83
N ASP A 146 0.93 -11.90 11.27
CA ASP A 146 -0.07 -12.61 12.06
C ASP A 146 -1.16 -13.19 11.17
N ASP A 147 -1.29 -14.51 11.19
CA ASP A 147 -2.30 -15.19 10.38
C ASP A 147 -3.53 -15.52 11.21
N PHE A 148 -4.69 -15.00 10.79
CA PHE A 148 -5.94 -15.24 11.50
C PHE A 148 -6.75 -16.33 10.80
N ASN A 149 -6.05 -17.28 10.18
CA ASN A 149 -6.72 -18.37 9.48
C ASN A 149 -6.18 -19.72 9.95
N TRP A 150 -4.86 -19.84 10.00
CA TRP A 150 -4.21 -21.08 10.44
C TRP A 150 -3.24 -20.82 11.57
N LEU A 151 -3.66 -21.12 12.79
CA LEU A 151 -2.82 -20.92 13.97
C LEU A 151 -1.52 -21.72 13.85
N ALA A 152 -0.41 -21.08 14.20
CA ALA A 152 0.90 -21.72 14.13
C ALA A 152 1.07 -22.71 15.29
N ARG A 153 0.98 -23.99 14.97
CA ARG A 153 1.13 -25.04 15.97
C ARG A 153 2.43 -25.83 15.75
N ASP A 154 2.42 -26.69 14.74
CA ASP A 154 3.59 -27.50 14.42
C ASP A 154 4.00 -27.31 12.96
N MET A 155 3.01 -27.33 12.07
CA MET A 155 3.27 -27.18 10.64
C MET A 155 3.00 -25.73 10.20
N ALA A 156 3.83 -25.23 9.30
CA ALA A 156 3.70 -23.87 8.80
C ALA A 156 2.41 -23.72 7.98
N SER A 157 1.99 -22.47 7.77
CA SER A 157 0.78 -22.19 7.01
C SER A 157 1.13 -21.71 5.59
N PRO A 158 1.19 -22.65 4.63
CA PRO A 158 1.51 -22.31 3.24
C PRO A 158 0.41 -21.50 2.56
N ASN A 159 0.16 -20.29 3.08
CA ASN A 159 -0.86 -19.42 2.53
C ASN A 159 -0.24 -18.36 1.62
N TRP A 160 0.65 -17.55 2.19
CA TRP A 160 1.31 -16.50 1.44
C TRP A 160 2.71 -16.93 1.02
N SER A 161 3.36 -16.10 0.22
CA SER A 161 4.70 -16.40 -0.26
C SER A 161 5.55 -15.13 -0.35
N ILE A 162 6.86 -15.30 -0.35
CA ILE A 162 7.79 -14.17 -0.42
C ILE A 162 8.39 -14.06 -1.82
N LEU A 163 8.76 -12.84 -2.20
CA LEU A 163 9.35 -12.60 -3.51
C LEU A 163 10.87 -12.81 -3.47
N PRO A 164 11.39 -13.80 -4.21
CA PRO A 164 12.82 -14.09 -4.26
C PRO A 164 13.65 -12.86 -4.61
N GLU A 165 14.96 -13.06 -4.76
CA GLU A 165 15.86 -11.96 -5.10
C GLU A 165 16.12 -11.92 -6.60
N GLU A 166 15.06 -11.69 -7.37
CA GLU A 166 15.17 -11.61 -8.83
C GLU A 166 14.08 -10.73 -9.42
N GLU A 167 12.85 -10.92 -8.93
CA GLU A 167 11.72 -10.13 -9.42
C GLU A 167 11.42 -8.96 -8.48
N ARG A 168 12.47 -8.44 -7.84
CA ARG A 168 12.31 -7.32 -6.92
C ARG A 168 12.44 -5.99 -7.65
N ASN A 169 13.19 -5.99 -8.75
CA ASN A 169 13.39 -4.78 -9.54
C ASN A 169 12.20 -4.54 -10.46
N ILE A 170 11.39 -3.53 -10.13
CA ILE A 170 10.22 -3.20 -10.93
C ILE A 170 10.30 -1.77 -11.44
N GLN A 171 10.05 -1.60 -12.74
CA GLN A 171 10.09 -0.28 -13.37
C GLN A 171 8.91 0.57 -12.92
N TRP A 172 9.15 1.49 -12.01
CA TRP A 172 8.11 2.37 -11.50
C TRP A 172 7.83 3.51 -12.48
N ASP A 173 8.89 4.23 -12.86
CA ASP A 173 8.76 5.34 -13.79
C ASP A 173 9.83 5.29 -14.86
N SER A 174 9.47 4.77 -16.03
CA SER A 174 10.41 4.65 -17.14
C SER A 174 10.35 5.89 -18.03
N GLY A 175 9.20 6.09 -18.67
CA GLY A 175 9.03 7.24 -19.54
C GLY A 175 9.78 7.08 -20.85
N PRO A 176 9.18 7.51 -21.98
CA PRO A 176 9.81 7.41 -23.30
C PRO A 176 10.90 8.45 -23.50
N SER A 177 11.36 8.59 -24.75
CA SER A 177 12.39 9.56 -25.07
C SER A 177 11.84 10.65 -25.99
N SER A 178 10.76 11.29 -25.57
CA SER A 178 10.13 12.34 -26.35
C SER A 178 10.53 13.73 -25.82
N GLY A 179 11.11 14.54 -26.70
CA GLY A 179 11.54 15.87 -26.31
C GLY A 179 13.00 16.13 -26.61
N GLY A 1 -12.40 34.09 -10.88
CA GLY A 1 -11.73 34.63 -9.65
C GLY A 1 -10.70 33.68 -9.09
N SER A 2 -10.70 33.54 -7.76
CA SER A 2 -9.75 32.66 -7.09
C SER A 2 -10.48 31.46 -6.47
N SER A 3 -11.37 31.74 -5.54
CA SER A 3 -12.13 30.69 -4.86
C SER A 3 -13.60 30.77 -5.24
N GLY A 4 -14.41 29.87 -4.66
CA GLY A 4 -15.83 29.85 -4.94
C GLY A 4 -16.36 28.45 -5.19
N SER A 5 -16.23 27.98 -6.42
CA SER A 5 -16.71 26.65 -6.79
C SER A 5 -15.60 25.62 -6.60
N SER A 6 -15.91 24.55 -5.87
CA SER A 6 -14.94 23.49 -5.61
C SER A 6 -15.63 22.27 -5.01
N GLY A 7 -14.83 21.24 -4.71
CA GLY A 7 -15.38 20.03 -4.13
C GLY A 7 -15.43 20.08 -2.62
N SER A 8 -15.98 19.04 -2.01
CA SER A 8 -16.09 18.96 -0.56
C SER A 8 -14.93 18.18 0.05
N TRP A 9 -14.88 18.10 1.37
CA TRP A 9 -13.82 17.39 2.06
C TRP A 9 -14.15 15.91 2.18
N VAL A 10 -13.12 15.09 2.39
CA VAL A 10 -13.31 13.64 2.51
C VAL A 10 -13.89 13.06 1.23
N CYS A 11 -13.05 12.87 0.23
CA CYS A 11 -13.48 12.32 -1.05
C CYS A 11 -12.27 11.84 -1.87
N GLY A 12 -12.19 10.53 -2.08
CA GLY A 12 -11.10 9.97 -2.85
C GLY A 12 -11.47 9.75 -4.31
N PHE A 13 -10.82 8.76 -4.93
CA PHE A 13 -11.08 8.44 -6.33
C PHE A 13 -11.64 7.02 -6.46
N SER A 14 -12.45 6.82 -7.48
CA SER A 14 -13.06 5.51 -7.73
C SER A 14 -13.74 5.47 -9.09
N ASN A 15 -14.10 4.27 -9.53
CA ASN A 15 -14.76 4.09 -10.82
C ASN A 15 -13.87 4.58 -11.96
N LEU A 16 -12.56 4.40 -11.79
CA LEU A 16 -11.60 4.82 -12.81
C LEU A 16 -10.86 3.62 -13.38
N GLU A 17 -10.61 3.65 -14.69
CA GLU A 17 -9.89 2.57 -15.35
C GLU A 17 -8.96 3.11 -16.43
N SER A 18 -7.72 2.60 -16.43
CA SER A 18 -6.73 3.04 -17.41
C SER A 18 -6.46 4.53 -17.28
N GLN A 19 -6.58 5.05 -16.07
CA GLN A 19 -6.35 6.47 -15.81
C GLN A 19 -5.06 6.68 -15.03
N VAL A 20 -4.66 7.94 -14.89
CA VAL A 20 -3.44 8.28 -14.17
C VAL A 20 -3.70 9.34 -13.11
N LEU A 21 -3.64 8.94 -11.85
CA LEU A 21 -3.87 9.86 -10.74
C LEU A 21 -2.55 10.34 -10.14
N GLU A 22 -2.50 11.61 -9.74
CA GLU A 22 -1.30 12.18 -9.16
C GLU A 22 -1.65 13.10 -8.00
N LYS A 23 -0.88 12.99 -6.91
CA LYS A 23 -1.12 13.81 -5.73
C LYS A 23 0.21 14.25 -5.11
N ARG A 24 0.19 15.42 -4.46
CA ARG A 24 1.39 15.95 -3.82
C ARG A 24 1.16 16.18 -2.33
N ALA A 25 2.18 16.67 -1.64
CA ALA A 25 2.10 16.93 -0.22
C ALA A 25 1.19 18.12 0.07
N SER A 26 1.23 19.11 -0.82
CA SER A 26 0.41 20.31 -0.66
C SER A 26 -1.07 20.00 -0.94
N GLU A 27 -1.30 19.10 -1.89
CA GLU A 27 -2.66 18.72 -2.26
C GLU A 27 -3.25 17.77 -1.22
N LEU A 28 -2.40 16.97 -0.60
CA LEU A 28 -2.84 16.01 0.41
C LEU A 28 -2.96 16.67 1.77
N HIS A 29 -1.86 17.21 2.26
CA HIS A 29 -1.85 17.88 3.57
C HIS A 29 -2.13 16.88 4.68
N GLN A 30 -1.71 15.63 4.47
CA GLN A 30 -1.92 14.59 5.47
C GLN A 30 -3.42 14.34 5.69
N ARG A 31 -4.04 13.63 4.76
CA ARG A 31 -5.47 13.33 4.87
C ARG A 31 -5.75 11.91 4.42
N ASP A 32 -7.01 11.49 4.52
CA ASP A 32 -7.42 10.15 4.14
C ASP A 32 -7.61 10.05 2.63
N VAL A 33 -7.12 8.95 2.06
CA VAL A 33 -7.24 8.73 0.62
C VAL A 33 -8.01 7.44 0.32
N LEU A 34 -9.25 7.59 -0.14
CA LEU A 34 -10.09 6.44 -0.46
C LEU A 34 -9.97 6.07 -1.93
N LEU A 35 -9.62 4.83 -2.20
CA LEU A 35 -9.48 4.34 -3.57
C LEU A 35 -10.11 2.96 -3.74
N THR A 36 -11.24 2.92 -4.42
CA THR A 36 -11.94 1.66 -4.66
C THR A 36 -12.67 1.68 -6.00
N GLU A 37 -13.14 0.52 -6.42
CA GLU A 37 -13.86 0.40 -7.68
C GLU A 37 -12.98 0.84 -8.85
N LEU A 38 -11.71 0.49 -8.80
CA LEU A 38 -10.76 0.85 -9.85
C LEU A 38 -10.32 -0.38 -10.63
N SER A 39 -9.55 -0.15 -11.70
CA SER A 39 -9.07 -1.24 -12.53
C SER A 39 -8.03 -0.74 -13.54
N ASN A 40 -6.79 -1.19 -13.36
CA ASN A 40 -5.71 -0.79 -14.25
C ASN A 40 -5.45 0.72 -14.16
N CYS A 41 -5.61 1.26 -12.96
CA CYS A 41 -5.40 2.69 -12.74
C CYS A 41 -4.13 2.92 -11.92
N THR A 42 -3.19 3.67 -12.50
CA THR A 42 -1.94 3.98 -11.83
C THR A 42 -2.09 5.18 -10.91
N VAL A 43 -1.44 5.13 -9.75
CA VAL A 43 -1.51 6.21 -8.79
C VAL A 43 -0.16 6.46 -8.13
N ARG A 44 0.30 7.70 -8.19
CA ARG A 44 1.60 8.07 -7.61
C ARG A 44 1.45 9.27 -6.67
N LEU A 45 1.40 9.00 -5.37
CA LEU A 45 1.25 10.06 -4.37
C LEU A 45 2.62 10.49 -3.86
N TYR A 46 2.69 11.73 -3.36
CA TYR A 46 3.94 12.27 -2.84
C TYR A 46 3.68 13.08 -1.57
N GLY A 47 4.18 12.57 -0.45
CA GLY A 47 4.00 13.27 0.82
C GLY A 47 3.77 12.33 1.98
N ASN A 48 2.76 12.62 2.79
CA ASN A 48 2.45 11.78 3.95
C ASN A 48 0.96 11.87 4.30
N PRO A 49 0.13 11.04 3.65
CA PRO A 49 -1.31 11.02 3.91
C PRO A 49 -1.66 10.46 5.28
N ASN A 50 -2.84 10.83 5.78
CA ASN A 50 -3.28 10.38 7.09
C ASN A 50 -3.45 8.86 7.11
N THR A 51 -4.44 8.37 6.36
CA THR A 51 -4.71 6.94 6.30
C THR A 51 -4.99 6.51 4.86
N LEU A 52 -4.17 5.59 4.35
CA LEU A 52 -4.33 5.09 2.99
C LEU A 52 -5.23 3.85 2.97
N ARG A 53 -6.21 3.86 2.07
CA ARG A 53 -7.13 2.73 1.95
C ARG A 53 -7.36 2.37 0.49
N LEU A 54 -7.23 1.08 0.18
CA LEU A 54 -7.42 0.60 -1.19
C LEU A 54 -8.11 -0.75 -1.20
N THR A 55 -9.32 -0.79 -1.72
CA THR A 55 -10.08 -2.04 -1.79
C THR A 55 -10.80 -2.17 -3.14
N LYS A 56 -11.09 -3.40 -3.52
CA LYS A 56 -11.77 -3.67 -4.79
C LYS A 56 -10.93 -3.18 -5.97
N ALA A 57 -9.62 -3.21 -5.81
CA ALA A 57 -8.71 -2.77 -6.87
C ALA A 57 -8.23 -3.94 -7.72
N HIS A 58 -7.97 -3.68 -8.99
CA HIS A 58 -7.51 -4.71 -9.91
C HIS A 58 -6.47 -4.16 -10.87
N SER A 59 -5.26 -4.70 -10.82
CA SER A 59 -4.18 -4.26 -11.69
C SER A 59 -3.88 -2.78 -11.47
N CYS A 60 -4.14 -2.30 -10.27
CA CYS A 60 -3.90 -0.89 -9.93
C CYS A 60 -2.61 -0.74 -9.11
N LYS A 61 -1.83 0.27 -9.44
CA LYS A 61 -0.58 0.53 -8.73
C LYS A 61 -0.73 1.71 -7.78
N LEU A 62 0.10 1.75 -6.75
CA LEU A 62 0.07 2.83 -5.77
C LEU A 62 1.43 3.01 -5.10
N LEU A 63 2.00 4.20 -5.26
CA LEU A 63 3.29 4.50 -4.68
C LEU A 63 3.23 5.79 -3.85
N CYS A 64 3.13 5.63 -2.54
CA CYS A 64 3.04 6.78 -1.63
C CYS A 64 4.02 6.62 -0.47
N GLY A 65 4.41 7.74 0.12
CA GLY A 65 5.33 7.71 1.24
C GLY A 65 4.74 7.02 2.46
N PRO A 66 5.51 6.92 3.56
CA PRO A 66 5.05 6.28 4.79
C PRO A 66 3.77 6.92 5.34
N VAL A 67 2.73 6.11 5.49
CA VAL A 67 1.45 6.59 6.00
C VAL A 67 1.59 7.07 7.45
N SER A 68 0.65 7.91 7.88
CA SER A 68 0.66 8.43 9.24
C SER A 68 0.23 7.36 10.24
N THR A 69 -0.91 6.74 9.98
CA THR A 69 -1.44 5.71 10.85
C THR A 69 -1.13 4.32 10.30
N SER A 70 -1.93 3.88 9.33
CA SER A 70 -1.74 2.57 8.71
C SER A 70 -2.49 2.48 7.39
N VAL A 71 -2.40 1.33 6.73
CA VAL A 71 -3.07 1.11 5.46
C VAL A 71 -3.85 -0.20 5.47
N PHE A 72 -5.02 -0.19 4.84
CA PHE A 72 -5.86 -1.37 4.77
C PHE A 72 -6.04 -1.84 3.32
N LEU A 73 -6.51 -3.07 3.16
CA LEU A 73 -6.72 -3.64 1.83
C LEU A 73 -7.83 -4.69 1.85
N GLU A 74 -8.68 -4.67 0.84
CA GLU A 74 -9.79 -5.62 0.76
C GLU A 74 -10.24 -5.79 -0.68
N ASP A 75 -10.46 -7.05 -1.08
CA ASP A 75 -10.90 -7.35 -2.43
C ASP A 75 -9.89 -6.86 -3.47
N CYS A 76 -8.61 -7.03 -3.16
CA CYS A 76 -7.54 -6.62 -4.06
C CYS A 76 -6.85 -7.82 -4.68
N SER A 77 -6.60 -7.74 -5.98
CA SER A 77 -5.94 -8.83 -6.70
C SER A 77 -5.10 -8.30 -7.85
N ASP A 78 -3.90 -8.85 -8.02
CA ASP A 78 -3.00 -8.42 -9.08
C ASP A 78 -2.69 -6.94 -8.97
N CYS A 79 -2.71 -6.42 -7.75
CA CYS A 79 -2.42 -5.01 -7.52
C CYS A 79 -1.06 -4.83 -6.87
N VAL A 80 -0.41 -3.69 -7.15
CA VAL A 80 0.90 -3.41 -6.59
C VAL A 80 0.85 -2.21 -5.65
N LEU A 81 0.60 -2.47 -4.37
CA LEU A 81 0.53 -1.42 -3.37
C LEU A 81 1.83 -1.33 -2.57
N ALA A 82 2.43 -0.15 -2.56
CA ALA A 82 3.68 0.06 -1.83
C ALA A 82 3.59 1.30 -0.95
N VAL A 83 3.56 1.08 0.37
CA VAL A 83 3.48 2.17 1.31
C VAL A 83 3.93 1.73 2.71
N ALA A 84 4.85 2.49 3.30
CA ALA A 84 5.37 2.17 4.63
C ALA A 84 4.34 2.51 5.71
N CYS A 85 4.13 1.58 6.63
CA CYS A 85 3.18 1.79 7.71
C CYS A 85 3.56 0.96 8.94
N GLN A 86 2.95 1.28 10.07
CA GLN A 86 3.23 0.57 11.32
C GLN A 86 2.44 -0.74 11.38
N GLN A 87 1.22 -0.71 10.86
CA GLN A 87 0.36 -1.90 10.87
C GLN A 87 -0.26 -2.10 9.49
N LEU A 88 -0.54 -3.36 9.15
CA LEU A 88 -1.14 -3.70 7.87
C LEU A 88 -2.40 -4.53 8.07
N ARG A 89 -3.35 -4.37 7.15
CA ARG A 89 -4.61 -5.10 7.23
C ARG A 89 -5.07 -5.55 5.83
N ILE A 90 -5.18 -6.86 5.65
CA ILE A 90 -5.61 -7.41 4.37
C ILE A 90 -6.81 -8.33 4.55
N HIS A 91 -7.57 -8.51 3.47
CA HIS A 91 -8.75 -9.37 3.50
C HIS A 91 -9.25 -9.66 2.08
N SER A 92 -9.57 -10.93 1.83
CA SER A 92 -10.06 -11.35 0.53
C SER A 92 -9.08 -10.96 -0.58
N THR A 93 -7.80 -10.89 -0.23
CA THR A 93 -6.77 -10.52 -1.20
C THR A 93 -6.10 -11.78 -1.76
N LYS A 94 -5.85 -11.77 -3.06
CA LYS A 94 -5.21 -12.91 -3.72
C LYS A 94 -4.34 -12.44 -4.89
N ASP A 95 -3.09 -12.90 -4.90
CA ASP A 95 -2.15 -12.53 -5.95
C ASP A 95 -1.96 -11.02 -6.01
N THR A 96 -1.89 -10.39 -4.84
CA THR A 96 -1.71 -8.95 -4.77
C THR A 96 -0.34 -8.60 -4.20
N ARG A 97 0.59 -8.21 -5.07
CA ARG A 97 1.94 -7.85 -4.65
C ARG A 97 1.92 -6.59 -3.80
N ILE A 98 2.52 -6.67 -2.63
CA ILE A 98 2.58 -5.52 -1.72
C ILE A 98 4.01 -5.26 -1.25
N PHE A 99 4.48 -4.03 -1.46
CA PHE A 99 5.82 -3.64 -1.06
C PHE A 99 5.78 -2.60 0.05
N LEU A 100 5.76 -3.06 1.29
CA LEU A 100 5.72 -2.16 2.44
C LEU A 100 6.78 -2.54 3.48
N GLN A 101 6.84 -1.78 4.55
CA GLN A 101 7.81 -2.02 5.62
C GLN A 101 7.18 -1.82 6.99
N VAL A 102 6.62 -2.90 7.53
CA VAL A 102 5.97 -2.85 8.83
C VAL A 102 7.00 -2.77 9.96
N THR A 103 6.75 -1.90 10.93
CA THR A 103 7.65 -1.72 12.06
C THR A 103 7.21 -2.57 13.25
N SER A 104 5.90 -2.78 13.36
CA SER A 104 5.36 -3.57 14.47
C SER A 104 4.94 -4.96 13.97
N ARG A 105 3.78 -5.03 13.33
CA ARG A 105 3.28 -6.31 12.81
C ARG A 105 2.28 -6.07 11.68
N ALA A 106 1.75 -7.16 11.14
CA ALA A 106 0.77 -7.08 10.06
C ALA A 106 -0.32 -8.13 10.21
N ILE A 107 -1.53 -7.78 9.83
CA ILE A 107 -2.67 -8.69 9.93
C ILE A 107 -3.14 -9.13 8.55
N VAL A 108 -3.59 -10.39 8.46
CA VAL A 108 -4.08 -10.93 7.19
C VAL A 108 -5.05 -12.07 7.43
N GLU A 109 -6.23 -11.99 6.83
CA GLU A 109 -7.25 -13.02 6.97
C GLU A 109 -7.97 -13.26 5.65
N ASP A 110 -8.32 -14.52 5.39
CA ASP A 110 -9.02 -14.88 4.17
C ASP A 110 -8.19 -14.50 2.94
N CYS A 111 -6.87 -14.54 3.08
CA CYS A 111 -5.97 -14.21 1.99
C CYS A 111 -5.28 -15.46 1.46
N SER A 112 -4.76 -15.37 0.24
CA SER A 112 -4.06 -16.50 -0.39
C SER A 112 -3.18 -16.02 -1.53
N GLY A 113 -1.89 -16.37 -1.46
CA GLY A 113 -0.96 -15.97 -2.49
C GLY A 113 -0.49 -14.54 -2.34
N ILE A 114 -0.44 -14.07 -1.09
CA ILE A 114 0.00 -12.70 -0.81
C ILE A 114 1.52 -12.60 -0.79
N GLN A 115 2.05 -11.59 -1.47
CA GLN A 115 3.49 -11.38 -1.54
C GLN A 115 3.90 -10.15 -0.72
N PHE A 116 4.69 -10.38 0.32
CA PHE A 116 5.15 -9.29 1.18
C PHE A 116 6.57 -8.87 0.81
N ALA A 117 6.69 -7.70 0.18
CA ALA A 117 7.99 -7.18 -0.23
C ALA A 117 8.39 -5.98 0.61
N PRO A 118 9.70 -5.74 0.77
CA PRO A 118 10.21 -4.62 1.55
C PRO A 118 10.00 -3.28 0.85
N TYR A 119 9.89 -2.21 1.64
CA TYR A 119 9.69 -0.87 1.09
C TYR A 119 11.02 -0.14 0.94
N THR A 120 11.55 -0.13 -0.28
CA THR A 120 12.82 0.54 -0.55
C THR A 120 12.63 1.73 -1.48
N TRP A 121 11.46 2.36 -1.40
CA TRP A 121 11.15 3.51 -2.24
C TRP A 121 11.81 4.78 -1.69
N SER A 122 13.09 4.95 -2.00
CA SER A 122 13.83 6.12 -1.53
C SER A 122 13.57 7.32 -2.43
N TYR A 123 13.90 8.51 -1.92
CA TYR A 123 13.70 9.74 -2.68
C TYR A 123 14.71 10.81 -2.25
N PRO A 124 15.12 11.70 -3.17
CA PRO A 124 16.08 12.76 -2.88
C PRO A 124 15.69 13.56 -1.63
N GLU A 125 14.40 13.60 -1.34
CA GLU A 125 13.89 14.33 -0.19
C GLU A 125 12.85 13.50 0.56
N ILE A 126 13.27 12.35 1.07
CA ILE A 126 12.37 11.46 1.80
C ILE A 126 12.62 11.54 3.30
N ASP A 127 13.81 12.00 3.69
CA ASP A 127 14.16 12.11 5.10
C ASP A 127 13.11 12.92 5.87
N LYS A 128 12.48 13.87 5.17
CA LYS A 128 11.46 14.71 5.78
C LYS A 128 10.15 13.95 5.92
N ASP A 129 9.90 13.03 4.99
CA ASP A 129 8.67 12.23 5.00
C ASP A 129 8.62 11.35 6.25
N PHE A 130 9.65 10.54 6.44
CA PHE A 130 9.72 9.65 7.59
C PHE A 130 9.80 10.44 8.89
N GLU A 131 10.60 11.51 8.88
CA GLU A 131 10.76 12.35 10.05
C GLU A 131 9.42 12.95 10.49
N SER A 132 8.64 13.40 9.52
CA SER A 132 7.34 13.99 9.80
C SER A 132 6.42 12.99 10.49
N SER A 133 6.31 11.80 9.90
CA SER A 133 5.46 10.75 10.46
C SER A 133 6.04 10.23 11.77
N GLY A 134 7.36 10.07 11.80
CA GLY A 134 8.02 9.57 13.00
C GLY A 134 8.25 8.06 12.95
N LEU A 135 8.44 7.54 11.74
CA LEU A 135 8.67 6.11 11.57
C LEU A 135 10.16 5.81 11.42
N ASP A 136 10.49 4.52 11.35
CA ASP A 136 11.88 4.11 11.21
C ASP A 136 12.10 3.39 9.87
N ARG A 137 13.31 3.50 9.34
CA ARG A 137 13.65 2.87 8.07
C ARG A 137 14.42 1.57 8.29
N SER A 138 15.26 1.56 9.32
CA SER A 138 16.04 0.37 9.64
C SER A 138 15.16 -0.75 10.15
N LYS A 139 14.35 -0.45 11.15
CA LYS A 139 13.44 -1.43 11.74
C LYS A 139 12.48 -1.98 10.68
N ASN A 140 12.47 -3.29 10.52
CA ASN A 140 11.59 -3.94 9.55
C ASN A 140 11.03 -5.25 10.09
N ASN A 141 9.76 -5.49 9.83
CA ASN A 141 9.10 -6.72 10.28
C ASN A 141 8.25 -7.34 9.17
N TRP A 142 8.62 -7.06 7.93
CA TRP A 142 7.90 -7.58 6.78
C TRP A 142 7.98 -9.10 6.72
N ASN A 143 9.09 -9.65 7.25
CA ASN A 143 9.29 -11.09 7.25
C ASN A 143 8.23 -11.79 8.09
N ASP A 144 8.02 -11.30 9.31
CA ASP A 144 7.03 -11.88 10.21
C ASP A 144 5.64 -11.32 9.91
N VAL A 145 4.63 -12.20 9.93
CA VAL A 145 3.27 -11.80 9.66
C VAL A 145 2.28 -12.62 10.49
N ASP A 146 1.34 -11.93 11.14
CA ASP A 146 0.34 -12.59 11.96
C ASP A 146 -0.75 -13.22 11.10
N ASP A 147 -1.16 -14.43 11.47
CA ASP A 147 -2.19 -15.16 10.73
C ASP A 147 -3.34 -15.57 11.65
N PHE A 148 -4.43 -16.03 11.04
CA PHE A 148 -5.59 -16.46 11.81
C PHE A 148 -6.15 -17.77 11.27
N ASN A 149 -6.30 -17.84 9.96
CA ASN A 149 -6.83 -19.04 9.31
C ASN A 149 -5.78 -20.15 9.30
N TRP A 150 -5.58 -20.79 10.45
CA TRP A 150 -4.61 -21.86 10.57
C TRP A 150 -5.22 -23.07 11.28
N LEU A 151 -5.08 -24.24 10.69
CA LEU A 151 -5.61 -25.46 11.26
C LEU A 151 -4.67 -26.64 11.01
N ALA A 152 -3.38 -26.35 10.96
CA ALA A 152 -2.37 -27.40 10.73
C ALA A 152 -1.98 -28.07 12.03
N ARG A 153 -1.68 -27.26 13.05
CA ARG A 153 -1.29 -27.79 14.35
C ARG A 153 -0.03 -28.63 14.24
N ASP A 154 0.85 -28.27 13.30
CA ASP A 154 2.10 -28.99 13.10
C ASP A 154 2.95 -28.29 12.04
N MET A 155 2.31 -27.82 10.98
CA MET A 155 3.01 -27.14 9.90
C MET A 155 2.57 -25.69 9.79
N ALA A 156 3.43 -24.85 9.24
CA ALA A 156 3.13 -23.43 9.08
C ALA A 156 1.86 -23.23 8.24
N SER A 157 1.59 -21.98 7.88
CA SER A 157 0.41 -21.65 7.08
C SER A 157 0.80 -21.35 5.64
N PRO A 158 0.80 -22.38 4.77
CA PRO A 158 1.16 -22.21 3.35
C PRO A 158 0.09 -21.45 2.58
N ASN A 159 -0.14 -20.20 2.97
CA ASN A 159 -1.13 -19.37 2.31
C ASN A 159 -0.46 -18.21 1.55
N TRP A 160 0.51 -17.59 2.21
CA TRP A 160 1.23 -16.48 1.60
C TRP A 160 2.66 -16.88 1.25
N SER A 161 3.38 -15.99 0.57
CA SER A 161 4.75 -16.26 0.18
C SER A 161 5.56 -14.96 0.08
N ILE A 162 6.88 -15.10 0.04
CA ILE A 162 7.76 -13.94 -0.05
C ILE A 162 8.38 -13.83 -1.44
N LEU A 163 8.20 -12.66 -2.06
CA LEU A 163 8.74 -12.43 -3.39
C LEU A 163 10.27 -12.57 -3.40
N PRO A 164 10.82 -13.27 -4.41
CA PRO A 164 12.27 -13.47 -4.52
C PRO A 164 13.00 -12.18 -4.90
N GLU A 165 14.28 -12.32 -5.22
CA GLU A 165 15.10 -11.16 -5.61
C GLU A 165 15.06 -10.95 -7.12
N GLU A 166 14.93 -12.04 -7.85
CA GLU A 166 14.88 -11.96 -9.31
C GLU A 166 13.63 -11.24 -9.78
N GLU A 167 12.56 -11.36 -9.01
CA GLU A 167 11.29 -10.72 -9.34
C GLU A 167 11.20 -9.32 -8.73
N ARG A 168 11.90 -9.12 -7.62
CA ARG A 168 11.91 -7.82 -6.94
C ARG A 168 12.39 -6.72 -7.89
N ASN A 169 13.25 -7.08 -8.82
CA ASN A 169 13.79 -6.11 -9.77
C ASN A 169 12.71 -5.71 -10.78
N ILE A 170 11.94 -4.69 -10.44
CA ILE A 170 10.88 -4.21 -11.31
C ILE A 170 11.04 -2.72 -11.59
N GLN A 171 10.80 -2.32 -12.84
CA GLN A 171 10.92 -0.93 -13.23
C GLN A 171 9.56 -0.23 -13.19
N TRP A 172 9.58 1.09 -13.27
CA TRP A 172 8.34 1.87 -13.24
C TRP A 172 8.19 2.70 -14.52
N ASP A 173 8.54 2.08 -15.65
CA ASP A 173 8.44 2.76 -16.93
C ASP A 173 7.15 2.40 -17.65
N SER A 174 6.06 2.31 -16.88
CA SER A 174 4.75 1.97 -17.44
C SER A 174 4.01 3.23 -17.88
N GLY A 175 4.67 4.05 -18.69
CA GLY A 175 4.05 5.28 -19.15
C GLY A 175 4.38 5.58 -20.61
N PRO A 176 3.43 5.35 -21.54
CA PRO A 176 3.64 5.60 -22.96
C PRO A 176 3.80 7.08 -23.28
N SER A 177 4.74 7.39 -24.17
CA SER A 177 4.99 8.79 -24.55
C SER A 177 5.48 9.60 -23.36
N SER A 178 6.67 10.19 -23.49
CA SER A 178 7.24 10.99 -22.42
C SER A 178 8.21 12.03 -22.99
N GLY A 179 8.12 13.26 -22.48
CA GLY A 179 8.99 14.32 -22.95
C GLY A 179 8.39 15.69 -22.76
N GLY A 1 -16.82 20.57 19.42
CA GLY A 1 -15.36 20.57 19.12
C GLY A 1 -14.75 21.95 19.25
N SER A 2 -13.48 21.99 19.66
CA SER A 2 -12.77 23.27 19.84
C SER A 2 -11.74 23.47 18.74
N SER A 3 -10.71 22.62 18.74
CA SER A 3 -9.64 22.70 17.75
C SER A 3 -10.19 22.50 16.35
N GLY A 4 -10.96 21.43 16.16
CA GLY A 4 -11.53 21.15 14.85
C GLY A 4 -10.65 20.24 14.02
N SER A 5 -10.51 20.58 12.75
CA SER A 5 -9.69 19.79 11.83
C SER A 5 -9.34 20.59 10.58
N SER A 6 -8.20 20.28 9.98
CA SER A 6 -7.75 20.97 8.78
C SER A 6 -8.71 20.71 7.62
N GLY A 7 -8.99 19.44 7.36
CA GLY A 7 -9.90 19.09 6.29
C GLY A 7 -9.73 17.65 5.83
N SER A 8 -10.08 16.72 6.70
CA SER A 8 -9.97 15.29 6.39
C SER A 8 -11.20 14.81 5.66
N TRP A 9 -11.03 14.42 4.40
CA TRP A 9 -12.13 13.92 3.58
C TRP A 9 -12.03 12.42 3.40
N VAL A 10 -12.99 11.85 2.66
CA VAL A 10 -13.02 10.42 2.41
C VAL A 10 -13.43 10.12 0.97
N CYS A 11 -13.02 10.98 0.06
CA CYS A 11 -13.35 10.81 -1.36
C CYS A 11 -12.30 11.46 -2.25
N GLY A 12 -11.42 10.64 -2.82
CA GLY A 12 -10.37 11.16 -3.69
C GLY A 12 -10.64 10.87 -5.14
N PHE A 13 -10.33 9.65 -5.57
CA PHE A 13 -10.54 9.24 -6.96
C PHE A 13 -10.99 7.78 -7.04
N SER A 14 -11.88 7.50 -7.98
CA SER A 14 -12.39 6.15 -8.16
C SER A 14 -13.14 6.02 -9.48
N ASN A 15 -13.47 4.79 -9.85
CA ASN A 15 -14.18 4.52 -11.10
C ASN A 15 -13.35 4.97 -12.30
N LEU A 16 -12.04 4.86 -12.18
CA LEU A 16 -11.13 5.25 -13.26
C LEU A 16 -10.40 4.04 -13.82
N GLU A 17 -9.93 4.15 -15.06
CA GLU A 17 -9.21 3.06 -15.71
C GLU A 17 -8.26 3.60 -16.78
N SER A 18 -7.06 3.03 -16.84
CA SER A 18 -6.05 3.46 -17.80
C SER A 18 -5.71 4.94 -17.62
N GLN A 19 -5.68 5.38 -16.37
CA GLN A 19 -5.36 6.77 -16.06
C GLN A 19 -4.28 6.85 -14.99
N VAL A 20 -3.77 8.06 -14.75
CA VAL A 20 -2.74 8.27 -13.74
C VAL A 20 -3.11 9.42 -12.81
N LEU A 21 -3.22 9.11 -11.52
CA LEU A 21 -3.56 10.11 -10.52
C LEU A 21 -2.32 10.61 -9.78
N GLU A 22 -2.36 11.85 -9.32
CA GLU A 22 -1.23 12.44 -8.60
C GLU A 22 -1.73 13.36 -7.49
N LYS A 23 -0.95 13.46 -6.42
CA LYS A 23 -1.31 14.31 -5.29
C LYS A 23 -0.06 14.75 -4.52
N ARG A 24 -0.20 15.80 -3.73
CA ARG A 24 0.90 16.32 -2.94
C ARG A 24 0.47 16.64 -1.52
N ALA A 25 1.41 17.05 -0.68
CA ALA A 25 1.12 17.39 0.70
C ALA A 25 0.15 18.56 0.80
N SER A 26 0.22 19.45 -0.19
CA SER A 26 -0.66 20.62 -0.23
C SER A 26 -2.11 20.20 -0.49
N GLU A 27 -2.28 19.15 -1.28
CA GLU A 27 -3.61 18.66 -1.61
C GLU A 27 -4.11 17.68 -0.55
N LEU A 28 -3.21 16.85 -0.04
CA LEU A 28 -3.56 15.88 0.98
C LEU A 28 -3.74 16.55 2.34
N HIS A 29 -2.64 17.09 2.87
CA HIS A 29 -2.68 17.76 4.16
C HIS A 29 -3.13 16.81 5.27
N GLN A 30 -2.61 15.59 5.23
CA GLN A 30 -2.96 14.58 6.23
C GLN A 30 -4.46 14.26 6.17
N ARG A 31 -4.86 13.51 5.15
CA ARG A 31 -6.26 13.14 4.97
C ARG A 31 -6.39 11.66 4.64
N ASP A 32 -7.63 11.19 4.53
CA ASP A 32 -7.89 9.79 4.21
C ASP A 32 -8.05 9.60 2.71
N VAL A 33 -7.21 8.73 2.14
CA VAL A 33 -7.26 8.45 0.70
C VAL A 33 -8.13 7.24 0.41
N LEU A 34 -9.19 7.46 -0.36
CA LEU A 34 -10.11 6.38 -0.73
C LEU A 34 -10.10 6.14 -2.23
N LEU A 35 -9.46 5.06 -2.64
CA LEU A 35 -9.37 4.72 -4.06
C LEU A 35 -9.95 3.33 -4.32
N THR A 36 -11.09 3.27 -4.98
CA THR A 36 -11.74 2.01 -5.29
C THR A 36 -12.36 2.03 -6.68
N GLU A 37 -12.78 0.87 -7.16
CA GLU A 37 -13.39 0.76 -8.49
C GLU A 37 -12.43 1.22 -9.57
N LEU A 38 -11.16 0.85 -9.41
CA LEU A 38 -10.12 1.22 -10.37
C LEU A 38 -9.50 -0.02 -11.01
N SER A 39 -9.06 0.12 -12.26
CA SER A 39 -8.45 -0.99 -12.98
C SER A 39 -7.37 -0.48 -13.93
N ASN A 40 -6.15 -0.96 -13.74
CA ASN A 40 -5.03 -0.56 -14.58
C ASN A 40 -4.80 0.94 -14.50
N CYS A 41 -5.02 1.51 -13.31
CA CYS A 41 -4.84 2.94 -13.09
C CYS A 41 -3.68 3.19 -12.14
N THR A 42 -2.66 3.89 -12.63
CA THR A 42 -1.49 4.20 -11.83
C THR A 42 -1.79 5.33 -10.84
N VAL A 43 -1.27 5.20 -9.63
CA VAL A 43 -1.49 6.21 -8.59
C VAL A 43 -0.18 6.60 -7.92
N ARG A 44 0.14 7.89 -7.97
CA ARG A 44 1.37 8.39 -7.36
C ARG A 44 1.08 9.55 -6.41
N LEU A 45 1.03 9.25 -5.12
CA LEU A 45 0.76 10.26 -4.11
C LEU A 45 2.05 10.76 -3.47
N TYR A 46 1.97 11.91 -2.81
CA TYR A 46 3.15 12.48 -2.14
C TYR A 46 2.74 13.20 -0.86
N GLY A 47 3.55 13.06 0.18
CA GLY A 47 3.26 13.70 1.45
C GLY A 47 3.16 12.72 2.60
N ASN A 48 2.19 12.93 3.47
CA ASN A 48 2.00 12.05 4.62
C ASN A 48 0.51 11.93 4.97
N PRO A 49 -0.24 11.12 4.23
CA PRO A 49 -1.67 10.92 4.47
C PRO A 49 -1.97 10.53 5.91
N ASN A 50 -3.25 10.33 6.22
CA ASN A 50 -3.67 9.95 7.55
C ASN A 50 -3.94 8.45 7.63
N THR A 51 -4.68 7.94 6.66
CA THR A 51 -5.01 6.52 6.62
C THR A 51 -5.31 6.07 5.19
N LEU A 52 -4.32 5.44 4.56
CA LEU A 52 -4.48 4.97 3.19
C LEU A 52 -5.41 3.76 3.14
N ARG A 53 -6.20 3.68 2.07
CA ARG A 53 -7.14 2.58 1.90
C ARG A 53 -7.32 2.25 0.41
N LEU A 54 -7.30 0.96 0.10
CA LEU A 54 -7.46 0.51 -1.28
C LEU A 54 -8.29 -0.77 -1.34
N THR A 55 -9.39 -0.74 -2.08
CA THR A 55 -10.27 -1.90 -2.22
C THR A 55 -10.89 -1.95 -3.61
N LYS A 56 -11.32 -3.15 -4.00
CA LYS A 56 -11.93 -3.33 -5.32
C LYS A 56 -10.97 -2.96 -6.43
N ALA A 57 -9.68 -3.14 -6.17
CA ALA A 57 -8.64 -2.83 -7.15
C ALA A 57 -8.23 -4.07 -7.93
N HIS A 58 -7.60 -3.86 -9.08
CA HIS A 58 -7.15 -4.97 -9.93
C HIS A 58 -6.17 -4.48 -10.99
N SER A 59 -4.96 -5.04 -10.97
CA SER A 59 -3.94 -4.66 -11.94
C SER A 59 -3.59 -3.18 -11.81
N CYS A 60 -3.69 -2.66 -10.59
CA CYS A 60 -3.39 -1.25 -10.34
C CYS A 60 -2.13 -1.11 -9.49
N LYS A 61 -1.41 -0.02 -9.70
CA LYS A 61 -0.18 0.23 -8.95
C LYS A 61 -0.34 1.43 -8.04
N LEU A 62 -0.08 1.23 -6.75
CA LEU A 62 -0.20 2.30 -5.77
C LEU A 62 1.17 2.65 -5.17
N LEU A 63 1.52 3.93 -5.23
CA LEU A 63 2.80 4.39 -4.70
C LEU A 63 2.62 5.66 -3.88
N CYS A 64 2.65 5.53 -2.56
CA CYS A 64 2.48 6.67 -1.66
C CYS A 64 3.52 6.64 -0.55
N GLY A 65 3.81 7.81 0.02
CA GLY A 65 4.78 7.90 1.09
C GLY A 65 4.33 7.17 2.36
N PRO A 66 5.14 7.20 3.42
CA PRO A 66 4.80 6.53 4.68
C PRO A 66 3.53 7.09 5.31
N VAL A 67 2.56 6.21 5.52
CA VAL A 67 1.28 6.62 6.11
C VAL A 67 1.44 6.97 7.58
N SER A 68 0.50 7.75 8.11
CA SER A 68 0.55 8.15 9.51
C SER A 68 0.42 6.94 10.43
N THR A 69 -0.63 6.16 10.23
CA THR A 69 -0.86 4.98 11.04
C THR A 69 -0.58 3.70 10.26
N SER A 70 -1.49 3.36 9.35
CA SER A 70 -1.33 2.16 8.52
C SER A 70 -2.23 2.22 7.30
N VAL A 71 -2.18 1.18 6.47
CA VAL A 71 -2.99 1.12 5.27
C VAL A 71 -3.98 -0.03 5.34
N PHE A 72 -5.06 0.06 4.56
CA PHE A 72 -6.08 -0.98 4.54
C PHE A 72 -6.23 -1.55 3.14
N LEU A 73 -6.41 -2.87 3.07
CA LEU A 73 -6.56 -3.55 1.78
C LEU A 73 -7.65 -4.62 1.87
N GLU A 74 -8.65 -4.52 0.99
CA GLU A 74 -9.75 -5.49 0.97
C GLU A 74 -10.29 -5.65 -0.44
N ASP A 75 -10.58 -6.89 -0.81
CA ASP A 75 -11.11 -7.19 -2.14
C ASP A 75 -10.12 -6.80 -3.23
N CYS A 76 -8.83 -7.00 -2.95
CA CYS A 76 -7.78 -6.67 -3.91
C CYS A 76 -7.20 -7.93 -4.53
N SER A 77 -6.92 -7.87 -5.83
CA SER A 77 -6.35 -9.00 -6.55
C SER A 77 -5.53 -8.53 -7.75
N ASP A 78 -4.34 -9.12 -7.91
CA ASP A 78 -3.45 -8.77 -9.00
C ASP A 78 -3.06 -7.29 -8.94
N CYS A 79 -2.85 -6.79 -7.72
CA CYS A 79 -2.47 -5.40 -7.52
C CYS A 79 -1.08 -5.30 -6.89
N VAL A 80 -0.53 -4.10 -6.90
CA VAL A 80 0.81 -3.87 -6.34
C VAL A 80 0.81 -2.64 -5.44
N LEU A 81 0.55 -2.87 -4.14
CA LEU A 81 0.53 -1.78 -3.17
C LEU A 81 1.92 -1.52 -2.62
N ALA A 82 2.39 -0.28 -2.75
CA ALA A 82 3.70 0.11 -2.27
C ALA A 82 3.62 1.32 -1.35
N VAL A 83 3.62 1.08 -0.04
CA VAL A 83 3.55 2.15 0.94
C VAL A 83 4.10 1.70 2.29
N ALA A 84 5.07 2.45 2.79
CA ALA A 84 5.69 2.13 4.08
C ALA A 84 4.76 2.47 5.23
N CYS A 85 4.84 1.68 6.30
CA CYS A 85 4.00 1.90 7.48
C CYS A 85 4.46 1.03 8.65
N GLN A 86 3.77 1.14 9.78
CA GLN A 86 4.11 0.37 10.96
C GLN A 86 3.29 -0.90 11.04
N GLN A 87 2.06 -0.83 10.53
CA GLN A 87 1.17 -1.99 10.54
C GLN A 87 0.42 -2.12 9.21
N LEU A 88 -0.11 -3.30 8.95
CA LEU A 88 -0.85 -3.55 7.71
C LEU A 88 -2.05 -4.47 7.97
N ARG A 89 -3.09 -4.32 7.16
CA ARG A 89 -4.28 -5.12 7.29
C ARG A 89 -4.83 -5.51 5.92
N ILE A 90 -4.97 -6.82 5.69
CA ILE A 90 -5.48 -7.31 4.41
C ILE A 90 -6.64 -8.28 4.63
N HIS A 91 -7.47 -8.46 3.61
CA HIS A 91 -8.61 -9.36 3.69
C HIS A 91 -9.23 -9.59 2.32
N SER A 92 -9.60 -10.83 2.04
CA SER A 92 -10.20 -11.19 0.76
C SER A 92 -9.26 -10.86 -0.39
N THR A 93 -7.96 -10.94 -0.12
CA THR A 93 -6.95 -10.66 -1.14
C THR A 93 -6.31 -11.95 -1.65
N LYS A 94 -6.17 -12.04 -2.97
CA LYS A 94 -5.57 -13.22 -3.58
C LYS A 94 -4.71 -12.83 -4.78
N ASP A 95 -3.49 -13.36 -4.83
CA ASP A 95 -2.58 -13.08 -5.92
C ASP A 95 -2.29 -11.57 -6.02
N THR A 96 -2.14 -10.94 -4.85
CA THR A 96 -1.86 -9.51 -4.81
C THR A 96 -0.45 -9.24 -4.29
N ARG A 97 0.20 -8.24 -4.87
CA ARG A 97 1.57 -7.89 -4.48
C ARG A 97 1.56 -6.69 -3.53
N ILE A 98 2.37 -6.77 -2.49
CA ILE A 98 2.46 -5.69 -1.51
C ILE A 98 3.91 -5.45 -1.10
N PHE A 99 4.45 -4.31 -1.53
CA PHE A 99 5.83 -3.95 -1.22
C PHE A 99 5.88 -2.83 -0.20
N LEU A 100 6.02 -3.19 1.08
CA LEU A 100 6.08 -2.21 2.15
C LEU A 100 7.10 -2.63 3.21
N GLN A 101 7.37 -1.72 4.14
CA GLN A 101 8.33 -1.99 5.21
C GLN A 101 7.68 -1.80 6.58
N VAL A 102 7.11 -2.88 7.11
CA VAL A 102 6.45 -2.83 8.40
C VAL A 102 7.47 -2.84 9.54
N THR A 103 7.45 -1.79 10.36
CA THR A 103 8.37 -1.67 11.49
C THR A 103 7.94 -2.58 12.64
N SER A 104 6.63 -2.77 12.78
CA SER A 104 6.09 -3.61 13.84
C SER A 104 5.70 -4.97 13.31
N ARG A 105 4.58 -5.03 12.59
CA ARG A 105 4.09 -6.28 12.02
C ARG A 105 2.84 -6.05 11.20
N ALA A 106 2.48 -7.05 10.39
CA ALA A 106 1.29 -6.96 9.55
C ALA A 106 0.19 -7.90 10.04
N ILE A 107 -0.94 -7.88 9.35
CA ILE A 107 -2.07 -8.73 9.72
C ILE A 107 -2.87 -9.14 8.48
N VAL A 108 -3.30 -10.39 8.45
CA VAL A 108 -4.08 -10.91 7.34
C VAL A 108 -5.23 -11.78 7.82
N GLU A 109 -6.35 -11.75 7.10
CA GLU A 109 -7.52 -12.53 7.45
C GLU A 109 -8.31 -12.94 6.22
N ASP A 110 -8.62 -14.22 6.10
CA ASP A 110 -9.37 -14.74 4.97
C ASP A 110 -8.62 -14.48 3.66
N CYS A 111 -7.29 -14.51 3.72
CA CYS A 111 -6.46 -14.28 2.55
C CYS A 111 -5.93 -15.60 1.99
N SER A 112 -5.33 -15.54 0.81
CA SER A 112 -4.77 -16.73 0.17
C SER A 112 -3.93 -16.34 -1.05
N GLY A 113 -2.67 -16.74 -1.03
CA GLY A 113 -1.78 -16.43 -2.14
C GLY A 113 -1.27 -15.00 -2.10
N ILE A 114 -1.08 -14.48 -0.90
CA ILE A 114 -0.60 -13.12 -0.72
C ILE A 114 0.91 -13.05 -0.90
N GLN A 115 1.39 -11.88 -1.31
CA GLN A 115 2.83 -11.68 -1.52
C GLN A 115 3.36 -10.56 -0.62
N PHE A 116 4.24 -10.93 0.30
CA PHE A 116 4.83 -9.96 1.23
C PHE A 116 6.25 -9.60 0.80
N ALA A 117 6.49 -8.30 0.60
CA ALA A 117 7.81 -7.83 0.20
C ALA A 117 8.15 -6.50 0.88
N PRO A 118 9.45 -6.17 0.96
CA PRO A 118 9.90 -4.92 1.60
C PRO A 118 9.54 -3.70 0.77
N TYR A 119 9.61 -2.52 1.40
CA TYR A 119 9.29 -1.27 0.72
C TYR A 119 10.32 -0.95 -0.36
N THR A 120 9.88 -0.30 -1.43
CA THR A 120 10.77 0.07 -2.51
C THR A 120 10.32 1.36 -3.18
N TRP A 121 10.82 2.49 -2.69
CA TRP A 121 10.47 3.79 -3.23
C TRP A 121 11.28 4.89 -2.56
N SER A 122 12.09 5.60 -3.36
CA SER A 122 12.91 6.68 -2.84
C SER A 122 12.76 7.94 -3.69
N TYR A 123 13.43 9.01 -3.27
CA TYR A 123 13.38 10.28 -3.99
C TYR A 123 14.40 11.26 -3.44
N PRO A 124 14.68 12.34 -4.17
CA PRO A 124 15.65 13.37 -3.75
C PRO A 124 15.44 13.80 -2.31
N GLU A 125 14.18 14.06 -1.95
CA GLU A 125 13.84 14.48 -0.59
C GLU A 125 12.92 13.47 0.07
N ILE A 126 13.46 12.32 0.45
CA ILE A 126 12.69 11.28 1.09
C ILE A 126 12.77 11.39 2.62
N ASP A 127 13.89 11.92 3.11
CA ASP A 127 14.09 12.08 4.54
C ASP A 127 13.00 12.96 5.15
N LYS A 128 12.64 14.03 4.43
CA LYS A 128 11.62 14.95 4.89
C LYS A 128 10.29 14.23 5.11
N ASP A 129 10.04 13.20 4.31
CA ASP A 129 8.81 12.42 4.41
C ASP A 129 8.80 11.61 5.70
N PHE A 130 9.70 10.64 5.80
CA PHE A 130 9.80 9.79 6.97
C PHE A 130 10.04 10.61 8.23
N GLU A 131 10.79 11.71 8.08
CA GLU A 131 11.10 12.58 9.21
C GLU A 131 9.87 13.35 9.65
N SER A 132 9.02 13.72 8.70
CA SER A 132 7.79 14.46 9.00
C SER A 132 6.80 13.58 9.75
N SER A 133 6.83 12.28 9.48
CA SER A 133 5.93 11.34 10.13
C SER A 133 6.50 10.89 11.47
N GLY A 134 7.78 10.56 11.48
CA GLY A 134 8.42 10.12 12.71
C GLY A 134 8.74 8.63 12.69
N LEU A 135 9.02 8.10 11.51
CA LEU A 135 9.34 6.68 11.36
C LEU A 135 10.85 6.47 11.26
N ASP A 136 11.27 5.21 11.32
CA ASP A 136 12.68 4.87 11.22
C ASP A 136 12.95 3.96 10.04
N ARG A 137 14.12 4.11 9.43
CA ARG A 137 14.50 3.28 8.29
C ARG A 137 15.70 2.40 8.61
N SER A 138 15.80 2.00 9.87
CA SER A 138 16.89 1.15 10.32
C SER A 138 16.37 -0.09 11.04
N LYS A 139 15.11 -0.43 10.82
CA LYS A 139 14.49 -1.59 11.45
C LYS A 139 13.47 -2.22 10.52
N ASN A 140 13.85 -3.31 9.87
CA ASN A 140 12.96 -4.02 8.95
C ASN A 140 12.37 -5.26 9.61
N ASN A 141 11.11 -5.53 9.31
CA ASN A 141 10.42 -6.69 9.87
C ASN A 141 9.27 -7.13 8.98
N TRP A 142 9.48 -7.08 7.68
CA TRP A 142 8.47 -7.47 6.71
C TRP A 142 8.18 -8.96 6.79
N ASN A 143 9.21 -9.74 7.12
CA ASN A 143 9.08 -11.19 7.24
C ASN A 143 8.11 -11.55 8.37
N ASP A 144 8.31 -10.92 9.53
CA ASP A 144 7.45 -11.18 10.68
C ASP A 144 5.99 -10.85 10.37
N VAL A 145 5.14 -11.86 10.47
CA VAL A 145 3.72 -11.68 10.21
C VAL A 145 2.88 -12.67 10.99
N ASP A 146 1.67 -12.26 11.37
CA ASP A 146 0.77 -13.12 12.13
C ASP A 146 -0.25 -13.79 11.21
N ASP A 147 -0.99 -14.75 11.76
CA ASP A 147 -1.99 -15.48 10.99
C ASP A 147 -3.27 -15.66 11.80
N PHE A 148 -4.36 -15.99 11.12
CA PHE A 148 -5.65 -16.20 11.77
C PHE A 148 -6.47 -17.27 11.05
N ASN A 149 -5.80 -18.34 10.65
CA ASN A 149 -6.46 -19.42 9.93
C ASN A 149 -5.67 -20.72 10.05
N TRP A 150 -4.35 -20.62 9.83
CA TRP A 150 -3.48 -21.79 9.90
C TRP A 150 -2.56 -21.69 11.11
N LEU A 151 -2.30 -22.83 11.73
CA LEU A 151 -1.43 -22.88 12.91
C LEU A 151 0.00 -22.53 12.53
N ALA A 152 0.63 -21.67 13.34
CA ALA A 152 2.00 -21.26 13.09
C ALA A 152 2.96 -21.87 14.12
N ARG A 153 2.80 -23.17 14.35
CA ARG A 153 3.65 -23.88 15.30
C ARG A 153 4.53 -24.90 14.59
N ASP A 154 5.75 -24.50 14.26
CA ASP A 154 6.68 -25.37 13.57
C ASP A 154 6.13 -25.82 12.22
N MET A 155 5.41 -24.92 11.56
CA MET A 155 4.83 -25.21 10.26
C MET A 155 4.57 -23.93 9.47
N ALA A 156 5.08 -23.88 8.24
CA ALA A 156 4.91 -22.72 7.39
C ALA A 156 3.44 -22.56 6.96
N SER A 157 2.85 -21.44 7.33
CA SER A 157 1.45 -21.17 6.98
C SER A 157 1.30 -20.90 5.49
N PRO A 158 0.64 -21.82 4.75
CA PRO A 158 0.43 -21.67 3.31
C PRO A 158 -0.41 -20.44 2.96
N ASN A 159 -1.09 -19.90 3.96
CA ASN A 159 -1.93 -18.71 3.76
C ASN A 159 -1.18 -17.61 3.02
N TRP A 160 0.06 -17.36 3.44
CA TRP A 160 0.88 -16.33 2.81
C TRP A 160 2.21 -16.91 2.33
N SER A 161 2.94 -16.12 1.55
CA SER A 161 4.24 -16.54 1.03
C SER A 161 5.21 -15.37 0.94
N ILE A 162 6.42 -15.65 0.47
CA ILE A 162 7.44 -14.62 0.33
C ILE A 162 7.78 -14.37 -1.14
N LEU A 163 7.93 -13.10 -1.49
CA LEU A 163 8.25 -12.73 -2.86
C LEU A 163 9.66 -13.18 -3.24
N PRO A 164 9.82 -13.90 -4.37
CA PRO A 164 11.13 -14.38 -4.82
C PRO A 164 12.15 -13.26 -4.93
N GLU A 165 13.40 -13.63 -5.16
CA GLU A 165 14.48 -12.66 -5.29
C GLU A 165 14.84 -12.42 -6.76
N GLU A 166 13.86 -12.61 -7.63
CA GLU A 166 14.07 -12.43 -9.06
C GLU A 166 13.14 -11.35 -9.61
N GLU A 167 11.92 -11.31 -9.12
CA GLU A 167 10.94 -10.32 -9.56
C GLU A 167 10.91 -9.12 -8.62
N ARG A 168 12.08 -8.72 -8.13
CA ARG A 168 12.19 -7.59 -7.22
C ARG A 168 12.33 -6.28 -8.00
N ASN A 169 13.09 -6.34 -9.09
CA ASN A 169 13.30 -5.15 -9.92
C ASN A 169 12.24 -5.04 -11.00
N ILE A 170 11.13 -4.38 -10.66
CA ILE A 170 10.03 -4.21 -11.61
C ILE A 170 10.09 -2.84 -12.28
N GLN A 171 10.66 -1.87 -11.58
CA GLN A 171 10.79 -0.51 -12.11
C GLN A 171 9.41 0.12 -12.32
N TRP A 172 9.39 1.40 -12.66
CA TRP A 172 8.14 2.12 -12.89
C TRP A 172 8.24 3.01 -14.12
N ASP A 173 8.05 2.43 -15.29
CA ASP A 173 8.12 3.18 -16.54
C ASP A 173 7.76 2.28 -17.72
N SER A 174 8.55 1.23 -17.92
CA SER A 174 8.32 0.29 -19.02
C SER A 174 8.42 1.00 -20.36
N GLY A 175 8.22 0.25 -21.44
CA GLY A 175 8.30 0.82 -22.77
C GLY A 175 7.10 1.72 -23.08
N PRO A 176 7.32 3.03 -23.26
CA PRO A 176 6.24 3.97 -23.57
C PRO A 176 5.38 3.50 -24.75
N SER A 177 6.01 2.78 -25.68
CA SER A 177 5.30 2.28 -26.85
C SER A 177 5.63 0.81 -27.09
N SER A 178 5.92 0.09 -26.02
CA SER A 178 6.24 -1.33 -26.11
C SER A 178 7.46 -1.55 -27.01
N GLY A 179 7.73 -2.81 -27.35
CA GLY A 179 8.86 -3.12 -28.19
C GLY A 179 9.41 -4.51 -27.92
N GLY A 1 -10.52 16.01 19.50
CA GLY A 1 -9.72 15.50 18.35
C GLY A 1 -10.57 15.28 17.11
N SER A 2 -11.28 16.31 16.69
CA SER A 2 -12.13 16.23 15.51
C SER A 2 -12.24 17.58 14.81
N SER A 3 -12.95 17.62 13.70
CA SER A 3 -13.13 18.85 12.93
C SER A 3 -14.17 18.67 11.84
N GLY A 4 -14.60 19.77 11.25
CA GLY A 4 -15.60 19.72 10.19
C GLY A 4 -15.98 21.09 9.68
N SER A 5 -16.78 21.13 8.62
CA SER A 5 -17.22 22.39 8.04
C SER A 5 -18.28 22.15 6.96
N SER A 6 -18.06 21.14 6.12
CA SER A 6 -18.99 20.82 5.06
C SER A 6 -19.83 19.59 5.43
N GLY A 7 -19.15 18.49 5.72
CA GLY A 7 -19.85 17.27 6.09
C GLY A 7 -18.94 16.06 6.08
N SER A 8 -17.99 16.04 5.15
CA SER A 8 -17.06 14.92 5.04
C SER A 8 -15.81 15.34 4.27
N TRP A 9 -14.86 14.42 4.16
CA TRP A 9 -13.61 14.69 3.44
C TRP A 9 -12.93 13.40 3.02
N VAL A 10 -13.74 12.43 2.61
CA VAL A 10 -13.21 11.13 2.18
C VAL A 10 -13.85 10.68 0.88
N CYS A 11 -13.36 11.21 -0.24
CA CYS A 11 -13.88 10.87 -1.55
C CYS A 11 -12.86 10.08 -2.37
N GLY A 12 -11.71 10.70 -2.61
CA GLY A 12 -10.65 10.04 -3.36
C GLY A 12 -10.99 9.94 -4.85
N PHE A 13 -10.63 8.80 -5.45
CA PHE A 13 -10.90 8.58 -6.86
C PHE A 13 -11.52 7.21 -7.09
N SER A 14 -12.37 7.12 -8.11
CA SER A 14 -13.03 5.86 -8.43
C SER A 14 -13.64 5.91 -9.83
N ASN A 15 -14.08 4.75 -10.31
CA ASN A 15 -14.69 4.67 -11.64
C ASN A 15 -13.70 5.09 -12.71
N LEU A 16 -12.44 4.68 -12.55
CA LEU A 16 -11.40 5.02 -13.52
C LEU A 16 -10.70 3.76 -14.02
N GLU A 17 -10.18 3.83 -15.24
CA GLU A 17 -9.49 2.69 -15.84
C GLU A 17 -8.39 3.17 -16.80
N SER A 18 -7.18 2.67 -16.59
CA SER A 18 -6.04 3.05 -17.43
C SER A 18 -5.78 4.55 -17.36
N GLN A 19 -6.02 5.13 -16.19
CA GLN A 19 -5.81 6.55 -15.98
C GLN A 19 -4.59 6.80 -15.10
N VAL A 20 -4.23 8.07 -14.94
CA VAL A 20 -3.08 8.44 -14.12
C VAL A 20 -3.46 9.48 -13.08
N LEU A 21 -3.16 9.18 -11.81
CA LEU A 21 -3.48 10.08 -10.71
C LEU A 21 -2.20 10.50 -9.98
N GLU A 22 -2.17 11.76 -9.54
CA GLU A 22 -1.02 12.29 -8.82
C GLU A 22 -1.45 13.24 -7.71
N LYS A 23 -0.77 13.17 -6.57
CA LYS A 23 -1.09 14.01 -5.44
C LYS A 23 0.18 14.48 -4.73
N ARG A 24 0.14 15.70 -4.19
CA ARG A 24 1.29 16.25 -3.48
C ARG A 24 0.97 16.47 -2.01
N ALA A 25 1.95 16.95 -1.25
CA ALA A 25 1.78 17.19 0.17
C ALA A 25 0.76 18.30 0.40
N SER A 26 0.70 19.26 -0.52
CA SER A 26 -0.22 20.38 -0.42
C SER A 26 -1.65 19.93 -0.66
N GLU A 27 -1.82 18.95 -1.56
CA GLU A 27 -3.14 18.43 -1.88
C GLU A 27 -3.65 17.50 -0.79
N LEU A 28 -2.78 16.59 -0.35
CA LEU A 28 -3.14 15.64 0.70
C LEU A 28 -3.24 16.33 2.05
N HIS A 29 -2.09 16.69 2.62
CA HIS A 29 -2.04 17.35 3.91
C HIS A 29 -2.66 16.47 5.00
N GLN A 30 -2.20 15.23 5.09
CA GLN A 30 -2.70 14.30 6.09
C GLN A 30 -4.20 14.07 5.93
N ARG A 31 -4.57 13.32 4.89
CA ARG A 31 -5.97 13.03 4.63
C ARG A 31 -6.18 11.54 4.37
N ASP A 32 -7.43 11.12 4.37
CA ASP A 32 -7.76 9.71 4.13
C ASP A 32 -7.96 9.45 2.64
N VAL A 33 -6.97 8.84 2.01
CA VAL A 33 -7.04 8.54 0.58
C VAL A 33 -7.92 7.31 0.32
N LEU A 34 -8.98 7.51 -0.45
CA LEU A 34 -9.90 6.43 -0.78
C LEU A 34 -9.81 6.06 -2.26
N LEU A 35 -9.75 4.76 -2.53
CA LEU A 35 -9.65 4.27 -3.90
C LEU A 35 -10.49 3.00 -4.09
N THR A 36 -11.53 3.12 -4.90
CA THR A 36 -12.41 1.97 -5.17
C THR A 36 -12.94 2.01 -6.59
N GLU A 37 -13.44 0.88 -7.06
CA GLU A 37 -13.98 0.78 -8.42
C GLU A 37 -12.90 1.10 -9.45
N LEU A 38 -11.66 0.76 -9.14
CA LEU A 38 -10.54 1.00 -10.04
C LEU A 38 -10.00 -0.31 -10.61
N SER A 39 -9.62 -0.27 -11.89
CA SER A 39 -9.09 -1.45 -12.55
C SER A 39 -8.11 -1.06 -13.66
N ASN A 40 -6.89 -1.58 -13.57
CA ASN A 40 -5.86 -1.29 -14.56
C ASN A 40 -5.56 0.21 -14.61
N CYS A 41 -5.58 0.85 -13.44
CA CYS A 41 -5.32 2.28 -13.35
C CYS A 41 -4.07 2.54 -12.51
N THR A 42 -3.29 3.54 -12.93
CA THR A 42 -2.06 3.89 -12.23
C THR A 42 -2.31 5.03 -11.24
N VAL A 43 -1.84 4.84 -10.01
CA VAL A 43 -2.02 5.85 -8.96
C VAL A 43 -0.69 6.22 -8.32
N ARG A 44 -0.40 7.51 -8.26
CA ARG A 44 0.85 7.99 -7.67
C ARG A 44 0.58 9.07 -6.63
N LEU A 45 1.37 9.07 -5.56
CA LEU A 45 1.21 10.05 -4.50
C LEU A 45 2.56 10.50 -3.96
N TYR A 46 2.63 11.72 -3.46
CA TYR A 46 3.86 12.27 -2.91
C TYR A 46 3.58 13.17 -1.71
N GLY A 47 3.80 12.64 -0.52
CA GLY A 47 3.56 13.42 0.69
C GLY A 47 3.48 12.54 1.93
N ASN A 48 2.46 12.77 2.75
CA ASN A 48 2.27 12.00 3.96
C ASN A 48 0.83 12.11 4.47
N PRO A 49 -0.08 11.29 3.92
CA PRO A 49 -1.50 11.31 4.32
C PRO A 49 -1.72 10.72 5.71
N ASN A 50 -2.95 10.78 6.18
CA ASN A 50 -3.29 10.26 7.50
C ASN A 50 -3.46 8.75 7.46
N THR A 51 -4.50 8.29 6.76
CA THR A 51 -4.78 6.86 6.64
C THR A 51 -4.97 6.47 5.19
N LEU A 52 -4.18 5.52 4.73
CA LEU A 52 -4.26 5.05 3.34
C LEU A 52 -5.06 3.76 3.25
N ARG A 53 -6.01 3.72 2.32
CA ARG A 53 -6.85 2.54 2.13
C ARG A 53 -7.14 2.31 0.66
N LEU A 54 -7.06 1.05 0.23
CA LEU A 54 -7.31 0.69 -1.17
C LEU A 54 -8.11 -0.60 -1.26
N THR A 55 -9.32 -0.51 -1.83
CA THR A 55 -10.18 -1.68 -1.97
C THR A 55 -10.82 -1.71 -3.35
N LYS A 56 -11.27 -2.90 -3.76
CA LYS A 56 -11.91 -3.07 -5.06
C LYS A 56 -10.97 -2.66 -6.19
N ALA A 57 -9.68 -2.97 -6.01
CA ALA A 57 -8.68 -2.62 -7.02
C ALA A 57 -8.18 -3.88 -7.73
N HIS A 58 -8.08 -3.79 -9.07
CA HIS A 58 -7.62 -4.91 -9.87
C HIS A 58 -6.62 -4.45 -10.92
N SER A 59 -5.42 -5.02 -10.87
CA SER A 59 -4.37 -4.66 -11.82
C SER A 59 -4.01 -3.18 -11.72
N CYS A 60 -4.21 -2.61 -10.53
CA CYS A 60 -3.91 -1.20 -10.30
C CYS A 60 -2.60 -1.04 -9.53
N LYS A 61 -2.11 0.19 -9.46
CA LYS A 61 -0.86 0.48 -8.75
C LYS A 61 -1.02 1.72 -7.87
N LEU A 62 -0.33 1.73 -6.74
CA LEU A 62 -0.39 2.86 -5.82
C LEU A 62 0.97 3.10 -5.17
N LEU A 63 1.54 4.27 -5.43
CA LEU A 63 2.84 4.63 -4.88
C LEU A 63 2.74 5.90 -4.04
N CYS A 64 2.70 5.72 -2.72
CA CYS A 64 2.60 6.85 -1.80
C CYS A 64 3.66 6.76 -0.71
N GLY A 65 3.99 7.92 -0.12
CA GLY A 65 4.98 7.95 0.93
C GLY A 65 4.53 7.23 2.19
N PRO A 66 5.37 7.19 3.23
CA PRO A 66 5.04 6.53 4.50
C PRO A 66 3.77 7.11 5.13
N VAL A 67 2.75 6.26 5.28
CA VAL A 67 1.49 6.69 5.87
C VAL A 67 1.70 7.21 7.29
N SER A 68 0.75 8.01 7.76
CA SER A 68 0.82 8.57 9.11
C SER A 68 0.61 7.49 10.17
N THR A 69 -0.48 6.74 10.03
CA THR A 69 -0.81 5.68 10.98
C THR A 69 -0.53 4.30 10.37
N SER A 70 -1.44 3.85 9.51
CA SER A 70 -1.30 2.54 8.88
C SER A 70 -2.04 2.50 7.54
N VAL A 71 -1.97 1.36 6.87
CA VAL A 71 -2.65 1.18 5.59
C VAL A 71 -3.58 -0.03 5.62
N PHE A 72 -4.54 -0.05 4.69
CA PHE A 72 -5.49 -1.15 4.62
C PHE A 72 -5.60 -1.68 3.19
N LEU A 73 -6.03 -2.92 3.05
CA LEU A 73 -6.17 -3.55 1.75
C LEU A 73 -7.20 -4.67 1.79
N GLU A 74 -8.35 -4.43 1.16
CA GLU A 74 -9.42 -5.43 1.12
C GLU A 74 -10.08 -5.47 -0.25
N ASP A 75 -10.46 -6.68 -0.68
CA ASP A 75 -11.10 -6.86 -1.97
C ASP A 75 -10.17 -6.46 -3.11
N CYS A 76 -8.88 -6.72 -2.92
CA CYS A 76 -7.89 -6.38 -3.93
C CYS A 76 -7.26 -7.64 -4.52
N SER A 77 -6.79 -7.54 -5.76
CA SER A 77 -6.17 -8.67 -6.43
C SER A 77 -5.34 -8.21 -7.62
N ASP A 78 -4.17 -8.82 -7.81
CA ASP A 78 -3.29 -8.47 -8.92
C ASP A 78 -2.89 -7.00 -8.84
N CYS A 79 -2.84 -6.46 -7.64
CA CYS A 79 -2.45 -5.07 -7.43
C CYS A 79 -1.05 -4.97 -6.87
N VAL A 80 -0.47 -3.77 -6.96
CA VAL A 80 0.88 -3.53 -6.46
C VAL A 80 0.92 -2.29 -5.58
N LEU A 81 0.71 -2.48 -4.28
CA LEU A 81 0.72 -1.37 -3.33
C LEU A 81 2.15 -1.05 -2.90
N ALA A 82 2.42 0.25 -2.71
CA ALA A 82 3.75 0.69 -2.29
C ALA A 82 3.65 1.80 -1.26
N VAL A 83 3.78 1.45 0.01
CA VAL A 83 3.71 2.41 1.10
C VAL A 83 4.18 1.81 2.41
N ALA A 84 4.98 2.57 3.16
CA ALA A 84 5.50 2.11 4.44
C ALA A 84 4.55 2.45 5.58
N CYS A 85 4.43 1.55 6.54
CA CYS A 85 3.55 1.75 7.69
C CYS A 85 4.03 0.94 8.89
N GLN A 86 3.29 1.06 9.99
CA GLN A 86 3.64 0.34 11.22
C GLN A 86 2.85 -0.96 11.32
N GLN A 87 1.61 -0.93 10.83
CA GLN A 87 0.76 -2.11 10.86
C GLN A 87 -0.03 -2.26 9.57
N LEU A 88 -0.04 -3.46 9.02
CA LEU A 88 -0.76 -3.73 7.77
C LEU A 88 -1.91 -4.71 8.00
N ARG A 89 -3.07 -4.38 7.45
CA ARG A 89 -4.25 -5.23 7.60
C ARG A 89 -4.83 -5.59 6.23
N ILE A 90 -4.90 -6.88 5.94
CA ILE A 90 -5.44 -7.36 4.67
C ILE A 90 -6.65 -8.26 4.89
N HIS A 91 -7.52 -8.32 3.89
CA HIS A 91 -8.72 -9.15 3.98
C HIS A 91 -9.29 -9.43 2.59
N SER A 92 -9.56 -10.70 2.31
CA SER A 92 -10.11 -11.10 1.03
C SER A 92 -9.19 -10.69 -0.12
N THR A 93 -7.90 -10.67 0.14
CA THR A 93 -6.91 -10.30 -0.87
C THR A 93 -6.15 -11.51 -1.36
N LYS A 94 -5.83 -11.53 -2.66
CA LYS A 94 -5.10 -12.65 -3.24
C LYS A 94 -4.37 -12.20 -4.52
N ASP A 95 -3.17 -12.75 -4.72
CA ASP A 95 -2.38 -12.41 -5.89
C ASP A 95 -2.07 -10.92 -5.93
N THR A 96 -1.81 -10.34 -4.76
CA THR A 96 -1.51 -8.92 -4.66
C THR A 96 -0.14 -8.70 -4.04
N ARG A 97 0.79 -8.16 -4.83
CA ARG A 97 2.15 -7.89 -4.36
C ARG A 97 2.20 -6.59 -3.57
N ILE A 98 2.43 -6.71 -2.26
CA ILE A 98 2.50 -5.53 -1.40
C ILE A 98 3.92 -5.31 -0.89
N PHE A 99 4.52 -4.19 -1.28
CA PHE A 99 5.88 -3.86 -0.88
C PHE A 99 5.87 -2.74 0.14
N LEU A 100 5.90 -3.10 1.42
CA LEU A 100 5.89 -2.11 2.50
C LEU A 100 6.93 -2.46 3.56
N GLN A 101 7.08 -1.57 4.55
CA GLN A 101 8.03 -1.78 5.63
C GLN A 101 7.35 -1.67 6.99
N VAL A 102 6.85 -2.80 7.49
CA VAL A 102 6.18 -2.82 8.78
C VAL A 102 7.18 -2.86 9.93
N THR A 103 6.97 -1.99 10.91
CA THR A 103 7.86 -1.92 12.08
C THR A 103 7.27 -2.69 13.25
N SER A 104 5.94 -2.72 13.32
CA SER A 104 5.26 -3.43 14.40
C SER A 104 4.95 -4.87 14.00
N ARG A 105 4.01 -5.03 13.07
CA ARG A 105 3.62 -6.36 12.61
C ARG A 105 2.55 -6.27 11.53
N ALA A 106 2.20 -7.41 10.94
CA ALA A 106 1.18 -7.45 9.90
C ALA A 106 0.16 -8.55 10.18
N ILE A 107 -1.05 -8.37 9.66
CA ILE A 107 -2.12 -9.34 9.86
C ILE A 107 -2.79 -9.68 8.53
N VAL A 108 -3.25 -10.93 8.42
CA VAL A 108 -3.91 -11.38 7.20
C VAL A 108 -5.02 -12.39 7.53
N GLU A 109 -6.26 -12.01 7.23
CA GLU A 109 -7.41 -12.87 7.49
C GLU A 109 -8.09 -13.27 6.19
N ASP A 110 -8.25 -14.58 5.99
CA ASP A 110 -8.88 -15.10 4.79
C ASP A 110 -8.13 -14.67 3.53
N CYS A 111 -6.80 -14.58 3.64
CA CYS A 111 -5.96 -14.18 2.53
C CYS A 111 -5.22 -15.38 1.93
N SER A 112 -4.89 -15.29 0.65
CA SER A 112 -4.19 -16.37 -0.04
C SER A 112 -3.49 -15.85 -1.29
N GLY A 113 -2.22 -16.19 -1.43
CA GLY A 113 -1.46 -15.75 -2.59
C GLY A 113 -0.98 -14.31 -2.46
N ILE A 114 -0.65 -13.91 -1.24
CA ILE A 114 -0.17 -12.56 -0.99
C ILE A 114 1.35 -12.49 -1.04
N GLN A 115 1.88 -11.30 -1.30
CA GLN A 115 3.32 -11.11 -1.37
C GLN A 115 3.78 -10.02 -0.39
N PHE A 116 4.88 -10.29 0.30
CA PHE A 116 5.41 -9.33 1.26
C PHE A 116 6.88 -9.04 0.97
N ALA A 117 7.16 -7.81 0.55
CA ALA A 117 8.52 -7.40 0.24
C ALA A 117 8.86 -6.07 0.89
N PRO A 118 10.16 -5.82 1.16
CA PRO A 118 10.61 -4.57 1.79
C PRO A 118 10.11 -3.33 1.04
N TYR A 119 10.29 -2.17 1.66
CA TYR A 119 9.87 -0.91 1.05
C TYR A 119 11.04 -0.21 0.38
N THR A 120 10.77 0.45 -0.74
CA THR A 120 11.81 1.17 -1.48
C THR A 120 11.18 2.12 -2.50
N TRP A 121 11.45 3.41 -2.35
CA TRP A 121 10.92 4.42 -3.26
C TRP A 121 11.47 5.80 -2.93
N SER A 122 11.80 6.56 -3.97
CA SER A 122 12.34 7.91 -3.78
C SER A 122 13.63 7.87 -2.98
N TYR A 123 14.11 9.05 -2.58
CA TYR A 123 15.34 9.16 -1.81
C TYR A 123 15.68 10.62 -1.52
N PRO A 124 15.74 11.46 -2.56
CA PRO A 124 16.06 12.89 -2.41
C PRO A 124 15.11 13.59 -1.44
N GLU A 125 13.89 13.06 -1.31
CA GLU A 125 12.91 13.64 -0.41
C GLU A 125 12.15 12.56 0.35
N ILE A 126 12.89 11.62 0.92
CA ILE A 126 12.27 10.53 1.68
C ILE A 126 12.57 10.67 3.17
N ASP A 127 13.73 11.22 3.49
CA ASP A 127 14.14 11.41 4.88
C ASP A 127 13.12 12.27 5.63
N LYS A 128 12.81 13.43 5.06
CA LYS A 128 11.85 14.34 5.67
C LYS A 128 10.48 13.69 5.79
N ASP A 129 10.16 12.82 4.86
CA ASP A 129 8.88 12.12 4.86
C ASP A 129 8.73 11.26 6.11
N PHE A 130 9.76 10.49 6.42
CA PHE A 130 9.75 9.63 7.60
C PHE A 130 9.75 10.45 8.88
N GLU A 131 10.42 11.60 8.84
CA GLU A 131 10.51 12.48 9.99
C GLU A 131 9.14 13.05 10.36
N SER A 132 8.32 13.30 9.34
CA SER A 132 6.98 13.85 9.55
C SER A 132 6.14 12.90 10.39
N SER A 133 6.17 11.62 10.04
CA SER A 133 5.40 10.61 10.76
C SER A 133 6.13 10.18 12.02
N GLY A 134 7.46 10.11 11.94
CA GLY A 134 8.26 9.71 13.08
C GLY A 134 8.68 8.25 13.02
N LEU A 135 8.81 7.73 11.81
CA LEU A 135 9.21 6.35 11.61
C LEU A 135 10.73 6.23 11.52
N ASP A 136 11.24 5.01 11.72
CA ASP A 136 12.67 4.77 11.67
C ASP A 136 13.03 3.92 10.45
N ARG A 137 14.19 4.18 9.87
CA ARG A 137 14.66 3.45 8.71
C ARG A 137 15.64 2.35 9.11
N SER A 138 15.48 1.83 10.32
CA SER A 138 16.35 0.78 10.82
C SER A 138 15.54 -0.46 11.21
N LYS A 139 14.40 -0.24 11.85
CA LYS A 139 13.54 -1.33 12.28
C LYS A 139 12.76 -1.90 11.09
N ASN A 140 12.59 -3.22 11.08
CA ASN A 140 11.88 -3.89 10.00
C ASN A 140 11.35 -5.24 10.46
N ASN A 141 10.04 -5.43 10.33
CA ASN A 141 9.40 -6.68 10.73
C ASN A 141 8.48 -7.21 9.64
N TRP A 142 8.94 -7.10 8.39
CA TRP A 142 8.15 -7.57 7.25
C TRP A 142 8.04 -9.09 7.25
N ASN A 143 9.06 -9.76 7.79
CA ASN A 143 9.08 -11.21 7.86
C ASN A 143 7.94 -11.74 8.72
N ASP A 144 7.76 -11.13 9.89
CA ASP A 144 6.70 -11.53 10.81
C ASP A 144 5.32 -11.23 10.23
N VAL A 145 4.43 -12.21 10.30
CA VAL A 145 3.08 -12.06 9.78
C VAL A 145 2.08 -12.85 10.60
N ASP A 146 0.91 -12.25 10.83
CA ASP A 146 -0.14 -12.90 11.61
C ASP A 146 -1.14 -13.60 10.70
N ASP A 147 -1.14 -14.93 10.74
CA ASP A 147 -2.05 -15.72 9.91
C ASP A 147 -3.34 -16.03 10.66
N PHE A 148 -4.37 -16.40 9.93
CA PHE A 148 -5.66 -16.74 10.53
C PHE A 148 -6.35 -17.87 9.76
N ASN A 149 -5.55 -18.75 9.17
CA ASN A 149 -6.07 -19.87 8.41
C ASN A 149 -5.07 -21.02 8.36
N TRP A 150 -5.04 -21.81 9.43
CA TRP A 150 -4.13 -22.95 9.52
C TRP A 150 -4.68 -24.15 8.76
N LEU A 151 -4.00 -24.54 7.70
CA LEU A 151 -4.42 -25.68 6.89
C LEU A 151 -3.52 -26.88 7.15
N ALA A 152 -4.13 -28.06 7.23
CA ALA A 152 -3.38 -29.29 7.47
C ALA A 152 -2.53 -29.67 6.26
N ARG A 153 -1.22 -29.74 6.48
CA ARG A 153 -0.29 -30.08 5.40
C ARG A 153 1.06 -30.50 5.98
N ASP A 154 1.60 -29.67 6.87
CA ASP A 154 2.89 -29.95 7.47
C ASP A 154 3.02 -29.25 8.82
N MET A 155 2.94 -27.91 8.81
CA MET A 155 3.05 -27.13 10.02
C MET A 155 2.85 -25.65 9.73
N ALA A 156 3.41 -25.19 8.61
CA ALA A 156 3.31 -23.79 8.21
C ALA A 156 1.90 -23.47 7.73
N SER A 157 1.69 -22.21 7.34
CA SER A 157 0.38 -21.78 6.84
C SER A 157 0.43 -21.49 5.34
N PRO A 158 0.00 -22.45 4.51
CA PRO A 158 -0.01 -22.29 3.06
C PRO A 158 -1.01 -21.23 2.60
N ASN A 159 -0.53 -20.01 2.44
CA ASN A 159 -1.40 -18.91 1.99
C ASN A 159 -0.56 -17.75 1.47
N TRP A 160 0.25 -17.16 2.34
CA TRP A 160 1.10 -16.04 1.97
C TRP A 160 2.51 -16.51 1.62
N SER A 161 3.19 -15.79 0.74
CA SER A 161 4.54 -16.13 0.34
C SER A 161 5.41 -14.88 0.20
N ILE A 162 6.67 -15.08 -0.14
CA ILE A 162 7.61 -13.97 -0.31
C ILE A 162 8.02 -13.82 -1.77
N LEU A 163 8.49 -12.63 -2.12
CA LEU A 163 8.91 -12.36 -3.50
C LEU A 163 10.44 -12.36 -3.60
N PRO A 164 11.00 -13.18 -4.51
CA PRO A 164 12.45 -13.27 -4.70
C PRO A 164 13.09 -11.91 -4.96
N GLU A 165 14.37 -11.79 -4.64
CA GLU A 165 15.09 -10.54 -4.84
C GLU A 165 15.29 -10.25 -6.32
N GLU A 166 15.40 -11.31 -7.12
CA GLU A 166 15.57 -11.17 -8.56
C GLU A 166 14.27 -10.81 -9.25
N GLU A 167 13.15 -11.12 -8.60
CA GLU A 167 11.84 -10.82 -9.15
C GLU A 167 11.29 -9.50 -8.60
N ARG A 168 12.20 -8.58 -8.27
CA ARG A 168 11.81 -7.29 -7.74
C ARG A 168 12.03 -6.18 -8.76
N ASN A 169 11.94 -6.54 -10.04
CA ASN A 169 12.13 -5.58 -11.12
C ASN A 169 10.83 -5.34 -11.88
N ILE A 170 10.17 -4.22 -11.60
CA ILE A 170 8.92 -3.89 -12.26
C ILE A 170 9.01 -2.53 -12.95
N GLN A 171 8.86 -2.55 -14.28
CA GLN A 171 8.92 -1.32 -15.07
C GLN A 171 7.85 -0.33 -14.63
N TRP A 172 8.22 0.58 -13.73
CA TRP A 172 7.29 1.58 -13.22
C TRP A 172 6.84 2.51 -14.35
N ASP A 173 5.55 2.44 -14.69
CA ASP A 173 4.99 3.28 -15.74
C ASP A 173 5.70 3.02 -17.07
N SER A 174 5.48 1.85 -17.64
CA SER A 174 6.09 1.47 -18.91
C SER A 174 5.64 0.09 -19.35
N GLY A 175 5.81 -0.19 -20.64
CA GLY A 175 5.40 -1.48 -21.17
C GLY A 175 5.90 -1.71 -22.59
N PRO A 176 5.08 -1.37 -23.59
CA PRO A 176 5.44 -1.54 -25.01
C PRO A 176 6.53 -0.56 -25.44
N SER A 177 6.37 0.70 -25.08
CA SER A 177 7.34 1.73 -25.43
C SER A 177 7.13 2.98 -24.59
N SER A 178 8.17 3.37 -23.86
CA SER A 178 8.10 4.56 -23.01
C SER A 178 9.43 5.30 -22.99
N GLY A 179 10.16 5.22 -24.11
CA GLY A 179 11.43 5.89 -24.21
C GLY A 179 12.32 5.29 -25.28
#